data_7A2D
#
_entry.id   7A2D
#
_cell.length_a   1.000
_cell.length_b   1.000
_cell.length_c   1.000
_cell.angle_alpha   90.00
_cell.angle_beta   90.00
_cell.angle_gamma   90.00
#
_symmetry.space_group_name_H-M   'P 1'
#
_entity_poly.entity_id   1
_entity_poly.type   'polypeptide(L)'
_entity_poly.pdbx_seq_one_letter_code
;IAAAVVGTAAVGTKAATDPRSVGTQVDDGTLEVRVNSALSKDEQIKKEARINVTAYQGKVLLVGQSPNAELSARAKQIAM
GVDGANEVYNEIRQGQPIGLGEASNDTWITTKVRSQLLTSDLVKSSNVKVTTENGEVFLMGLVTEREAKAAADIASRVSG
VKRVTTAFTFIKGGLEHHHHHH
;
_entity_poly.pdbx_strand_id   A
#
# COMPACT_ATOMS: atom_id res chain seq x y z
N ILE A 1 10.27 -7.14 -67.17
CA ILE A 1 9.96 -5.89 -67.90
C ILE A 1 10.22 -4.69 -67.01
N ALA A 2 11.03 -3.76 -67.51
CA ALA A 2 11.38 -2.57 -66.73
C ALA A 2 10.28 -1.51 -66.84
N ALA A 3 9.13 -1.80 -66.24
CA ALA A 3 8.00 -0.90 -66.27
C ALA A 3 8.09 0.09 -65.10
N ALA A 4 9.16 0.88 -65.11
CA ALA A 4 9.37 1.85 -64.05
C ALA A 4 9.43 3.25 -64.65
N VAL A 5 8.28 3.77 -65.03
CA VAL A 5 8.19 5.10 -65.61
C VAL A 5 8.43 6.15 -64.53
N VAL A 6 7.88 5.90 -63.35
CA VAL A 6 8.07 6.78 -62.21
C VAL A 6 8.52 5.97 -61.00
N GLY A 7 9.57 6.45 -60.36
CA GLY A 7 10.03 5.84 -59.13
C GLY A 7 11.07 6.72 -58.47
N THR A 8 11.01 7.99 -58.80
CA THR A 8 12.01 8.95 -58.37
C THR A 8 11.44 9.92 -57.34
N ALA A 9 12.14 10.04 -56.22
CA ALA A 9 11.77 11.00 -55.17
C ALA A 9 10.36 10.73 -54.65
N ALA A 10 10.09 9.49 -54.30
CA ALA A 10 8.80 9.10 -53.74
C ALA A 10 8.66 9.63 -52.31
N VAL A 11 7.50 9.41 -51.71
CA VAL A 11 7.25 9.88 -50.36
C VAL A 11 7.43 8.75 -49.36
N GLY A 12 8.55 8.76 -48.66
CA GLY A 12 8.82 7.75 -47.67
C GLY A 12 8.60 8.26 -46.27
N THR A 13 7.37 8.15 -45.79
CA THR A 13 7.02 8.62 -44.46
C THR A 13 7.68 7.77 -43.39
N LYS A 14 8.51 8.41 -42.56
CA LYS A 14 9.19 7.72 -41.48
C LYS A 14 8.53 8.05 -40.15
N ALA A 15 8.09 7.02 -39.45
CA ALA A 15 7.40 7.20 -38.18
C ALA A 15 8.41 7.32 -37.04
N ALA A 16 7.95 7.88 -35.93
CA ALA A 16 8.80 8.07 -34.77
C ALA A 16 8.20 7.38 -33.55
N THR A 17 9.02 7.20 -32.52
CA THR A 17 8.58 6.62 -31.27
C THR A 17 9.01 7.51 -30.11
N ASP A 18 8.06 7.93 -29.29
CA ASP A 18 8.38 8.83 -28.19
C ASP A 18 9.14 8.12 -27.10
N PRO A 19 10.34 8.63 -26.77
CA PRO A 19 11.15 8.13 -25.66
C PRO A 19 10.44 8.31 -24.32
N ARG A 20 9.84 9.48 -24.15
CA ARG A 20 9.11 9.82 -22.95
C ARG A 20 7.89 10.64 -23.31
N SER A 21 6.72 10.03 -23.22
CA SER A 21 5.47 10.72 -23.47
C SER A 21 5.23 11.75 -22.36
N VAL A 22 5.59 11.36 -21.14
CA VAL A 22 5.52 12.25 -19.99
C VAL A 22 6.71 11.98 -19.08
N GLY A 23 7.11 12.98 -18.31
CA GLY A 23 8.19 12.81 -17.36
C GLY A 23 7.68 12.28 -16.04
N THR A 24 7.41 13.19 -15.11
CA THR A 24 6.80 12.80 -13.85
C THR A 24 5.29 13.06 -13.91
N GLN A 25 4.53 11.99 -14.00
CA GLN A 25 3.08 12.09 -14.09
C GLN A 25 2.43 11.26 -13.00
N VAL A 26 2.06 11.89 -11.90
CA VAL A 26 1.46 11.19 -10.79
C VAL A 26 0.00 11.60 -10.63
N ASP A 27 -0.86 10.61 -10.43
CA ASP A 27 -2.27 10.86 -10.18
C ASP A 27 -2.85 9.73 -9.36
N ASP A 28 -3.49 10.06 -8.26
CA ASP A 28 -4.13 9.08 -7.40
C ASP A 28 -5.15 8.27 -8.19
N GLY A 29 -6.02 8.99 -8.91
CA GLY A 29 -7.05 8.33 -9.68
C GLY A 29 -6.50 7.57 -10.88
N THR A 30 -5.64 8.22 -11.66
CA THR A 30 -5.04 7.59 -12.83
C THR A 30 -4.33 6.29 -12.48
N LEU A 31 -3.55 6.31 -11.40
CA LEU A 31 -2.86 5.12 -10.93
C LEU A 31 -3.86 4.05 -10.50
N GLU A 32 -4.84 4.48 -9.72
CA GLU A 32 -5.90 3.59 -9.26
C GLU A 32 -6.61 2.94 -10.43
N VAL A 33 -6.94 3.74 -11.44
CA VAL A 33 -7.65 3.28 -12.61
C VAL A 33 -6.81 2.29 -13.44
N ARG A 34 -5.55 2.65 -13.70
CA ARG A 34 -4.70 1.83 -14.55
C ARG A 34 -4.43 0.47 -13.94
N VAL A 35 -4.19 0.42 -12.63
CA VAL A 35 -3.93 -0.85 -11.97
C VAL A 35 -5.21 -1.67 -11.83
N ASN A 36 -6.33 -0.98 -11.60
CA ASN A 36 -7.63 -1.64 -11.53
C ASN A 36 -7.94 -2.30 -12.87
N SER A 37 -7.72 -1.55 -13.94
CA SER A 37 -7.98 -2.03 -15.28
C SER A 37 -7.10 -3.24 -15.61
N ALA A 38 -5.84 -3.20 -15.20
CA ALA A 38 -4.91 -4.29 -15.46
C ALA A 38 -5.27 -5.53 -14.64
N LEU A 39 -5.67 -5.30 -13.39
CA LEU A 39 -6.07 -6.38 -12.50
C LEU A 39 -7.28 -7.12 -13.06
N SER A 40 -8.24 -6.36 -13.56
CA SER A 40 -9.42 -6.92 -14.20
C SER A 40 -9.13 -7.41 -15.62
N LYS A 41 -7.97 -7.02 -16.15
CA LYS A 41 -7.56 -7.43 -17.48
C LYS A 41 -7.07 -8.87 -17.47
N ASP A 42 -6.20 -9.18 -16.53
CA ASP A 42 -5.71 -10.55 -16.36
C ASP A 42 -6.81 -11.41 -15.82
N GLU A 43 -7.27 -12.35 -16.62
CA GLU A 43 -8.42 -13.15 -16.26
C GLU A 43 -8.13 -14.01 -15.05
N GLN A 44 -7.01 -14.73 -15.06
CA GLN A 44 -6.74 -15.66 -13.97
C GLN A 44 -6.49 -14.91 -12.67
N ILE A 45 -5.91 -13.71 -12.79
CA ILE A 45 -5.73 -12.82 -11.65
C ILE A 45 -7.07 -12.42 -11.05
N LYS A 46 -8.09 -12.24 -11.89
CA LYS A 46 -9.42 -11.92 -11.41
C LYS A 46 -10.30 -13.17 -11.37
N LYS A 47 -9.69 -14.33 -11.62
CA LYS A 47 -10.41 -15.59 -11.65
C LYS A 47 -10.49 -16.20 -10.26
N GLU A 48 -9.33 -16.31 -9.63
CA GLU A 48 -9.22 -16.97 -8.34
C GLU A 48 -8.63 -16.01 -7.33
N ALA A 49 -8.18 -14.87 -7.82
CA ALA A 49 -7.59 -13.84 -6.99
C ALA A 49 -8.39 -12.56 -7.09
N ARG A 50 -8.25 -11.71 -6.09
CA ARG A 50 -8.81 -10.38 -6.15
C ARG A 50 -8.04 -9.46 -5.23
N ILE A 51 -7.38 -8.50 -5.85
CA ILE A 51 -6.56 -7.54 -5.12
C ILE A 51 -7.22 -6.19 -5.18
N ASN A 52 -7.16 -5.44 -4.11
CA ASN A 52 -7.83 -4.15 -4.05
C ASN A 52 -6.82 -3.02 -4.06
N VAL A 53 -7.16 -1.94 -4.74
CA VAL A 53 -6.23 -0.85 -4.95
C VAL A 53 -6.61 0.39 -4.15
N THR A 54 -5.62 0.97 -3.48
CA THR A 54 -5.78 2.26 -2.86
C THR A 54 -4.57 3.13 -3.18
N ALA A 55 -4.82 4.23 -3.89
CA ALA A 55 -3.74 5.11 -4.30
C ALA A 55 -3.89 6.49 -3.70
N TYR A 56 -2.81 7.02 -3.18
CA TYR A 56 -2.82 8.32 -2.52
C TYR A 56 -1.45 8.97 -2.60
N GLN A 57 -1.43 10.26 -2.92
CA GLN A 57 -0.23 11.10 -2.87
C GLN A 57 0.83 10.69 -3.89
N GLY A 58 0.50 9.72 -4.74
CA GLY A 58 1.44 9.28 -5.76
C GLY A 58 1.93 7.86 -5.52
N LYS A 59 1.73 7.37 -4.31
CA LYS A 59 2.09 6.01 -3.96
C LYS A 59 0.85 5.15 -3.89
N VAL A 60 1.03 3.85 -4.03
CA VAL A 60 -0.11 2.94 -4.07
C VAL A 60 0.04 1.84 -3.04
N LEU A 61 -1.06 1.53 -2.38
CA LEU A 61 -1.13 0.41 -1.46
C LEU A 61 -2.15 -0.60 -1.97
N LEU A 62 -1.74 -1.84 -2.07
CA LEU A 62 -2.61 -2.90 -2.55
C LEU A 62 -2.79 -3.96 -1.48
N VAL A 63 -4.02 -4.39 -1.30
CA VAL A 63 -4.34 -5.44 -0.34
C VAL A 63 -5.40 -6.35 -0.93
N GLY A 64 -5.27 -7.65 -0.75
CA GLY A 64 -6.28 -8.52 -1.32
C GLY A 64 -6.12 -9.98 -0.97
N GLN A 65 -6.86 -10.80 -1.70
CA GLN A 65 -6.91 -12.23 -1.46
C GLN A 65 -6.51 -12.98 -2.73
N SER A 66 -5.67 -14.00 -2.58
CA SER A 66 -5.22 -14.79 -3.71
C SER A 66 -4.86 -16.20 -3.25
N PRO A 67 -5.05 -17.21 -4.12
CA PRO A 67 -4.67 -18.58 -3.82
C PRO A 67 -3.24 -18.88 -4.27
N ASN A 68 -2.63 -17.90 -4.91
CA ASN A 68 -1.29 -18.04 -5.46
C ASN A 68 -0.57 -16.70 -5.42
N ALA A 69 0.68 -16.73 -4.99
CA ALA A 69 1.51 -15.52 -4.98
C ALA A 69 1.80 -15.07 -6.41
N GLU A 70 1.80 -16.02 -7.34
CA GLU A 70 2.03 -15.72 -8.75
C GLU A 70 1.01 -14.71 -9.26
N LEU A 71 -0.23 -14.86 -8.82
CA LEU A 71 -1.32 -14.04 -9.33
C LEU A 71 -1.23 -12.62 -8.81
N SER A 72 -1.03 -12.48 -7.51
CA SER A 72 -1.01 -11.19 -6.86
C SER A 72 0.22 -10.38 -7.28
N ALA A 73 1.39 -11.03 -7.28
CA ALA A 73 2.64 -10.37 -7.63
C ALA A 73 2.64 -9.94 -9.09
N ARG A 74 2.24 -10.87 -9.96
CA ARG A 74 2.16 -10.59 -11.39
C ARG A 74 1.14 -9.48 -11.65
N ALA A 75 0.07 -9.48 -10.86
CA ALA A 75 -0.93 -8.43 -10.95
C ALA A 75 -0.31 -7.07 -10.71
N LYS A 76 0.42 -6.95 -9.60
CA LYS A 76 1.03 -5.68 -9.23
C LYS A 76 1.96 -5.17 -10.32
N GLN A 77 2.91 -6.00 -10.72
CA GLN A 77 3.93 -5.59 -11.69
C GLN A 77 3.30 -5.21 -13.04
N ILE A 78 2.34 -6.00 -13.48
CA ILE A 78 1.67 -5.75 -14.75
C ILE A 78 0.76 -4.52 -14.67
N ALA A 79 0.17 -4.31 -13.49
CA ALA A 79 -0.80 -3.24 -13.30
C ALA A 79 -0.16 -1.87 -13.38
N MET A 80 0.85 -1.62 -12.55
CA MET A 80 1.46 -0.30 -12.50
C MET A 80 2.66 -0.20 -13.43
N GLY A 81 3.54 -1.20 -13.38
CA GLY A 81 4.80 -1.11 -14.08
C GLY A 81 5.50 0.19 -13.76
N VAL A 82 5.87 0.95 -14.79
CA VAL A 82 6.35 2.30 -14.60
C VAL A 82 5.29 3.29 -15.07
N ASP A 83 4.84 4.15 -14.16
CA ASP A 83 3.81 5.16 -14.47
C ASP A 83 3.40 5.91 -13.21
N GLY A 84 4.22 6.86 -12.79
CA GLY A 84 3.85 7.75 -11.70
C GLY A 84 3.93 7.12 -10.31
N ALA A 85 3.88 5.79 -10.25
CA ALA A 85 3.93 5.10 -8.96
C ALA A 85 5.23 5.40 -8.24
N ASN A 86 5.14 6.08 -7.12
CA ASN A 86 6.32 6.48 -6.35
C ASN A 86 6.75 5.36 -5.41
N GLU A 87 5.77 4.76 -4.75
CA GLU A 87 6.03 3.63 -3.87
C GLU A 87 4.86 2.66 -3.96
N VAL A 88 5.15 1.36 -3.92
CA VAL A 88 4.10 0.36 -3.99
C VAL A 88 4.20 -0.62 -2.81
N TYR A 89 3.15 -0.66 -2.02
CA TYR A 89 3.08 -1.58 -0.89
C TYR A 89 1.94 -2.57 -1.10
N ASN A 90 2.27 -3.84 -1.18
CA ASN A 90 1.27 -4.87 -1.46
C ASN A 90 1.17 -5.88 -0.31
N GLU A 91 -0.02 -6.03 0.27
CA GLU A 91 -0.24 -7.08 1.26
C GLU A 91 -1.34 -8.02 0.77
N ILE A 92 -0.99 -9.28 0.59
CA ILE A 92 -1.94 -10.31 0.26
C ILE A 92 -2.03 -11.30 1.40
N ARG A 93 -3.23 -11.69 1.77
CA ARG A 93 -3.40 -12.65 2.86
C ARG A 93 -3.26 -14.08 2.33
N GLN A 94 -2.16 -14.34 1.65
CA GLN A 94 -1.90 -15.63 1.05
C GLN A 94 -0.50 -16.12 1.44
N GLY A 95 -0.36 -17.43 1.57
CA GLY A 95 0.93 -17.99 1.90
C GLY A 95 1.04 -18.32 3.38
N GLN A 96 2.22 -18.09 3.94
CA GLN A 96 2.46 -18.38 5.34
C GLN A 96 3.34 -17.30 5.96
N PRO A 97 3.24 -17.12 7.29
CA PRO A 97 4.09 -16.17 8.02
C PRO A 97 5.55 -16.62 8.05
N ILE A 98 6.41 -15.78 8.60
CA ILE A 98 7.83 -16.10 8.68
C ILE A 98 8.11 -17.00 9.89
N GLY A 99 7.22 -16.93 10.87
CA GLY A 99 7.35 -17.75 12.05
C GLY A 99 6.09 -17.77 12.88
N LEU A 100 5.98 -18.74 13.77
CA LEU A 100 4.82 -18.86 14.65
C LEU A 100 4.83 -17.76 15.70
N GLY A 101 6.02 -17.47 16.21
CA GLY A 101 6.18 -16.46 17.24
C GLY A 101 5.73 -15.09 16.78
N GLU A 102 6.19 -14.69 15.59
CA GLU A 102 5.82 -13.41 15.02
C GLU A 102 4.32 -13.37 14.74
N ALA A 103 3.77 -14.47 14.23
CA ALA A 103 2.36 -14.54 13.89
C ALA A 103 1.48 -14.35 15.12
N SER A 104 1.84 -15.02 16.20
CA SER A 104 1.10 -14.89 17.45
C SER A 104 1.19 -13.46 17.97
N ASN A 105 2.37 -12.86 17.84
CA ASN A 105 2.60 -11.51 18.34
C ASN A 105 1.94 -10.47 17.45
N ASP A 106 1.91 -10.74 16.14
CA ASP A 106 1.35 -9.81 15.17
C ASP A 106 -0.08 -9.43 15.52
N THR A 107 -0.91 -10.44 15.73
CA THR A 107 -2.33 -10.21 15.96
C THR A 107 -2.56 -9.65 17.36
N TRP A 108 -1.75 -10.08 18.31
CA TRP A 108 -1.86 -9.61 19.68
C TRP A 108 -1.55 -8.12 19.76
N ILE A 109 -0.38 -7.73 19.25
CA ILE A 109 0.03 -6.34 19.25
C ILE A 109 -0.93 -5.49 18.41
N THR A 110 -1.24 -5.99 17.21
CA THR A 110 -2.18 -5.31 16.31
C THR A 110 -3.54 -5.14 16.98
N THR A 111 -3.92 -6.11 17.81
CA THR A 111 -5.21 -6.09 18.47
C THR A 111 -5.27 -4.97 19.52
N LYS A 112 -4.23 -4.83 20.36
CA LYS A 112 -4.26 -3.81 21.40
C LYS A 112 -4.14 -2.41 20.80
N VAL A 113 -3.26 -2.25 19.81
CA VAL A 113 -3.15 -0.96 19.15
C VAL A 113 -4.47 -0.64 18.43
N ARG A 114 -5.12 -1.67 17.91
CA ARG A 114 -6.44 -1.55 17.32
C ARG A 114 -7.43 -1.00 18.33
N SER A 115 -7.50 -1.65 19.49
CA SER A 115 -8.43 -1.27 20.54
C SER A 115 -8.26 0.21 20.93
N GLN A 116 -7.01 0.63 21.14
CA GLN A 116 -6.74 1.98 21.61
C GLN A 116 -6.91 3.01 20.48
N LEU A 117 -6.55 2.63 19.27
CA LEU A 117 -6.69 3.53 18.12
C LEU A 117 -8.17 3.71 17.78
N LEU A 118 -8.92 2.62 17.89
CA LEU A 118 -10.34 2.60 17.55
C LEU A 118 -11.15 3.58 18.40
N THR A 119 -10.61 3.95 19.57
CA THR A 119 -11.30 4.88 20.45
C THR A 119 -11.50 6.23 19.77
N SER A 120 -10.57 6.57 18.88
CA SER A 120 -10.68 7.77 18.07
C SER A 120 -11.74 7.56 16.98
N ASP A 121 -12.75 8.42 16.97
CA ASP A 121 -13.83 8.32 16.00
C ASP A 121 -13.39 8.85 14.64
N LEU A 122 -12.34 9.67 14.66
CA LEU A 122 -11.84 10.30 13.45
C LEU A 122 -11.04 9.32 12.60
N VAL A 123 -10.46 8.31 13.25
CA VAL A 123 -9.66 7.34 12.54
C VAL A 123 -10.46 6.06 12.30
N LYS A 124 -10.52 5.63 11.05
CA LYS A 124 -11.27 4.45 10.69
C LYS A 124 -10.32 3.32 10.35
N SER A 125 -10.71 2.09 10.69
CA SER A 125 -9.87 0.93 10.49
C SER A 125 -9.56 0.70 9.00
N SER A 126 -10.45 1.16 8.14
CA SER A 126 -10.25 1.02 6.71
C SER A 126 -9.57 2.26 6.12
N ASN A 127 -9.16 3.18 6.99
CA ASN A 127 -8.51 4.41 6.56
C ASN A 127 -7.01 4.31 6.79
N VAL A 128 -6.61 3.48 7.74
CA VAL A 128 -5.21 3.31 8.08
C VAL A 128 -4.86 1.82 8.09
N LYS A 129 -3.69 1.48 7.54
CA LYS A 129 -3.26 0.10 7.48
C LYS A 129 -2.33 -0.22 8.64
N VAL A 130 -2.75 -1.16 9.47
CA VAL A 130 -1.91 -1.65 10.56
C VAL A 130 -1.57 -3.12 10.33
N THR A 131 -0.27 -3.40 10.33
CA THR A 131 0.21 -4.76 10.13
C THR A 131 1.47 -5.00 10.98
N THR A 132 1.55 -6.15 11.62
CA THR A 132 2.74 -6.49 12.37
C THR A 132 3.42 -7.71 11.74
N GLU A 133 4.71 -7.59 11.44
CA GLU A 133 5.46 -8.69 10.85
C GLU A 133 6.84 -8.79 11.46
N ASN A 134 7.24 -10.01 11.83
CA ASN A 134 8.56 -10.31 12.40
C ASN A 134 8.72 -9.76 13.82
N GLY A 135 7.90 -8.77 14.16
CA GLY A 135 8.03 -8.09 15.42
C GLY A 135 8.04 -6.59 15.22
N GLU A 136 8.06 -6.19 13.96
CA GLU A 136 8.00 -4.79 13.59
C GLU A 136 6.57 -4.45 13.16
N VAL A 137 6.09 -3.29 13.60
CA VAL A 137 4.74 -2.86 13.28
C VAL A 137 4.78 -1.81 12.17
N PHE A 138 3.98 -2.02 11.16
CA PHE A 138 3.90 -1.10 10.04
C PHE A 138 2.53 -0.45 9.99
N LEU A 139 2.51 0.87 9.98
CA LEU A 139 1.28 1.63 9.85
C LEU A 139 1.38 2.54 8.65
N MET A 140 0.29 2.66 7.91
CA MET A 140 0.32 3.35 6.62
C MET A 140 -1.02 3.97 6.29
N GLY A 141 -0.98 5.05 5.53
CA GLY A 141 -2.19 5.61 4.96
C GLY A 141 -2.30 7.10 5.17
N LEU A 142 -3.29 7.70 4.53
CA LEU A 142 -3.52 9.12 4.61
C LEU A 142 -4.58 9.41 5.68
N VAL A 143 -4.25 10.21 6.67
CA VAL A 143 -5.15 10.56 7.77
C VAL A 143 -4.81 11.97 8.24
N THR A 144 -5.64 12.60 9.04
CA THR A 144 -5.26 13.91 9.53
C THR A 144 -4.38 13.76 10.77
N GLU A 145 -3.97 14.88 11.35
CA GLU A 145 -3.03 14.87 12.46
C GLU A 145 -3.61 14.15 13.67
N ARG A 146 -4.93 14.16 13.80
CA ARG A 146 -5.58 13.54 14.93
C ARG A 146 -5.42 12.02 14.88
N GLU A 147 -5.73 11.44 13.72
CA GLU A 147 -5.57 10.00 13.52
C GLU A 147 -4.10 9.63 13.52
N ALA A 148 -3.28 10.49 12.91
CA ALA A 148 -1.84 10.27 12.84
C ALA A 148 -1.22 10.21 14.23
N LYS A 149 -1.55 11.19 15.06
CA LYS A 149 -1.02 11.24 16.41
C LYS A 149 -1.56 10.08 17.23
N ALA A 150 -2.78 9.65 16.93
CA ALA A 150 -3.38 8.52 17.63
C ALA A 150 -2.62 7.22 17.35
N ALA A 151 -2.32 7.00 16.07
CA ALA A 151 -1.57 5.82 15.65
C ALA A 151 -0.18 5.80 16.28
N ALA A 152 0.53 6.91 16.15
CA ALA A 152 1.88 7.03 16.71
C ALA A 152 1.86 6.93 18.23
N ASP A 153 0.84 7.54 18.84
CA ASP A 153 0.68 7.53 20.29
C ASP A 153 0.62 6.11 20.82
N ILE A 154 -0.32 5.33 20.29
CA ILE A 154 -0.53 3.97 20.77
C ILE A 154 0.70 3.11 20.48
N ALA A 155 1.29 3.29 19.31
CA ALA A 155 2.47 2.52 18.92
C ALA A 155 3.65 2.81 19.85
N SER A 156 3.62 3.95 20.52
CA SER A 156 4.71 4.34 21.40
C SER A 156 4.47 3.90 22.84
N ARG A 157 3.24 4.01 23.32
CA ARG A 157 2.95 3.71 24.72
C ARG A 157 2.77 2.20 24.94
N VAL A 158 2.45 1.48 23.87
CA VAL A 158 2.36 0.02 23.95
C VAL A 158 3.77 -0.57 23.90
N SER A 159 4.22 -1.08 25.03
CA SER A 159 5.57 -1.60 25.14
C SER A 159 5.62 -3.06 24.69
N GLY A 160 6.73 -3.42 24.06
CA GLY A 160 6.90 -4.77 23.55
C GLY A 160 7.39 -4.75 22.12
N VAL A 161 6.96 -3.74 21.37
CA VAL A 161 7.37 -3.57 19.99
C VAL A 161 8.86 -3.29 19.90
N LYS A 162 9.57 -4.07 19.10
CA LYS A 162 11.00 -3.91 18.95
C LYS A 162 11.32 -2.84 17.91
N ARG A 163 10.40 -2.65 16.96
CA ARG A 163 10.56 -1.64 15.93
C ARG A 163 9.21 -1.32 15.29
N VAL A 164 8.99 -0.06 14.97
CA VAL A 164 7.73 0.37 14.37
C VAL A 164 7.98 1.38 13.25
N THR A 165 7.36 1.13 12.11
CA THR A 165 7.44 2.04 10.98
C THR A 165 6.07 2.67 10.74
N THR A 166 6.03 3.98 10.62
CA THR A 166 4.77 4.70 10.53
C THR A 166 4.79 5.73 9.41
N ALA A 167 4.11 5.43 8.32
CA ALA A 167 3.99 6.38 7.22
C ALA A 167 2.71 7.18 7.38
N PHE A 168 2.65 8.00 8.43
CA PHE A 168 1.47 8.80 8.67
C PHE A 168 1.49 10.05 7.80
N THR A 169 0.59 10.08 6.84
CA THR A 169 0.45 11.22 5.96
C THR A 169 -0.80 12.01 6.33
N PHE A 170 -0.75 13.33 6.23
CA PHE A 170 -1.83 14.18 6.75
C PHE A 170 -2.82 14.57 5.66
N ILE A 171 -4.09 14.23 5.89
CA ILE A 171 -5.18 14.59 4.99
C ILE A 171 -5.72 15.96 5.34
N LYS A 172 -5.45 16.95 4.46
CA LYS A 172 -6.01 18.31 4.54
C LYS A 172 -6.43 18.71 5.96
N GLY A 173 -5.47 18.76 6.88
CA GLY A 173 -5.77 19.15 8.24
C GLY A 173 -5.84 20.66 8.36
N GLY A 174 -6.97 21.21 7.95
CA GLY A 174 -7.12 22.65 7.88
C GLY A 174 -6.93 23.15 6.47
N LEU A 175 -5.67 23.33 6.09
CA LEU A 175 -5.28 23.70 4.72
C LEU A 175 -6.11 24.85 4.16
N GLU A 176 -5.66 26.07 4.43
CA GLU A 176 -6.31 27.25 3.90
C GLU A 176 -6.12 27.30 2.38
N HIS A 177 -7.12 27.81 1.69
CA HIS A 177 -7.14 27.76 0.23
C HIS A 177 -6.76 29.12 -0.35
N HIS A 178 -5.80 29.77 0.28
CA HIS A 178 -5.37 31.09 -0.15
C HIS A 178 -3.88 31.24 0.05
N ILE A 1 37.30 -25.20 16.82
CA ILE A 1 36.28 -24.16 17.04
C ILE A 1 35.73 -23.68 15.69
N ALA A 2 34.63 -24.28 15.27
CA ALA A 2 33.99 -23.88 14.02
C ALA A 2 32.98 -22.78 14.27
N ALA A 3 33.48 -21.57 14.43
CA ALA A 3 32.62 -20.42 14.69
C ALA A 3 32.54 -19.54 13.45
N ALA A 4 31.39 -19.60 12.78
CA ALA A 4 31.15 -18.79 11.60
C ALA A 4 30.27 -17.59 11.95
N VAL A 5 30.87 -16.62 12.62
CA VAL A 5 30.14 -15.45 13.10
C VAL A 5 30.25 -14.29 12.11
N VAL A 6 29.97 -14.58 10.85
CA VAL A 6 30.00 -13.57 9.81
C VAL A 6 28.75 -12.68 9.90
N GLY A 7 28.97 -11.37 9.91
CA GLY A 7 27.88 -10.43 10.01
C GLY A 7 27.28 -10.08 8.67
N THR A 8 26.28 -10.83 8.27
CA THR A 8 25.56 -10.56 7.05
C THR A 8 24.47 -9.53 7.31
N ALA A 9 24.61 -8.35 6.73
CA ALA A 9 23.70 -7.26 6.99
C ALA A 9 23.07 -6.74 5.70
N ALA A 10 22.29 -5.68 5.82
CA ALA A 10 21.62 -5.09 4.67
C ALA A 10 22.38 -3.86 4.18
N VAL A 11 22.88 -3.95 2.96
CA VAL A 11 23.61 -2.85 2.34
C VAL A 11 22.90 -2.40 1.06
N GLY A 12 21.80 -3.07 0.75
CA GLY A 12 21.03 -2.73 -0.43
C GLY A 12 20.13 -1.53 -0.21
N THR A 13 20.73 -0.36 -0.14
CA THR A 13 19.97 0.88 -0.02
C THR A 13 19.24 1.18 -1.33
N LYS A 14 17.94 1.41 -1.25
CA LYS A 14 17.16 1.68 -2.44
C LYS A 14 17.27 3.15 -2.82
N ALA A 15 17.20 3.42 -4.12
CA ALA A 15 17.25 4.79 -4.62
C ALA A 15 16.44 4.90 -5.90
N ALA A 16 15.78 6.03 -6.08
CA ALA A 16 15.00 6.27 -7.28
C ALA A 16 15.57 7.46 -8.06
N THR A 17 16.33 7.17 -9.10
CA THR A 17 16.91 8.23 -9.91
C THR A 17 15.87 8.80 -10.87
N ASP A 18 15.30 9.93 -10.48
CA ASP A 18 14.24 10.55 -11.27
C ASP A 18 14.83 11.57 -12.24
N PRO A 19 14.33 11.56 -13.48
CA PRO A 19 14.65 12.58 -14.48
C PRO A 19 14.18 13.95 -14.02
N ARG A 20 12.97 13.98 -13.45
CA ARG A 20 12.36 15.18 -12.90
C ARG A 20 12.25 16.29 -13.96
N SER A 21 12.02 15.89 -15.19
CA SER A 21 11.79 16.84 -16.26
C SER A 21 10.32 17.23 -16.29
N VAL A 22 9.45 16.23 -16.23
CA VAL A 22 8.02 16.46 -16.17
C VAL A 22 7.58 16.74 -14.73
N GLY A 23 8.41 16.29 -13.78
CA GLY A 23 8.12 16.51 -12.38
C GLY A 23 7.17 15.46 -11.83
N THR A 24 6.86 15.56 -10.55
CA THR A 24 5.95 14.62 -9.92
C THR A 24 4.50 15.04 -10.19
N GLN A 25 3.83 14.27 -11.05
CA GLN A 25 2.45 14.56 -11.43
C GLN A 25 1.63 13.29 -11.39
N VAL A 26 1.47 12.74 -10.19
CA VAL A 26 0.76 11.48 -10.03
C VAL A 26 -0.68 11.70 -9.56
N ASP A 27 -1.56 10.83 -10.00
CA ASP A 27 -2.98 10.90 -9.65
C ASP A 27 -3.38 9.63 -8.95
N ASP A 28 -4.08 9.75 -7.82
CA ASP A 28 -4.57 8.60 -7.09
C ASP A 28 -5.48 7.76 -7.99
N GLY A 29 -6.49 8.40 -8.55
CA GLY A 29 -7.43 7.70 -9.40
C GLY A 29 -6.78 7.13 -10.63
N THR A 30 -5.93 7.90 -11.28
CA THR A 30 -5.21 7.46 -12.47
C THR A 30 -4.43 6.16 -12.19
N LEU A 31 -3.72 6.15 -11.07
CA LEU A 31 -2.95 4.97 -10.67
C LEU A 31 -3.89 3.81 -10.35
N GLU A 32 -4.93 4.09 -9.58
CA GLU A 32 -5.92 3.09 -9.20
C GLU A 32 -6.60 2.50 -10.44
N VAL A 33 -6.92 3.36 -11.39
CA VAL A 33 -7.57 2.94 -12.61
C VAL A 33 -6.71 1.96 -13.40
N ARG A 34 -5.43 2.29 -13.57
CA ARG A 34 -4.56 1.44 -14.38
C ARG A 34 -4.28 0.10 -13.68
N VAL A 35 -4.14 0.11 -12.36
CA VAL A 35 -3.89 -1.13 -11.64
C VAL A 35 -5.16 -1.99 -11.60
N ASN A 36 -6.31 -1.33 -11.53
CA ASN A 36 -7.60 -2.00 -11.54
C ASN A 36 -7.82 -2.69 -12.87
N SER A 37 -7.54 -1.97 -13.94
CA SER A 37 -7.75 -2.46 -15.29
C SER A 37 -6.82 -3.62 -15.61
N ALA A 38 -5.54 -3.50 -15.23
CA ALA A 38 -4.58 -4.57 -15.47
C ALA A 38 -4.95 -5.83 -14.69
N LEU A 39 -5.44 -5.63 -13.47
CA LEU A 39 -5.91 -6.74 -12.64
C LEU A 39 -7.06 -7.46 -13.33
N SER A 40 -7.97 -6.70 -13.91
CA SER A 40 -9.11 -7.26 -14.62
C SER A 40 -8.70 -7.79 -16.00
N LYS A 41 -7.50 -7.41 -16.43
CA LYS A 41 -6.98 -7.88 -17.72
C LYS A 41 -6.45 -9.30 -17.58
N ASP A 42 -5.80 -9.57 -16.46
CA ASP A 42 -5.32 -10.92 -16.18
C ASP A 42 -6.46 -11.80 -15.74
N GLU A 43 -6.82 -12.77 -16.55
CA GLU A 43 -7.89 -13.68 -16.20
C GLU A 43 -7.54 -14.48 -14.97
N GLN A 44 -6.35 -15.09 -14.97
CA GLN A 44 -6.00 -16.03 -13.93
C GLN A 44 -5.91 -15.33 -12.58
N ILE A 45 -5.49 -14.07 -12.61
CA ILE A 45 -5.43 -13.23 -11.42
C ILE A 45 -6.84 -12.97 -10.87
N LYS A 46 -7.80 -12.75 -11.75
CA LYS A 46 -9.18 -12.53 -11.32
C LYS A 46 -9.98 -13.82 -11.40
N LYS A 47 -9.29 -14.93 -11.62
CA LYS A 47 -9.91 -16.23 -11.73
C LYS A 47 -10.09 -16.85 -10.37
N GLU A 48 -8.99 -16.88 -9.62
CA GLU A 48 -8.96 -17.52 -8.32
C GLU A 48 -8.40 -16.58 -7.26
N ALA A 49 -8.00 -15.40 -7.69
CA ALA A 49 -7.43 -14.42 -6.78
C ALA A 49 -8.28 -13.16 -6.77
N ARG A 50 -8.25 -12.44 -5.66
CA ARG A 50 -8.94 -11.18 -5.58
C ARG A 50 -8.10 -10.19 -4.78
N ILE A 51 -7.65 -9.16 -5.46
CA ILE A 51 -6.88 -8.11 -4.84
C ILE A 51 -7.66 -6.81 -4.95
N ASN A 52 -7.55 -5.99 -3.93
CA ASN A 52 -8.29 -4.74 -3.92
C ASN A 52 -7.32 -3.59 -4.09
N VAL A 53 -7.71 -2.63 -4.91
CA VAL A 53 -6.82 -1.57 -5.35
C VAL A 53 -7.21 -0.24 -4.73
N THR A 54 -6.24 0.38 -4.07
CA THR A 54 -6.43 1.69 -3.44
C THR A 54 -5.23 2.58 -3.71
N ALA A 55 -5.47 3.85 -4.00
CA ALA A 55 -4.39 4.79 -4.24
C ALA A 55 -4.62 6.07 -3.45
N TYR A 56 -3.57 6.55 -2.81
CA TYR A 56 -3.65 7.75 -1.99
C TYR A 56 -2.31 8.47 -1.98
N GLN A 57 -2.35 9.78 -2.12
CA GLN A 57 -1.18 10.66 -2.01
C GLN A 57 -0.16 10.42 -3.15
N GLY A 58 -0.50 9.52 -4.07
CA GLY A 58 0.37 9.24 -5.20
C GLY A 58 0.97 7.85 -5.15
N LYS A 59 0.87 7.21 -3.99
CA LYS A 59 1.36 5.85 -3.82
C LYS A 59 0.19 4.87 -3.80
N VAL A 60 0.46 3.61 -4.09
CA VAL A 60 -0.60 2.62 -4.21
C VAL A 60 -0.59 1.63 -3.06
N LEU A 61 -1.79 1.21 -2.65
CA LEU A 61 -1.96 0.18 -1.67
C LEU A 61 -2.88 -0.91 -2.22
N LEU A 62 -2.45 -2.15 -2.14
CA LEU A 62 -3.25 -3.27 -2.59
C LEU A 62 -3.35 -4.31 -1.48
N VAL A 63 -4.54 -4.81 -1.26
CA VAL A 63 -4.77 -5.80 -0.20
C VAL A 63 -5.73 -6.88 -0.70
N GLY A 64 -5.58 -8.11 -0.24
CA GLY A 64 -6.56 -9.11 -0.62
C GLY A 64 -6.13 -10.53 -0.35
N GLN A 65 -6.68 -11.45 -1.15
CA GLN A 65 -6.46 -12.87 -0.99
C GLN A 65 -6.16 -13.49 -2.35
N SER A 66 -5.28 -14.48 -2.37
CA SER A 66 -4.94 -15.19 -3.59
C SER A 66 -4.58 -16.64 -3.26
N PRO A 67 -4.68 -17.55 -4.24
CA PRO A 67 -4.24 -18.93 -4.07
C PRO A 67 -2.71 -19.01 -4.05
N ASN A 68 -2.08 -17.98 -4.58
CA ASN A 68 -0.63 -17.88 -4.62
C ASN A 68 -0.21 -16.43 -4.60
N ALA A 69 0.86 -16.12 -3.88
CA ALA A 69 1.37 -14.76 -3.78
C ALA A 69 1.89 -14.28 -5.13
N GLU A 70 2.35 -15.23 -5.93
CA GLU A 70 2.87 -14.96 -7.26
C GLU A 70 1.82 -14.24 -8.12
N LEU A 71 0.56 -14.61 -7.96
CA LEU A 71 -0.51 -14.04 -8.75
C LEU A 71 -0.73 -12.57 -8.40
N SER A 72 -0.84 -12.31 -7.11
CA SER A 72 -1.09 -10.96 -6.63
C SER A 72 0.10 -10.05 -6.89
N ALA A 73 1.30 -10.55 -6.64
CA ALA A 73 2.52 -9.79 -6.86
C ALA A 73 2.70 -9.45 -8.33
N ARG A 74 2.46 -10.44 -9.18
CA ARG A 74 2.57 -10.26 -10.63
C ARG A 74 1.55 -9.23 -11.11
N ALA A 75 0.34 -9.29 -10.55
CA ALA A 75 -0.70 -8.31 -10.86
C ALA A 75 -0.20 -6.91 -10.57
N LYS A 76 0.36 -6.73 -9.39
CA LYS A 76 0.85 -5.43 -8.94
C LYS A 76 1.91 -4.87 -9.89
N GLN A 77 2.96 -5.66 -10.15
CA GLN A 77 4.10 -5.18 -10.94
C GLN A 77 3.69 -4.85 -12.36
N ILE A 78 2.83 -5.69 -12.96
CA ILE A 78 2.38 -5.45 -14.32
C ILE A 78 1.41 -4.26 -14.38
N ALA A 79 0.60 -4.12 -13.33
CA ALA A 79 -0.41 -3.08 -13.28
C ALA A 79 0.18 -1.68 -13.27
N MET A 80 1.07 -1.40 -12.32
CA MET A 80 1.61 -0.05 -12.20
C MET A 80 2.86 0.13 -13.05
N GLY A 81 3.76 -0.86 -13.00
CA GLY A 81 5.02 -0.75 -13.70
C GLY A 81 5.77 0.53 -13.33
N VAL A 82 6.24 1.24 -14.34
CA VAL A 82 6.81 2.55 -14.12
C VAL A 82 5.86 3.61 -14.68
N ASP A 83 5.45 4.55 -13.83
CA ASP A 83 4.51 5.60 -14.22
C ASP A 83 4.26 6.56 -13.08
N GLY A 84 5.33 7.13 -12.55
CA GLY A 84 5.23 8.08 -11.46
C GLY A 84 5.03 7.43 -10.11
N ALA A 85 4.52 6.20 -10.11
CA ALA A 85 4.31 5.45 -8.88
C ALA A 85 5.65 5.20 -8.19
N ASN A 86 5.82 5.79 -7.02
CA ASN A 86 7.07 5.66 -6.28
C ASN A 86 7.05 4.43 -5.40
N GLU A 87 5.93 4.20 -4.73
CA GLU A 87 5.81 3.07 -3.83
C GLU A 87 4.45 2.40 -3.98
N VAL A 88 4.45 1.09 -3.87
CA VAL A 88 3.21 0.33 -3.87
C VAL A 88 3.27 -0.73 -2.77
N TYR A 89 2.31 -0.68 -1.86
CA TYR A 89 2.26 -1.62 -0.75
C TYR A 89 1.14 -2.61 -0.99
N ASN A 90 1.51 -3.85 -1.25
CA ASN A 90 0.54 -4.90 -1.51
C ASN A 90 0.68 -6.01 -0.47
N GLU A 91 -0.36 -6.25 0.31
CA GLU A 91 -0.33 -7.37 1.24
C GLU A 91 -1.45 -8.35 0.95
N ILE A 92 -1.04 -9.57 0.66
CA ILE A 92 -1.96 -10.69 0.49
C ILE A 92 -1.74 -11.69 1.61
N ARG A 93 -2.66 -11.75 2.55
CA ARG A 93 -2.51 -12.63 3.70
C ARG A 93 -2.96 -14.05 3.35
N GLN A 94 -2.20 -14.69 2.46
CA GLN A 94 -2.52 -16.05 2.02
C GLN A 94 -1.36 -17.01 2.33
N GLY A 95 -1.72 -18.23 2.67
CA GLY A 95 -0.73 -19.27 2.89
C GLY A 95 -0.11 -19.21 4.27
N GLN A 96 1.07 -18.63 4.36
CA GLN A 96 1.77 -18.54 5.63
C GLN A 96 2.48 -17.19 5.77
N PRO A 97 2.62 -16.69 7.00
CA PRO A 97 3.29 -15.42 7.28
C PRO A 97 4.81 -15.52 7.16
N ILE A 98 5.49 -14.42 7.49
CA ILE A 98 6.95 -14.37 7.45
C ILE A 98 7.56 -15.41 8.39
N GLY A 99 7.04 -15.46 9.61
CA GLY A 99 7.53 -16.41 10.58
C GLY A 99 6.50 -16.72 11.63
N LEU A 100 6.66 -17.83 12.34
CA LEU A 100 5.69 -18.24 13.35
C LEU A 100 5.75 -17.33 14.57
N GLY A 101 6.97 -16.97 14.98
CA GLY A 101 7.15 -16.15 16.16
C GLY A 101 6.55 -14.77 16.00
N GLU A 102 6.77 -14.16 14.86
CA GLU A 102 6.24 -12.82 14.58
C GLU A 102 4.74 -12.86 14.33
N ALA A 103 4.28 -13.93 13.66
CA ALA A 103 2.89 -14.04 13.23
C ALA A 103 1.90 -13.87 14.38
N SER A 104 2.07 -14.62 15.45
CA SER A 104 1.15 -14.55 16.58
C SER A 104 1.13 -13.15 17.19
N ASN A 105 2.29 -12.54 17.32
CA ASN A 105 2.39 -11.22 17.92
C ASN A 105 1.90 -10.14 16.95
N ASP A 106 2.09 -10.36 15.65
CA ASP A 106 1.69 -9.40 14.62
C ASP A 106 0.24 -9.01 14.79
N THR A 107 -0.61 -10.01 14.87
CA THR A 107 -2.04 -9.77 14.95
C THR A 107 -2.44 -9.29 16.32
N TRP A 108 -1.70 -9.68 17.35
CA TRP A 108 -1.94 -9.19 18.69
C TRP A 108 -1.65 -7.69 18.75
N ILE A 109 -0.45 -7.30 18.32
CA ILE A 109 -0.05 -5.89 18.29
C ILE A 109 -1.02 -5.10 17.41
N THR A 110 -1.30 -5.63 16.23
CA THR A 110 -2.23 -5.02 15.31
C THR A 110 -3.62 -4.89 15.95
N THR A 111 -3.97 -5.84 16.81
CA THR A 111 -5.25 -5.83 17.48
C THR A 111 -5.35 -4.69 18.51
N LYS A 112 -4.32 -4.52 19.35
CA LYS A 112 -4.36 -3.47 20.38
C LYS A 112 -4.28 -2.09 19.74
N VAL A 113 -3.47 -1.91 18.70
CA VAL A 113 -3.41 -0.63 18.02
C VAL A 113 -4.73 -0.35 17.31
N ARG A 114 -5.32 -1.39 16.72
CA ARG A 114 -6.66 -1.30 16.15
C ARG A 114 -7.65 -0.89 17.22
N SER A 115 -7.63 -1.63 18.32
CA SER A 115 -8.56 -1.42 19.43
C SER A 115 -8.55 0.03 19.90
N GLN A 116 -7.37 0.55 20.19
CA GLN A 116 -7.24 1.89 20.72
C GLN A 116 -7.53 2.94 19.66
N LEU A 117 -7.19 2.64 18.41
CA LEU A 117 -7.52 3.53 17.30
C LEU A 117 -9.03 3.65 17.16
N LEU A 118 -9.71 2.52 17.17
CA LEU A 118 -11.16 2.48 17.12
C LEU A 118 -11.76 3.14 18.36
N THR A 119 -11.08 2.95 19.47
CA THR A 119 -11.46 3.54 20.74
C THR A 119 -11.43 5.08 20.66
N SER A 120 -10.59 5.60 19.77
CA SER A 120 -10.54 7.03 19.52
C SER A 120 -11.62 7.43 18.52
N ASP A 121 -12.41 8.44 18.88
CA ASP A 121 -13.61 8.80 18.12
C ASP A 121 -13.28 9.29 16.70
N LEU A 122 -12.20 10.03 16.57
CA LEU A 122 -11.87 10.67 15.29
C LEU A 122 -11.29 9.66 14.29
N VAL A 123 -10.63 8.63 14.81
CA VAL A 123 -9.95 7.66 13.97
C VAL A 123 -10.93 6.82 13.17
N LYS A 124 -10.80 6.85 11.86
CA LYS A 124 -11.65 6.04 10.99
C LYS A 124 -11.03 4.65 10.81
N SER A 125 -11.86 3.63 10.88
CA SER A 125 -11.41 2.25 10.88
C SER A 125 -10.73 1.89 9.55
N SER A 126 -11.23 2.46 8.46
CA SER A 126 -10.72 2.15 7.14
C SER A 126 -9.66 3.17 6.70
N ASN A 127 -9.37 4.12 7.58
CA ASN A 127 -8.46 5.21 7.25
C ASN A 127 -7.00 4.75 7.32
N VAL A 128 -6.69 3.99 8.37
CA VAL A 128 -5.32 3.59 8.63
C VAL A 128 -5.15 2.07 8.46
N LYS A 129 -4.06 1.69 7.80
CA LYS A 129 -3.72 0.28 7.62
C LYS A 129 -2.55 -0.06 8.56
N VAL A 130 -2.65 -1.18 9.24
CA VAL A 130 -1.61 -1.58 10.18
C VAL A 130 -1.24 -3.05 9.98
N THR A 131 0.06 -3.32 9.92
CA THR A 131 0.57 -4.67 9.82
C THR A 131 1.87 -4.78 10.63
N THR A 132 2.04 -5.86 11.37
CA THR A 132 3.21 -6.03 12.19
C THR A 132 4.20 -7.02 11.57
N GLU A 133 5.37 -6.52 11.23
CA GLU A 133 6.43 -7.33 10.65
C GLU A 133 7.43 -7.71 11.73
N ASN A 134 8.47 -8.46 11.34
CA ASN A 134 9.47 -9.01 12.26
C ASN A 134 10.10 -7.94 13.18
N GLY A 135 9.41 -7.61 14.25
CA GLY A 135 9.91 -6.64 15.19
C GLY A 135 9.50 -5.22 14.83
N GLU A 136 9.23 -4.99 13.56
CA GLU A 136 8.91 -3.67 13.08
C GLU A 136 7.44 -3.58 12.69
N VAL A 137 6.76 -2.56 13.18
CA VAL A 137 5.34 -2.39 12.89
C VAL A 137 5.15 -1.33 11.82
N PHE A 138 4.39 -1.67 10.80
CA PHE A 138 4.15 -0.78 9.68
C PHE A 138 2.76 -0.16 9.77
N LEU A 139 2.70 1.15 9.63
CA LEU A 139 1.43 1.86 9.61
C LEU A 139 1.32 2.65 8.32
N MET A 140 0.14 2.65 7.74
CA MET A 140 -0.07 3.20 6.41
C MET A 140 -1.43 3.87 6.29
N GLY A 141 -1.58 4.71 5.28
CA GLY A 141 -2.89 5.25 4.96
C GLY A 141 -2.94 6.76 5.08
N LEU A 142 -4.13 7.31 4.88
CA LEU A 142 -4.35 8.74 4.97
C LEU A 142 -5.29 9.02 6.13
N VAL A 143 -4.85 9.83 7.08
CA VAL A 143 -5.62 10.12 8.29
C VAL A 143 -5.42 11.57 8.71
N THR A 144 -6.30 12.07 9.54
CA THR A 144 -6.18 13.42 10.03
C THR A 144 -5.11 13.52 11.11
N GLU A 145 -4.80 14.72 11.55
CA GLU A 145 -3.73 14.95 12.49
C GLU A 145 -4.02 14.29 13.83
N ARG A 146 -5.28 14.34 14.26
CA ARG A 146 -5.68 13.71 15.52
C ARG A 146 -5.56 12.19 15.41
N GLU A 147 -5.85 11.66 14.22
CA GLU A 147 -5.73 10.23 13.97
C GLU A 147 -4.26 9.83 13.97
N ALA A 148 -3.44 10.63 13.32
CA ALA A 148 -2.00 10.41 13.28
C ALA A 148 -1.40 10.49 14.67
N LYS A 149 -1.89 11.44 15.46
CA LYS A 149 -1.47 11.58 16.85
C LYS A 149 -1.83 10.33 17.65
N ALA A 150 -3.06 9.87 17.49
CA ALA A 150 -3.52 8.68 18.20
C ALA A 150 -2.73 7.46 17.80
N ALA A 151 -2.52 7.30 16.50
CA ALA A 151 -1.76 6.18 15.95
C ALA A 151 -0.36 6.14 16.55
N ALA A 152 0.33 7.28 16.50
CA ALA A 152 1.68 7.38 17.03
C ALA A 152 1.70 7.14 18.54
N ASP A 153 0.69 7.67 19.23
CA ASP A 153 0.55 7.50 20.67
C ASP A 153 0.48 6.03 21.04
N ILE A 154 -0.47 5.33 20.43
CA ILE A 154 -0.70 3.93 20.71
C ILE A 154 0.53 3.10 20.35
N ALA A 155 1.02 3.29 19.13
CA ALA A 155 2.15 2.50 18.62
C ALA A 155 3.40 2.65 19.49
N SER A 156 3.58 3.83 20.08
CA SER A 156 4.74 4.08 20.92
C SER A 156 4.56 3.51 22.32
N ARG A 157 3.31 3.41 22.77
CA ARG A 157 3.04 2.98 24.13
C ARG A 157 2.84 1.46 24.25
N VAL A 158 2.40 0.83 23.17
CA VAL A 158 2.10 -0.61 23.20
C VAL A 158 3.37 -1.45 23.21
N SER A 159 3.38 -2.47 24.06
CA SER A 159 4.50 -3.39 24.14
C SER A 159 4.54 -4.28 22.90
N GLY A 160 5.73 -4.75 22.55
CA GLY A 160 5.88 -5.60 21.40
C GLY A 160 6.50 -4.87 20.23
N VAL A 161 6.59 -3.55 20.35
CA VAL A 161 7.16 -2.73 19.30
C VAL A 161 8.66 -2.58 19.48
N LYS A 162 9.42 -2.98 18.47
CA LYS A 162 10.86 -2.79 18.47
C LYS A 162 11.22 -1.64 17.54
N ARG A 163 10.50 -1.57 16.42
CA ARG A 163 10.65 -0.49 15.47
C ARG A 163 9.30 -0.18 14.83
N VAL A 164 9.09 1.06 14.43
CA VAL A 164 7.82 1.46 13.84
C VAL A 164 8.04 2.34 12.63
N THR A 165 7.38 2.02 11.53
CA THR A 165 7.35 2.87 10.37
C THR A 165 5.94 3.40 10.18
N THR A 166 5.80 4.70 10.03
CA THR A 166 4.48 5.31 10.02
C THR A 166 4.30 6.23 8.83
N ALA A 167 3.55 5.78 7.84
CA ALA A 167 3.23 6.61 6.69
C ALA A 167 1.97 7.41 6.96
N PHE A 168 1.94 8.10 8.09
CA PHE A 168 0.79 8.90 8.43
C PHE A 168 0.86 10.25 7.71
N THR A 169 -0.03 10.41 6.75
CA THR A 169 -0.17 11.67 6.05
C THR A 169 -1.54 12.23 6.35
N PHE A 170 -1.64 13.55 6.44
CA PHE A 170 -2.83 14.19 6.99
C PHE A 170 -3.92 14.36 5.96
N ILE A 171 -5.10 13.89 6.32
CA ILE A 171 -6.30 14.14 5.56
C ILE A 171 -6.79 15.54 5.90
N LYS A 172 -7.11 16.31 4.88
CA LYS A 172 -7.50 17.72 5.01
C LYS A 172 -8.38 17.99 6.23
N GLY A 173 -7.73 18.31 7.35
CA GLY A 173 -8.44 18.72 8.53
C GLY A 173 -8.31 20.21 8.73
N GLY A 174 -7.26 20.77 8.16
CA GLY A 174 -7.02 22.19 8.22
C GLY A 174 -5.61 22.54 7.77
N LEU A 175 -5.34 22.27 6.50
CA LEU A 175 -4.00 22.48 5.95
C LEU A 175 -4.10 23.23 4.64
N GLU A 176 -3.03 23.93 4.29
CA GLU A 176 -2.99 24.69 3.05
C GLU A 176 -1.74 24.31 2.25
N HIS A 177 -1.89 24.28 0.93
CA HIS A 177 -0.76 23.99 0.06
C HIS A 177 0.05 25.25 -0.17
N HIS A 178 0.76 25.69 0.85
CA HIS A 178 1.55 26.90 0.78
C HIS A 178 2.77 26.70 -0.12
N ILE A 1 -16.78 -43.21 -49.60
CA ILE A 1 -15.83 -42.15 -49.99
C ILE A 1 -14.95 -41.79 -48.80
N ALA A 2 -13.64 -41.84 -49.00
CA ALA A 2 -12.69 -41.48 -47.97
C ALA A 2 -11.83 -40.31 -48.39
N ALA A 3 -12.00 -39.18 -47.75
CA ALA A 3 -11.24 -37.98 -48.05
C ALA A 3 -10.48 -37.49 -46.83
N ALA A 4 -9.17 -37.55 -46.91
CA ALA A 4 -8.31 -37.08 -45.82
C ALA A 4 -8.03 -35.59 -45.96
N VAL A 5 -9.10 -34.80 -45.96
CA VAL A 5 -8.98 -33.36 -46.08
C VAL A 5 -8.62 -32.73 -44.75
N VAL A 6 -7.58 -31.92 -44.73
CA VAL A 6 -7.10 -31.30 -43.51
C VAL A 6 -7.87 -30.02 -43.20
N GLY A 7 -8.14 -29.80 -41.92
CA GLY A 7 -8.80 -28.59 -41.50
C GLY A 7 -8.04 -27.89 -40.40
N THR A 8 -6.75 -27.76 -40.59
CA THR A 8 -5.88 -27.17 -39.60
C THR A 8 -5.85 -25.65 -39.71
N ALA A 9 -6.20 -24.99 -38.63
CA ALA A 9 -6.23 -23.54 -38.58
C ALA A 9 -5.35 -23.03 -37.46
N ALA A 10 -4.81 -21.83 -37.63
CA ALA A 10 -3.88 -21.28 -36.66
C ALA A 10 -4.53 -20.15 -35.86
N VAL A 11 -3.70 -19.26 -35.35
CA VAL A 11 -4.17 -18.18 -34.50
C VAL A 11 -3.84 -16.83 -35.09
N GLY A 12 -4.46 -15.79 -34.58
CA GLY A 12 -4.16 -14.44 -35.00
C GLY A 12 -3.38 -13.70 -33.95
N THR A 13 -2.10 -14.00 -33.84
CA THR A 13 -1.26 -13.43 -32.81
C THR A 13 -0.99 -11.95 -33.06
N LYS A 14 -1.44 -11.13 -32.11
CA LYS A 14 -1.24 -9.69 -32.17
C LYS A 14 -1.52 -9.08 -30.80
N ALA A 15 -0.47 -8.81 -30.05
CA ALA A 15 -0.61 -8.29 -28.70
C ALA A 15 -0.22 -6.83 -28.65
N ALA A 16 -0.86 -6.07 -27.78
CA ALA A 16 -0.55 -4.66 -27.61
C ALA A 16 0.62 -4.51 -26.65
N THR A 17 1.76 -4.11 -27.19
CA THR A 17 2.95 -3.89 -26.40
C THR A 17 3.68 -2.64 -26.89
N ASP A 18 2.95 -1.54 -26.88
CA ASP A 18 3.47 -0.28 -27.39
C ASP A 18 4.27 0.44 -26.33
N PRO A 19 5.16 1.35 -26.74
CA PRO A 19 5.95 2.16 -25.81
C PRO A 19 5.09 3.17 -25.05
N ARG A 20 5.67 3.77 -24.01
CA ARG A 20 4.96 4.74 -23.19
C ARG A 20 4.41 5.89 -24.04
N SER A 21 3.14 6.20 -23.82
CA SER A 21 2.46 7.23 -24.59
C SER A 21 2.77 8.62 -24.03
N VAL A 22 2.95 8.68 -22.71
CA VAL A 22 3.23 9.95 -22.05
C VAL A 22 4.52 9.85 -21.25
N GLY A 23 5.11 10.99 -20.93
CA GLY A 23 6.33 11.01 -20.15
C GLY A 23 6.09 10.71 -18.68
N THR A 24 6.02 11.75 -17.87
CA THR A 24 5.84 11.57 -16.44
C THR A 24 4.36 11.65 -16.07
N GLN A 25 3.84 10.55 -15.53
CA GLN A 25 2.43 10.49 -15.15
C GLN A 25 2.30 9.92 -13.74
N VAL A 26 2.69 10.71 -12.75
CA VAL A 26 2.54 10.29 -11.36
C VAL A 26 1.30 10.94 -10.76
N ASP A 27 0.42 10.11 -10.23
CA ASP A 27 -0.83 10.58 -9.64
C ASP A 27 -1.47 9.46 -8.85
N ASP A 28 -2.05 9.80 -7.72
CA ASP A 28 -2.74 8.81 -6.89
C ASP A 28 -3.92 8.23 -7.65
N GLY A 29 -4.82 9.10 -8.10
CA GLY A 29 -5.99 8.65 -8.81
C GLY A 29 -5.65 7.99 -10.14
N THR A 30 -4.74 8.60 -10.87
CA THR A 30 -4.34 8.10 -12.18
C THR A 30 -3.69 6.70 -12.08
N LEU A 31 -2.79 6.53 -11.12
CA LEU A 31 -2.12 5.23 -10.94
C LEU A 31 -3.12 4.20 -10.45
N GLU A 32 -4.07 4.65 -9.62
CA GLU A 32 -5.15 3.80 -9.13
C GLU A 32 -5.97 3.26 -10.29
N VAL A 33 -6.30 4.15 -11.23
CA VAL A 33 -7.03 3.77 -12.43
C VAL A 33 -6.25 2.74 -13.24
N ARG A 34 -4.96 2.99 -13.39
CA ARG A 34 -4.08 2.09 -14.15
C ARG A 34 -4.10 0.68 -13.57
N VAL A 35 -3.80 0.55 -12.28
CA VAL A 35 -3.73 -0.75 -11.63
C VAL A 35 -5.11 -1.42 -11.62
N ASN A 36 -6.15 -0.61 -11.51
CA ASN A 36 -7.52 -1.11 -11.53
C ASN A 36 -7.85 -1.71 -12.89
N SER A 37 -7.59 -0.94 -13.94
CA SER A 37 -7.92 -1.35 -15.29
C SER A 37 -7.11 -2.57 -15.71
N ALA A 38 -5.85 -2.64 -15.26
CA ALA A 38 -5.01 -3.78 -15.58
C ALA A 38 -5.49 -5.04 -14.87
N LEU A 39 -5.89 -4.89 -13.61
CA LEU A 39 -6.43 -6.00 -12.83
C LEU A 39 -7.68 -6.55 -13.51
N SER A 40 -8.53 -5.65 -13.97
CA SER A 40 -9.76 -6.03 -14.65
C SER A 40 -9.49 -6.49 -16.08
N LYS A 41 -8.32 -6.15 -16.60
CA LYS A 41 -7.93 -6.53 -17.95
C LYS A 41 -7.54 -8.01 -17.99
N ASP A 42 -6.86 -8.46 -16.95
CA ASP A 42 -6.48 -9.86 -16.85
C ASP A 42 -7.65 -10.68 -16.32
N GLU A 43 -8.34 -11.38 -17.21
CA GLU A 43 -9.53 -12.13 -16.84
C GLU A 43 -9.23 -13.08 -15.69
N GLN A 44 -8.18 -13.89 -15.82
CA GLN A 44 -7.87 -14.92 -14.83
C GLN A 44 -7.65 -14.32 -13.45
N ILE A 45 -7.07 -13.12 -13.42
CA ILE A 45 -6.78 -12.42 -12.18
C ILE A 45 -8.08 -11.96 -11.51
N LYS A 46 -8.96 -11.34 -12.28
CA LYS A 46 -10.24 -10.89 -11.74
C LYS A 46 -11.27 -12.03 -11.71
N LYS A 47 -10.87 -13.18 -12.23
CA LYS A 47 -11.73 -14.35 -12.30
C LYS A 47 -11.63 -15.15 -11.00
N GLU A 48 -10.41 -15.46 -10.60
CA GLU A 48 -10.18 -16.37 -9.49
C GLU A 48 -9.55 -15.65 -8.28
N ALA A 49 -9.10 -14.43 -8.48
CA ALA A 49 -8.44 -13.68 -7.42
C ALA A 49 -9.22 -12.42 -7.10
N ARG A 50 -9.04 -11.90 -5.89
CA ARG A 50 -9.67 -10.65 -5.49
C ARG A 50 -8.66 -9.74 -4.82
N ILE A 51 -8.37 -8.63 -5.47
CA ILE A 51 -7.37 -7.70 -4.97
C ILE A 51 -7.92 -6.29 -4.98
N ASN A 52 -7.52 -5.50 -4.01
CA ASN A 52 -7.95 -4.12 -3.92
C ASN A 52 -6.80 -3.18 -4.25
N VAL A 53 -7.11 -2.10 -4.95
CA VAL A 53 -6.11 -1.19 -5.44
C VAL A 53 -6.16 0.14 -4.69
N THR A 54 -5.00 0.55 -4.17
CA THR A 54 -4.91 1.82 -3.48
C THR A 54 -3.63 2.56 -3.86
N ALA A 55 -3.77 3.74 -4.44
CA ALA A 55 -2.62 4.52 -4.85
C ALA A 55 -2.58 5.84 -4.11
N TYR A 56 -1.41 6.22 -3.62
CA TYR A 56 -1.25 7.46 -2.90
C TYR A 56 0.20 7.94 -2.99
N GLN A 57 0.38 9.23 -3.22
CA GLN A 57 1.70 9.85 -3.24
C GLN A 57 2.58 9.29 -4.36
N GLY A 58 1.95 8.68 -5.35
CA GLY A 58 2.69 8.12 -6.48
C GLY A 58 3.14 6.69 -6.22
N LYS A 59 2.99 6.23 -4.99
CA LYS A 59 3.34 4.87 -4.63
C LYS A 59 2.07 4.04 -4.47
N VAL A 60 2.12 2.78 -4.86
CA VAL A 60 0.89 2.00 -4.95
C VAL A 60 0.91 0.76 -4.05
N LEU A 61 -0.19 0.59 -3.33
CA LEU A 61 -0.38 -0.56 -2.46
C LEU A 61 -1.53 -1.42 -2.98
N LEU A 62 -1.35 -2.73 -2.91
CA LEU A 62 -2.38 -3.67 -3.30
C LEU A 62 -2.61 -4.64 -2.16
N VAL A 63 -3.87 -4.89 -1.83
CA VAL A 63 -4.21 -5.80 -0.74
C VAL A 63 -5.43 -6.61 -1.10
N GLY A 64 -5.45 -7.88 -0.75
CA GLY A 64 -6.63 -8.68 -1.03
C GLY A 64 -6.47 -10.14 -0.69
N GLN A 65 -7.35 -10.96 -1.24
CA GLN A 65 -7.37 -12.38 -0.96
C GLN A 65 -7.24 -13.17 -2.26
N SER A 66 -6.67 -14.36 -2.18
CA SER A 66 -6.43 -15.16 -3.37
C SER A 66 -6.34 -16.63 -3.01
N PRO A 67 -6.64 -17.51 -3.99
CA PRO A 67 -6.34 -18.93 -3.87
C PRO A 67 -4.85 -19.19 -4.13
N ASN A 68 -4.26 -18.30 -4.92
CA ASN A 68 -2.84 -18.37 -5.25
C ASN A 68 -2.26 -16.96 -5.23
N ALA A 69 -1.22 -16.76 -4.45
CA ALA A 69 -0.58 -15.44 -4.35
C ALA A 69 0.00 -15.03 -5.68
N GLU A 70 0.40 -16.02 -6.48
CA GLU A 70 0.98 -15.79 -7.79
C GLU A 70 0.07 -14.95 -8.68
N LEU A 71 -1.24 -15.18 -8.59
CA LEU A 71 -2.20 -14.44 -9.41
C LEU A 71 -2.18 -12.96 -9.05
N SER A 72 -2.26 -12.69 -7.75
CA SER A 72 -2.30 -11.34 -7.25
C SER A 72 -0.95 -10.63 -7.42
N ALA A 73 0.14 -11.38 -7.24
CA ALA A 73 1.49 -10.83 -7.43
C ALA A 73 1.69 -10.42 -8.87
N ARG A 74 1.36 -11.34 -9.78
CA ARG A 74 1.46 -11.08 -11.21
C ARG A 74 0.55 -9.92 -11.62
N ALA A 75 -0.61 -9.84 -10.98
CA ALA A 75 -1.53 -8.74 -11.20
C ALA A 75 -0.87 -7.41 -10.86
N LYS A 76 -0.24 -7.35 -9.69
CA LYS A 76 0.41 -6.15 -9.20
C LYS A 76 1.49 -5.67 -10.17
N GLN A 77 2.40 -6.57 -10.53
CA GLN A 77 3.52 -6.22 -11.39
C GLN A 77 3.05 -5.83 -12.80
N ILE A 78 2.02 -6.51 -13.29
CA ILE A 78 1.48 -6.22 -14.60
C ILE A 78 0.72 -4.89 -14.59
N ALA A 79 0.10 -4.58 -13.46
CA ALA A 79 -0.71 -3.38 -13.33
C ALA A 79 0.14 -2.11 -13.35
N MET A 80 1.10 -2.02 -12.44
CA MET A 80 1.90 -0.80 -12.32
C MET A 80 3.20 -0.90 -13.11
N GLY A 81 3.87 -2.05 -13.02
CA GLY A 81 5.19 -2.18 -13.60
C GLY A 81 6.11 -1.08 -13.12
N VAL A 82 6.96 -0.58 -14.00
CA VAL A 82 7.74 0.60 -13.70
C VAL A 82 7.21 1.76 -14.52
N ASP A 83 6.77 2.83 -13.84
CA ASP A 83 6.18 3.99 -14.50
C ASP A 83 5.68 5.01 -13.49
N GLY A 84 6.60 5.74 -12.90
CA GLY A 84 6.23 6.82 -12.00
C GLY A 84 5.91 6.34 -10.60
N ALA A 85 5.55 5.07 -10.48
CA ALA A 85 5.25 4.47 -9.20
C ALA A 85 6.50 4.46 -8.31
N ASN A 86 6.42 5.15 -7.19
CA ASN A 86 7.58 5.30 -6.31
C ASN A 86 7.81 4.07 -5.45
N GLU A 87 6.73 3.48 -4.96
CA GLU A 87 6.83 2.30 -4.11
C GLU A 87 5.85 1.24 -4.54
N VAL A 88 6.20 -0.01 -4.27
CA VAL A 88 5.30 -1.12 -4.51
C VAL A 88 5.05 -1.88 -3.21
N TYR A 89 3.80 -1.92 -2.79
CA TYR A 89 3.41 -2.70 -1.63
C TYR A 89 2.30 -3.66 -2.01
N ASN A 90 2.59 -4.94 -1.99
CA ASN A 90 1.62 -5.97 -2.35
C ASN A 90 1.40 -6.93 -1.20
N GLU A 91 0.22 -6.89 -0.58
CA GLU A 91 -0.10 -7.83 0.47
C GLU A 91 -1.33 -8.64 0.09
N ILE A 92 -1.13 -9.94 -0.05
CA ILE A 92 -2.23 -10.86 -0.32
C ILE A 92 -2.42 -11.80 0.85
N ARG A 93 -3.65 -11.95 1.31
CA ARG A 93 -3.94 -12.78 2.48
C ARG A 93 -4.01 -14.26 2.11
N GLN A 94 -2.97 -14.78 1.48
CA GLN A 94 -2.89 -16.19 1.17
C GLN A 94 -1.54 -16.76 1.59
N GLY A 95 -1.55 -17.55 2.65
CA GLY A 95 -0.33 -18.16 3.14
C GLY A 95 -0.15 -17.95 4.62
N GLN A 96 1.10 -17.98 5.06
CA GLN A 96 1.41 -17.82 6.47
C GLN A 96 2.12 -16.49 6.70
N PRO A 97 2.03 -15.95 7.92
CA PRO A 97 2.70 -14.70 8.30
C PRO A 97 4.22 -14.87 8.43
N ILE A 98 4.84 -13.95 9.16
CA ILE A 98 6.30 -13.95 9.30
C ILE A 98 6.79 -15.17 10.08
N GLY A 99 6.04 -15.59 11.09
CA GLY A 99 6.44 -16.73 11.89
C GLY A 99 5.35 -17.16 12.84
N LEU A 100 5.59 -18.24 13.57
CA LEU A 100 4.58 -18.80 14.47
C LEU A 100 4.37 -17.92 15.70
N GLY A 101 5.44 -17.65 16.42
CA GLY A 101 5.33 -16.89 17.65
C GLY A 101 5.12 -15.41 17.38
N GLU A 102 5.96 -14.86 16.53
CA GLU A 102 5.94 -13.43 16.21
C GLU A 102 4.56 -13.00 15.69
N ALA A 103 3.91 -13.85 14.90
CA ALA A 103 2.60 -13.50 14.33
C ALA A 103 1.52 -13.53 15.39
N SER A 104 1.65 -14.46 16.34
CA SER A 104 0.70 -14.54 17.43
C SER A 104 0.68 -13.21 18.20
N ASN A 105 1.86 -12.65 18.40
CA ASN A 105 1.99 -11.34 19.04
C ASN A 105 1.60 -10.24 18.07
N ASP A 106 2.04 -10.36 16.82
CA ASP A 106 1.81 -9.34 15.78
C ASP A 106 0.34 -9.01 15.64
N THR A 107 -0.49 -10.04 15.49
CA THR A 107 -1.91 -9.84 15.27
C THR A 107 -2.57 -9.24 16.51
N TRP A 108 -2.09 -9.64 17.68
CA TRP A 108 -2.60 -9.11 18.94
C TRP A 108 -2.23 -7.64 19.07
N ILE A 109 -0.96 -7.33 18.87
CA ILE A 109 -0.48 -5.97 18.94
C ILE A 109 -1.18 -5.10 17.89
N THR A 110 -1.25 -5.61 16.66
CA THR A 110 -1.93 -4.92 15.58
C THR A 110 -3.39 -4.67 15.95
N THR A 111 -4.02 -5.66 16.56
CA THR A 111 -5.41 -5.57 16.94
C THR A 111 -5.64 -4.40 17.91
N LYS A 112 -4.84 -4.34 18.98
CA LYS A 112 -5.04 -3.31 20.00
C LYS A 112 -4.66 -1.92 19.49
N VAL A 113 -3.54 -1.80 18.78
CA VAL A 113 -3.12 -0.49 18.29
C VAL A 113 -4.11 0.04 17.25
N ARG A 114 -4.55 -0.82 16.35
CA ARG A 114 -5.55 -0.45 15.35
C ARG A 114 -6.85 -0.07 16.04
N SER A 115 -7.15 -0.76 17.13
CA SER A 115 -8.33 -0.47 17.92
C SER A 115 -8.30 0.95 18.46
N GLN A 116 -7.12 1.39 18.89
CA GLN A 116 -6.95 2.70 19.50
C GLN A 116 -7.01 3.81 18.46
N LEU A 117 -6.55 3.53 17.25
CA LEU A 117 -6.69 4.51 16.16
C LEU A 117 -8.15 4.57 15.72
N LEU A 118 -8.79 3.41 15.69
CA LEU A 118 -10.14 3.29 15.17
C LEU A 118 -11.20 3.84 16.13
N THR A 119 -10.88 3.90 17.42
CA THR A 119 -11.82 4.39 18.42
C THR A 119 -12.12 5.87 18.22
N SER A 120 -11.24 6.53 17.48
CA SER A 120 -11.42 7.95 17.17
C SER A 120 -12.38 8.13 16.00
N ASP A 121 -13.42 8.94 16.21
CA ASP A 121 -14.46 9.16 15.21
C ASP A 121 -13.95 9.92 14.00
N LEU A 122 -12.85 10.63 14.16
CA LEU A 122 -12.30 11.41 13.07
C LEU A 122 -11.21 10.65 12.33
N VAL A 123 -10.73 9.57 12.93
CA VAL A 123 -9.73 8.72 12.27
C VAL A 123 -10.42 7.62 11.46
N LYS A 124 -10.10 7.54 10.18
CA LYS A 124 -10.73 6.55 9.32
C LYS A 124 -9.98 5.23 9.37
N SER A 125 -10.72 4.14 9.55
CA SER A 125 -10.14 2.82 9.57
C SER A 125 -9.51 2.48 8.22
N SER A 126 -10.28 2.71 7.17
CA SER A 126 -9.78 2.53 5.82
C SER A 126 -9.03 3.78 5.38
N ASN A 127 -7.82 3.95 5.93
CA ASN A 127 -6.98 5.09 5.61
C ASN A 127 -5.53 4.76 5.90
N VAL A 128 -5.29 4.17 7.06
CA VAL A 128 -3.95 3.79 7.47
C VAL A 128 -3.82 2.27 7.56
N LYS A 129 -2.70 1.74 7.08
CA LYS A 129 -2.44 0.31 7.14
C LYS A 129 -1.40 0.00 8.22
N VAL A 130 -1.77 -0.88 9.14
CA VAL A 130 -0.85 -1.31 10.17
C VAL A 130 -0.53 -2.79 10.02
N THR A 131 0.75 -3.10 10.07
CA THR A 131 1.19 -4.49 9.99
C THR A 131 2.40 -4.70 10.90
N THR A 132 2.40 -5.81 11.62
CA THR A 132 3.49 -6.10 12.53
C THR A 132 4.30 -7.32 12.05
N GLU A 133 5.61 -7.18 12.09
CA GLU A 133 6.50 -8.27 11.82
C GLU A 133 7.31 -8.55 13.09
N ASN A 134 8.21 -9.53 13.06
CA ASN A 134 8.91 -9.96 14.27
C ASN A 134 9.64 -8.78 14.96
N GLY A 135 8.96 -8.22 15.96
CA GLY A 135 9.54 -7.15 16.75
C GLY A 135 9.23 -5.76 16.22
N GLU A 136 9.00 -5.66 14.92
CA GLU A 136 8.85 -4.35 14.28
C GLU A 136 7.47 -4.14 13.68
N VAL A 137 6.84 -3.02 14.03
CA VAL A 137 5.53 -2.66 13.50
C VAL A 137 5.67 -1.58 12.45
N PHE A 138 4.95 -1.74 11.34
CA PHE A 138 5.00 -0.78 10.24
C PHE A 138 3.61 -0.19 9.99
N LEU A 139 3.56 1.10 9.78
CA LEU A 139 2.32 1.78 9.45
C LEU A 139 2.48 2.54 8.13
N MET A 140 1.43 2.49 7.31
CA MET A 140 1.48 3.02 5.96
C MET A 140 0.19 3.75 5.61
N GLY A 141 0.23 4.63 4.63
CA GLY A 141 -0.99 5.26 4.14
C GLY A 141 -0.95 6.77 4.23
N LEU A 142 -1.88 7.40 3.52
CA LEU A 142 -2.03 8.84 3.57
C LEU A 142 -3.14 9.19 4.55
N VAL A 143 -2.81 10.01 5.54
CA VAL A 143 -3.77 10.46 6.54
C VAL A 143 -3.45 11.90 6.90
N THR A 144 -4.34 12.57 7.58
CA THR A 144 -4.04 13.91 8.02
C THR A 144 -3.18 13.85 9.28
N GLU A 145 -2.64 14.99 9.70
CA GLU A 145 -1.78 15.04 10.88
C GLU A 145 -2.56 14.63 12.12
N ARG A 146 -3.85 14.89 12.10
CA ARG A 146 -4.74 14.47 13.17
C ARG A 146 -4.69 12.95 13.35
N GLU A 147 -4.81 12.25 12.23
CA GLU A 147 -4.76 10.79 12.24
C GLU A 147 -3.34 10.30 12.47
N ALA A 148 -2.38 10.99 11.87
CA ALA A 148 -0.97 10.65 12.03
C ALA A 148 -0.52 10.77 13.48
N LYS A 149 -0.90 11.87 14.13
CA LYS A 149 -0.55 12.09 15.52
C LYS A 149 -1.30 11.12 16.42
N ALA A 150 -2.48 10.69 15.98
CA ALA A 150 -3.22 9.66 16.72
C ALA A 150 -2.46 8.33 16.66
N ALA A 151 -1.99 7.99 15.47
CA ALA A 151 -1.19 6.80 15.29
C ALA A 151 0.09 6.87 16.12
N ALA A 152 0.75 8.02 16.06
CA ALA A 152 1.97 8.25 16.83
C ALA A 152 1.69 8.19 18.32
N ASP A 153 0.56 8.78 18.73
CA ASP A 153 0.13 8.76 20.13
C ASP A 153 0.09 7.35 20.67
N ILE A 154 -0.55 6.48 19.91
CA ILE A 154 -0.69 5.08 20.30
C ILE A 154 0.65 4.35 20.24
N ALA A 155 1.38 4.55 19.14
CA ALA A 155 2.67 3.89 18.94
C ALA A 155 3.66 4.24 20.05
N SER A 156 3.62 5.48 20.50
CA SER A 156 4.54 5.93 21.54
C SER A 156 4.07 5.50 22.94
N ARG A 157 2.76 5.33 23.09
CA ARG A 157 2.18 4.99 24.38
C ARG A 157 2.21 3.47 24.60
N VAL A 158 2.00 2.71 23.53
CA VAL A 158 1.99 1.25 23.63
C VAL A 158 3.41 0.74 23.85
N SER A 159 3.63 0.17 25.02
CA SER A 159 4.96 -0.27 25.41
C SER A 159 5.13 -1.76 25.16
N GLY A 160 6.18 -2.13 24.43
CA GLY A 160 6.45 -3.52 24.17
C GLY A 160 7.08 -3.75 22.81
N VAL A 161 6.80 -2.85 21.87
CA VAL A 161 7.32 -2.98 20.51
C VAL A 161 8.81 -2.65 20.48
N LYS A 162 9.58 -3.46 19.76
CA LYS A 162 11.03 -3.29 19.70
C LYS A 162 11.41 -2.33 18.56
N ARG A 163 10.60 -2.31 17.52
CA ARG A 163 10.80 -1.37 16.42
C ARG A 163 9.46 -0.89 15.89
N VAL A 164 9.38 0.38 15.53
CA VAL A 164 8.17 0.93 14.94
C VAL A 164 8.54 1.91 13.82
N THR A 165 7.93 1.71 12.66
CA THR A 165 8.16 2.59 11.52
C THR A 165 6.83 3.14 11.01
N THR A 166 6.77 4.45 10.84
CA THR A 166 5.56 5.11 10.39
C THR A 166 5.81 6.01 9.20
N ALA A 167 5.14 5.73 8.09
CA ALA A 167 5.19 6.64 6.94
C ALA A 167 4.33 7.85 7.25
N PHE A 168 4.96 8.96 7.60
CA PHE A 168 4.23 10.17 7.89
C PHE A 168 3.86 10.84 6.58
N THR A 169 2.59 10.75 6.24
CA THR A 169 2.08 11.30 5.01
C THR A 169 0.76 11.99 5.29
N PHE A 170 0.71 13.31 5.09
CA PHE A 170 -0.45 14.10 5.50
C PHE A 170 -1.36 14.41 4.31
N ILE A 171 -2.62 14.00 4.43
CA ILE A 171 -3.62 14.32 3.43
C ILE A 171 -4.15 15.72 3.71
N LYS A 172 -3.67 16.71 2.94
CA LYS A 172 -4.11 18.12 3.06
C LYS A 172 -3.92 18.71 4.48
N GLY A 173 -3.87 17.86 5.49
CA GLY A 173 -3.96 18.28 6.86
C GLY A 173 -5.39 18.63 7.23
N GLY A 174 -5.93 17.90 8.19
CA GLY A 174 -7.35 17.98 8.45
C GLY A 174 -7.65 18.38 9.87
N LEU A 175 -8.06 19.63 10.05
CA LEU A 175 -8.53 20.10 11.33
C LEU A 175 -9.94 20.65 11.17
N GLU A 176 -10.67 20.73 12.26
CA GLU A 176 -12.05 21.19 12.18
C GLU A 176 -12.16 22.65 12.63
N HIS A 177 -13.18 23.31 12.13
CA HIS A 177 -13.43 24.70 12.46
C HIS A 177 -14.61 24.82 13.40
N HIS A 178 -14.49 25.67 14.41
CA HIS A 178 -15.58 25.88 15.35
C HIS A 178 -15.80 27.38 15.56
N ILE A 1 -14.31 41.00 -0.05
CA ILE A 1 -15.59 41.28 -0.72
C ILE A 1 -16.18 42.59 -0.21
N ALA A 2 -17.04 43.22 -1.02
CA ALA A 2 -17.68 44.45 -0.63
C ALA A 2 -19.19 44.30 -0.62
N ALA A 3 -19.72 43.81 0.50
CA ALA A 3 -21.15 43.60 0.64
C ALA A 3 -21.82 44.85 1.21
N ALA A 4 -21.12 45.98 1.10
CA ALA A 4 -21.63 47.25 1.59
C ALA A 4 -22.63 47.86 0.61
N VAL A 5 -22.60 47.37 -0.62
CA VAL A 5 -23.49 47.86 -1.66
C VAL A 5 -24.68 46.91 -1.83
N VAL A 6 -25.86 47.40 -1.52
CA VAL A 6 -27.07 46.60 -1.64
C VAL A 6 -27.57 46.61 -3.08
N GLY A 7 -27.14 45.62 -3.85
CA GLY A 7 -27.53 45.53 -5.23
C GLY A 7 -26.45 44.88 -6.07
N THR A 8 -26.67 44.83 -7.37
CA THR A 8 -25.69 44.24 -8.28
C THR A 8 -24.57 45.22 -8.59
N ALA A 9 -23.35 44.73 -8.57
CA ALA A 9 -22.18 45.55 -8.86
C ALA A 9 -21.14 44.74 -9.62
N ALA A 10 -20.33 45.42 -10.42
CA ALA A 10 -19.29 44.76 -11.18
C ALA A 10 -18.11 44.40 -10.29
N VAL A 11 -17.57 43.21 -10.48
CA VAL A 11 -16.43 42.75 -9.69
C VAL A 11 -15.29 42.34 -10.61
N GLY A 12 -14.08 42.35 -10.07
CA GLY A 12 -12.92 41.97 -10.86
C GLY A 12 -12.61 40.50 -10.73
N THR A 13 -13.51 39.67 -11.25
CA THR A 13 -13.34 38.23 -11.19
C THR A 13 -12.30 37.77 -12.22
N LYS A 14 -11.23 37.16 -11.74
CA LYS A 14 -10.15 36.71 -12.60
C LYS A 14 -9.98 35.20 -12.47
N ALA A 15 -8.87 34.68 -12.99
CA ALA A 15 -8.57 33.28 -12.90
C ALA A 15 -7.47 33.03 -11.87
N ALA A 16 -7.52 31.88 -11.21
CA ALA A 16 -6.53 31.52 -10.21
C ALA A 16 -5.15 31.38 -10.85
N THR A 17 -5.15 30.88 -12.09
CA THR A 17 -3.92 30.75 -12.88
C THR A 17 -3.01 29.66 -12.34
N ASP A 18 -3.04 28.50 -13.00
CA ASP A 18 -2.18 27.39 -12.63
C ASP A 18 -0.88 27.46 -13.41
N PRO A 19 0.21 26.98 -12.83
CA PRO A 19 1.49 26.80 -13.54
C PRO A 19 1.36 25.85 -14.72
N ARG A 20 0.43 24.88 -14.59
CA ARG A 20 0.15 23.90 -15.64
C ARG A 20 1.40 23.08 -15.98
N SER A 21 2.23 22.83 -14.99
CA SER A 21 3.50 22.14 -15.21
C SER A 21 3.30 20.63 -15.18
N VAL A 22 2.37 20.15 -14.39
CA VAL A 22 2.17 18.72 -14.24
C VAL A 22 1.22 18.17 -15.30
N GLY A 23 1.79 17.45 -16.26
CA GLY A 23 0.97 16.75 -17.23
C GLY A 23 0.49 15.44 -16.64
N THR A 24 1.14 15.02 -15.58
CA THR A 24 0.74 13.83 -14.85
C THR A 24 -0.18 14.20 -13.70
N GLN A 25 -1.45 13.84 -13.83
CA GLN A 25 -2.41 14.05 -12.76
C GLN A 25 -2.76 12.71 -12.12
N VAL A 26 -2.60 12.63 -10.81
CA VAL A 26 -2.82 11.39 -10.10
C VAL A 26 -4.22 11.34 -9.50
N ASP A 27 -4.91 10.23 -9.71
CA ASP A 27 -6.22 10.03 -9.15
C ASP A 27 -6.25 8.74 -8.33
N ASP A 28 -6.60 8.86 -7.07
CA ASP A 28 -6.68 7.71 -6.18
C ASP A 28 -7.62 6.65 -6.75
N GLY A 29 -8.85 7.07 -7.05
CA GLY A 29 -9.84 6.14 -7.57
C GLY A 29 -9.49 5.61 -8.94
N THR A 30 -8.98 6.48 -9.81
CA THR A 30 -8.61 6.07 -11.15
C THR A 30 -7.51 5.00 -11.11
N LEU A 31 -6.52 5.20 -10.26
CA LEU A 31 -5.45 4.22 -10.10
C LEU A 31 -5.98 2.93 -9.49
N GLU A 32 -6.85 3.09 -8.49
CA GLU A 32 -7.51 1.96 -7.85
C GLU A 32 -8.25 1.12 -8.89
N VAL A 33 -8.98 1.79 -9.77
CA VAL A 33 -9.74 1.14 -10.81
C VAL A 33 -8.83 0.38 -11.79
N ARG A 34 -7.79 1.04 -12.29
CA ARG A 34 -6.93 0.43 -13.30
C ARG A 34 -6.25 -0.83 -12.77
N VAL A 35 -5.75 -0.78 -11.54
CA VAL A 35 -5.05 -1.93 -10.98
C VAL A 35 -6.02 -3.07 -10.67
N ASN A 36 -7.19 -2.72 -10.14
CA ASN A 36 -8.19 -3.73 -9.80
C ASN A 36 -8.68 -4.46 -11.04
N SER A 37 -9.01 -3.68 -12.07
CA SER A 37 -9.50 -4.22 -13.32
C SER A 37 -8.45 -5.10 -14.00
N ALA A 38 -7.18 -4.77 -13.80
CA ALA A 38 -6.10 -5.57 -14.35
C ALA A 38 -5.97 -6.90 -13.61
N LEU A 39 -6.20 -6.86 -12.30
CA LEU A 39 -6.18 -8.07 -11.48
C LEU A 39 -7.23 -9.05 -11.96
N SER A 40 -8.43 -8.54 -12.19
CA SER A 40 -9.52 -9.37 -12.70
C SER A 40 -9.37 -9.64 -14.20
N LYS A 41 -8.44 -8.93 -14.84
CA LYS A 41 -8.16 -9.15 -16.26
C LYS A 41 -7.35 -10.43 -16.42
N ASP A 42 -6.51 -10.71 -15.43
CA ASP A 42 -5.84 -11.99 -15.35
C ASP A 42 -6.81 -13.03 -14.81
N GLU A 43 -6.52 -14.30 -15.06
CA GLU A 43 -7.35 -15.35 -14.52
C GLU A 43 -6.64 -16.05 -13.37
N GLN A 44 -5.40 -16.46 -13.58
CA GLN A 44 -4.66 -17.21 -12.57
C GLN A 44 -4.44 -16.36 -11.33
N ILE A 45 -4.29 -15.05 -11.56
CA ILE A 45 -4.20 -14.10 -10.46
C ILE A 45 -5.46 -14.16 -9.61
N LYS A 46 -6.63 -14.03 -10.22
CA LYS A 46 -7.89 -14.08 -9.47
C LYS A 46 -8.37 -15.52 -9.31
N LYS A 47 -7.52 -16.47 -9.69
CA LYS A 47 -7.84 -17.88 -9.58
C LYS A 47 -7.71 -18.34 -8.14
N GLU A 48 -6.57 -18.01 -7.54
CA GLU A 48 -6.27 -18.44 -6.18
C GLU A 48 -5.65 -17.31 -5.38
N ALA A 49 -5.53 -16.14 -6.00
CA ALA A 49 -4.92 -15.00 -5.34
C ALA A 49 -5.92 -13.85 -5.23
N ARG A 50 -6.01 -13.27 -4.05
CA ARG A 50 -6.91 -12.14 -3.85
C ARG A 50 -6.11 -10.92 -3.41
N ILE A 51 -6.12 -9.90 -4.24
CA ILE A 51 -5.41 -8.68 -3.95
C ILE A 51 -6.39 -7.54 -3.79
N ASN A 52 -6.20 -6.77 -2.74
CA ASN A 52 -7.08 -5.67 -2.41
C ASN A 52 -6.34 -4.35 -2.61
N VAL A 53 -6.99 -3.41 -3.27
CA VAL A 53 -6.32 -2.17 -3.62
C VAL A 53 -6.89 -0.99 -2.83
N THR A 54 -5.99 -0.17 -2.32
CA THR A 54 -6.35 1.07 -1.66
C THR A 54 -5.43 2.20 -2.11
N ALA A 55 -6.00 3.24 -2.70
CA ALA A 55 -5.20 4.36 -3.16
C ALA A 55 -5.53 5.60 -2.35
N TYR A 56 -4.48 6.34 -2.01
CA TYR A 56 -4.63 7.53 -1.19
C TYR A 56 -3.46 8.47 -1.40
N GLN A 57 -3.77 9.77 -1.52
CA GLN A 57 -2.78 10.84 -1.64
C GLN A 57 -1.96 10.74 -2.94
N GLY A 58 -2.43 9.89 -3.86
CA GLY A 58 -1.74 9.73 -5.13
C GLY A 58 -0.93 8.46 -5.20
N LYS A 59 -0.69 7.84 -4.05
CA LYS A 59 0.06 6.59 -4.01
C LYS A 59 -0.90 5.42 -3.79
N VAL A 60 -0.41 4.21 -4.07
CA VAL A 60 -1.24 3.03 -3.93
C VAL A 60 -0.68 2.10 -2.86
N LEU A 61 -1.58 1.59 -2.04
CA LEU A 61 -1.23 0.57 -1.06
C LEU A 61 -2.05 -0.67 -1.38
N LEU A 62 -1.37 -1.79 -1.55
CA LEU A 62 -2.02 -3.01 -1.91
C LEU A 62 -1.83 -4.06 -0.82
N VAL A 63 -2.91 -4.74 -0.49
CA VAL A 63 -2.88 -5.81 0.48
C VAL A 63 -3.54 -7.03 -0.12
N GLY A 64 -3.48 -8.18 0.52
CA GLY A 64 -4.18 -9.33 0.00
C GLY A 64 -3.77 -10.64 0.61
N GLN A 65 -4.17 -11.72 -0.03
CA GLN A 65 -3.91 -13.07 0.45
C GLN A 65 -3.80 -14.03 -0.72
N SER A 66 -2.68 -14.73 -0.83
CA SER A 66 -2.49 -15.68 -1.91
C SER A 66 -1.61 -16.83 -1.43
N PRO A 67 -1.66 -17.98 -2.12
CA PRO A 67 -0.84 -19.15 -1.79
C PRO A 67 0.63 -18.89 -2.12
N ASN A 68 0.88 -17.97 -3.03
CA ASN A 68 2.23 -17.64 -3.45
C ASN A 68 2.34 -16.15 -3.75
N ALA A 69 3.49 -15.57 -3.47
CA ALA A 69 3.73 -14.16 -3.70
C ALA A 69 3.92 -13.85 -5.18
N GLU A 70 4.41 -14.83 -5.94
CA GLU A 70 4.71 -14.64 -7.37
C GLU A 70 3.52 -14.08 -8.14
N LEU A 71 2.33 -14.55 -7.80
CA LEU A 71 1.12 -14.14 -8.51
C LEU A 71 0.81 -12.68 -8.21
N SER A 72 0.88 -12.35 -6.93
CA SER A 72 0.53 -11.02 -6.45
C SER A 72 1.55 -9.96 -6.89
N ALA A 73 2.84 -10.31 -6.84
CA ALA A 73 3.89 -9.40 -7.28
C ALA A 73 3.76 -9.11 -8.77
N ARG A 74 3.66 -10.18 -9.56
CA ARG A 74 3.48 -10.05 -10.99
C ARG A 74 2.18 -9.30 -11.30
N ALA A 75 1.17 -9.56 -10.48
CA ALA A 75 -0.11 -8.86 -10.60
C ALA A 75 0.12 -7.37 -10.49
N LYS A 76 0.89 -6.96 -9.49
CA LYS A 76 1.19 -5.55 -9.27
C LYS A 76 1.81 -4.91 -10.51
N GLN A 77 2.80 -5.59 -11.11
CA GLN A 77 3.46 -5.07 -12.31
C GLN A 77 2.46 -4.86 -13.44
N ILE A 78 1.61 -5.85 -13.66
CA ILE A 78 0.63 -5.78 -14.75
C ILE A 78 -0.47 -4.77 -14.41
N ALA A 79 -0.85 -4.73 -13.14
CA ALA A 79 -1.96 -3.91 -12.69
C ALA A 79 -1.68 -2.42 -12.86
N MET A 80 -0.60 -1.94 -12.27
CA MET A 80 -0.31 -0.51 -12.30
C MET A 80 0.63 -0.13 -13.44
N GLY A 81 1.70 -0.91 -13.62
CA GLY A 81 2.74 -0.53 -14.56
C GLY A 81 3.19 0.90 -14.34
N VAL A 82 3.27 1.67 -15.41
CA VAL A 82 3.46 3.11 -15.28
C VAL A 82 2.17 3.82 -15.68
N ASP A 83 1.62 4.63 -14.78
CA ASP A 83 0.36 5.32 -15.04
C ASP A 83 -0.01 6.24 -13.88
N GLY A 84 0.85 7.22 -13.61
CA GLY A 84 0.58 8.18 -12.55
C GLY A 84 1.02 7.67 -11.18
N ALA A 85 1.13 6.35 -11.06
CA ALA A 85 1.54 5.74 -9.80
C ALA A 85 2.94 6.19 -9.41
N ASN A 86 3.03 6.90 -8.29
CA ASN A 86 4.31 7.40 -7.81
C ASN A 86 4.89 6.45 -6.78
N GLU A 87 4.04 5.97 -5.88
CA GLU A 87 4.47 5.07 -4.83
C GLU A 87 3.54 3.87 -4.75
N VAL A 88 4.10 2.71 -4.49
CA VAL A 88 3.32 1.50 -4.35
C VAL A 88 3.90 0.64 -3.22
N TYR A 89 3.03 0.24 -2.31
CA TYR A 89 3.41 -0.62 -1.21
C TYR A 89 2.50 -1.84 -1.19
N ASN A 90 3.07 -3.00 -1.44
CA ASN A 90 2.29 -4.20 -1.64
C ASN A 90 2.56 -5.23 -0.54
N GLU A 91 1.55 -5.48 0.27
CA GLU A 91 1.61 -6.53 1.29
C GLU A 91 0.68 -7.67 0.91
N ILE A 92 1.22 -8.86 0.78
CA ILE A 92 0.39 -10.04 0.59
C ILE A 92 0.53 -10.97 1.78
N ARG A 93 -0.59 -11.36 2.36
CA ARG A 93 -0.59 -12.29 3.49
C ARG A 93 -0.24 -13.71 3.02
N GLN A 94 1.02 -13.92 2.69
CA GLN A 94 1.50 -15.23 2.29
C GLN A 94 2.26 -15.86 3.45
N GLY A 95 1.86 -17.07 3.83
CA GLY A 95 2.43 -17.75 4.97
C GLY A 95 3.94 -17.94 4.86
N GLN A 96 4.66 -17.34 5.79
CA GLN A 96 6.10 -17.49 5.88
C GLN A 96 6.45 -18.80 6.59
N PRO A 97 7.74 -19.18 6.66
CA PRO A 97 8.18 -20.38 7.38
C PRO A 97 7.63 -20.46 8.81
N ILE A 98 7.46 -19.31 9.44
CA ILE A 98 6.88 -19.26 10.78
C ILE A 98 5.35 -19.25 10.70
N GLY A 99 4.80 -18.27 9.97
CA GLY A 99 3.38 -18.24 9.68
C GLY A 99 2.50 -18.06 10.90
N LEU A 100 2.05 -19.16 11.48
CA LEU A 100 1.07 -19.14 12.57
C LEU A 100 1.58 -18.35 13.77
N GLY A 101 2.86 -18.48 14.06
CA GLY A 101 3.44 -17.80 15.20
C GLY A 101 3.37 -16.28 15.08
N GLU A 102 3.80 -15.77 13.93
CA GLU A 102 3.80 -14.34 13.70
C GLU A 102 2.40 -13.81 13.50
N ALA A 103 1.57 -14.59 12.80
CA ALA A 103 0.19 -14.20 12.55
C ALA A 103 -0.58 -13.98 13.85
N SER A 104 -0.29 -14.83 14.83
CA SER A 104 -0.94 -14.71 16.13
C SER A 104 -0.57 -13.38 16.79
N ASN A 105 0.69 -12.98 16.65
CA ASN A 105 1.15 -11.71 17.18
C ASN A 105 0.65 -10.55 16.33
N ASP A 106 0.63 -10.77 15.02
CA ASP A 106 0.25 -9.76 14.05
C ASP A 106 -1.17 -9.26 14.27
N THR A 107 -2.11 -10.19 14.35
CA THR A 107 -3.50 -9.84 14.51
C THR A 107 -3.75 -9.30 15.91
N TRP A 108 -2.96 -9.75 16.86
CA TRP A 108 -3.05 -9.28 18.24
C TRP A 108 -2.67 -7.81 18.32
N ILE A 109 -1.46 -7.47 17.87
CA ILE A 109 -0.98 -6.10 17.89
C ILE A 109 -1.89 -5.21 17.05
N THR A 110 -2.22 -5.71 15.86
CA THR A 110 -3.10 -5.01 14.94
C THR A 110 -4.46 -4.75 15.60
N THR A 111 -4.87 -5.68 16.46
CA THR A 111 -6.14 -5.55 17.15
C THR A 111 -6.09 -4.43 18.19
N LYS A 112 -5.08 -4.42 19.06
CA LYS A 112 -5.01 -3.41 20.12
C LYS A 112 -4.76 -2.03 19.54
N VAL A 113 -3.94 -1.92 18.51
CA VAL A 113 -3.68 -0.62 17.88
C VAL A 113 -4.94 -0.11 17.20
N ARG A 114 -5.72 -1.01 16.59
CA ARG A 114 -6.98 -0.65 15.96
C ARG A 114 -8.01 -0.30 17.03
N SER A 115 -7.92 -0.98 18.18
CA SER A 115 -8.80 -0.71 19.31
C SER A 115 -8.59 0.71 19.83
N GLN A 116 -7.32 1.03 20.09
CA GLN A 116 -6.96 2.34 20.63
C GLN A 116 -7.19 3.44 19.60
N LEU A 117 -7.00 3.12 18.34
CA LEU A 117 -7.27 4.07 17.28
C LEU A 117 -8.77 4.36 17.21
N LEU A 118 -9.56 3.31 17.31
CA LEU A 118 -11.02 3.43 17.20
C LEU A 118 -11.64 4.08 18.43
N THR A 119 -11.00 3.95 19.58
CA THR A 119 -11.50 4.57 20.80
C THR A 119 -11.32 6.09 20.73
N SER A 120 -10.43 6.53 19.86
CA SER A 120 -10.19 7.94 19.64
C SER A 120 -11.30 8.52 18.75
N ASP A 121 -11.89 9.61 19.22
CA ASP A 121 -13.07 10.20 18.57
C ASP A 121 -12.72 10.81 17.21
N LEU A 122 -11.46 11.12 17.00
CA LEU A 122 -11.03 11.83 15.80
C LEU A 122 -10.61 10.85 14.70
N VAL A 123 -10.40 9.59 15.07
CA VAL A 123 -9.90 8.60 14.12
C VAL A 123 -11.05 7.88 13.41
N LYS A 124 -10.93 7.74 12.10
CA LYS A 124 -11.92 7.02 11.32
C LYS A 124 -11.58 5.53 11.30
N SER A 125 -12.58 4.69 11.55
CA SER A 125 -12.39 3.25 11.65
C SER A 125 -11.78 2.66 10.37
N SER A 126 -12.34 3.02 9.23
CA SER A 126 -11.86 2.52 7.95
C SER A 126 -11.04 3.60 7.24
N ASN A 127 -9.95 4.01 7.86
CA ASN A 127 -9.07 5.01 7.28
C ASN A 127 -7.62 4.74 7.68
N VAL A 128 -7.34 3.48 7.98
CA VAL A 128 -6.00 3.09 8.40
C VAL A 128 -5.70 1.65 7.99
N LYS A 129 -4.47 1.40 7.58
CA LYS A 129 -4.03 0.06 7.24
C LYS A 129 -2.89 -0.37 8.17
N VAL A 130 -3.13 -1.43 8.93
CA VAL A 130 -2.14 -1.93 9.87
C VAL A 130 -1.95 -3.43 9.69
N THR A 131 -0.71 -3.83 9.46
CA THR A 131 -0.37 -5.21 9.23
C THR A 131 0.99 -5.54 9.86
N THR A 132 1.12 -6.69 10.49
CA THR A 132 2.37 -7.07 11.14
C THR A 132 2.95 -8.36 10.56
N GLU A 133 4.19 -8.30 10.10
CA GLU A 133 4.90 -9.52 9.67
C GLU A 133 6.18 -9.67 10.48
N ASN A 134 6.38 -10.88 11.01
CA ASN A 134 7.51 -11.21 11.90
C ASN A 134 8.02 -10.02 12.72
N GLY A 135 7.11 -9.35 13.42
CA GLY A 135 7.51 -8.29 14.33
C GLY A 135 7.53 -6.91 13.71
N GLU A 136 7.43 -6.85 12.39
CA GLU A 136 7.45 -5.57 11.68
C GLU A 136 6.04 -5.15 11.32
N VAL A 137 5.64 -3.99 11.80
CA VAL A 137 4.31 -3.47 11.58
C VAL A 137 4.31 -2.38 10.51
N PHE A 138 3.41 -2.52 9.55
CA PHE A 138 3.23 -1.53 8.50
C PHE A 138 1.96 -0.74 8.76
N LEU A 139 2.08 0.59 8.78
CA LEU A 139 0.93 1.45 8.98
C LEU A 139 0.80 2.42 7.82
N MET A 140 -0.44 2.65 7.39
CA MET A 140 -0.68 3.51 6.24
C MET A 140 -2.08 4.14 6.28
N GLY A 141 -2.26 5.20 5.51
CA GLY A 141 -3.55 5.84 5.41
C GLY A 141 -3.45 7.35 5.46
N LEU A 142 -4.44 8.03 4.92
CA LEU A 142 -4.46 9.50 4.98
C LEU A 142 -5.34 9.93 6.15
N VAL A 143 -4.76 10.68 7.07
CA VAL A 143 -5.46 11.12 8.26
C VAL A 143 -4.97 12.49 8.64
N THR A 144 -5.68 13.21 9.48
CA THR A 144 -5.18 14.50 9.92
C THR A 144 -4.14 14.30 11.01
N GLU A 145 -3.61 15.39 11.53
CA GLU A 145 -2.50 15.33 12.48
C GLU A 145 -2.90 14.58 13.75
N ARG A 146 -4.18 14.63 14.08
CA ARG A 146 -4.66 14.02 15.31
C ARG A 146 -4.61 12.50 15.23
N GLU A 147 -5.13 11.91 14.15
CA GLU A 147 -5.06 10.47 13.96
C GLU A 147 -3.63 10.02 13.78
N ALA A 148 -2.85 10.85 13.09
CA ALA A 148 -1.44 10.56 12.87
C ALA A 148 -0.70 10.52 14.21
N LYS A 149 -0.99 11.50 15.06
CA LYS A 149 -0.41 11.56 16.40
C LYS A 149 -0.83 10.32 17.21
N ALA A 150 -2.12 10.01 17.16
CA ALA A 150 -2.65 8.87 17.90
C ALA A 150 -2.02 7.56 17.41
N ALA A 151 -1.89 7.43 16.09
CA ALA A 151 -1.32 6.23 15.49
C ALA A 151 0.12 6.03 15.95
N ALA A 152 0.93 7.08 15.86
CA ALA A 152 2.32 7.02 16.29
C ALA A 152 2.41 6.77 17.79
N ASP A 153 1.53 7.43 18.53
CA ASP A 153 1.47 7.28 19.99
C ASP A 153 1.22 5.83 20.36
N ILE A 154 0.14 5.27 19.83
CA ILE A 154 -0.24 3.89 20.13
C ILE A 154 0.84 2.91 19.70
N ALA A 155 1.40 3.12 18.50
CA ALA A 155 2.43 2.24 17.97
C ALA A 155 3.65 2.17 18.89
N SER A 156 4.00 3.30 19.47
CA SER A 156 5.13 3.38 20.38
C SER A 156 4.75 2.88 21.78
N ARG A 157 3.47 3.02 22.12
CA ARG A 157 2.98 2.67 23.44
C ARG A 157 2.73 1.16 23.54
N VAL A 158 2.31 0.54 22.45
CA VAL A 158 2.03 -0.88 22.44
C VAL A 158 3.29 -1.70 22.69
N SER A 159 3.35 -2.31 23.87
CA SER A 159 4.46 -3.17 24.24
C SER A 159 4.36 -4.51 23.50
N GLY A 160 5.19 -4.67 22.49
CA GLY A 160 5.17 -5.88 21.70
C GLY A 160 5.61 -5.64 20.27
N VAL A 161 5.52 -4.39 19.85
CA VAL A 161 5.96 -4.02 18.52
C VAL A 161 7.49 -3.94 18.48
N LYS A 162 8.10 -4.70 17.60
CA LYS A 162 9.55 -4.72 17.46
C LYS A 162 9.99 -3.58 16.54
N ARG A 163 9.37 -3.52 15.37
CA ARG A 163 9.65 -2.48 14.40
C ARG A 163 8.36 -2.06 13.71
N VAL A 164 8.17 -0.77 13.51
CA VAL A 164 6.97 -0.27 12.86
C VAL A 164 7.29 0.87 11.91
N THR A 165 6.81 0.76 10.68
CA THR A 165 6.92 1.83 9.72
C THR A 165 5.61 2.61 9.66
N THR A 166 5.70 3.92 9.78
CA THR A 166 4.52 4.74 9.88
C THR A 166 4.50 5.81 8.78
N ALA A 167 3.58 5.65 7.83
CA ALA A 167 3.40 6.66 6.79
C ALA A 167 2.67 7.86 7.36
N PHE A 168 3.40 8.93 7.60
CA PHE A 168 2.79 10.15 8.09
C PHE A 168 2.19 10.92 6.93
N THR A 169 0.87 10.91 6.86
CA THR A 169 0.16 11.56 5.77
C THR A 169 -1.02 12.34 6.32
N PHE A 170 -0.98 13.67 6.15
CA PHE A 170 -1.98 14.54 6.75
C PHE A 170 -3.07 14.91 5.76
N ILE A 171 -4.30 14.64 6.16
CA ILE A 171 -5.47 15.10 5.46
C ILE A 171 -5.71 16.54 5.89
N LYS A 172 -5.97 17.42 4.91
CA LYS A 172 -6.14 18.85 5.15
C LYS A 172 -6.90 19.14 6.44
N GLY A 173 -6.15 19.43 7.49
CA GLY A 173 -6.74 19.82 8.76
C GLY A 173 -6.76 21.33 8.91
N GLY A 174 -6.35 21.98 7.85
CA GLY A 174 -6.29 23.43 7.81
C GLY A 174 -5.70 23.90 6.50
N LEU A 175 -6.22 24.97 5.95
CA LEU A 175 -5.77 25.47 4.67
C LEU A 175 -4.62 26.46 4.86
N GLU A 176 -3.40 25.98 4.69
CA GLU A 176 -2.23 26.83 4.76
C GLU A 176 -1.88 27.37 3.38
N HIS A 177 -1.66 28.67 3.30
CA HIS A 177 -1.41 29.32 2.02
C HIS A 177 -0.14 30.15 2.11
N HIS A 178 0.51 30.35 0.96
CA HIS A 178 1.74 31.12 0.90
C HIS A 178 1.67 32.14 -0.23
N ILE A 1 -20.86 24.09 20.86
CA ILE A 1 -20.36 23.48 19.61
C ILE A 1 -19.39 22.34 19.91
N ALA A 2 -19.50 21.25 19.17
CA ALA A 2 -18.62 20.11 19.34
C ALA A 2 -17.42 20.23 18.42
N ALA A 3 -16.60 21.22 18.66
CA ALA A 3 -15.44 21.49 17.82
C ALA A 3 -14.17 21.53 18.66
N ALA A 4 -13.30 20.57 18.43
CA ALA A 4 -12.01 20.52 19.10
C ALA A 4 -10.91 20.41 18.06
N VAL A 5 -10.80 21.43 17.22
CA VAL A 5 -9.87 21.43 16.10
C VAL A 5 -8.45 21.78 16.55
N VAL A 6 -7.99 21.11 17.59
CA VAL A 6 -6.62 21.28 18.06
C VAL A 6 -5.68 20.41 17.23
N GLY A 7 -5.33 20.89 16.06
CA GLY A 7 -4.43 20.16 15.21
C GLY A 7 -3.20 20.96 14.87
N THR A 8 -2.08 20.28 14.76
CA THR A 8 -0.83 20.94 14.42
C THR A 8 -0.57 20.84 12.93
N ALA A 9 -0.61 21.98 12.26
CA ALA A 9 -0.46 22.04 10.82
C ALA A 9 0.87 22.68 10.46
N ALA A 10 1.87 22.45 11.30
CA ALA A 10 3.19 23.00 11.09
C ALA A 10 4.26 22.02 11.59
N VAL A 11 4.40 20.94 10.86
CA VAL A 11 5.37 19.90 11.19
C VAL A 11 6.50 19.92 10.18
N GLY A 12 6.17 20.32 8.95
CA GLY A 12 7.17 20.41 7.90
C GLY A 12 8.09 21.59 8.11
N THR A 13 9.31 21.47 7.60
CA THR A 13 10.29 22.53 7.74
C THR A 13 10.35 23.38 6.47
N LYS A 14 10.34 24.69 6.64
CA LYS A 14 10.33 25.62 5.52
C LYS A 14 11.68 25.66 4.79
N ALA A 15 11.95 24.62 4.01
CA ALA A 15 13.16 24.59 3.20
C ALA A 15 12.85 25.07 1.79
N ALA A 16 13.85 25.64 1.13
CA ALA A 16 13.67 26.18 -0.21
C ALA A 16 13.99 25.13 -1.26
N THR A 17 13.49 23.92 -1.04
CA THR A 17 13.70 22.81 -1.97
C THR A 17 12.42 22.02 -2.15
N ASP A 18 11.37 22.72 -2.53
CA ASP A 18 10.08 22.10 -2.77
C ASP A 18 9.86 21.90 -4.26
N PRO A 19 8.94 21.01 -4.66
CA PRO A 19 8.69 20.69 -6.06
C PRO A 19 7.91 21.79 -6.81
N ARG A 20 8.08 23.04 -6.40
CA ARG A 20 7.42 24.16 -7.06
C ARG A 20 8.00 24.39 -8.46
N SER A 21 9.20 23.85 -8.67
CA SER A 21 9.86 23.91 -9.97
C SER A 21 9.16 23.01 -10.98
N VAL A 22 8.37 22.06 -10.46
CA VAL A 22 7.66 21.08 -11.27
C VAL A 22 8.63 20.04 -11.84
N GLY A 23 8.97 19.05 -11.02
CA GLY A 23 9.85 17.99 -11.44
C GLY A 23 9.10 16.73 -11.75
N THR A 24 9.34 15.69 -10.96
CA THR A 24 8.63 14.44 -11.12
C THR A 24 7.29 14.48 -10.39
N GLN A 25 6.21 14.54 -11.15
CA GLN A 25 4.87 14.56 -10.58
C GLN A 25 4.04 13.43 -11.18
N VAL A 26 3.39 12.66 -10.32
CA VAL A 26 2.62 11.50 -10.78
C VAL A 26 1.17 11.60 -10.34
N ASP A 27 0.28 11.15 -11.21
CA ASP A 27 -1.15 11.17 -10.93
C ASP A 27 -1.56 9.92 -10.17
N ASP A 28 -2.12 10.10 -8.99
CA ASP A 28 -2.61 8.99 -8.17
C ASP A 28 -3.65 8.19 -8.95
N GLY A 29 -4.60 8.90 -9.52
CA GLY A 29 -5.68 8.26 -10.25
C GLY A 29 -5.20 7.58 -11.51
N THR A 30 -4.29 8.23 -12.22
CA THR A 30 -3.71 7.65 -13.43
C THR A 30 -2.98 6.35 -13.09
N LEU A 31 -2.26 6.34 -11.97
CA LEU A 31 -1.58 5.15 -11.51
C LEU A 31 -2.60 4.05 -11.19
N GLU A 32 -3.64 4.43 -10.46
CA GLU A 32 -4.72 3.53 -10.12
C GLU A 32 -5.35 2.93 -11.37
N VAL A 33 -5.63 3.80 -12.34
CA VAL A 33 -6.26 3.39 -13.59
C VAL A 33 -5.41 2.35 -14.34
N ARG A 34 -4.13 2.63 -14.54
CA ARG A 34 -3.28 1.74 -15.33
C ARG A 34 -3.15 0.37 -14.67
N VAL A 35 -2.91 0.35 -13.36
CA VAL A 35 -2.72 -0.91 -12.66
C VAL A 35 -4.03 -1.68 -12.55
N ASN A 36 -5.14 -0.95 -12.39
CA ASN A 36 -6.46 -1.56 -12.33
C ASN A 36 -6.80 -2.19 -13.67
N SER A 37 -6.55 -1.44 -14.74
CA SER A 37 -6.86 -1.90 -16.09
C SER A 37 -6.07 -3.15 -16.44
N ALA A 38 -4.81 -3.21 -16.00
CA ALA A 38 -3.98 -4.39 -16.22
C ALA A 38 -4.51 -5.59 -15.45
N LEU A 39 -4.99 -5.32 -14.23
CA LEU A 39 -5.58 -6.36 -13.39
C LEU A 39 -6.78 -6.99 -14.08
N SER A 40 -7.60 -6.16 -14.73
CA SER A 40 -8.77 -6.65 -15.46
C SER A 40 -8.37 -7.28 -16.79
N LYS A 41 -7.13 -7.04 -17.21
CA LYS A 41 -6.62 -7.62 -18.44
C LYS A 41 -6.23 -9.07 -18.22
N ASP A 42 -5.79 -9.37 -17.00
CA ASP A 42 -5.47 -10.74 -16.63
C ASP A 42 -6.71 -11.40 -16.06
N GLU A 43 -7.38 -12.20 -16.88
CA GLU A 43 -8.66 -12.79 -16.51
C GLU A 43 -8.54 -13.60 -15.24
N GLN A 44 -7.60 -14.55 -15.20
CA GLN A 44 -7.48 -15.45 -14.06
C GLN A 44 -7.24 -14.68 -12.75
N ILE A 45 -6.57 -13.55 -12.86
CA ILE A 45 -6.30 -12.70 -11.71
C ILE A 45 -7.60 -12.10 -11.16
N LYS A 46 -8.48 -11.67 -12.06
CA LYS A 46 -9.76 -11.10 -11.64
C LYS A 46 -10.84 -12.18 -11.61
N LYS A 47 -10.44 -13.40 -11.94
CA LYS A 47 -11.38 -14.51 -12.04
C LYS A 47 -11.60 -15.17 -10.69
N GLU A 48 -10.51 -15.55 -10.04
CA GLU A 48 -10.58 -16.29 -8.80
C GLU A 48 -9.78 -15.61 -7.71
N ALA A 49 -9.17 -14.49 -8.06
CA ALA A 49 -8.43 -13.70 -7.10
C ALA A 49 -9.05 -12.33 -6.99
N ARG A 50 -8.85 -11.67 -5.87
CA ARG A 50 -9.36 -10.33 -5.71
C ARG A 50 -8.34 -9.45 -5.01
N ILE A 51 -7.85 -8.47 -5.73
CA ILE A 51 -6.92 -7.51 -5.21
C ILE A 51 -7.52 -6.13 -5.37
N ASN A 52 -7.39 -5.30 -4.36
CA ASN A 52 -7.98 -3.99 -4.39
C ASN A 52 -6.90 -2.95 -4.52
N VAL A 53 -7.15 -1.97 -5.38
CA VAL A 53 -6.14 -1.00 -5.75
C VAL A 53 -6.45 0.37 -5.17
N THR A 54 -5.51 0.91 -4.43
CA THR A 54 -5.62 2.24 -3.87
C THR A 54 -4.30 3.00 -4.03
N ALA A 55 -4.32 4.11 -4.73
CA ALA A 55 -3.12 4.89 -4.93
C ALA A 55 -3.24 6.21 -4.19
N TYR A 56 -2.18 6.59 -3.50
CA TYR A 56 -2.20 7.79 -2.69
C TYR A 56 -0.77 8.31 -2.53
N GLN A 57 -0.60 9.62 -2.76
CA GLN A 57 0.68 10.29 -2.54
C GLN A 57 1.77 9.75 -3.48
N GLY A 58 1.36 9.28 -4.65
CA GLY A 58 2.31 8.76 -5.61
C GLY A 58 2.61 7.29 -5.41
N LYS A 59 2.31 6.77 -4.23
CA LYS A 59 2.56 5.38 -3.92
C LYS A 59 1.26 4.59 -3.96
N VAL A 60 1.36 3.28 -4.13
CA VAL A 60 0.18 2.44 -4.24
C VAL A 60 0.09 1.45 -3.09
N LEU A 61 -1.12 1.29 -2.57
CA LEU A 61 -1.42 0.31 -1.55
C LEU A 61 -2.48 -0.65 -2.10
N LEU A 62 -2.11 -1.90 -2.22
CA LEU A 62 -3.01 -2.91 -2.73
C LEU A 62 -3.21 -3.99 -1.68
N VAL A 63 -4.44 -4.40 -1.49
CA VAL A 63 -4.77 -5.41 -0.50
C VAL A 63 -5.81 -6.37 -1.05
N GLY A 64 -5.75 -7.63 -0.65
CA GLY A 64 -6.76 -8.57 -1.11
C GLY A 64 -6.47 -10.00 -0.74
N GLN A 65 -7.05 -10.92 -1.50
CA GLN A 65 -6.92 -12.35 -1.23
C GLN A 65 -6.94 -13.13 -2.55
N SER A 66 -6.08 -14.13 -2.64
CA SER A 66 -5.96 -14.93 -3.87
C SER A 66 -5.63 -16.38 -3.52
N PRO A 67 -6.08 -17.34 -4.35
CA PRO A 67 -5.78 -18.76 -4.16
C PRO A 67 -4.29 -19.04 -4.36
N ASN A 68 -3.69 -18.32 -5.30
CA ASN A 68 -2.26 -18.43 -5.56
C ASN A 68 -1.57 -17.12 -5.28
N ALA A 69 -0.44 -17.19 -4.60
CA ALA A 69 0.37 -16.01 -4.36
C ALA A 69 0.90 -15.46 -5.69
N GLU A 70 1.09 -16.37 -6.64
CA GLU A 70 1.57 -16.01 -7.97
C GLU A 70 0.61 -15.04 -8.65
N LEU A 71 -0.69 -15.24 -8.44
CA LEU A 71 -1.71 -14.45 -9.12
C LEU A 71 -1.61 -12.98 -8.72
N SER A 72 -1.55 -12.74 -7.42
CA SER A 72 -1.50 -11.38 -6.91
C SER A 72 -0.15 -10.72 -7.19
N ALA A 73 0.92 -11.49 -7.02
CA ALA A 73 2.27 -10.97 -7.24
C ALA A 73 2.49 -10.60 -8.69
N ARG A 74 2.11 -11.52 -9.58
CA ARG A 74 2.20 -11.29 -11.01
C ARG A 74 1.32 -10.11 -11.42
N ALA A 75 0.18 -9.99 -10.79
CA ALA A 75 -0.70 -8.84 -11.02
C ALA A 75 0.05 -7.54 -10.77
N LYS A 76 0.70 -7.45 -9.61
CA LYS A 76 1.43 -6.25 -9.23
C LYS A 76 2.52 -5.90 -10.25
N GLN A 77 3.40 -6.87 -10.53
CA GLN A 77 4.54 -6.63 -11.41
C GLN A 77 4.08 -6.21 -12.80
N ILE A 78 3.06 -6.88 -13.32
CA ILE A 78 2.54 -6.58 -14.64
C ILE A 78 1.77 -5.25 -14.67
N ALA A 79 0.99 -5.01 -13.62
CA ALA A 79 0.10 -3.84 -13.58
C ALA A 79 0.87 -2.53 -13.57
N MET A 80 1.75 -2.35 -12.59
CA MET A 80 2.49 -1.10 -12.47
C MET A 80 3.85 -1.19 -13.14
N GLY A 81 4.56 -2.29 -12.92
CA GLY A 81 5.92 -2.43 -13.42
C GLY A 81 6.76 -1.21 -13.08
N VAL A 82 7.46 -0.67 -14.07
CA VAL A 82 8.13 0.62 -13.93
C VAL A 82 7.39 1.67 -14.76
N ASP A 83 6.92 2.73 -14.11
CA ASP A 83 6.15 3.77 -14.79
C ASP A 83 5.74 4.89 -13.83
N GLY A 84 6.69 5.41 -13.08
CA GLY A 84 6.43 6.60 -12.27
C GLY A 84 5.93 6.28 -10.87
N ALA A 85 5.60 5.02 -10.61
CA ALA A 85 5.10 4.63 -9.29
C ALA A 85 6.16 4.90 -8.22
N ASN A 86 5.78 5.65 -7.19
CA ASN A 86 6.74 6.09 -6.18
C ASN A 86 7.03 4.95 -5.21
N GLU A 87 5.99 4.26 -4.78
CA GLU A 87 6.12 3.13 -3.88
C GLU A 87 5.02 2.12 -4.15
N VAL A 88 5.27 0.86 -3.84
CA VAL A 88 4.30 -0.19 -4.10
C VAL A 88 4.20 -1.13 -2.90
N TYR A 89 3.01 -1.23 -2.33
CA TYR A 89 2.76 -2.16 -1.24
C TYR A 89 1.54 -3.00 -1.54
N ASN A 90 1.75 -4.29 -1.76
CA ASN A 90 0.65 -5.19 -2.07
C ASN A 90 0.58 -6.30 -1.01
N GLU A 91 -0.44 -6.24 -0.15
CA GLU A 91 -0.60 -7.25 0.88
C GLU A 91 -1.78 -8.16 0.55
N ILE A 92 -1.48 -9.44 0.39
CA ILE A 92 -2.50 -10.43 0.12
C ILE A 92 -2.60 -11.41 1.28
N ARG A 93 -3.81 -11.74 1.70
CA ARG A 93 -4.00 -12.69 2.79
C ARG A 93 -3.82 -14.14 2.31
N GLN A 94 -2.71 -14.38 1.63
CA GLN A 94 -2.38 -15.70 1.12
C GLN A 94 -0.95 -16.05 1.53
N GLY A 95 -0.79 -17.22 2.14
CA GLY A 95 0.52 -17.63 2.58
C GLY A 95 0.49 -18.17 4.00
N GLN A 96 1.60 -18.06 4.69
CA GLN A 96 1.71 -18.56 6.05
C GLN A 96 2.55 -17.61 6.89
N PRO A 97 2.31 -17.55 8.21
CA PRO A 97 3.07 -16.70 9.12
C PRO A 97 4.56 -17.02 9.10
N ILE A 98 5.39 -15.99 9.27
CA ILE A 98 6.84 -16.13 9.26
C ILE A 98 7.30 -17.07 10.37
N GLY A 99 6.61 -17.02 11.51
CA GLY A 99 6.93 -17.88 12.62
C GLY A 99 5.80 -17.92 13.62
N LEU A 100 5.82 -18.91 14.50
CA LEU A 100 4.76 -19.07 15.49
C LEU A 100 4.84 -17.99 16.56
N GLY A 101 6.01 -17.86 17.16
CA GLY A 101 6.19 -16.93 18.27
C GLY A 101 5.95 -15.49 17.88
N GLU A 102 6.46 -15.08 16.72
CA GLU A 102 6.34 -13.70 16.29
C GLU A 102 4.93 -13.39 15.82
N ALA A 103 4.31 -14.30 15.07
CA ALA A 103 3.00 -14.03 14.45
C ALA A 103 1.96 -13.59 15.48
N SER A 104 1.88 -14.30 16.59
CA SER A 104 0.93 -13.95 17.63
C SER A 104 1.22 -12.57 18.20
N ASN A 105 2.50 -12.23 18.34
CA ASN A 105 2.90 -10.94 18.87
C ASN A 105 2.68 -9.86 17.82
N ASP A 106 3.04 -10.19 16.58
CA ASP A 106 2.88 -9.31 15.43
C ASP A 106 1.43 -8.88 15.30
N THR A 107 0.54 -9.86 15.32
CA THR A 107 -0.89 -9.60 15.21
C THR A 107 -1.40 -8.87 16.45
N TRP A 108 -0.86 -9.21 17.61
CA TRP A 108 -1.25 -8.56 18.86
C TRP A 108 -0.93 -7.05 18.80
N ILE A 109 0.27 -6.73 18.34
CA ILE A 109 0.67 -5.33 18.20
C ILE A 109 -0.23 -4.62 17.21
N THR A 110 -0.46 -5.24 16.06
CA THR A 110 -1.34 -4.70 15.04
C THR A 110 -2.76 -4.50 15.61
N THR A 111 -3.18 -5.47 16.42
CA THR A 111 -4.51 -5.43 17.02
C THR A 111 -4.63 -4.28 18.01
N LYS A 112 -3.67 -4.15 18.93
CA LYS A 112 -3.75 -3.13 19.98
C LYS A 112 -3.69 -1.72 19.39
N VAL A 113 -2.80 -1.49 18.43
CA VAL A 113 -2.70 -0.17 17.83
C VAL A 113 -3.98 0.16 17.06
N ARG A 114 -4.56 -0.86 16.44
CA ARG A 114 -5.83 -0.70 15.75
C ARG A 114 -6.95 -0.46 16.75
N SER A 115 -6.91 -1.22 17.84
CA SER A 115 -7.91 -1.13 18.91
C SER A 115 -8.07 0.31 19.40
N GLN A 116 -6.96 0.95 19.67
CA GLN A 116 -6.98 2.32 20.17
C GLN A 116 -7.30 3.30 19.04
N LEU A 117 -6.84 2.99 17.83
CA LEU A 117 -7.05 3.86 16.69
C LEU A 117 -8.53 3.91 16.29
N LEU A 118 -9.11 2.75 16.03
CA LEU A 118 -10.50 2.66 15.58
C LEU A 118 -11.47 3.14 16.66
N THR A 119 -11.01 3.09 17.90
CA THR A 119 -11.82 3.50 19.02
C THR A 119 -11.80 5.02 19.20
N SER A 120 -10.87 5.68 18.51
CA SER A 120 -10.74 7.13 18.61
C SER A 120 -11.81 7.82 17.76
N ASP A 121 -12.06 9.09 18.07
CA ASP A 121 -13.13 9.85 17.42
C ASP A 121 -12.74 10.28 16.00
N LEU A 122 -11.45 10.48 15.78
CA LEU A 122 -10.97 10.98 14.49
C LEU A 122 -10.61 9.86 13.53
N VAL A 123 -9.87 8.88 14.03
CA VAL A 123 -9.32 7.83 13.18
C VAL A 123 -10.41 6.92 12.62
N LYS A 124 -10.44 6.79 11.31
CA LYS A 124 -11.42 5.92 10.65
C LYS A 124 -10.84 4.51 10.50
N SER A 125 -11.72 3.52 10.54
CA SER A 125 -11.32 2.12 10.57
C SER A 125 -10.61 1.69 9.28
N SER A 126 -11.21 2.01 8.14
CA SER A 126 -10.69 1.58 6.86
C SER A 126 -9.81 2.66 6.23
N ASN A 127 -9.35 3.60 7.04
CA ASN A 127 -8.50 4.68 6.55
C ASN A 127 -7.04 4.37 6.84
N VAL A 128 -6.77 3.77 7.99
CA VAL A 128 -5.41 3.48 8.40
C VAL A 128 -5.10 2.00 8.28
N LYS A 129 -3.95 1.69 7.69
CA LYS A 129 -3.50 0.32 7.54
C LYS A 129 -2.27 0.09 8.42
N VAL A 130 -2.29 -0.99 9.18
CA VAL A 130 -1.15 -1.33 10.01
C VAL A 130 -0.69 -2.75 9.71
N THR A 131 0.62 -2.97 9.76
CA THR A 131 1.19 -4.28 9.51
C THR A 131 2.38 -4.52 10.45
N THR A 132 2.38 -5.65 11.13
CA THR A 132 3.51 -6.06 11.93
C THR A 132 4.00 -7.44 11.50
N GLU A 133 5.28 -7.55 11.20
CA GLU A 133 5.88 -8.84 10.90
C GLU A 133 7.27 -8.95 11.51
N ASN A 134 7.52 -10.05 12.21
CA ASN A 134 8.84 -10.34 12.78
C ASN A 134 9.25 -9.28 13.82
N GLY A 135 8.26 -8.58 14.36
CA GLY A 135 8.55 -7.53 15.32
C GLY A 135 8.69 -6.17 14.69
N GLU A 136 8.60 -6.13 13.36
CA GLU A 136 8.71 -4.89 12.62
C GLU A 136 7.33 -4.34 12.31
N VAL A 137 7.03 -3.18 12.85
CA VAL A 137 5.72 -2.56 12.68
C VAL A 137 5.77 -1.44 11.67
N PHE A 138 4.84 -1.46 10.72
CA PHE A 138 4.72 -0.41 9.74
C PHE A 138 3.28 0.09 9.70
N LEU A 139 3.11 1.39 9.55
CA LEU A 139 1.80 1.97 9.44
C LEU A 139 1.67 2.73 8.13
N MET A 140 0.51 2.62 7.50
CA MET A 140 0.33 3.10 6.15
C MET A 140 -1.05 3.70 5.94
N GLY A 141 -1.17 4.52 4.91
CA GLY A 141 -2.45 5.07 4.53
C GLY A 141 -2.51 6.57 4.72
N LEU A 142 -3.48 7.19 4.06
CA LEU A 142 -3.62 8.64 4.09
C LEU A 142 -4.65 9.00 5.16
N VAL A 143 -4.26 9.83 6.12
CA VAL A 143 -5.15 10.22 7.21
C VAL A 143 -4.95 11.69 7.55
N THR A 144 -5.88 12.29 8.25
CA THR A 144 -5.74 13.70 8.60
C THR A 144 -4.72 13.91 9.71
N GLU A 145 -4.38 15.17 9.95
CA GLU A 145 -3.38 15.51 10.97
C GLU A 145 -3.84 15.07 12.35
N ARG A 146 -5.15 15.12 12.58
CA ARG A 146 -5.71 14.68 13.85
C ARG A 146 -5.61 13.15 13.97
N GLU A 147 -5.90 12.46 12.86
CA GLU A 147 -5.78 11.01 12.80
C GLU A 147 -4.33 10.61 13.00
N ALA A 148 -3.43 11.31 12.32
CA ALA A 148 -2.00 11.05 12.41
C ALA A 148 -1.49 11.25 13.84
N LYS A 149 -1.95 12.32 14.48
CA LYS A 149 -1.56 12.63 15.84
C LYS A 149 -1.97 11.50 16.78
N ALA A 150 -3.21 11.03 16.61
CA ALA A 150 -3.73 9.93 17.43
C ALA A 150 -2.94 8.65 17.17
N ALA A 151 -2.66 8.39 15.89
CA ALA A 151 -1.90 7.21 15.49
C ALA A 151 -0.50 7.22 16.09
N ALA A 152 0.18 8.35 15.96
CA ALA A 152 1.53 8.51 16.49
C ALA A 152 1.54 8.35 18.01
N ASP A 153 0.52 8.90 18.65
CA ASP A 153 0.41 8.83 20.11
C ASP A 153 0.29 7.38 20.57
N ILE A 154 -0.52 6.61 19.84
CA ILE A 154 -0.69 5.19 20.15
C ILE A 154 0.60 4.43 19.82
N ALA A 155 1.18 4.74 18.66
CA ALA A 155 2.40 4.08 18.20
C ALA A 155 3.55 4.27 19.19
N SER A 156 3.60 5.44 19.81
CA SER A 156 4.65 5.73 20.78
C SER A 156 4.31 5.14 22.15
N ARG A 157 3.03 5.01 22.46
CA ARG A 157 2.61 4.56 23.78
C ARG A 157 2.61 3.02 23.88
N VAL A 158 2.45 2.33 22.76
CA VAL A 158 2.41 0.87 22.78
C VAL A 158 3.79 0.28 23.00
N SER A 159 3.86 -0.70 23.87
CA SER A 159 5.12 -1.33 24.22
C SER A 159 5.10 -2.81 23.83
N GLY A 160 6.25 -3.31 23.41
CA GLY A 160 6.34 -4.69 22.96
C GLY A 160 6.87 -4.78 21.55
N VAL A 161 6.92 -3.63 20.89
CA VAL A 161 7.38 -3.54 19.51
C VAL A 161 8.90 -3.53 19.44
N LYS A 162 9.45 -4.16 18.42
CA LYS A 162 10.89 -4.15 18.22
C LYS A 162 11.29 -2.86 17.51
N ARG A 163 10.56 -2.54 16.45
CA ARG A 163 10.75 -1.29 15.73
C ARG A 163 9.49 -0.92 14.98
N VAL A 164 9.05 0.33 15.13
CA VAL A 164 7.87 0.80 14.44
C VAL A 164 8.22 1.94 13.48
N THR A 165 7.65 1.89 12.28
CA THR A 165 7.80 2.96 11.32
C THR A 165 6.41 3.48 10.93
N THR A 166 6.24 4.79 10.99
CA THR A 166 4.94 5.38 10.71
C THR A 166 5.01 6.39 9.56
N ALA A 167 4.34 6.06 8.46
CA ALA A 167 4.21 7.00 7.36
C ALA A 167 2.99 7.87 7.59
N PHE A 168 3.16 8.95 8.33
CA PHE A 168 2.04 9.82 8.60
C PHE A 168 1.80 10.70 7.38
N THR A 169 0.71 10.41 6.71
CA THR A 169 0.37 11.09 5.49
C THR A 169 -0.95 11.81 5.66
N PHE A 170 -0.93 13.13 5.51
CA PHE A 170 -2.09 13.96 5.86
C PHE A 170 -3.06 14.12 4.70
N ILE A 171 -4.30 13.68 4.95
CA ILE A 171 -5.41 13.96 4.07
C ILE A 171 -6.00 15.30 4.47
N LYS A 172 -5.73 16.35 3.70
CA LYS A 172 -6.26 17.69 4.00
C LYS A 172 -5.89 18.13 5.44
N GLY A 173 -6.65 17.64 6.41
CA GLY A 173 -6.42 17.95 7.81
C GLY A 173 -7.72 18.09 8.57
N GLY A 174 -8.82 18.16 7.83
CA GLY A 174 -10.14 18.29 8.44
C GLY A 174 -10.68 19.70 8.27
N LEU A 175 -9.79 20.67 8.27
CA LEU A 175 -10.16 22.05 8.02
C LEU A 175 -9.15 22.68 7.07
N GLU A 176 -8.25 23.49 7.61
CA GLU A 176 -7.22 24.16 6.81
C GLU A 176 -6.33 25.03 7.68
N HIS A 177 -6.92 25.62 8.71
CA HIS A 177 -6.25 26.65 9.47
C HIS A 177 -6.10 26.29 10.93
N HIS A 178 -5.00 26.70 11.52
CA HIS A 178 -4.77 26.54 12.95
C HIS A 178 -5.25 27.80 13.67
N ILE A 1 -17.58 -17.36 -67.86
CA ILE A 1 -16.21 -16.84 -67.87
C ILE A 1 -15.78 -16.46 -66.44
N ALA A 2 -14.48 -16.53 -66.19
CA ALA A 2 -13.92 -16.18 -64.90
C ALA A 2 -13.97 -14.67 -64.67
N ALA A 3 -15.05 -14.21 -64.05
CA ALA A 3 -15.19 -12.81 -63.69
C ALA A 3 -15.33 -12.68 -62.18
N ALA A 4 -14.78 -11.62 -61.63
CA ALA A 4 -14.82 -11.42 -60.19
C ALA A 4 -15.38 -10.04 -59.84
N VAL A 5 -14.54 -9.01 -59.98
CA VAL A 5 -14.91 -7.64 -59.60
C VAL A 5 -15.27 -7.59 -58.12
N VAL A 6 -14.33 -8.00 -57.29
CA VAL A 6 -14.54 -8.02 -55.84
C VAL A 6 -13.51 -7.17 -55.13
N GLY A 7 -13.40 -7.33 -53.83
CA GLY A 7 -12.48 -6.54 -53.05
C GLY A 7 -13.15 -5.34 -52.41
N THR A 8 -14.47 -5.30 -52.50
CA THR A 8 -15.24 -4.21 -51.93
C THR A 8 -15.68 -4.52 -50.52
N ALA A 9 -15.70 -3.46 -49.70
CA ALA A 9 -16.22 -3.52 -48.33
C ALA A 9 -15.22 -4.18 -47.37
N ALA A 10 -15.22 -3.71 -46.13
CA ALA A 10 -14.34 -4.25 -45.12
C ALA A 10 -14.93 -5.52 -44.50
N VAL A 11 -14.57 -6.66 -45.06
CA VAL A 11 -15.05 -7.94 -44.58
C VAL A 11 -14.03 -8.56 -43.62
N GLY A 12 -13.48 -7.73 -42.76
CA GLY A 12 -12.49 -8.19 -41.80
C GLY A 12 -12.43 -7.30 -40.58
N THR A 13 -11.91 -7.83 -39.49
CA THR A 13 -11.85 -7.09 -38.24
C THR A 13 -10.42 -6.68 -37.92
N LYS A 14 -10.21 -5.38 -37.74
CA LYS A 14 -8.91 -4.86 -37.34
C LYS A 14 -8.77 -4.92 -35.83
N ALA A 15 -7.57 -5.26 -35.36
CA ALA A 15 -7.32 -5.40 -33.93
C ALA A 15 -6.95 -4.06 -33.30
N ALA A 16 -6.60 -4.11 -32.03
CA ALA A 16 -6.23 -2.91 -31.28
C ALA A 16 -4.93 -2.31 -31.83
N THR A 17 -5.01 -1.09 -32.33
CA THR A 17 -3.85 -0.39 -32.84
C THR A 17 -3.97 1.11 -32.58
N ASP A 18 -3.73 1.50 -31.33
CA ASP A 18 -3.85 2.90 -30.94
C ASP A 18 -2.49 3.60 -30.96
N PRO A 19 -2.50 4.93 -31.17
CA PRO A 19 -1.28 5.73 -31.23
C PRO A 19 -0.73 6.13 -29.86
N ARG A 20 -1.44 5.75 -28.79
CA ARG A 20 -1.15 6.16 -27.42
C ARG A 20 -0.68 7.61 -27.37
N SER A 21 -1.59 8.53 -27.67
CA SER A 21 -1.28 9.95 -27.68
C SER A 21 -0.99 10.45 -26.27
N VAL A 22 -1.57 9.78 -25.28
CA VAL A 22 -1.29 10.10 -23.88
C VAL A 22 -0.01 9.43 -23.43
N GLY A 23 0.93 10.23 -22.95
CA GLY A 23 2.22 9.70 -22.52
C GLY A 23 2.19 9.23 -21.09
N THR A 24 3.32 9.37 -20.41
CA THR A 24 3.43 8.95 -19.02
C THR A 24 3.10 10.10 -18.09
N GLN A 25 2.01 9.97 -17.35
CA GLN A 25 1.56 11.02 -16.45
C GLN A 25 1.10 10.42 -15.14
N VAL A 26 1.62 10.93 -14.03
CA VAL A 26 1.27 10.40 -12.72
C VAL A 26 -0.06 10.98 -12.25
N ASP A 27 -1.01 10.10 -12.02
CA ASP A 27 -2.31 10.47 -11.50
C ASP A 27 -2.87 9.36 -10.65
N ASP A 28 -3.57 9.72 -9.59
CA ASP A 28 -4.17 8.74 -8.69
C ASP A 28 -5.11 7.81 -9.45
N GLY A 29 -6.07 8.41 -10.11
CA GLY A 29 -7.06 7.63 -10.84
C GLY A 29 -6.46 6.90 -12.02
N THR A 30 -5.58 7.56 -12.77
CA THR A 30 -4.93 6.94 -13.92
C THR A 30 -4.21 5.65 -13.50
N LEU A 31 -3.41 5.75 -12.44
CA LEU A 31 -2.67 4.61 -11.92
C LEU A 31 -3.64 3.52 -11.46
N GLU A 32 -4.60 3.91 -10.62
CA GLU A 32 -5.63 3.01 -10.11
C GLU A 32 -6.32 2.28 -11.27
N VAL A 33 -6.71 3.04 -12.28
CA VAL A 33 -7.45 2.51 -13.42
C VAL A 33 -6.66 1.43 -14.15
N ARG A 34 -5.41 1.73 -14.52
CA ARG A 34 -4.66 0.77 -15.33
C ARG A 34 -4.39 -0.52 -14.56
N VAL A 35 -4.02 -0.40 -13.29
CA VAL A 35 -3.73 -1.60 -12.50
C VAL A 35 -5.01 -2.38 -12.23
N ASN A 36 -6.10 -1.67 -11.93
CA ASN A 36 -7.40 -2.31 -11.64
C ASN A 36 -7.90 -3.10 -12.83
N SER A 37 -7.90 -2.45 -13.99
CA SER A 37 -8.40 -3.05 -15.21
C SER A 37 -7.52 -4.24 -15.62
N ALA A 38 -6.22 -4.13 -15.39
CA ALA A 38 -5.29 -5.21 -15.70
C ALA A 38 -5.60 -6.46 -14.86
N LEU A 39 -5.86 -6.25 -13.57
CA LEU A 39 -6.21 -7.34 -12.67
C LEU A 39 -7.49 -8.02 -13.14
N SER A 40 -8.47 -7.21 -13.53
CA SER A 40 -9.76 -7.73 -13.99
C SER A 40 -9.65 -8.29 -15.40
N LYS A 41 -8.56 -8.00 -16.08
CA LYS A 41 -8.34 -8.45 -17.45
C LYS A 41 -7.75 -9.86 -17.46
N ASP A 42 -6.80 -10.10 -16.56
CA ASP A 42 -6.15 -11.40 -16.48
C ASP A 42 -7.07 -12.41 -15.79
N GLU A 43 -7.64 -13.31 -16.59
CA GLU A 43 -8.61 -14.27 -16.10
C GLU A 43 -8.03 -15.10 -14.96
N GLN A 44 -6.84 -15.65 -15.17
CA GLN A 44 -6.20 -16.51 -14.17
C GLN A 44 -6.07 -15.80 -12.83
N ILE A 45 -5.85 -14.50 -12.88
CA ILE A 45 -5.73 -13.68 -11.69
C ILE A 45 -7.09 -13.47 -11.06
N LYS A 46 -8.06 -12.94 -11.80
CA LYS A 46 -9.38 -12.65 -11.24
C LYS A 46 -10.21 -13.93 -11.08
N LYS A 47 -9.62 -15.07 -11.42
CA LYS A 47 -10.29 -16.37 -11.33
C LYS A 47 -10.33 -16.85 -9.89
N GLU A 48 -9.16 -16.88 -9.27
CA GLU A 48 -9.01 -17.41 -7.92
C GLU A 48 -8.44 -16.36 -6.99
N ALA A 49 -8.02 -15.25 -7.56
CA ALA A 49 -7.38 -14.21 -6.79
C ALA A 49 -8.19 -12.93 -6.85
N ARG A 50 -8.44 -12.34 -5.70
CA ARG A 50 -9.15 -11.08 -5.63
C ARG A 50 -8.27 -10.04 -4.99
N ILE A 51 -7.89 -9.05 -5.76
CA ILE A 51 -6.99 -8.01 -5.31
C ILE A 51 -7.66 -6.66 -5.44
N ASN A 52 -7.48 -5.81 -4.45
CA ASN A 52 -8.08 -4.49 -4.46
C ASN A 52 -7.01 -3.43 -4.62
N VAL A 53 -7.33 -2.36 -5.33
CA VAL A 53 -6.36 -1.34 -5.66
C VAL A 53 -6.66 -0.03 -4.91
N THR A 54 -5.62 0.56 -4.35
CA THR A 54 -5.74 1.86 -3.72
C THR A 54 -4.55 2.75 -4.08
N ALA A 55 -4.82 3.86 -4.74
CA ALA A 55 -3.77 4.77 -5.16
C ALA A 55 -3.93 6.13 -4.48
N TYR A 56 -2.83 6.67 -3.97
CA TYR A 56 -2.87 7.94 -3.26
C TYR A 56 -1.50 8.61 -3.31
N GLN A 57 -1.51 9.93 -3.53
CA GLN A 57 -0.28 10.74 -3.62
C GLN A 57 0.46 10.49 -4.93
N GLY A 58 0.84 9.24 -5.13
CA GLY A 58 1.62 8.85 -6.29
C GLY A 58 2.04 7.40 -6.19
N LYS A 59 1.83 6.83 -5.01
CA LYS A 59 2.07 5.42 -4.79
C LYS A 59 0.77 4.64 -4.78
N VAL A 60 0.85 3.34 -4.93
CA VAL A 60 -0.33 2.49 -4.91
C VAL A 60 -0.15 1.34 -3.93
N LEU A 61 -1.22 0.99 -3.24
CA LEU A 61 -1.23 -0.12 -2.31
C LEU A 61 -2.32 -1.11 -2.71
N LEU A 62 -1.94 -2.36 -2.88
CA LEU A 62 -2.87 -3.40 -3.26
C LEU A 62 -3.00 -4.41 -2.14
N VAL A 63 -4.23 -4.81 -1.85
CA VAL A 63 -4.50 -5.80 -0.83
C VAL A 63 -5.53 -6.78 -1.35
N GLY A 64 -5.37 -8.05 -1.05
CA GLY A 64 -6.32 -9.01 -1.57
C GLY A 64 -6.21 -10.40 -0.95
N GLN A 65 -6.75 -11.37 -1.65
CA GLN A 65 -6.78 -12.75 -1.19
C GLN A 65 -6.72 -13.71 -2.38
N SER A 66 -5.86 -14.72 -2.29
CA SER A 66 -5.66 -15.69 -3.37
C SER A 66 -5.16 -17.02 -2.81
N PRO A 67 -5.26 -18.10 -3.59
CA PRO A 67 -4.67 -19.38 -3.21
C PRO A 67 -3.17 -19.46 -3.54
N ASN A 68 -2.75 -18.64 -4.51
CA ASN A 68 -1.36 -18.60 -4.92
C ASN A 68 -0.88 -17.16 -4.96
N ALA A 69 0.21 -16.88 -4.26
CA ALA A 69 0.79 -15.54 -4.24
C ALA A 69 1.35 -15.18 -5.61
N GLU A 70 1.76 -16.21 -6.35
CA GLU A 70 2.30 -16.04 -7.70
C GLU A 70 1.37 -15.22 -8.58
N LEU A 71 0.07 -15.43 -8.42
CA LEU A 71 -0.93 -14.75 -9.24
C LEU A 71 -0.95 -13.26 -8.91
N SER A 72 -1.02 -12.96 -7.63
CA SER A 72 -1.11 -11.59 -7.15
C SER A 72 0.16 -10.81 -7.45
N ALA A 73 1.31 -11.45 -7.27
CA ALA A 73 2.59 -10.81 -7.56
C ALA A 73 2.72 -10.49 -9.05
N ARG A 74 2.44 -11.48 -9.88
CA ARG A 74 2.47 -11.32 -11.34
C ARG A 74 1.46 -10.25 -11.77
N ALA A 75 0.31 -10.24 -11.12
CA ALA A 75 -0.71 -9.24 -11.38
C ALA A 75 -0.14 -7.85 -11.16
N LYS A 76 0.48 -7.65 -10.00
CA LYS A 76 1.04 -6.36 -9.63
C LYS A 76 2.04 -5.86 -10.67
N GLN A 77 3.04 -6.68 -10.99
CA GLN A 77 4.12 -6.27 -11.89
C GLN A 77 3.58 -5.91 -13.28
N ILE A 78 2.66 -6.73 -13.78
CA ILE A 78 2.09 -6.52 -15.10
C ILE A 78 1.17 -5.30 -15.10
N ALA A 79 0.35 -5.17 -14.06
CA ALA A 79 -0.63 -4.11 -13.97
C ALA A 79 0.01 -2.72 -13.98
N MET A 80 0.94 -2.48 -13.08
CA MET A 80 1.54 -1.15 -12.95
C MET A 80 2.61 -0.92 -14.00
N GLY A 81 3.49 -1.90 -14.20
CA GLY A 81 4.65 -1.70 -15.05
C GLY A 81 5.39 -0.43 -14.67
N VAL A 82 5.74 0.37 -15.65
CA VAL A 82 6.28 1.69 -15.38
C VAL A 82 5.26 2.76 -15.81
N ASP A 83 4.85 3.60 -14.86
CA ASP A 83 3.92 4.71 -15.14
C ASP A 83 3.52 5.43 -13.85
N GLY A 84 4.30 6.43 -13.48
CA GLY A 84 3.93 7.33 -12.39
C GLY A 84 4.00 6.72 -11.00
N ALA A 85 3.94 5.40 -10.90
CA ALA A 85 3.96 4.74 -9.60
C ALA A 85 5.31 4.93 -8.93
N ASN A 86 5.30 5.66 -7.81
CA ASN A 86 6.51 5.91 -7.04
C ASN A 86 6.80 4.74 -6.11
N GLU A 87 5.75 4.26 -5.46
CA GLU A 87 5.86 3.14 -4.55
C GLU A 87 4.71 2.19 -4.78
N VAL A 88 4.97 0.90 -4.62
CA VAL A 88 3.92 -0.10 -4.79
C VAL A 88 4.00 -1.13 -3.67
N TYR A 89 2.93 -1.23 -2.90
CA TYR A 89 2.87 -2.17 -1.80
C TYR A 89 1.69 -3.10 -1.99
N ASN A 90 1.97 -4.36 -2.21
CA ASN A 90 0.94 -5.36 -2.45
C ASN A 90 0.99 -6.43 -1.37
N GLU A 91 -0.07 -6.50 -0.56
CA GLU A 91 -0.16 -7.53 0.47
C GLU A 91 -1.39 -8.40 0.24
N ILE A 92 -1.15 -9.69 0.12
CA ILE A 92 -2.18 -10.66 -0.17
C ILE A 92 -2.39 -11.59 1.02
N ARG A 93 -3.66 -11.90 1.30
CA ARG A 93 -4.01 -12.88 2.32
C ARG A 93 -3.25 -14.20 2.11
N GLN A 94 -2.83 -14.44 0.86
CA GLN A 94 -1.95 -15.56 0.57
C GLN A 94 -0.53 -15.20 0.94
N GLY A 95 0.02 -15.91 1.91
CA GLY A 95 1.35 -15.65 2.36
C GLY A 95 1.44 -15.72 3.87
N GLN A 96 2.61 -16.04 4.37
CA GLN A 96 2.80 -16.20 5.80
C GLN A 96 3.89 -15.27 6.29
N PRO A 97 3.82 -14.86 7.56
CA PRO A 97 4.82 -13.99 8.17
C PRO A 97 6.14 -14.70 8.42
N ILE A 98 6.74 -14.50 9.60
CA ILE A 98 8.06 -15.05 9.89
C ILE A 98 7.93 -16.29 10.77
N GLY A 99 7.12 -16.20 11.81
CA GLY A 99 7.00 -17.30 12.74
C GLY A 99 5.81 -17.16 13.66
N LEU A 100 5.53 -18.20 14.44
CA LEU A 100 4.40 -18.20 15.33
C LEU A 100 4.63 -17.25 16.50
N GLY A 101 5.88 -17.14 16.94
CA GLY A 101 6.21 -16.28 18.05
C GLY A 101 5.89 -14.83 17.79
N GLU A 102 6.30 -14.34 16.62
CA GLU A 102 6.05 -12.96 16.25
C GLU A 102 4.59 -12.75 15.85
N ALA A 103 4.05 -13.68 15.06
CA ALA A 103 2.68 -13.57 14.55
C ALA A 103 1.66 -13.42 15.67
N SER A 104 1.83 -14.19 16.73
CA SER A 104 0.93 -14.12 17.86
C SER A 104 0.96 -12.73 18.50
N ASN A 105 2.15 -12.15 18.58
CA ASN A 105 2.32 -10.81 19.12
C ASN A 105 1.86 -9.77 18.10
N ASP A 106 2.08 -10.08 16.82
CA ASP A 106 1.72 -9.17 15.73
C ASP A 106 0.24 -8.85 15.73
N THR A 107 -0.59 -9.90 15.78
CA THR A 107 -2.02 -9.71 15.75
C THR A 107 -2.49 -9.03 17.02
N TRP A 108 -1.85 -9.34 18.14
CA TRP A 108 -2.19 -8.71 19.41
C TRP A 108 -1.89 -7.21 19.34
N ILE A 109 -0.66 -6.86 19.00
CA ILE A 109 -0.26 -5.46 18.92
C ILE A 109 -1.12 -4.73 17.89
N THR A 110 -1.29 -5.34 16.72
CA THR A 110 -2.14 -4.78 15.68
C THR A 110 -3.57 -4.59 16.20
N THR A 111 -4.01 -5.52 17.03
CA THR A 111 -5.35 -5.44 17.59
C THR A 111 -5.50 -4.21 18.48
N LYS A 112 -4.56 -4.02 19.42
CA LYS A 112 -4.68 -2.91 20.37
C LYS A 112 -4.47 -1.57 19.70
N VAL A 113 -3.55 -1.49 18.74
CA VAL A 113 -3.31 -0.22 18.04
C VAL A 113 -4.53 0.18 17.22
N ARG A 114 -5.16 -0.80 16.57
CA ARG A 114 -6.38 -0.54 15.80
C ARG A 114 -7.54 -0.26 16.76
N SER A 115 -7.51 -0.92 17.91
CA SER A 115 -8.53 -0.73 18.94
C SER A 115 -8.50 0.70 19.47
N GLN A 116 -7.31 1.17 19.81
CA GLN A 116 -7.15 2.50 20.37
C GLN A 116 -7.41 3.57 19.31
N LEU A 117 -7.06 3.26 18.07
CA LEU A 117 -7.35 4.15 16.95
C LEU A 117 -8.86 4.25 16.75
N LEU A 118 -9.53 3.12 16.81
CA LEU A 118 -10.98 3.05 16.65
C LEU A 118 -11.68 3.72 17.83
N THR A 119 -11.03 3.72 18.97
CA THR A 119 -11.57 4.34 20.18
C THR A 119 -11.66 5.86 20.00
N SER A 120 -10.88 6.38 19.06
CA SER A 120 -11.00 7.78 18.67
C SER A 120 -12.14 7.93 17.66
N ASP A 121 -13.24 8.52 18.11
CA ASP A 121 -14.48 8.61 17.33
C ASP A 121 -14.26 9.25 15.96
N LEU A 122 -13.33 10.18 15.87
CA LEU A 122 -13.06 10.90 14.62
C LEU A 122 -12.28 10.04 13.64
N VAL A 123 -11.67 8.96 14.12
CA VAL A 123 -10.84 8.12 13.29
C VAL A 123 -11.67 7.04 12.60
N LYS A 124 -11.48 6.87 11.30
CA LYS A 124 -12.20 5.85 10.54
C LYS A 124 -11.62 4.47 10.81
N SER A 125 -12.45 3.44 10.70
CA SER A 125 -11.97 2.07 10.85
C SER A 125 -11.05 1.71 9.70
N SER A 126 -11.50 2.00 8.49
CA SER A 126 -10.71 1.78 7.30
C SER A 126 -9.85 3.00 6.99
N ASN A 127 -8.76 3.16 7.75
CA ASN A 127 -7.93 4.35 7.61
C ASN A 127 -6.45 4.01 7.42
N VAL A 128 -5.98 2.95 8.08
CA VAL A 128 -4.55 2.71 8.13
C VAL A 128 -4.20 1.24 7.83
N LYS A 129 -3.07 1.06 7.15
CA LYS A 129 -2.51 -0.26 6.93
C LYS A 129 -1.53 -0.55 8.06
N VAL A 130 -1.84 -1.56 8.86
CA VAL A 130 -1.00 -1.91 10.00
C VAL A 130 -0.69 -3.40 10.05
N THR A 131 0.59 -3.73 10.05
CA THR A 131 1.02 -5.11 10.21
C THR A 131 2.33 -5.16 11.01
N THR A 132 2.43 -6.10 11.94
CA THR A 132 3.64 -6.26 12.73
C THR A 132 4.43 -7.47 12.25
N GLU A 133 5.67 -7.25 11.86
CA GLU A 133 6.50 -8.34 11.39
C GLU A 133 7.82 -8.37 12.18
N ASN A 134 8.16 -9.56 12.67
CA ASN A 134 9.38 -9.79 13.44
C ASN A 134 9.57 -8.77 14.58
N GLY A 135 8.47 -8.28 15.12
CA GLY A 135 8.55 -7.32 16.23
C GLY A 135 8.60 -5.88 15.75
N GLU A 136 8.51 -5.69 14.43
CA GLU A 136 8.53 -4.37 13.83
C GLU A 136 7.20 -4.10 13.14
N VAL A 137 6.53 -3.02 13.52
CA VAL A 137 5.20 -2.76 13.00
C VAL A 137 5.22 -1.66 11.94
N PHE A 138 4.48 -1.89 10.86
CA PHE A 138 4.42 -0.94 9.75
C PHE A 138 3.01 -0.36 9.63
N LEU A 139 2.93 0.96 9.56
CA LEU A 139 1.68 1.66 9.35
C LEU A 139 1.77 2.54 8.11
N MET A 140 0.70 2.57 7.33
CA MET A 140 0.72 3.24 6.03
C MET A 140 -0.67 3.71 5.62
N GLY A 141 -0.74 4.81 4.87
CA GLY A 141 -2.00 5.23 4.29
C GLY A 141 -2.22 6.72 4.36
N LEU A 142 -3.30 7.18 3.74
CA LEU A 142 -3.68 8.58 3.74
C LEU A 142 -4.78 8.80 4.77
N VAL A 143 -4.54 9.69 5.72
CA VAL A 143 -5.51 9.97 6.78
C VAL A 143 -5.40 11.43 7.18
N THR A 144 -6.32 11.92 7.98
CA THR A 144 -6.23 13.29 8.41
C THR A 144 -5.27 13.39 9.59
N GLU A 145 -4.92 14.61 9.97
CA GLU A 145 -3.95 14.83 11.04
C GLU A 145 -4.44 14.23 12.35
N ARG A 146 -5.75 14.22 12.54
CA ARG A 146 -6.34 13.63 13.74
C ARG A 146 -6.07 12.13 13.78
N GLU A 147 -6.30 11.47 12.65
CA GLU A 147 -6.04 10.04 12.54
C GLU A 147 -4.55 9.76 12.62
N ALA A 148 -3.77 10.59 11.93
CA ALA A 148 -2.32 10.46 11.92
C ALA A 148 -1.73 10.62 13.31
N LYS A 149 -2.21 11.63 14.03
CA LYS A 149 -1.75 11.88 15.39
C LYS A 149 -2.14 10.72 16.30
N ALA A 150 -3.34 10.18 16.09
CA ALA A 150 -3.81 9.04 16.87
C ALA A 150 -2.95 7.81 16.59
N ALA A 151 -2.65 7.58 15.32
CA ALA A 151 -1.82 6.45 14.92
C ALA A 151 -0.45 6.54 15.56
N ALA A 152 0.17 7.71 15.45
CA ALA A 152 1.50 7.94 16.02
C ALA A 152 1.47 7.84 17.55
N ASP A 153 0.45 8.42 18.15
CA ASP A 153 0.31 8.43 19.60
C ASP A 153 0.18 7.01 20.13
N ILE A 154 -0.69 6.22 19.53
CA ILE A 154 -0.93 4.86 19.97
C ILE A 154 0.30 3.98 19.72
N ALA A 155 0.95 4.19 18.58
CA ALA A 155 2.15 3.44 18.24
C ALA A 155 3.25 3.67 19.28
N SER A 156 3.29 4.88 19.82
CA SER A 156 4.24 5.24 20.86
C SER A 156 3.76 4.73 22.23
N ARG A 157 2.45 4.62 22.38
CA ARG A 157 1.83 4.25 23.65
C ARG A 157 1.88 2.74 23.85
N VAL A 158 1.90 1.99 22.77
CA VAL A 158 1.96 0.54 22.84
C VAL A 158 3.40 0.08 23.13
N SER A 159 3.59 -0.48 24.32
CA SER A 159 4.90 -0.90 24.76
C SER A 159 5.20 -2.33 24.29
N GLY A 160 6.31 -2.50 23.59
CA GLY A 160 6.71 -3.82 23.17
C GLY A 160 7.35 -3.83 21.80
N VAL A 161 6.84 -2.99 20.91
CA VAL A 161 7.37 -2.90 19.56
C VAL A 161 8.73 -2.20 19.58
N LYS A 162 9.69 -2.75 18.84
CA LYS A 162 11.05 -2.23 18.86
C LYS A 162 11.19 -1.05 17.89
N ARG A 163 10.36 -1.02 16.86
CA ARG A 163 10.34 0.09 15.92
C ARG A 163 9.08 0.06 15.08
N VAL A 164 8.55 1.23 14.78
CA VAL A 164 7.36 1.36 13.97
C VAL A 164 7.66 2.20 12.72
N THR A 165 7.43 1.62 11.55
CA THR A 165 7.57 2.35 10.32
C THR A 165 6.23 3.01 9.99
N THR A 166 6.25 4.29 9.72
CA THR A 166 5.01 5.03 9.54
C THR A 166 5.07 5.96 8.34
N ALA A 167 4.11 5.81 7.45
CA ALA A 167 3.94 6.74 6.35
C ALA A 167 2.63 7.49 6.51
N PHE A 168 2.59 8.39 7.48
CA PHE A 168 1.37 9.13 7.79
C PHE A 168 1.22 10.31 6.87
N THR A 169 0.24 10.23 5.98
CA THR A 169 -0.02 11.31 5.04
C THR A 169 -1.35 11.96 5.38
N PHE A 170 -1.47 13.27 5.21
CA PHE A 170 -2.65 14.00 5.66
C PHE A 170 -3.67 14.19 4.54
N ILE A 171 -4.88 13.73 4.80
CA ILE A 171 -6.00 13.93 3.89
C ILE A 171 -6.58 15.32 4.09
N LYS A 172 -6.32 16.19 3.10
CA LYS A 172 -6.74 17.61 3.11
C LYS A 172 -7.16 18.12 4.49
N GLY A 173 -6.16 18.37 5.32
CA GLY A 173 -6.39 18.87 6.66
C GLY A 173 -5.25 19.74 7.10
N GLY A 174 -5.06 20.84 6.39
CA GLY A 174 -3.89 21.67 6.60
C GLY A 174 -4.05 22.66 7.73
N LEU A 175 -4.27 22.16 8.94
CA LEU A 175 -4.34 23.02 10.11
C LEU A 175 -3.36 22.54 11.18
N GLU A 176 -2.10 22.91 10.99
CA GLU A 176 -1.05 22.56 11.93
C GLU A 176 -1.03 23.53 13.11
N HIS A 177 -1.80 24.60 12.97
CA HIS A 177 -1.90 25.63 13.98
C HIS A 177 -3.33 26.14 14.05
N HIS A 178 -3.68 26.77 15.16
CA HIS A 178 -5.00 27.35 15.29
C HIS A 178 -4.87 28.85 15.54
N ILE A 1 14.61 0.32 -42.63
CA ILE A 1 13.84 0.89 -41.49
C ILE A 1 12.96 -0.16 -40.87
N ALA A 2 13.15 -0.41 -39.57
CA ALA A 2 12.35 -1.38 -38.85
C ALA A 2 11.91 -0.80 -37.50
N ALA A 3 12.25 0.45 -37.27
CA ALA A 3 11.93 1.14 -36.02
C ALA A 3 10.47 1.55 -35.97
N ALA A 4 9.59 0.56 -35.84
CA ALA A 4 8.16 0.81 -35.69
C ALA A 4 7.64 0.14 -34.43
N VAL A 5 7.26 0.95 -33.46
CA VAL A 5 6.79 0.45 -32.17
C VAL A 5 5.35 0.86 -31.93
N VAL A 6 4.43 -0.04 -32.21
CA VAL A 6 3.01 0.21 -31.97
C VAL A 6 2.57 -0.51 -30.71
N GLY A 7 2.60 0.21 -29.60
CA GLY A 7 2.22 -0.37 -28.33
C GLY A 7 2.75 0.44 -27.16
N THR A 8 2.68 -0.13 -25.96
CA THR A 8 3.16 0.54 -24.77
C THR A 8 4.69 0.40 -24.66
N ALA A 9 5.38 1.52 -24.77
CA ALA A 9 6.82 1.54 -24.71
C ALA A 9 7.33 1.45 -23.27
N ALA A 10 8.58 1.04 -23.12
CA ALA A 10 9.19 0.91 -21.81
C ALA A 10 10.41 1.83 -21.69
N VAL A 11 10.40 2.68 -20.67
CA VAL A 11 11.46 3.66 -20.49
C VAL A 11 12.02 3.60 -19.07
N GLY A 12 11.13 3.72 -18.09
CA GLY A 12 11.54 3.69 -16.70
C GLY A 12 11.97 5.06 -16.20
N THR A 13 12.09 5.19 -14.90
CA THR A 13 12.52 6.44 -14.30
C THR A 13 14.04 6.58 -14.35
N LYS A 14 14.52 7.61 -15.03
CA LYS A 14 15.94 7.83 -15.18
C LYS A 14 16.25 9.33 -15.30
N ALA A 15 17.36 9.75 -14.69
CA ALA A 15 17.82 11.14 -14.72
C ALA A 15 16.85 12.06 -14.00
N ALA A 16 16.12 11.50 -13.04
CA ALA A 16 15.16 12.28 -12.26
C ALA A 16 15.50 12.23 -10.79
N THR A 17 16.57 12.94 -10.42
CA THR A 17 17.01 12.99 -9.03
C THR A 17 16.28 14.08 -8.26
N ASP A 18 15.52 14.89 -8.98
CA ASP A 18 14.81 16.00 -8.37
C ASP A 18 13.35 16.01 -8.82
N PRO A 19 12.48 16.78 -8.15
CA PRO A 19 11.07 16.85 -8.48
C PRO A 19 10.74 17.82 -9.62
N ARG A 20 11.72 18.59 -10.07
CA ARG A 20 11.47 19.65 -11.03
C ARG A 20 12.06 19.33 -12.41
N SER A 21 12.49 18.09 -12.59
CA SER A 21 13.06 17.67 -13.87
C SER A 21 11.99 17.63 -14.95
N VAL A 22 10.90 16.93 -14.67
CA VAL A 22 9.82 16.81 -15.64
C VAL A 22 8.53 17.45 -15.11
N GLY A 23 8.09 17.02 -13.94
CA GLY A 23 6.89 17.58 -13.36
C GLY A 23 5.94 16.52 -12.85
N THR A 24 4.66 16.72 -13.09
CA THR A 24 3.62 15.82 -12.61
C THR A 24 3.26 14.77 -13.67
N GLN A 25 3.57 13.52 -13.39
CA GLN A 25 3.20 12.43 -14.29
C GLN A 25 2.39 11.38 -13.56
N VAL A 26 2.05 11.66 -12.31
CA VAL A 26 1.29 10.73 -11.50
C VAL A 26 0.09 11.44 -10.85
N ASP A 27 -1.02 10.73 -10.74
CA ASP A 27 -2.22 11.25 -10.10
C ASP A 27 -2.83 10.17 -9.22
N ASP A 28 -3.38 10.53 -8.08
CA ASP A 28 -3.99 9.56 -7.17
C ASP A 28 -5.10 8.80 -7.89
N GLY A 29 -6.07 9.54 -8.41
CA GLY A 29 -7.19 8.93 -9.09
C GLY A 29 -6.79 8.28 -10.40
N THR A 30 -5.96 8.97 -11.18
CA THR A 30 -5.51 8.45 -12.47
C THR A 30 -4.77 7.12 -12.31
N LEU A 31 -3.89 7.03 -11.32
CA LEU A 31 -3.14 5.81 -11.08
C LEU A 31 -4.06 4.71 -10.55
N GLU A 32 -5.01 5.10 -9.70
CA GLU A 32 -6.01 4.17 -9.19
C GLU A 32 -6.81 3.58 -10.34
N VAL A 33 -7.26 4.45 -11.24
CA VAL A 33 -8.00 4.01 -12.42
C VAL A 33 -7.12 3.11 -13.28
N ARG A 34 -5.86 3.49 -13.44
CA ARG A 34 -4.91 2.72 -14.26
C ARG A 34 -4.84 1.26 -13.79
N VAL A 35 -4.55 1.06 -12.51
CA VAL A 35 -4.36 -0.28 -11.97
C VAL A 35 -5.70 -1.02 -11.88
N ASN A 36 -6.75 -0.27 -11.60
CA ASN A 36 -8.10 -0.84 -11.54
C ASN A 36 -8.51 -1.39 -12.89
N SER A 37 -8.25 -0.62 -13.92
CA SER A 37 -8.60 -0.99 -15.28
C SER A 37 -7.84 -2.23 -15.72
N ALA A 38 -6.55 -2.29 -15.41
CA ALA A 38 -5.73 -3.45 -15.78
C ALA A 38 -6.20 -4.70 -15.03
N LEU A 39 -6.53 -4.51 -13.76
CA LEU A 39 -7.04 -5.61 -12.94
C LEU A 39 -8.31 -6.20 -13.55
N SER A 40 -9.20 -5.31 -13.99
CA SER A 40 -10.44 -5.73 -14.64
C SER A 40 -10.18 -6.18 -16.08
N LYS A 41 -8.98 -5.91 -16.58
CA LYS A 41 -8.59 -6.32 -17.92
C LYS A 41 -8.19 -7.79 -17.92
N ASP A 42 -7.81 -8.30 -16.76
CA ASP A 42 -7.52 -9.72 -16.63
C ASP A 42 -8.79 -10.50 -16.33
N GLU A 43 -8.67 -11.81 -16.23
CA GLU A 43 -9.78 -12.64 -15.81
C GLU A 43 -9.43 -13.36 -14.52
N GLN A 44 -8.40 -14.22 -14.55
CA GLN A 44 -8.05 -15.02 -13.39
C GLN A 44 -7.69 -14.13 -12.20
N ILE A 45 -7.11 -12.96 -12.50
CA ILE A 45 -6.77 -11.98 -11.48
C ILE A 45 -8.02 -11.53 -10.71
N LYS A 46 -9.15 -11.42 -11.39
CA LYS A 46 -10.40 -11.02 -10.75
C LYS A 46 -11.33 -12.21 -10.55
N LYS A 47 -10.93 -13.34 -11.08
CA LYS A 47 -11.73 -14.56 -11.02
C LYS A 47 -11.46 -15.31 -9.71
N GLU A 48 -10.18 -15.53 -9.43
CA GLU A 48 -9.79 -16.32 -8.28
C GLU A 48 -9.08 -15.45 -7.24
N ALA A 49 -8.76 -14.24 -7.63
CA ALA A 49 -8.04 -13.33 -6.75
C ALA A 49 -8.88 -12.11 -6.47
N ARG A 50 -8.82 -11.62 -5.24
CA ARG A 50 -9.51 -10.41 -4.88
C ARG A 50 -8.52 -9.42 -4.32
N ILE A 51 -8.28 -8.35 -5.06
CA ILE A 51 -7.35 -7.32 -4.65
C ILE A 51 -8.04 -5.97 -4.74
N ASN A 52 -7.84 -5.15 -3.73
CA ASN A 52 -8.44 -3.82 -3.69
C ASN A 52 -7.35 -2.77 -3.85
N VAL A 53 -7.68 -1.71 -4.55
CA VAL A 53 -6.69 -0.69 -4.87
C VAL A 53 -6.96 0.62 -4.11
N THR A 54 -5.90 1.19 -3.59
CA THR A 54 -5.95 2.51 -2.98
C THR A 54 -4.74 3.32 -3.41
N ALA A 55 -4.97 4.47 -4.03
CA ALA A 55 -3.88 5.31 -4.50
C ALA A 55 -3.86 6.62 -3.74
N TYR A 56 -2.68 7.04 -3.31
CA TYR A 56 -2.53 8.25 -2.54
C TYR A 56 -1.07 8.73 -2.56
N GLN A 57 -0.88 10.02 -2.75
CA GLN A 57 0.43 10.66 -2.62
C GLN A 57 1.37 10.27 -3.76
N GLY A 58 0.81 9.74 -4.84
CA GLY A 58 1.62 9.31 -5.97
C GLY A 58 2.04 7.86 -5.85
N LYS A 59 1.84 7.28 -4.67
CA LYS A 59 2.13 5.88 -4.43
C LYS A 59 0.84 5.08 -4.38
N VAL A 60 0.93 3.77 -4.60
CA VAL A 60 -0.24 2.92 -4.59
C VAL A 60 -0.15 1.84 -3.52
N LEU A 61 -1.30 1.54 -2.94
CA LEU A 61 -1.43 0.49 -1.95
C LEU A 61 -2.51 -0.50 -2.38
N LEU A 62 -2.12 -1.73 -2.59
CA LEU A 62 -3.07 -2.78 -2.97
C LEU A 62 -3.14 -3.84 -1.87
N VAL A 63 -4.35 -4.26 -1.54
CA VAL A 63 -4.53 -5.25 -0.48
C VAL A 63 -5.60 -6.26 -0.87
N GLY A 64 -5.39 -7.52 -0.52
CA GLY A 64 -6.38 -8.53 -0.83
C GLY A 64 -5.90 -9.95 -0.58
N GLN A 65 -6.41 -10.89 -1.35
CA GLN A 65 -6.07 -12.30 -1.18
C GLN A 65 -6.20 -13.04 -2.50
N SER A 66 -5.20 -13.87 -2.79
CA SER A 66 -5.18 -14.68 -3.99
C SER A 66 -4.64 -16.07 -3.67
N PRO A 67 -5.11 -17.12 -4.36
CA PRO A 67 -4.61 -18.49 -4.16
C PRO A 67 -3.12 -18.56 -4.47
N ASN A 68 -2.72 -17.87 -5.53
CA ASN A 68 -1.32 -17.80 -5.90
C ASN A 68 -0.82 -16.37 -5.76
N ALA A 69 0.34 -16.21 -5.16
CA ALA A 69 0.93 -14.90 -4.96
C ALA A 69 1.28 -14.25 -6.30
N GLU A 70 1.60 -15.08 -7.29
CA GLU A 70 1.97 -14.62 -8.61
C GLU A 70 0.85 -13.78 -9.25
N LEU A 71 -0.40 -14.18 -9.01
CA LEU A 71 -1.55 -13.49 -9.59
C LEU A 71 -1.56 -12.03 -9.14
N SER A 72 -1.36 -11.83 -7.85
CA SER A 72 -1.37 -10.51 -7.25
C SER A 72 -0.16 -9.68 -7.71
N ALA A 73 1.02 -10.32 -7.74
CA ALA A 73 2.25 -9.63 -8.10
C ALA A 73 2.25 -9.25 -9.57
N ARG A 74 1.86 -10.20 -10.41
CA ARG A 74 1.77 -9.97 -11.85
C ARG A 74 0.72 -8.91 -12.15
N ALA A 75 -0.36 -8.91 -11.38
CA ALA A 75 -1.36 -7.87 -11.49
C ALA A 75 -0.74 -6.51 -11.26
N LYS A 76 0.06 -6.41 -10.19
CA LYS A 76 0.72 -5.17 -9.82
C LYS A 76 1.61 -4.67 -10.97
N GLN A 77 2.51 -5.52 -11.44
CA GLN A 77 3.48 -5.13 -12.48
C GLN A 77 2.78 -4.70 -13.77
N ILE A 78 1.77 -5.47 -14.17
CA ILE A 78 1.06 -5.20 -15.41
C ILE A 78 0.19 -3.94 -15.29
N ALA A 79 -0.43 -3.77 -14.13
CA ALA A 79 -1.34 -2.66 -13.92
C ALA A 79 -0.62 -1.32 -13.91
N MET A 80 0.40 -1.19 -13.08
CA MET A 80 1.07 0.08 -12.91
C MET A 80 2.07 0.35 -14.04
N GLY A 81 2.85 -0.66 -14.40
CA GLY A 81 3.90 -0.48 -15.40
C GLY A 81 4.76 0.73 -15.10
N VAL A 82 5.07 1.50 -16.12
CA VAL A 82 5.73 2.77 -15.93
C VAL A 82 4.75 3.93 -16.19
N ASP A 83 4.55 4.78 -15.20
CA ASP A 83 3.61 5.89 -15.33
C ASP A 83 3.67 6.82 -14.12
N GLY A 84 4.88 7.18 -13.71
CA GLY A 84 5.05 8.14 -12.64
C GLY A 84 4.82 7.57 -11.25
N ALA A 85 4.47 6.29 -11.17
CA ALA A 85 4.24 5.65 -9.89
C ALA A 85 5.51 5.64 -9.04
N ASN A 86 5.46 6.34 -7.92
CA ASN A 86 6.65 6.51 -7.08
C ASN A 86 6.84 5.29 -6.17
N GLU A 87 5.74 4.84 -5.57
CA GLU A 87 5.78 3.67 -4.69
C GLU A 87 4.59 2.78 -4.98
N VAL A 88 4.78 1.48 -4.86
CA VAL A 88 3.68 0.55 -5.00
C VAL A 88 3.83 -0.61 -4.03
N TYR A 89 2.85 -0.77 -3.16
CA TYR A 89 2.87 -1.82 -2.17
C TYR A 89 1.64 -2.71 -2.32
N ASN A 90 1.85 -4.01 -2.37
CA ASN A 90 0.75 -4.95 -2.40
C ASN A 90 0.82 -5.88 -1.19
N GLU A 91 -0.18 -5.82 -0.32
CA GLU A 91 -0.27 -6.77 0.77
C GLU A 91 -1.34 -7.80 0.44
N ILE A 92 -0.91 -9.04 0.30
CA ILE A 92 -1.82 -10.13 -0.02
C ILE A 92 -1.87 -11.13 1.12
N ARG A 93 -3.06 -11.62 1.44
CA ARG A 93 -3.22 -12.64 2.48
C ARG A 93 -2.70 -14.00 2.02
N GLN A 94 -1.54 -13.99 1.38
CA GLN A 94 -0.88 -15.21 0.95
C GLN A 94 0.58 -15.20 1.39
N GLY A 95 0.96 -16.15 2.21
CA GLY A 95 2.33 -16.22 2.67
C GLY A 95 2.45 -16.77 4.07
N GLN A 96 3.67 -16.91 4.55
CA GLN A 96 3.94 -17.45 5.87
C GLN A 96 4.70 -16.46 6.72
N PRO A 97 4.43 -16.44 8.05
CA PRO A 97 5.19 -15.62 9.00
C PRO A 97 6.61 -16.17 9.20
N ILE A 98 7.34 -15.59 10.14
CA ILE A 98 8.72 -15.97 10.38
C ILE A 98 8.79 -17.14 11.37
N GLY A 99 8.04 -17.03 12.46
CA GLY A 99 8.08 -18.04 13.49
C GLY A 99 6.84 -18.02 14.37
N LEU A 100 6.76 -18.97 15.29
CA LEU A 100 5.61 -19.08 16.19
C LEU A 100 5.60 -17.95 17.21
N GLY A 101 6.76 -17.72 17.83
CA GLY A 101 6.86 -16.73 18.89
C GLY A 101 6.47 -15.33 18.43
N GLU A 102 6.92 -14.96 17.24
CA GLU A 102 6.59 -13.64 16.69
C GLU A 102 5.12 -13.58 16.29
N ALA A 103 4.64 -14.61 15.60
CA ALA A 103 3.28 -14.62 15.04
C ALA A 103 2.22 -14.32 16.10
N SER A 104 2.29 -15.00 17.24
CA SER A 104 1.31 -14.79 18.31
C SER A 104 1.36 -13.36 18.82
N ASN A 105 2.56 -12.85 19.02
CA ASN A 105 2.74 -11.50 19.54
C ASN A 105 2.37 -10.47 18.49
N ASP A 106 2.72 -10.78 17.24
CA ASP A 106 2.49 -9.90 16.10
C ASP A 106 1.01 -9.56 15.95
N THR A 107 0.18 -10.59 15.91
CA THR A 107 -1.25 -10.41 15.76
C THR A 107 -1.84 -9.77 17.01
N TRP A 108 -1.34 -10.16 18.17
CA TRP A 108 -1.79 -9.59 19.44
C TRP A 108 -1.54 -8.08 19.45
N ILE A 109 -0.33 -7.68 19.06
CA ILE A 109 0.01 -6.27 18.97
C ILE A 109 -0.92 -5.55 18.00
N THR A 110 -1.09 -6.14 16.82
CA THR A 110 -1.99 -5.58 15.81
C THR A 110 -3.41 -5.47 16.36
N THR A 111 -3.80 -6.44 17.17
CA THR A 111 -5.12 -6.47 17.76
C THR A 111 -5.30 -5.34 18.79
N LYS A 112 -4.36 -5.22 19.73
CA LYS A 112 -4.47 -4.22 20.79
C LYS A 112 -4.28 -2.81 20.25
N VAL A 113 -3.36 -2.61 19.31
CA VAL A 113 -3.21 -1.30 18.70
C VAL A 113 -4.49 -0.92 17.98
N ARG A 114 -5.13 -1.92 17.36
CA ARG A 114 -6.43 -1.72 16.74
C ARG A 114 -7.45 -1.30 17.78
N SER A 115 -7.46 -2.00 18.90
CA SER A 115 -8.39 -1.73 19.98
C SER A 115 -8.33 -0.26 20.40
N GLN A 116 -7.13 0.23 20.68
CA GLN A 116 -6.95 1.59 21.17
C GLN A 116 -7.10 2.62 20.04
N LEU A 117 -6.62 2.28 18.86
CA LEU A 117 -6.70 3.20 17.72
C LEU A 117 -8.16 3.43 17.32
N LEU A 118 -8.92 2.34 17.27
CA LEU A 118 -10.30 2.41 16.81
C LEU A 118 -11.18 3.23 17.76
N THR A 119 -10.77 3.37 19.03
CA THR A 119 -11.53 4.17 19.99
C THR A 119 -11.53 5.64 19.57
N SER A 120 -10.59 6.02 18.73
CA SER A 120 -10.52 7.37 18.21
C SER A 120 -11.67 7.61 17.22
N ASP A 121 -12.46 8.64 17.50
CA ASP A 121 -13.60 8.99 16.66
C ASP A 121 -13.11 9.58 15.34
N LEU A 122 -11.88 10.06 15.35
CA LEU A 122 -11.28 10.76 14.23
C LEU A 122 -10.81 9.79 13.14
N VAL A 123 -10.71 8.52 13.47
CA VAL A 123 -10.21 7.53 12.52
C VAL A 123 -11.29 6.52 12.16
N LYS A 124 -11.37 6.20 10.88
CA LYS A 124 -12.30 5.19 10.39
C LYS A 124 -11.56 3.88 10.16
N SER A 125 -12.30 2.77 10.13
CA SER A 125 -11.71 1.44 9.98
C SER A 125 -10.79 1.37 8.76
N SER A 126 -11.28 1.86 7.63
CA SER A 126 -10.48 1.87 6.40
C SER A 126 -9.74 3.20 6.25
N ASN A 127 -8.80 3.43 7.16
CA ASN A 127 -8.00 4.65 7.13
C ASN A 127 -6.52 4.31 7.10
N VAL A 128 -6.02 3.79 8.21
CA VAL A 128 -4.61 3.43 8.32
C VAL A 128 -4.41 1.92 8.28
N LYS A 129 -3.37 1.49 7.58
CA LYS A 129 -3.02 0.08 7.50
C LYS A 129 -2.01 -0.27 8.59
N VAL A 130 -2.37 -1.22 9.44
CA VAL A 130 -1.50 -1.62 10.54
C VAL A 130 -1.10 -3.08 10.39
N THR A 131 0.19 -3.34 10.39
CA THR A 131 0.70 -4.70 10.30
C THR A 131 1.94 -4.88 11.18
N THR A 132 1.99 -5.97 11.92
CA THR A 132 3.14 -6.27 12.76
C THR A 132 3.82 -7.55 12.29
N GLU A 133 5.12 -7.48 12.03
CA GLU A 133 5.89 -8.67 11.69
C GLU A 133 7.17 -8.71 12.51
N ASN A 134 7.43 -9.87 13.10
CA ASN A 134 8.62 -10.08 13.95
C ASN A 134 8.70 -9.05 15.08
N GLY A 135 7.55 -8.64 15.59
CA GLY A 135 7.51 -7.67 16.67
C GLY A 135 7.69 -6.25 16.17
N GLU A 136 7.81 -6.10 14.86
CA GLU A 136 7.97 -4.80 14.24
C GLU A 136 6.67 -4.38 13.57
N VAL A 137 6.08 -3.30 14.05
CA VAL A 137 4.79 -2.87 13.54
C VAL A 137 4.96 -1.69 12.59
N PHE A 138 4.37 -1.84 11.41
CA PHE A 138 4.43 -0.82 10.37
C PHE A 138 3.04 -0.28 10.11
N LEU A 139 2.96 1.03 9.91
CA LEU A 139 1.68 1.67 9.62
C LEU A 139 1.76 2.41 8.28
N MET A 140 0.70 2.32 7.50
CA MET A 140 0.69 2.86 6.14
C MET A 140 -0.63 3.52 5.81
N GLY A 141 -0.62 4.43 4.85
CA GLY A 141 -1.84 5.03 4.38
C GLY A 141 -1.85 6.53 4.58
N LEU A 142 -3.00 7.13 4.36
CA LEU A 142 -3.15 8.56 4.52
C LEU A 142 -4.15 8.85 5.62
N VAL A 143 -3.74 9.62 6.63
CA VAL A 143 -4.60 9.92 7.76
C VAL A 143 -4.39 11.36 8.21
N THR A 144 -5.34 11.93 8.92
CA THR A 144 -5.21 13.30 9.37
C THR A 144 -4.25 13.37 10.55
N GLU A 145 -3.87 14.57 10.96
CA GLU A 145 -2.95 14.74 12.06
C GLU A 145 -3.58 14.23 13.36
N ARG A 146 -4.90 14.31 13.44
CA ARG A 146 -5.64 13.78 14.59
C ARG A 146 -5.47 12.27 14.67
N GLU A 147 -5.69 11.61 13.53
CA GLU A 147 -5.51 10.17 13.42
C GLU A 147 -4.06 9.80 13.73
N ALA A 148 -3.14 10.46 13.03
CA ALA A 148 -1.72 10.23 13.19
C ALA A 148 -1.29 10.37 14.64
N LYS A 149 -1.84 11.38 15.32
CA LYS A 149 -1.52 11.61 16.72
C LYS A 149 -2.01 10.44 17.58
N ALA A 150 -3.17 9.90 17.22
CA ALA A 150 -3.74 8.78 17.96
C ALA A 150 -2.94 7.50 17.69
N ALA A 151 -2.66 7.25 16.41
CA ALA A 151 -1.88 6.09 16.01
C ALA A 151 -0.50 6.10 16.68
N ALA A 152 0.18 7.24 16.59
CA ALA A 152 1.51 7.39 17.19
C ALA A 152 1.45 7.22 18.70
N ASP A 153 0.41 7.80 19.31
CA ASP A 153 0.21 7.70 20.76
C ASP A 153 0.11 6.25 21.19
N ILE A 154 -0.73 5.50 20.48
CA ILE A 154 -0.93 4.09 20.79
C ILE A 154 0.35 3.29 20.56
N ALA A 155 1.04 3.58 19.46
CA ALA A 155 2.28 2.90 19.12
C ALA A 155 3.35 3.13 20.18
N SER A 156 3.25 4.25 20.90
CA SER A 156 4.16 4.56 21.97
C SER A 156 3.72 3.91 23.28
N ARG A 157 2.42 3.68 23.40
CA ARG A 157 1.84 3.15 24.64
C ARG A 157 1.93 1.63 24.69
N VAL A 158 1.91 0.98 23.53
CA VAL A 158 1.91 -0.47 23.48
C VAL A 158 3.26 -1.05 23.86
N SER A 159 3.24 -2.08 24.69
CA SER A 159 4.45 -2.76 25.10
C SER A 159 4.50 -4.16 24.48
N GLY A 160 5.71 -4.67 24.28
CA GLY A 160 5.87 -5.97 23.66
C GLY A 160 6.35 -5.85 22.23
N VAL A 161 6.50 -4.61 21.79
CA VAL A 161 6.96 -4.33 20.43
C VAL A 161 8.48 -4.25 20.38
N LYS A 162 9.06 -4.72 19.27
CA LYS A 162 10.50 -4.64 19.07
C LYS A 162 10.86 -3.29 18.46
N ARG A 163 10.17 -2.95 17.37
CA ARG A 163 10.37 -1.66 16.70
C ARG A 163 9.06 -1.23 16.05
N VAL A 164 8.94 0.06 15.76
CA VAL A 164 7.73 0.60 15.16
C VAL A 164 8.07 1.59 14.05
N THR A 165 7.49 1.38 12.89
CA THR A 165 7.72 2.26 11.76
C THR A 165 6.39 2.78 11.21
N THR A 166 6.31 4.08 11.00
CA THR A 166 5.08 4.69 10.56
C THR A 166 5.33 5.70 9.44
N ALA A 167 4.53 5.63 8.39
CA ALA A 167 4.54 6.66 7.37
C ALA A 167 3.66 7.81 7.79
N PHE A 168 4.25 8.94 8.11
CA PHE A 168 3.47 10.10 8.50
C PHE A 168 2.96 10.80 7.25
N THR A 169 1.66 10.65 7.03
CA THR A 169 1.01 11.21 5.86
C THR A 169 -0.34 11.81 6.26
N PHE A 170 -0.49 13.11 6.10
CA PHE A 170 -1.68 13.82 6.59
C PHE A 170 -2.72 14.00 5.49
N ILE A 171 -3.93 13.53 5.78
CA ILE A 171 -5.07 13.70 4.90
C ILE A 171 -5.69 15.07 5.13
N LYS A 172 -5.96 15.78 4.03
CA LYS A 172 -6.71 17.04 3.99
C LYS A 172 -7.39 17.38 5.32
N GLY A 173 -6.65 18.00 6.22
CA GLY A 173 -7.16 18.27 7.55
C GLY A 173 -7.97 19.54 7.61
N GLY A 174 -8.98 19.62 6.75
CA GLY A 174 -9.91 20.74 6.75
C GLY A 174 -9.36 21.97 6.07
N LEU A 175 -8.17 22.40 6.48
CA LEU A 175 -7.53 23.55 5.86
C LEU A 175 -6.54 23.09 4.79
N GLU A 176 -6.48 23.81 3.69
CA GLU A 176 -5.62 23.43 2.59
C GLU A 176 -4.37 24.29 2.57
N HIS A 177 -3.36 23.86 1.82
CA HIS A 177 -2.14 24.64 1.68
C HIS A 177 -2.10 25.30 0.31
N HIS A 178 -2.67 26.48 0.22
CA HIS A 178 -2.70 27.21 -1.04
C HIS A 178 -1.37 27.90 -1.30
N ILE A 1 -3.19 -41.22 -35.74
CA ILE A 1 -4.22 -40.52 -34.94
C ILE A 1 -4.20 -39.03 -35.29
N ALA A 2 -5.36 -38.38 -35.17
CA ALA A 2 -5.47 -36.96 -35.45
C ALA A 2 -4.93 -36.13 -34.30
N ALA A 3 -3.61 -36.09 -34.19
CA ALA A 3 -2.95 -35.29 -33.16
C ALA A 3 -2.26 -34.10 -33.80
N ALA A 4 -2.50 -32.92 -33.25
CA ALA A 4 -1.93 -31.71 -33.80
C ALA A 4 -1.86 -30.62 -32.74
N VAL A 5 -0.65 -30.37 -32.24
CA VAL A 5 -0.43 -29.29 -31.29
C VAL A 5 -0.62 -27.94 -31.97
N VAL A 6 -1.23 -27.00 -31.26
CA VAL A 6 -1.56 -25.71 -31.83
C VAL A 6 -0.58 -24.64 -31.40
N GLY A 7 -0.36 -23.67 -32.28
CA GLY A 7 0.49 -22.54 -31.95
C GLY A 7 -0.05 -21.26 -32.53
N THR A 8 -0.41 -20.32 -31.66
CA THR A 8 -1.03 -19.08 -32.09
C THR A 8 0.01 -18.01 -32.40
N ALA A 9 -0.13 -17.37 -33.55
CA ALA A 9 0.71 -16.25 -33.91
C ALA A 9 0.39 -15.05 -33.03
N ALA A 10 1.42 -14.37 -32.55
CA ALA A 10 1.23 -13.25 -31.65
C ALA A 10 1.08 -11.94 -32.43
N VAL A 11 0.53 -10.94 -31.77
CA VAL A 11 0.33 -9.63 -32.40
C VAL A 11 0.88 -8.53 -31.50
N GLY A 12 0.39 -7.31 -31.68
CA GLY A 12 0.81 -6.21 -30.84
C GLY A 12 0.13 -4.91 -31.20
N THR A 13 0.92 -3.85 -31.22
CA THR A 13 0.41 -2.53 -31.56
C THR A 13 0.12 -2.43 -33.05
N LYS A 14 -0.89 -1.64 -33.42
CA LYS A 14 -1.30 -1.50 -34.80
C LYS A 14 -0.48 -0.43 -35.52
N ALA A 15 0.13 0.46 -34.72
CA ALA A 15 0.97 1.55 -35.21
C ALA A 15 0.12 2.64 -35.85
N ALA A 16 -0.61 2.28 -36.90
CA ALA A 16 -1.49 3.21 -37.58
C ALA A 16 -2.92 3.08 -37.05
N THR A 17 -3.41 4.14 -36.43
CA THR A 17 -4.73 4.14 -35.79
C THR A 17 -4.80 3.08 -34.70
N ASP A 18 -3.99 3.26 -33.67
CA ASP A 18 -3.95 2.33 -32.55
C ASP A 18 -5.08 2.64 -31.58
N PRO A 19 -5.46 1.66 -30.73
CA PRO A 19 -6.45 1.89 -29.66
C PRO A 19 -5.88 2.73 -28.52
N ARG A 20 -5.38 3.91 -28.87
CA ARG A 20 -4.76 4.83 -27.93
C ARG A 20 -3.54 4.18 -27.27
N SER A 21 -2.42 4.19 -27.99
CA SER A 21 -1.18 3.61 -27.50
C SER A 21 -0.72 4.27 -26.20
N VAL A 22 -1.15 5.51 -25.99
CA VAL A 22 -0.91 6.18 -24.72
C VAL A 22 -1.85 5.62 -23.66
N GLY A 23 -2.97 6.30 -23.43
CA GLY A 23 -3.98 5.79 -22.51
C GLY A 23 -3.57 5.93 -21.05
N THR A 24 -2.38 5.47 -20.74
CA THR A 24 -1.85 5.51 -19.39
C THR A 24 -1.49 6.96 -19.00
N GLN A 25 -1.70 7.28 -17.74
CA GLN A 25 -1.41 8.62 -17.23
C GLN A 25 -1.38 8.58 -15.71
N VAL A 26 -0.56 9.43 -15.10
CA VAL A 26 -0.38 9.40 -13.66
C VAL A 26 -1.51 10.14 -12.96
N ASP A 27 -2.22 9.40 -12.12
CA ASP A 27 -3.31 9.93 -11.30
C ASP A 27 -3.68 8.88 -10.27
N ASP A 28 -4.12 9.31 -9.10
CA ASP A 28 -4.52 8.37 -8.05
C ASP A 28 -5.60 7.42 -8.58
N GLY A 29 -6.69 7.99 -9.07
CA GLY A 29 -7.80 7.20 -9.55
C GLY A 29 -7.48 6.50 -10.87
N THR A 30 -6.75 7.18 -11.74
CA THR A 30 -6.39 6.61 -13.02
C THR A 30 -5.45 5.42 -12.85
N LEU A 31 -4.52 5.52 -11.90
CA LEU A 31 -3.65 4.40 -11.56
C LEU A 31 -4.49 3.26 -11.01
N GLU A 32 -5.45 3.62 -10.16
CA GLU A 32 -6.40 2.67 -9.61
C GLU A 32 -7.15 1.94 -10.73
N VAL A 33 -7.60 2.70 -11.71
CA VAL A 33 -8.35 2.14 -12.84
C VAL A 33 -7.50 1.19 -13.68
N ARG A 34 -6.28 1.61 -14.05
CA ARG A 34 -5.45 0.79 -14.94
C ARG A 34 -5.03 -0.51 -14.27
N VAL A 35 -4.65 -0.46 -12.99
CA VAL A 35 -4.24 -1.66 -12.29
C VAL A 35 -5.43 -2.60 -12.09
N ASN A 36 -6.59 -2.01 -11.81
CA ASN A 36 -7.83 -2.79 -11.67
C ASN A 36 -8.14 -3.48 -13.00
N SER A 37 -8.00 -2.72 -14.08
CA SER A 37 -8.25 -3.23 -15.42
C SER A 37 -7.27 -4.34 -15.78
N ALA A 38 -6.00 -4.15 -15.51
CA ALA A 38 -4.98 -5.14 -15.81
C ALA A 38 -5.18 -6.40 -14.97
N LEU A 39 -5.63 -6.22 -13.74
CA LEU A 39 -5.95 -7.35 -12.86
C LEU A 39 -7.07 -8.18 -13.46
N SER A 40 -8.08 -7.48 -13.98
CA SER A 40 -9.23 -8.13 -14.61
C SER A 40 -8.87 -8.65 -16.00
N LYS A 41 -7.75 -8.17 -16.53
CA LYS A 41 -7.28 -8.60 -17.84
C LYS A 41 -6.52 -9.92 -17.73
N ASP A 42 -5.83 -10.11 -16.60
CA ASP A 42 -5.14 -11.37 -16.34
C ASP A 42 -6.08 -12.34 -15.67
N GLU A 43 -6.60 -13.28 -16.46
CA GLU A 43 -7.61 -14.21 -15.99
C GLU A 43 -7.17 -14.95 -14.74
N GLN A 44 -6.00 -15.58 -14.77
CA GLN A 44 -5.54 -16.40 -13.65
C GLN A 44 -5.51 -15.59 -12.35
N ILE A 45 -5.21 -14.30 -12.48
CA ILE A 45 -5.17 -13.39 -11.35
C ILE A 45 -6.58 -13.16 -10.80
N LYS A 46 -7.53 -12.84 -11.68
CA LYS A 46 -8.90 -12.59 -11.24
C LYS A 46 -9.69 -13.89 -11.14
N LYS A 47 -9.00 -15.01 -11.37
CA LYS A 47 -9.63 -16.32 -11.31
C LYS A 47 -9.62 -16.86 -9.88
N GLU A 48 -8.45 -16.81 -9.26
CA GLU A 48 -8.26 -17.40 -7.95
C GLU A 48 -7.85 -16.37 -6.92
N ALA A 49 -7.53 -15.17 -7.37
CA ALA A 49 -6.97 -14.16 -6.50
C ALA A 49 -7.89 -12.95 -6.40
N ARG A 50 -7.99 -12.41 -5.20
CA ARG A 50 -8.78 -11.21 -4.98
C ARG A 50 -7.87 -10.12 -4.41
N ILE A 51 -7.68 -9.07 -5.19
CA ILE A 51 -6.82 -7.99 -4.79
C ILE A 51 -7.55 -6.67 -4.95
N ASN A 52 -7.45 -5.82 -3.97
CA ASN A 52 -8.13 -4.53 -4.00
C ASN A 52 -7.12 -3.41 -4.16
N VAL A 53 -7.49 -2.39 -4.90
CA VAL A 53 -6.59 -1.31 -5.21
C VAL A 53 -7.01 0.00 -4.55
N THR A 54 -6.07 0.63 -3.87
CA THR A 54 -6.28 1.94 -3.29
C THR A 54 -5.08 2.83 -3.58
N ALA A 55 -5.30 3.91 -4.31
CA ALA A 55 -4.22 4.83 -4.67
C ALA A 55 -4.42 6.18 -4.01
N TYR A 56 -3.33 6.76 -3.54
CA TYR A 56 -3.38 8.05 -2.85
C TYR A 56 -2.00 8.67 -2.85
N GLN A 57 -1.92 9.97 -3.14
CA GLN A 57 -0.68 10.73 -3.00
C GLN A 57 0.33 10.40 -4.10
N GLY A 58 -0.14 9.77 -5.17
CA GLY A 58 0.74 9.39 -6.26
C GLY A 58 1.26 7.98 -6.10
N LYS A 59 1.12 7.42 -4.91
CA LYS A 59 1.50 6.05 -4.65
C LYS A 59 0.25 5.18 -4.55
N VAL A 60 0.41 3.88 -4.67
CA VAL A 60 -0.72 2.98 -4.62
C VAL A 60 -0.47 1.84 -3.64
N LEU A 61 -1.53 1.43 -2.97
CA LEU A 61 -1.49 0.32 -2.04
C LEU A 61 -2.47 -0.75 -2.48
N LEU A 62 -2.05 -1.99 -2.47
CA LEU A 62 -2.91 -3.10 -2.85
C LEU A 62 -2.99 -4.12 -1.73
N VAL A 63 -4.19 -4.58 -1.45
CA VAL A 63 -4.41 -5.54 -0.38
C VAL A 63 -5.36 -6.63 -0.86
N GLY A 64 -5.20 -7.85 -0.36
CA GLY A 64 -6.14 -8.89 -0.74
C GLY A 64 -5.70 -10.29 -0.32
N GLN A 65 -6.15 -11.28 -1.09
CA GLN A 65 -5.84 -12.68 -0.80
C GLN A 65 -5.72 -13.47 -2.09
N SER A 66 -4.62 -14.20 -2.23
CA SER A 66 -4.40 -15.05 -3.38
C SER A 66 -3.79 -16.37 -2.93
N PRO A 67 -4.04 -17.47 -3.67
CA PRO A 67 -3.46 -18.79 -3.34
C PRO A 67 -1.94 -18.72 -3.23
N ASN A 68 -1.31 -18.18 -4.27
CA ASN A 68 0.13 -18.00 -4.28
C ASN A 68 0.48 -16.52 -4.31
N ALA A 69 1.62 -16.18 -3.74
CA ALA A 69 2.09 -14.80 -3.71
C ALA A 69 2.44 -14.31 -5.11
N GLU A 70 2.89 -15.24 -5.95
CA GLU A 70 3.31 -14.93 -7.31
C GLU A 70 2.18 -14.29 -8.11
N LEU A 71 0.95 -14.74 -7.89
CA LEU A 71 -0.19 -14.22 -8.64
C LEU A 71 -0.40 -12.74 -8.34
N SER A 72 -0.41 -12.41 -7.05
CA SER A 72 -0.65 -11.04 -6.63
C SER A 72 0.51 -10.13 -7.02
N ALA A 73 1.73 -10.65 -6.91
CA ALA A 73 2.93 -9.90 -7.29
C ALA A 73 2.97 -9.67 -8.80
N ARG A 74 2.71 -10.72 -9.56
CA ARG A 74 2.66 -10.64 -11.03
C ARG A 74 1.59 -9.66 -11.46
N ALA A 75 0.47 -9.66 -10.74
CA ALA A 75 -0.60 -8.71 -10.99
C ALA A 75 -0.10 -7.28 -10.82
N LYS A 76 0.54 -7.03 -9.67
CA LYS A 76 1.06 -5.71 -9.34
C LYS A 76 2.00 -5.17 -10.44
N GLN A 77 3.00 -5.98 -10.80
CA GLN A 77 4.01 -5.56 -11.77
C GLN A 77 3.39 -5.35 -13.15
N ILE A 78 2.52 -6.27 -13.56
CA ILE A 78 1.91 -6.21 -14.88
C ILE A 78 0.91 -5.06 -14.98
N ALA A 79 0.25 -4.75 -13.86
CA ALA A 79 -0.79 -3.74 -13.83
C ALA A 79 -0.23 -2.33 -13.94
N MET A 80 0.72 -1.99 -13.07
CA MET A 80 1.21 -0.61 -13.01
C MET A 80 2.40 -0.40 -13.93
N GLY A 81 3.31 -1.37 -14.02
CA GLY A 81 4.53 -1.20 -14.81
C GLY A 81 5.18 0.14 -14.56
N VAL A 82 5.47 0.87 -15.62
CA VAL A 82 6.00 2.22 -15.49
C VAL A 82 4.93 3.23 -15.90
N ASP A 83 4.58 4.14 -14.97
CA ASP A 83 3.61 5.21 -15.22
C ASP A 83 3.24 5.94 -13.93
N GLY A 84 4.10 6.87 -13.53
CA GLY A 84 3.75 7.79 -12.45
C GLY A 84 3.75 7.17 -11.06
N ALA A 85 3.72 5.84 -10.99
CA ALA A 85 3.65 5.15 -9.71
C ALA A 85 4.86 5.50 -8.84
N ASN A 86 4.63 6.17 -7.73
CA ASN A 86 5.71 6.63 -6.86
C ASN A 86 6.20 5.47 -6.00
N GLU A 87 5.26 4.75 -5.43
CA GLU A 87 5.56 3.59 -4.62
C GLU A 87 4.34 2.67 -4.58
N VAL A 88 4.58 1.38 -4.60
CA VAL A 88 3.51 0.40 -4.51
C VAL A 88 3.69 -0.45 -3.26
N TYR A 89 2.73 -0.40 -2.37
CA TYR A 89 2.75 -1.22 -1.17
C TYR A 89 1.67 -2.28 -1.28
N ASN A 90 2.09 -3.52 -1.39
CA ASN A 90 1.17 -4.62 -1.64
C ASN A 90 1.20 -5.64 -0.51
N GLU A 91 0.09 -5.80 0.20
CA GLU A 91 -0.01 -6.83 1.21
C GLU A 91 -1.14 -7.79 0.87
N ILE A 92 -0.78 -9.05 0.76
CA ILE A 92 -1.73 -10.11 0.51
C ILE A 92 -1.77 -11.03 1.72
N ARG A 93 -2.95 -11.31 2.23
CA ARG A 93 -3.10 -12.13 3.43
C ARG A 93 -2.97 -13.62 3.11
N GLN A 94 -1.85 -13.97 2.51
CA GLN A 94 -1.55 -15.36 2.20
C GLN A 94 -0.16 -15.70 2.70
N GLY A 95 0.03 -16.94 3.13
CA GLY A 95 1.31 -17.36 3.61
C GLY A 95 1.26 -17.77 5.06
N GLN A 96 1.93 -18.86 5.39
CA GLN A 96 1.95 -19.36 6.75
C GLN A 96 2.98 -18.59 7.58
N PRO A 97 2.68 -18.36 8.87
CA PRO A 97 3.58 -17.65 9.78
C PRO A 97 4.95 -18.32 9.86
N ILE A 98 5.99 -17.51 10.00
CA ILE A 98 7.35 -18.02 10.07
C ILE A 98 7.57 -18.73 11.41
N GLY A 99 6.80 -18.30 12.40
CA GLY A 99 6.85 -18.90 13.70
C GLY A 99 5.75 -18.39 14.59
N LEU A 100 5.42 -19.16 15.61
CA LEU A 100 4.42 -18.76 16.58
C LEU A 100 4.90 -17.52 17.33
N GLY A 101 6.21 -17.42 17.50
CA GLY A 101 6.79 -16.29 18.21
C GLY A 101 6.44 -14.95 17.57
N GLU A 102 6.61 -14.84 16.26
CA GLU A 102 6.27 -13.62 15.56
C GLU A 102 4.76 -13.45 15.51
N ALA A 103 4.05 -14.50 15.12
CA ALA A 103 2.60 -14.46 14.93
C ALA A 103 1.88 -13.98 16.19
N SER A 104 2.25 -14.53 17.34
CA SER A 104 1.59 -14.19 18.59
C SER A 104 1.73 -12.71 18.91
N ASN A 105 2.94 -12.19 18.76
CA ASN A 105 3.21 -10.78 19.06
C ASN A 105 2.63 -9.89 17.96
N ASP A 106 2.73 -10.36 16.72
CA ASP A 106 2.32 -9.59 15.54
C ASP A 106 0.84 -9.28 15.60
N THR A 107 0.02 -10.30 15.79
CA THR A 107 -1.42 -10.12 15.82
C THR A 107 -1.86 -9.43 17.09
N TRP A 108 -1.11 -9.65 18.17
CA TRP A 108 -1.37 -9.00 19.44
C TRP A 108 -1.20 -7.49 19.29
N ILE A 109 -0.06 -7.09 18.74
CA ILE A 109 0.24 -5.70 18.52
C ILE A 109 -0.79 -5.09 17.56
N THR A 110 -1.09 -5.80 16.48
CA THR A 110 -2.09 -5.35 15.53
C THR A 110 -3.44 -5.15 16.24
N THR A 111 -3.74 -6.06 17.16
CA THR A 111 -4.98 -6.01 17.90
C THR A 111 -5.07 -4.72 18.74
N LYS A 112 -4.04 -4.42 19.51
CA LYS A 112 -4.08 -3.26 20.41
C LYS A 112 -4.02 -1.95 19.63
N VAL A 113 -3.16 -1.85 18.62
CA VAL A 113 -3.04 -0.62 17.85
C VAL A 113 -4.33 -0.33 17.09
N ARG A 114 -4.97 -1.38 16.56
CA ARG A 114 -6.24 -1.22 15.88
C ARG A 114 -7.36 -0.91 16.88
N SER A 115 -7.24 -1.47 18.07
CA SER A 115 -8.22 -1.22 19.13
C SER A 115 -8.20 0.24 19.53
N GLN A 116 -7.01 0.76 19.77
CA GLN A 116 -6.85 2.13 20.23
C GLN A 116 -7.17 3.13 19.12
N LEU A 117 -6.87 2.75 17.89
CA LEU A 117 -7.24 3.58 16.75
C LEU A 117 -8.75 3.60 16.57
N LEU A 118 -9.38 2.43 16.73
CA LEU A 118 -10.82 2.31 16.52
C LEU A 118 -11.62 2.92 17.68
N THR A 119 -10.98 3.02 18.85
CA THR A 119 -11.63 3.63 20.01
C THR A 119 -11.63 5.15 19.89
N SER A 120 -10.87 5.65 18.92
CA SER A 120 -10.80 7.07 18.66
C SER A 120 -11.89 7.46 17.65
N ASP A 121 -12.86 8.22 18.13
CA ASP A 121 -14.04 8.60 17.34
C ASP A 121 -13.68 9.42 16.10
N LEU A 122 -12.51 10.02 16.12
CA LEU A 122 -12.07 10.89 15.04
C LEU A 122 -11.42 10.09 13.90
N VAL A 123 -11.08 8.84 14.19
CA VAL A 123 -10.38 7.99 13.23
C VAL A 123 -11.37 7.29 12.30
N LYS A 124 -11.04 7.22 11.01
CA LYS A 124 -11.84 6.46 10.07
C LYS A 124 -11.21 5.10 9.81
N SER A 125 -12.04 4.05 9.90
CA SER A 125 -11.56 2.68 9.78
C SER A 125 -10.99 2.36 8.40
N SER A 126 -11.54 3.00 7.37
CA SER A 126 -11.12 2.74 6.00
C SER A 126 -9.96 3.65 5.59
N ASN A 127 -9.57 4.54 6.49
CA ASN A 127 -8.54 5.53 6.20
C ASN A 127 -7.15 4.95 6.40
N VAL A 128 -6.99 4.17 7.47
CA VAL A 128 -5.68 3.70 7.87
C VAL A 128 -5.49 2.21 7.58
N LYS A 129 -4.28 1.85 7.18
CA LYS A 129 -3.91 0.46 7.00
C LYS A 129 -2.93 0.06 8.08
N VAL A 130 -3.24 -1.01 8.81
CA VAL A 130 -2.40 -1.46 9.91
C VAL A 130 -1.95 -2.89 9.70
N THR A 131 -0.65 -3.11 9.71
CA THR A 131 -0.10 -4.45 9.56
C THR A 131 1.15 -4.63 10.44
N THR A 132 1.23 -5.77 11.11
CA THR A 132 2.43 -6.14 11.84
C THR A 132 2.97 -7.48 11.33
N GLU A 133 4.24 -7.50 10.97
CA GLU A 133 4.90 -8.72 10.51
C GLU A 133 6.30 -8.83 11.08
N ASN A 134 6.63 -10.01 11.62
CA ASN A 134 7.96 -10.32 12.15
C ASN A 134 8.38 -9.38 13.28
N GLY A 135 7.42 -8.59 13.77
CA GLY A 135 7.71 -7.64 14.83
C GLY A 135 7.72 -6.20 14.35
N GLU A 136 7.63 -6.02 13.03
CA GLU A 136 7.64 -4.70 12.44
C GLU A 136 6.21 -4.24 12.17
N VAL A 137 5.89 -3.04 12.64
CA VAL A 137 4.56 -2.49 12.45
C VAL A 137 4.57 -1.44 11.36
N PHE A 138 3.72 -1.64 10.37
CA PHE A 138 3.61 -0.71 9.27
C PHE A 138 2.23 -0.09 9.24
N LEU A 139 2.18 1.22 9.10
CA LEU A 139 0.92 1.93 8.99
C LEU A 139 0.89 2.70 7.69
N MET A 140 -0.27 2.68 7.05
CA MET A 140 -0.39 3.20 5.69
C MET A 140 -1.72 3.93 5.52
N GLY A 141 -1.81 4.73 4.46
CA GLY A 141 -3.07 5.34 4.12
C GLY A 141 -3.05 6.85 4.24
N LEU A 142 -4.22 7.44 4.14
CA LEU A 142 -4.38 8.89 4.22
C LEU A 142 -5.37 9.20 5.35
N VAL A 143 -4.92 10.00 6.30
CA VAL A 143 -5.72 10.34 7.48
C VAL A 143 -5.49 11.78 7.86
N THR A 144 -6.30 12.33 8.73
CA THR A 144 -6.08 13.70 9.19
C THR A 144 -4.98 13.72 10.25
N GLU A 145 -4.61 14.91 10.70
CA GLU A 145 -3.56 15.05 11.71
C GLU A 145 -3.99 14.40 13.01
N ARG A 146 -5.29 14.46 13.28
CA ARG A 146 -5.85 13.83 14.46
C ARG A 146 -5.62 12.32 14.44
N GLU A 147 -5.92 11.71 13.30
CA GLU A 147 -5.73 10.28 13.13
C GLU A 147 -4.25 9.92 13.08
N ALA A 148 -3.47 10.77 12.41
CA ALA A 148 -2.03 10.56 12.29
C ALA A 148 -1.35 10.60 13.65
N LYS A 149 -1.70 11.59 14.47
CA LYS A 149 -1.15 11.72 15.81
C LYS A 149 -1.59 10.55 16.68
N ALA A 150 -2.85 10.15 16.55
CA ALA A 150 -3.38 9.03 17.29
C ALA A 150 -2.62 7.74 16.97
N ALA A 151 -2.40 7.51 15.68
CA ALA A 151 -1.67 6.33 15.24
C ALA A 151 -0.25 6.32 15.81
N ALA A 152 0.45 7.45 15.65
CA ALA A 152 1.82 7.57 16.13
C ALA A 152 1.89 7.43 17.65
N ASP A 153 0.92 8.02 18.33
CA ASP A 153 0.85 7.97 19.80
C ASP A 153 0.75 6.53 20.28
N ILE A 154 -0.20 5.79 19.72
CA ILE A 154 -0.40 4.40 20.08
C ILE A 154 0.83 3.58 19.73
N ALA A 155 1.37 3.82 18.53
CA ALA A 155 2.51 3.06 18.02
C ALA A 155 3.74 3.17 18.93
N SER A 156 3.89 4.32 19.57
CA SER A 156 5.04 4.53 20.45
C SER A 156 4.76 3.99 21.85
N ARG A 157 3.50 4.00 22.25
CA ARG A 157 3.13 3.61 23.61
C ARG A 157 2.93 2.09 23.74
N VAL A 158 2.69 1.39 22.63
CA VAL A 158 2.46 -0.04 22.69
C VAL A 158 3.76 -0.82 22.84
N SER A 159 3.75 -1.80 23.73
CA SER A 159 4.89 -2.65 23.98
C SER A 159 4.95 -3.80 22.98
N GLY A 160 6.17 -4.25 22.68
CA GLY A 160 6.33 -5.38 21.77
C GLY A 160 6.83 -4.94 20.41
N VAL A 161 6.74 -3.66 20.13
CA VAL A 161 7.13 -3.11 18.84
C VAL A 161 8.65 -2.93 18.77
N LYS A 162 9.28 -3.58 17.80
CA LYS A 162 10.71 -3.44 17.60
C LYS A 162 11.01 -2.24 16.72
N ARG A 163 10.19 -2.07 15.69
CA ARG A 163 10.30 -0.94 14.78
C ARG A 163 8.95 -0.67 14.13
N VAL A 164 8.55 0.59 14.11
CA VAL A 164 7.28 0.97 13.52
C VAL A 164 7.48 2.01 12.41
N THR A 165 6.78 1.84 11.31
CA THR A 165 6.83 2.79 10.22
C THR A 165 5.44 3.35 9.93
N THR A 166 5.35 4.67 9.88
CA THR A 166 4.08 5.33 9.63
C THR A 166 4.22 6.44 8.61
N ALA A 167 3.43 6.38 7.55
CA ALA A 167 3.44 7.43 6.54
C ALA A 167 2.45 8.53 6.92
N PHE A 168 2.97 9.58 7.54
CA PHE A 168 2.11 10.66 8.01
C PHE A 168 1.79 11.61 6.86
N THR A 169 0.54 11.55 6.42
CA THR A 169 0.02 12.49 5.45
C THR A 169 -1.41 12.86 5.87
N PHE A 170 -1.79 14.11 5.71
CA PHE A 170 -3.03 14.62 6.28
C PHE A 170 -4.14 14.74 5.22
N ILE A 171 -5.31 14.20 5.55
CA ILE A 171 -6.48 14.32 4.71
C ILE A 171 -7.16 15.66 4.97
N LYS A 172 -7.03 16.58 4.01
CA LYS A 172 -7.64 17.92 4.08
C LYS A 172 -7.73 18.45 5.51
N GLY A 173 -6.61 18.46 6.21
CA GLY A 173 -6.59 18.98 7.56
C GLY A 173 -6.41 20.49 7.55
N GLY A 174 -7.50 21.19 7.32
CA GLY A 174 -7.44 22.63 7.10
C GLY A 174 -7.53 23.45 8.36
N LEU A 175 -7.16 22.86 9.50
CA LEU A 175 -7.10 23.60 10.74
C LEU A 175 -5.93 24.56 10.68
N GLU A 176 -4.78 24.03 10.32
CA GLU A 176 -3.57 24.81 10.20
C GLU A 176 -2.54 24.03 9.40
N HIS A 177 -1.64 24.72 8.75
CA HIS A 177 -0.67 24.06 7.90
C HIS A 177 0.65 24.80 7.88
N HIS A 178 1.67 24.14 8.41
CA HIS A 178 3.03 24.64 8.29
C HIS A 178 3.49 24.42 6.85
N ILE A 1 -1.74 16.43 -49.79
CA ILE A 1 -1.47 15.12 -49.17
C ILE A 1 -0.98 15.30 -47.74
N ALA A 2 -1.53 14.51 -46.84
CA ALA A 2 -1.14 14.58 -45.44
C ALA A 2 -1.20 13.18 -44.80
N ALA A 3 -0.68 12.21 -45.52
CA ALA A 3 -0.65 10.84 -45.02
C ALA A 3 0.45 10.71 -43.98
N ALA A 4 0.06 10.57 -42.72
CA ALA A 4 1.02 10.52 -41.63
C ALA A 4 1.70 9.16 -41.55
N VAL A 5 2.96 9.12 -41.95
CA VAL A 5 3.76 7.92 -41.84
C VAL A 5 4.96 8.19 -40.95
N VAL A 6 4.81 9.19 -40.08
CA VAL A 6 5.85 9.58 -39.15
C VAL A 6 6.13 8.45 -38.16
N GLY A 7 7.38 8.04 -38.10
CA GLY A 7 7.76 7.00 -37.17
C GLY A 7 8.45 7.56 -35.96
N THR A 8 7.67 7.95 -34.97
CA THR A 8 8.19 8.50 -33.73
C THR A 8 8.82 7.40 -32.88
N ALA A 9 10.13 7.47 -32.71
CA ALA A 9 10.85 6.46 -31.96
C ALA A 9 11.90 7.10 -31.06
N ALA A 10 12.04 6.56 -29.86
CA ALA A 10 13.01 7.07 -28.91
C ALA A 10 13.31 6.01 -27.86
N VAL A 11 14.59 5.67 -27.72
CA VAL A 11 15.00 4.66 -26.76
C VAL A 11 15.59 5.32 -25.52
N GLY A 12 15.16 4.84 -24.35
CA GLY A 12 15.61 5.43 -23.11
C GLY A 12 16.71 4.62 -22.46
N THR A 13 17.78 5.30 -22.05
CA THR A 13 18.86 4.67 -21.35
C THR A 13 18.96 5.24 -19.93
N LYS A 14 19.04 4.37 -18.93
CA LYS A 14 19.11 4.81 -17.53
C LYS A 14 20.48 5.41 -17.20
N ALA A 15 20.73 6.59 -17.74
CA ALA A 15 21.97 7.31 -17.51
C ALA A 15 21.71 8.81 -17.54
N ALA A 16 21.15 9.28 -18.65
CA ALA A 16 20.84 10.70 -18.80
C ALA A 16 19.75 10.90 -19.86
N THR A 17 19.98 10.36 -21.04
CA THR A 17 19.02 10.47 -22.13
C THR A 17 17.90 9.43 -21.98
N ASP A 18 16.80 9.87 -21.36
CA ASP A 18 15.65 9.02 -21.17
C ASP A 18 14.41 9.62 -21.84
N PRO A 19 13.33 8.84 -21.99
CA PRO A 19 12.12 9.30 -22.64
C PRO A 19 11.16 10.05 -21.73
N ARG A 20 11.50 10.19 -20.46
CA ARG A 20 10.62 10.86 -19.51
C ARG A 20 11.42 11.73 -18.55
N SER A 21 12.26 12.60 -19.11
CA SER A 21 13.08 13.50 -18.31
C SER A 21 12.22 14.50 -17.53
N VAL A 22 11.07 14.85 -18.09
CA VAL A 22 10.14 15.74 -17.42
C VAL A 22 9.56 15.05 -16.18
N GLY A 23 9.21 15.85 -15.18
CA GLY A 23 8.55 15.32 -14.00
C GLY A 23 7.37 14.46 -14.35
N THR A 24 7.36 13.23 -13.86
CA THR A 24 6.34 12.27 -14.24
C THR A 24 4.96 12.74 -13.78
N GLN A 25 4.07 12.88 -14.75
CA GLN A 25 2.71 13.36 -14.47
C GLN A 25 1.84 12.22 -13.98
N VAL A 26 2.18 11.69 -12.81
CA VAL A 26 1.46 10.56 -12.24
C VAL A 26 0.48 11.04 -11.18
N ASP A 27 -0.79 10.76 -11.41
CA ASP A 27 -1.84 11.10 -10.45
C ASP A 27 -2.23 9.86 -9.67
N ASP A 28 -2.71 10.04 -8.44
CA ASP A 28 -3.08 8.92 -7.59
C ASP A 28 -4.14 8.06 -8.27
N GLY A 29 -5.23 8.69 -8.62
CA GLY A 29 -6.34 7.98 -9.23
C GLY A 29 -5.97 7.40 -10.57
N THR A 30 -5.11 8.10 -11.30
CA THR A 30 -4.64 7.62 -12.59
C THR A 30 -3.80 6.35 -12.43
N LEU A 31 -2.98 6.33 -11.38
CA LEU A 31 -2.18 5.14 -11.07
C LEU A 31 -3.11 4.00 -10.69
N GLU A 32 -4.13 4.30 -9.91
CA GLU A 32 -5.14 3.33 -9.53
C GLU A 32 -5.84 2.77 -10.78
N VAL A 33 -6.18 3.67 -11.70
CA VAL A 33 -6.83 3.28 -12.95
C VAL A 33 -5.94 2.35 -13.78
N ARG A 34 -4.65 2.69 -13.88
CA ARG A 34 -3.72 1.87 -14.64
C ARG A 34 -3.60 0.47 -14.04
N VAL A 35 -3.61 0.39 -12.70
CA VAL A 35 -3.56 -0.89 -12.01
C VAL A 35 -4.87 -1.64 -12.21
N ASN A 36 -5.97 -0.94 -11.97
CA ASN A 36 -7.32 -1.51 -12.11
C ASN A 36 -7.50 -2.13 -13.49
N SER A 37 -7.16 -1.36 -14.52
CA SER A 37 -7.35 -1.80 -15.89
C SER A 37 -6.38 -2.92 -16.26
N ALA A 38 -5.19 -2.92 -15.65
CA ALA A 38 -4.22 -3.99 -15.88
C ALA A 38 -4.71 -5.30 -15.25
N LEU A 39 -5.23 -5.19 -14.04
CA LEU A 39 -5.81 -6.34 -13.35
C LEU A 39 -6.98 -6.90 -14.15
N SER A 40 -7.77 -6.01 -14.73
CA SER A 40 -8.89 -6.40 -15.57
C SER A 40 -8.43 -6.84 -16.95
N LYS A 41 -7.16 -6.58 -17.27
CA LYS A 41 -6.57 -7.05 -18.53
C LYS A 41 -6.20 -8.51 -18.40
N ASP A 42 -5.86 -8.90 -17.18
CA ASP A 42 -5.66 -10.31 -16.85
C ASP A 42 -7.00 -10.97 -16.61
N GLU A 43 -7.03 -12.29 -16.63
CA GLU A 43 -8.25 -13.01 -16.33
C GLU A 43 -8.07 -13.82 -15.06
N GLN A 44 -7.07 -14.70 -15.03
CA GLN A 44 -6.86 -15.56 -13.86
C GLN A 44 -6.62 -14.72 -12.62
N ILE A 45 -6.02 -13.56 -12.80
CA ILE A 45 -5.79 -12.62 -11.72
C ILE A 45 -7.12 -12.18 -11.07
N LYS A 46 -8.16 -12.04 -11.87
CA LYS A 46 -9.47 -11.64 -11.35
C LYS A 46 -10.43 -12.83 -11.25
N LYS A 47 -10.05 -13.92 -11.90
CA LYS A 47 -10.86 -15.12 -11.95
C LYS A 47 -10.63 -15.98 -10.71
N GLU A 48 -9.36 -16.24 -10.41
CA GLU A 48 -9.01 -17.09 -9.29
C GLU A 48 -8.56 -16.24 -8.10
N ALA A 49 -8.15 -15.01 -8.40
CA ALA A 49 -7.66 -14.11 -7.38
C ALA A 49 -8.56 -12.87 -7.29
N ARG A 50 -8.50 -12.19 -6.15
CA ARG A 50 -9.25 -10.96 -5.98
C ARG A 50 -8.42 -9.96 -5.18
N ILE A 51 -8.03 -8.88 -5.81
CA ILE A 51 -7.20 -7.87 -5.20
C ILE A 51 -7.82 -6.50 -5.40
N ASN A 52 -7.70 -5.64 -4.40
CA ASN A 52 -8.25 -4.29 -4.50
C ASN A 52 -7.12 -3.27 -4.61
N VAL A 53 -7.40 -2.20 -5.34
CA VAL A 53 -6.38 -1.19 -5.65
C VAL A 53 -6.69 0.10 -4.90
N THR A 54 -5.70 0.59 -4.17
CA THR A 54 -5.81 1.85 -3.47
C THR A 54 -4.56 2.70 -3.69
N ALA A 55 -4.73 3.85 -4.32
CA ALA A 55 -3.59 4.74 -4.57
C ALA A 55 -3.75 6.06 -3.84
N TYR A 56 -2.65 6.57 -3.35
CA TYR A 56 -2.64 7.81 -2.61
C TYR A 56 -1.25 8.45 -2.69
N GLN A 57 -1.22 9.76 -2.92
CA GLN A 57 0.03 10.49 -3.14
C GLN A 57 0.63 10.10 -4.51
N GLY A 58 1.77 9.43 -4.49
CA GLY A 58 2.33 8.90 -5.73
C GLY A 58 2.59 7.40 -5.61
N LYS A 59 2.26 6.87 -4.44
CA LYS A 59 2.44 5.46 -4.14
C LYS A 59 1.10 4.74 -4.15
N VAL A 60 1.12 3.44 -4.40
CA VAL A 60 -0.11 2.67 -4.46
C VAL A 60 -0.03 1.41 -3.60
N LEU A 61 -1.14 1.05 -2.99
CA LEU A 61 -1.22 -0.13 -2.15
C LEU A 61 -2.30 -1.07 -2.67
N LEU A 62 -2.02 -2.35 -2.64
CA LEU A 62 -2.95 -3.37 -3.08
C LEU A 62 -3.20 -4.37 -1.96
N VAL A 63 -4.45 -4.73 -1.76
CA VAL A 63 -4.83 -5.67 -0.70
C VAL A 63 -5.87 -6.64 -1.22
N GLY A 64 -5.76 -7.91 -0.83
CA GLY A 64 -6.76 -8.87 -1.24
C GLY A 64 -6.38 -10.31 -0.97
N GLN A 65 -6.90 -11.21 -1.78
CA GLN A 65 -6.66 -12.65 -1.63
C GLN A 65 -6.37 -13.30 -2.97
N SER A 66 -5.61 -14.37 -2.95
CA SER A 66 -5.30 -15.12 -4.15
C SER A 66 -4.99 -16.57 -3.81
N PRO A 67 -5.15 -17.49 -4.76
CA PRO A 67 -4.78 -18.89 -4.54
C PRO A 67 -3.26 -19.06 -4.53
N ASN A 68 -2.59 -18.20 -5.27
CA ASN A 68 -1.14 -18.23 -5.37
C ASN A 68 -0.60 -16.81 -5.32
N ALA A 69 0.52 -16.64 -4.64
CA ALA A 69 1.14 -15.33 -4.49
C ALA A 69 1.59 -14.79 -5.84
N GLU A 70 1.93 -15.69 -6.75
CA GLU A 70 2.37 -15.34 -8.09
C GLU A 70 1.35 -14.45 -8.80
N LEU A 71 0.06 -14.74 -8.60
CA LEU A 71 -0.99 -14.01 -9.30
C LEU A 71 -1.03 -12.57 -8.84
N SER A 72 -0.99 -12.38 -7.53
CA SER A 72 -1.04 -11.06 -6.93
C SER A 72 0.22 -10.26 -7.26
N ALA A 73 1.37 -10.94 -7.24
CA ALA A 73 2.64 -10.29 -7.56
C ALA A 73 2.68 -9.90 -9.04
N ARG A 74 2.25 -10.83 -9.89
CA ARG A 74 2.16 -10.59 -11.33
C ARG A 74 1.20 -9.44 -11.60
N ALA A 75 0.13 -9.37 -10.82
CA ALA A 75 -0.83 -8.28 -10.93
C ALA A 75 -0.14 -6.95 -10.66
N LYS A 76 0.64 -6.89 -9.59
CA LYS A 76 1.33 -5.67 -9.21
C LYS A 76 2.29 -5.18 -10.31
N GLN A 77 3.11 -6.10 -10.83
CA GLN A 77 4.10 -5.73 -11.84
C GLN A 77 3.44 -5.34 -13.16
N ILE A 78 2.38 -6.05 -13.53
CA ILE A 78 1.64 -5.73 -14.74
C ILE A 78 0.85 -4.43 -14.58
N ALA A 79 0.41 -4.18 -13.35
CA ALA A 79 -0.37 -2.99 -13.01
C ALA A 79 0.42 -1.71 -13.23
N MET A 80 1.57 -1.60 -12.57
CA MET A 80 2.34 -0.36 -12.61
C MET A 80 3.41 -0.39 -13.70
N GLY A 81 4.02 -1.56 -13.91
CA GLY A 81 5.15 -1.64 -14.81
C GLY A 81 6.21 -0.62 -14.46
N VAL A 82 6.74 0.06 -15.45
CA VAL A 82 7.55 1.25 -15.19
C VAL A 82 6.78 2.49 -15.66
N ASP A 83 6.53 3.42 -14.74
CA ASP A 83 5.84 4.67 -15.08
C ASP A 83 5.58 5.55 -13.86
N GLY A 84 6.64 6.14 -13.32
CA GLY A 84 6.49 7.18 -12.31
C GLY A 84 6.16 6.69 -10.91
N ALA A 85 5.62 5.48 -10.79
CA ALA A 85 5.23 4.94 -9.48
C ALA A 85 6.45 4.82 -8.56
N ASN A 86 6.35 5.42 -7.39
CA ASN A 86 7.48 5.44 -6.45
C ASN A 86 7.55 4.15 -5.66
N GLU A 87 6.41 3.67 -5.20
CA GLU A 87 6.35 2.43 -4.43
C GLU A 87 4.97 1.81 -4.52
N VAL A 88 4.94 0.49 -4.58
CA VAL A 88 3.70 -0.26 -4.60
C VAL A 88 3.75 -1.34 -3.52
N TYR A 89 2.83 -1.28 -2.58
CA TYR A 89 2.77 -2.25 -1.50
C TYR A 89 1.60 -3.19 -1.71
N ASN A 90 1.90 -4.46 -1.84
CA ASN A 90 0.88 -5.45 -2.16
C ASN A 90 0.75 -6.47 -1.03
N GLU A 91 -0.32 -6.40 -0.27
CA GLU A 91 -0.54 -7.36 0.80
C GLU A 91 -1.71 -8.27 0.48
N ILE A 92 -1.41 -9.54 0.39
CA ILE A 92 -2.40 -10.56 0.10
C ILE A 92 -2.53 -11.53 1.26
N ARG A 93 -3.76 -11.88 1.62
CA ARG A 93 -3.99 -12.88 2.66
C ARG A 93 -3.74 -14.30 2.11
N GLN A 94 -2.54 -14.49 1.57
CA GLN A 94 -2.13 -15.76 1.00
C GLN A 94 -0.77 -16.15 1.55
N GLY A 95 -0.57 -17.44 1.79
CA GLY A 95 0.74 -17.92 2.15
C GLY A 95 0.79 -18.51 3.54
N GLN A 96 1.97 -18.45 4.15
CA GLN A 96 2.18 -19.00 5.47
C GLN A 96 2.54 -17.88 6.44
N PRO A 97 2.26 -18.07 7.75
CA PRO A 97 2.61 -17.09 8.78
C PRO A 97 4.12 -16.86 8.86
N ILE A 98 4.52 -15.69 9.35
CA ILE A 98 5.93 -15.35 9.51
C ILE A 98 6.62 -16.35 10.44
N GLY A 99 6.00 -16.58 11.59
CA GLY A 99 6.52 -17.51 12.56
C GLY A 99 5.52 -17.76 13.66
N LEU A 100 5.74 -18.81 14.44
CA LEU A 100 4.79 -19.22 15.47
C LEU A 100 4.50 -18.09 16.45
N GLY A 101 5.55 -17.48 16.97
CA GLY A 101 5.39 -16.43 17.97
C GLY A 101 4.93 -15.11 17.38
N GLU A 102 5.61 -14.65 16.35
CA GLU A 102 5.39 -13.30 15.82
C GLU A 102 4.06 -13.18 15.06
N ALA A 103 3.62 -14.25 14.41
CA ALA A 103 2.39 -14.18 13.62
C ALA A 103 1.18 -13.92 14.50
N SER A 104 1.11 -14.60 15.63
CA SER A 104 0.01 -14.39 16.57
C SER A 104 0.20 -13.07 17.33
N ASN A 105 1.45 -12.72 17.55
CA ASN A 105 1.79 -11.46 18.21
C ASN A 105 1.45 -10.28 17.31
N ASP A 106 1.64 -10.48 16.00
CA ASP A 106 1.37 -9.46 15.00
C ASP A 106 -0.06 -8.95 15.10
N THR A 107 -0.99 -9.88 15.13
CA THR A 107 -2.40 -9.53 15.17
C THR A 107 -2.78 -8.99 16.54
N TRP A 108 -2.08 -9.44 17.58
CA TRP A 108 -2.33 -8.95 18.93
C TRP A 108 -1.91 -7.49 19.04
N ILE A 109 -0.69 -7.19 18.60
CA ILE A 109 -0.18 -5.82 18.62
C ILE A 109 -1.06 -4.93 17.74
N THR A 110 -1.36 -5.43 16.54
CA THR A 110 -2.24 -4.72 15.62
C THR A 110 -3.60 -4.47 16.26
N THR A 111 -4.10 -5.46 16.99
CA THR A 111 -5.38 -5.36 17.64
C THR A 111 -5.36 -4.28 18.73
N LYS A 112 -4.31 -4.27 19.56
CA LYS A 112 -4.23 -3.33 20.66
C LYS A 112 -4.00 -1.91 20.18
N VAL A 113 -3.20 -1.73 19.13
CA VAL A 113 -2.98 -0.39 18.61
C VAL A 113 -4.28 0.16 18.03
N ARG A 114 -5.02 -0.70 17.33
CA ARG A 114 -6.33 -0.32 16.80
C ARG A 114 -7.32 -0.14 17.95
N SER A 115 -7.17 -0.92 19.01
CA SER A 115 -8.02 -0.80 20.19
C SER A 115 -7.97 0.61 20.77
N GLN A 116 -6.75 1.09 21.00
CA GLN A 116 -6.55 2.39 21.62
C GLN A 116 -6.83 3.51 20.63
N LEU A 117 -6.42 3.32 19.37
CA LEU A 117 -6.60 4.33 18.34
C LEU A 117 -8.08 4.61 18.08
N LEU A 118 -8.86 3.54 18.00
CA LEU A 118 -10.28 3.64 17.63
C LEU A 118 -11.11 4.37 18.68
N THR A 119 -10.61 4.42 19.92
CA THR A 119 -11.32 5.13 20.99
C THR A 119 -11.48 6.60 20.64
N SER A 120 -10.58 7.11 19.81
CA SER A 120 -10.69 8.45 19.28
C SER A 120 -11.71 8.47 18.14
N ASP A 121 -12.74 9.30 18.29
CA ASP A 121 -13.81 9.37 17.30
C ASP A 121 -13.32 9.92 15.97
N LEU A 122 -12.24 10.68 16.03
CA LEU A 122 -11.68 11.31 14.83
C LEU A 122 -10.91 10.27 14.01
N VAL A 123 -10.61 9.14 14.62
CA VAL A 123 -9.83 8.10 13.97
C VAL A 123 -10.74 7.07 13.30
N LYS A 124 -10.48 6.78 12.04
CA LYS A 124 -11.24 5.77 11.31
C LYS A 124 -10.41 4.52 11.10
N SER A 125 -11.00 3.37 11.40
CA SER A 125 -10.29 2.10 11.35
C SER A 125 -9.91 1.70 9.93
N SER A 126 -10.86 1.79 9.01
CA SER A 126 -10.65 1.37 7.64
C SER A 126 -9.95 2.44 6.82
N ASN A 127 -9.37 3.42 7.50
CA ASN A 127 -8.68 4.52 6.83
C ASN A 127 -7.17 4.31 6.86
N VAL A 128 -6.71 3.44 7.75
CA VAL A 128 -5.29 3.23 7.94
C VAL A 128 -4.94 1.74 7.87
N LYS A 129 -3.77 1.43 7.30
CA LYS A 129 -3.28 0.06 7.25
C LYS A 129 -2.23 -0.16 8.33
N VAL A 130 -2.52 -1.05 9.25
CA VAL A 130 -1.56 -1.41 10.30
C VAL A 130 -1.25 -2.90 10.21
N THR A 131 0.03 -3.21 10.16
CA THR A 131 0.48 -4.57 10.01
C THR A 131 1.75 -4.80 10.83
N THR A 132 1.84 -5.91 11.51
CA THR A 132 3.02 -6.20 12.30
C THR A 132 3.88 -7.28 11.65
N GLU A 133 5.16 -6.99 11.52
CA GLU A 133 6.12 -7.91 10.97
C GLU A 133 7.10 -8.34 12.06
N ASN A 134 8.05 -9.19 11.70
CA ASN A 134 9.05 -9.69 12.67
C ASN A 134 9.76 -8.56 13.41
N GLY A 135 9.24 -8.23 14.59
CA GLY A 135 9.88 -7.24 15.44
C GLY A 135 9.59 -5.81 15.02
N GLU A 136 8.87 -5.64 13.93
CA GLU A 136 8.65 -4.32 13.36
C GLU A 136 7.19 -4.13 12.98
N VAL A 137 6.62 -2.99 13.36
CA VAL A 137 5.25 -2.67 12.99
C VAL A 137 5.23 -1.68 11.84
N PHE A 138 4.35 -1.89 10.89
CA PHE A 138 4.23 -1.02 9.74
C PHE A 138 2.88 -0.31 9.75
N LEU A 139 2.91 1.00 9.57
CA LEU A 139 1.67 1.76 9.44
C LEU A 139 1.68 2.50 8.11
N MET A 140 0.53 2.53 7.46
CA MET A 140 0.45 3.07 6.11
C MET A 140 -0.94 3.65 5.84
N GLY A 141 -0.98 4.68 5.02
CA GLY A 141 -2.24 5.25 4.61
C GLY A 141 -2.31 6.74 4.84
N LEU A 142 -3.27 7.39 4.21
CA LEU A 142 -3.43 8.82 4.35
C LEU A 142 -4.49 9.13 5.41
N VAL A 143 -4.12 9.88 6.43
CA VAL A 143 -5.03 10.24 7.51
C VAL A 143 -4.77 11.68 7.93
N THR A 144 -5.63 12.26 8.71
CA THR A 144 -5.40 13.63 9.15
C THR A 144 -4.45 13.66 10.34
N GLU A 145 -4.16 14.85 10.83
CA GLU A 145 -3.24 15.01 11.94
C GLU A 145 -3.82 14.38 13.20
N ARG A 146 -5.15 14.41 13.31
CA ARG A 146 -5.82 13.82 14.45
C ARG A 146 -5.58 12.32 14.51
N GLU A 147 -5.78 11.67 13.37
CA GLU A 147 -5.59 10.22 13.25
C GLU A 147 -4.11 9.88 13.39
N ALA A 148 -3.26 10.68 12.75
CA ALA A 148 -1.82 10.44 12.78
C ALA A 148 -1.24 10.61 14.17
N LYS A 149 -1.66 11.67 14.86
CA LYS A 149 -1.16 11.95 16.20
C LYS A 149 -1.61 10.90 17.19
N ALA A 150 -2.82 10.38 16.99
CA ALA A 150 -3.33 9.30 17.82
C ALA A 150 -2.54 8.02 17.57
N ALA A 151 -2.24 7.76 16.30
CA ALA A 151 -1.46 6.60 15.90
C ALA A 151 -0.06 6.66 16.51
N ALA A 152 0.57 7.83 16.39
CA ALA A 152 1.91 8.05 16.94
C ALA A 152 1.92 7.78 18.44
N ASP A 153 0.98 8.39 19.14
CA ASP A 153 0.90 8.28 20.59
C ASP A 153 0.78 6.81 21.02
N ILE A 154 -0.13 6.09 20.37
CA ILE A 154 -0.33 4.68 20.69
C ILE A 154 0.93 3.87 20.36
N ALA A 155 1.58 4.23 19.26
CA ALA A 155 2.81 3.55 18.85
C ALA A 155 3.90 3.67 19.91
N SER A 156 3.92 4.79 20.63
CA SER A 156 4.89 4.98 21.70
C SER A 156 4.46 4.26 22.97
N ARG A 157 3.16 4.11 23.16
CA ARG A 157 2.62 3.52 24.38
C ARG A 157 2.67 2.00 24.33
N VAL A 158 2.53 1.44 23.14
CA VAL A 158 2.59 0.00 22.96
C VAL A 158 4.04 -0.49 23.12
N SER A 159 4.28 -1.25 24.17
CA SER A 159 5.59 -1.78 24.45
C SER A 159 5.76 -3.18 23.84
N GLY A 160 6.93 -3.78 24.04
CA GLY A 160 7.16 -5.15 23.57
C GLY A 160 7.76 -5.20 22.19
N VAL A 161 7.22 -4.40 21.28
CA VAL A 161 7.70 -4.37 19.91
C VAL A 161 9.04 -3.64 19.83
N LYS A 162 9.91 -4.11 18.95
CA LYS A 162 11.28 -3.60 18.90
C LYS A 162 11.37 -2.34 18.05
N ARG A 163 10.75 -2.35 16.87
CA ARG A 163 10.81 -1.19 15.99
C ARG A 163 9.48 -0.97 15.29
N VAL A 164 9.25 0.26 14.85
CA VAL A 164 8.02 0.60 14.14
C VAL A 164 8.31 1.57 12.98
N THR A 165 7.72 1.30 11.83
CA THR A 165 7.80 2.21 10.69
C THR A 165 6.46 2.90 10.51
N THR A 166 6.48 4.22 10.40
CA THR A 166 5.26 4.99 10.32
C THR A 166 5.33 6.04 9.23
N ALA A 167 4.62 5.82 8.13
CA ALA A 167 4.50 6.84 7.10
C ALA A 167 3.41 7.82 7.48
N PHE A 168 3.79 8.90 8.13
CA PHE A 168 2.81 9.88 8.58
C PHE A 168 2.42 10.75 7.40
N THR A 169 1.21 10.55 6.94
CA THR A 169 0.69 11.25 5.79
C THR A 169 -0.62 11.90 6.15
N PHE A 170 -0.70 13.22 6.02
CA PHE A 170 -1.86 13.98 6.48
C PHE A 170 -2.83 14.28 5.33
N ILE A 171 -4.09 13.94 5.55
CA ILE A 171 -5.15 14.27 4.60
C ILE A 171 -5.68 15.67 4.89
N LYS A 172 -5.24 16.63 4.07
CA LYS A 172 -5.66 18.05 4.16
C LYS A 172 -5.91 18.55 5.60
N GLY A 173 -5.26 17.91 6.57
CA GLY A 173 -5.64 18.04 7.98
C GLY A 173 -7.12 18.31 8.19
N GLY A 174 -7.96 17.49 7.56
CA GLY A 174 -9.39 17.69 7.63
C GLY A 174 -9.84 18.77 6.68
N LEU A 175 -9.39 19.99 6.95
CA LEU A 175 -9.61 21.14 6.09
C LEU A 175 -9.08 22.40 6.76
N GLU A 176 -7.96 22.89 6.28
CA GLU A 176 -7.36 24.09 6.84
C GLU A 176 -7.67 25.29 5.94
N HIS A 177 -7.51 26.48 6.48
CA HIS A 177 -7.83 27.69 5.75
C HIS A 177 -6.72 28.71 5.90
N HIS A 178 -6.44 29.43 4.82
CA HIS A 178 -5.43 30.48 4.85
C HIS A 178 -6.10 31.83 5.08
N ILE A 1 -19.68 47.06 -63.83
CA ILE A 1 -19.26 47.03 -62.42
C ILE A 1 -17.77 46.76 -62.31
N ALA A 2 -17.13 47.41 -61.34
CA ALA A 2 -15.74 47.14 -61.03
C ALA A 2 -15.65 46.29 -59.76
N ALA A 3 -15.46 44.99 -59.93
CA ALA A 3 -15.50 44.07 -58.81
C ALA A 3 -14.11 43.59 -58.42
N ALA A 4 -13.60 44.13 -57.31
CA ALA A 4 -12.37 43.65 -56.71
C ALA A 4 -12.61 43.37 -55.23
N VAL A 5 -12.31 42.14 -54.81
CA VAL A 5 -12.63 41.72 -53.46
C VAL A 5 -11.37 41.45 -52.64
N VAL A 6 -10.53 40.55 -53.14
CA VAL A 6 -9.39 40.07 -52.37
C VAL A 6 -8.07 40.48 -53.02
N GLY A 7 -7.28 41.26 -52.29
CA GLY A 7 -5.98 41.66 -52.78
C GLY A 7 -4.91 40.65 -52.40
N THR A 8 -4.50 40.68 -51.14
CA THR A 8 -3.49 39.78 -50.64
C THR A 8 -4.12 38.58 -49.93
N ALA A 9 -3.42 37.46 -49.93
CA ALA A 9 -3.90 36.24 -49.27
C ALA A 9 -2.84 35.72 -48.29
N ALA A 10 -3.18 34.67 -47.57
CA ALA A 10 -2.27 34.09 -46.59
C ALA A 10 -1.46 32.96 -47.20
N VAL A 11 -0.43 32.51 -46.48
CA VAL A 11 0.40 31.42 -46.95
C VAL A 11 -0.22 30.06 -46.59
N GLY A 12 0.29 29.44 -45.53
CA GLY A 12 -0.23 28.15 -45.12
C GLY A 12 0.70 27.44 -44.14
N THR A 13 0.58 27.77 -42.87
CA THR A 13 1.38 27.14 -41.83
C THR A 13 0.95 25.68 -41.63
N LYS A 14 1.91 24.77 -41.71
CA LYS A 14 1.63 23.34 -41.63
C LYS A 14 2.19 22.76 -40.33
N ALA A 15 2.61 23.62 -39.43
CA ALA A 15 3.18 23.20 -38.16
C ALA A 15 2.34 23.70 -37.00
N ALA A 16 1.74 22.76 -36.27
CA ALA A 16 0.97 23.08 -35.08
C ALA A 16 1.86 23.69 -34.01
N THR A 17 3.14 23.33 -34.06
CA THR A 17 4.15 23.85 -33.14
C THR A 17 3.79 23.49 -31.70
N ASP A 18 3.86 22.21 -31.42
CA ASP A 18 3.51 21.69 -30.11
C ASP A 18 4.73 21.60 -29.21
N PRO A 19 4.58 22.05 -27.96
CA PRO A 19 5.65 22.01 -26.96
C PRO A 19 5.99 20.58 -26.51
N ARG A 20 5.02 19.67 -26.67
CA ARG A 20 5.14 18.30 -26.20
C ARG A 20 5.39 18.27 -24.70
N SER A 21 4.54 18.97 -23.96
CA SER A 21 4.72 19.10 -22.52
C SER A 21 4.25 17.85 -21.79
N VAL A 22 3.23 17.20 -22.32
CA VAL A 22 2.71 15.99 -21.69
C VAL A 22 3.51 14.78 -22.14
N GLY A 23 4.51 14.43 -21.34
CA GLY A 23 5.36 13.31 -21.66
C GLY A 23 5.59 12.42 -20.46
N THR A 24 6.30 12.94 -19.48
CA THR A 24 6.55 12.21 -18.25
C THR A 24 6.04 12.99 -17.05
N GLN A 25 4.96 12.49 -16.45
CA GLN A 25 4.35 13.12 -15.30
C GLN A 25 3.63 12.07 -14.47
N VAL A 26 4.08 11.88 -13.23
CA VAL A 26 3.56 10.83 -12.37
C VAL A 26 2.24 11.26 -11.75
N ASP A 27 1.35 10.30 -11.52
CA ASP A 27 0.04 10.59 -10.96
C ASP A 27 -0.45 9.42 -10.12
N ASP A 28 -1.09 9.73 -9.00
CA ASP A 28 -1.66 8.70 -8.15
C ASP A 28 -2.82 8.02 -8.82
N GLY A 29 -3.79 8.81 -9.24
CA GLY A 29 -4.99 8.26 -9.82
C GLY A 29 -4.73 7.64 -11.18
N THR A 30 -3.77 8.17 -11.90
CA THR A 30 -3.36 7.60 -13.18
C THR A 30 -2.73 6.22 -12.95
N LEU A 31 -1.89 6.11 -11.91
CA LEU A 31 -1.31 4.84 -11.52
C LEU A 31 -2.41 3.85 -11.12
N GLU A 32 -3.39 4.36 -10.37
CA GLU A 32 -4.55 3.58 -9.96
C GLU A 32 -5.26 3.01 -11.19
N VAL A 33 -5.52 3.86 -12.16
CA VAL A 33 -6.18 3.45 -13.39
C VAL A 33 -5.33 2.44 -14.15
N ARG A 34 -4.03 2.71 -14.25
CA ARG A 34 -3.10 1.84 -14.97
C ARG A 34 -3.15 0.40 -14.43
N VAL A 35 -2.94 0.25 -13.13
CA VAL A 35 -2.91 -1.07 -12.52
C VAL A 35 -4.30 -1.72 -12.53
N ASN A 36 -5.33 -0.89 -12.39
CA ASN A 36 -6.72 -1.36 -12.47
C ASN A 36 -6.99 -1.96 -13.84
N SER A 37 -6.54 -1.25 -14.86
CA SER A 37 -6.74 -1.68 -16.24
C SER A 37 -6.05 -3.01 -16.51
N ALA A 38 -4.85 -3.19 -15.96
CA ALA A 38 -4.12 -4.45 -16.12
C ALA A 38 -4.76 -5.57 -15.32
N LEU A 39 -5.27 -5.23 -14.14
CA LEU A 39 -5.99 -6.19 -13.30
C LEU A 39 -7.22 -6.71 -14.05
N SER A 40 -7.93 -5.82 -14.72
CA SER A 40 -9.10 -6.20 -15.51
C SER A 40 -8.67 -6.83 -16.84
N LYS A 41 -7.39 -6.70 -17.18
CA LYS A 41 -6.86 -7.29 -18.40
C LYS A 41 -6.69 -8.79 -18.20
N ASP A 42 -6.26 -9.17 -17.01
CA ASP A 42 -6.24 -10.57 -16.62
C ASP A 42 -7.64 -11.03 -16.32
N GLU A 43 -7.90 -12.31 -16.47
CA GLU A 43 -9.18 -12.85 -16.07
C GLU A 43 -9.06 -13.58 -14.77
N GLN A 44 -8.16 -14.56 -14.70
CA GLN A 44 -8.05 -15.41 -13.52
C GLN A 44 -7.72 -14.57 -12.29
N ILE A 45 -6.97 -13.50 -12.50
CA ILE A 45 -6.64 -12.57 -11.43
C ILE A 45 -7.90 -11.95 -10.83
N LYS A 46 -8.91 -11.68 -11.66
CA LYS A 46 -10.17 -11.12 -11.17
C LYS A 46 -11.25 -12.20 -11.11
N LYS A 47 -10.89 -13.40 -11.52
CA LYS A 47 -11.82 -14.53 -11.53
C LYS A 47 -11.81 -15.22 -10.17
N GLU A 48 -10.62 -15.50 -9.68
CA GLU A 48 -10.46 -16.23 -8.43
C GLU A 48 -9.89 -15.33 -7.33
N ALA A 49 -9.35 -14.19 -7.72
CA ALA A 49 -8.67 -13.32 -6.78
C ALA A 49 -9.37 -11.98 -6.68
N ARG A 50 -9.45 -11.45 -5.48
CA ARG A 50 -10.03 -10.14 -5.27
C ARG A 50 -9.00 -9.23 -4.62
N ILE A 51 -8.57 -8.23 -5.36
CA ILE A 51 -7.56 -7.30 -4.89
C ILE A 51 -8.07 -5.87 -5.02
N ASN A 52 -7.70 -5.03 -4.08
CA ASN A 52 -8.09 -3.64 -4.11
C ASN A 52 -6.89 -2.77 -4.41
N VAL A 53 -7.10 -1.75 -5.23
CA VAL A 53 -6.02 -0.89 -5.66
C VAL A 53 -6.17 0.49 -5.03
N THR A 54 -5.15 0.90 -4.30
CA THR A 54 -5.13 2.22 -3.70
C THR A 54 -3.82 2.93 -4.04
N ALA A 55 -3.92 4.05 -4.73
CA ALA A 55 -2.74 4.83 -5.05
C ALA A 55 -2.83 6.21 -4.42
N TYR A 56 -1.74 6.63 -3.81
CA TYR A 56 -1.69 7.91 -3.12
C TYR A 56 -0.25 8.41 -3.11
N GLN A 57 -0.08 9.70 -3.38
CA GLN A 57 1.23 10.35 -3.31
C GLN A 57 2.22 9.78 -4.36
N GLY A 58 1.68 9.06 -5.35
CA GLY A 58 2.52 8.49 -6.37
C GLY A 58 2.98 7.08 -6.02
N LYS A 59 2.66 6.65 -4.81
CA LYS A 59 2.98 5.32 -4.34
C LYS A 59 1.73 4.46 -4.38
N VAL A 60 1.88 3.15 -4.53
CA VAL A 60 0.74 2.26 -4.63
C VAL A 60 0.67 1.29 -3.47
N LEU A 61 -0.55 1.11 -2.97
CA LEU A 61 -0.83 0.14 -1.93
C LEU A 61 -1.96 -0.77 -2.42
N LEU A 62 -1.68 -2.04 -2.56
CA LEU A 62 -2.67 -2.99 -3.01
C LEU A 62 -2.88 -4.05 -1.93
N VAL A 63 -4.13 -4.37 -1.68
CA VAL A 63 -4.48 -5.31 -0.62
C VAL A 63 -5.64 -6.19 -1.04
N GLY A 64 -5.73 -7.39 -0.50
CA GLY A 64 -6.87 -8.23 -0.80
C GLY A 64 -6.69 -9.68 -0.39
N GLN A 65 -7.55 -10.52 -0.94
CA GLN A 65 -7.54 -11.95 -0.64
C GLN A 65 -7.62 -12.75 -1.92
N SER A 66 -6.80 -13.79 -2.03
CA SER A 66 -6.76 -14.62 -3.22
C SER A 66 -6.37 -16.05 -2.84
N PRO A 67 -6.76 -17.06 -3.64
CA PRO A 67 -6.32 -18.44 -3.44
C PRO A 67 -4.84 -18.60 -3.74
N ASN A 68 -4.37 -17.83 -4.71
CA ASN A 68 -2.95 -17.77 -5.04
C ASN A 68 -2.45 -16.36 -4.88
N ALA A 69 -1.41 -16.20 -4.08
CA ALA A 69 -0.76 -14.90 -3.91
C ALA A 69 -0.02 -14.54 -5.19
N GLU A 70 0.40 -15.56 -5.92
CA GLU A 70 1.11 -15.41 -7.17
C GLU A 70 0.29 -14.58 -8.16
N LEU A 71 -1.03 -14.77 -8.17
CA LEU A 71 -1.90 -14.04 -9.06
C LEU A 71 -1.85 -12.54 -8.74
N SER A 72 -1.99 -12.24 -7.47
CA SER A 72 -1.98 -10.88 -6.98
C SER A 72 -0.62 -10.21 -7.22
N ALA A 73 0.45 -10.96 -6.98
CA ALA A 73 1.80 -10.44 -7.19
C ALA A 73 2.06 -10.15 -8.66
N ARG A 74 1.72 -11.10 -9.52
CA ARG A 74 1.88 -10.96 -10.96
C ARG A 74 1.06 -9.75 -11.45
N ALA A 75 -0.12 -9.61 -10.88
CA ALA A 75 -0.99 -8.48 -11.21
C ALA A 75 -0.27 -7.16 -10.94
N LYS A 76 0.26 -7.02 -9.73
CA LYS A 76 0.93 -5.80 -9.32
C LYS A 76 2.10 -5.45 -10.25
N GLN A 77 3.01 -6.41 -10.44
CA GLN A 77 4.23 -6.16 -11.20
C GLN A 77 3.91 -5.77 -12.64
N ILE A 78 3.10 -6.58 -13.30
CA ILE A 78 2.78 -6.37 -14.71
C ILE A 78 1.97 -5.08 -14.89
N ALA A 79 1.16 -4.75 -13.90
CA ALA A 79 0.32 -3.57 -13.97
C ALA A 79 1.13 -2.28 -13.89
N MET A 80 1.96 -2.16 -12.85
CA MET A 80 2.71 -0.93 -12.63
C MET A 80 3.77 -0.73 -13.71
N GLY A 81 4.52 -1.79 -14.03
CA GLY A 81 5.60 -1.68 -15.00
C GLY A 81 6.46 -0.45 -14.76
N VAL A 82 6.66 0.34 -15.81
CA VAL A 82 7.31 1.63 -15.66
C VAL A 82 6.31 2.76 -15.86
N ASP A 83 6.18 3.63 -14.87
CA ASP A 83 5.32 4.81 -14.96
C ASP A 83 5.59 5.79 -13.83
N GLY A 84 6.78 5.70 -13.25
CA GLY A 84 7.17 6.63 -12.22
C GLY A 84 6.71 6.23 -10.84
N ALA A 85 6.32 4.97 -10.68
CA ALA A 85 5.90 4.46 -9.37
C ALA A 85 7.08 4.48 -8.42
N ASN A 86 6.98 5.27 -7.37
CA ASN A 86 8.08 5.42 -6.42
C ASN A 86 8.05 4.32 -5.36
N GLU A 87 6.85 3.86 -5.02
CA GLU A 87 6.69 2.80 -4.03
C GLU A 87 5.53 1.91 -4.40
N VAL A 88 5.67 0.62 -4.15
CA VAL A 88 4.62 -0.35 -4.44
C VAL A 88 4.55 -1.40 -3.35
N TYR A 89 3.43 -1.48 -2.67
CA TYR A 89 3.22 -2.47 -1.62
C TYR A 89 1.97 -3.27 -1.90
N ASN A 90 2.12 -4.58 -2.04
CA ASN A 90 1.00 -5.46 -2.29
C ASN A 90 0.87 -6.47 -1.15
N GLU A 91 -0.19 -6.38 -0.37
CA GLU A 91 -0.42 -7.35 0.69
C GLU A 91 -1.69 -8.15 0.41
N ILE A 92 -1.50 -9.44 0.25
CA ILE A 92 -2.59 -10.37 0.07
C ILE A 92 -2.63 -11.34 1.24
N ARG A 93 -3.81 -11.60 1.79
CA ARG A 93 -3.94 -12.51 2.92
C ARG A 93 -3.88 -13.97 2.46
N GLN A 94 -2.82 -14.31 1.72
CA GLN A 94 -2.60 -15.67 1.27
C GLN A 94 -1.19 -16.11 1.60
N GLY A 95 -1.03 -17.37 1.98
CA GLY A 95 0.28 -17.88 2.33
C GLY A 95 0.35 -18.27 3.79
N GLN A 96 1.55 -18.25 4.34
CA GLN A 96 1.75 -18.62 5.73
C GLN A 96 2.53 -17.51 6.44
N PRO A 97 2.30 -17.34 7.75
CA PRO A 97 2.96 -16.29 8.54
C PRO A 97 4.47 -16.49 8.63
N ILE A 98 5.15 -15.46 9.14
CA ILE A 98 6.60 -15.49 9.30
C ILE A 98 7.02 -16.57 10.31
N GLY A 99 6.12 -16.92 11.21
CA GLY A 99 6.38 -17.95 12.18
C GLY A 99 5.29 -18.04 13.21
N LEU A 100 4.96 -19.26 13.62
CA LEU A 100 3.87 -19.50 14.57
C LEU A 100 4.07 -18.72 15.86
N GLY A 101 5.31 -18.66 16.34
CA GLY A 101 5.59 -17.98 17.58
C GLY A 101 5.57 -16.46 17.44
N GLU A 102 6.30 -15.94 16.47
CA GLU A 102 6.45 -14.50 16.32
C GLU A 102 5.20 -13.85 15.75
N ALA A 103 4.60 -14.47 14.74
CA ALA A 103 3.44 -13.89 14.06
C ALA A 103 2.26 -13.73 15.00
N SER A 104 2.14 -14.63 15.96
CA SER A 104 1.07 -14.54 16.95
C SER A 104 1.25 -13.26 17.79
N ASN A 105 2.51 -12.91 18.07
CA ASN A 105 2.81 -11.68 18.78
C ASN A 105 2.67 -10.48 17.83
N ASP A 106 3.14 -10.67 16.62
CA ASP A 106 3.09 -9.64 15.58
C ASP A 106 1.64 -9.17 15.38
N THR A 107 0.74 -10.12 15.21
CA THR A 107 -0.68 -9.82 15.07
C THR A 107 -1.24 -9.26 16.37
N TRP A 108 -0.76 -9.77 17.49
CA TRP A 108 -1.20 -9.33 18.81
C TRP A 108 -0.90 -7.84 19.00
N ILE A 109 0.32 -7.43 18.68
CA ILE A 109 0.71 -6.02 18.76
C ILE A 109 -0.13 -5.19 17.80
N THR A 110 -0.29 -5.70 16.58
CA THR A 110 -1.13 -5.03 15.59
C THR A 110 -2.56 -4.89 16.12
N THR A 111 -2.98 -5.88 16.90
CA THR A 111 -4.32 -5.87 17.47
C THR A 111 -4.48 -4.72 18.48
N LYS A 112 -3.47 -4.52 19.34
CA LYS A 112 -3.55 -3.44 20.33
C LYS A 112 -3.60 -2.09 19.65
N VAL A 113 -2.67 -1.84 18.73
CA VAL A 113 -2.61 -0.55 18.06
C VAL A 113 -3.89 -0.33 17.24
N ARG A 114 -4.41 -1.40 16.65
CA ARG A 114 -5.69 -1.33 15.94
C ARG A 114 -6.81 -0.97 16.91
N SER A 115 -6.86 -1.68 18.03
CA SER A 115 -7.87 -1.46 19.05
C SER A 115 -7.93 0.01 19.47
N GLN A 116 -6.76 0.56 19.82
CA GLN A 116 -6.68 1.93 20.30
C GLN A 116 -7.00 2.94 19.19
N LEU A 117 -6.63 2.60 17.97
CA LEU A 117 -6.95 3.44 16.82
C LEU A 117 -8.45 3.44 16.56
N LEU A 118 -9.05 2.26 16.61
CA LEU A 118 -10.48 2.10 16.31
C LEU A 118 -11.35 2.70 17.42
N THR A 119 -10.83 2.72 18.65
CA THR A 119 -11.56 3.34 19.76
C THR A 119 -11.66 4.85 19.58
N SER A 120 -10.83 5.38 18.70
CA SER A 120 -10.83 6.80 18.41
C SER A 120 -11.85 7.12 17.33
N ASP A 121 -12.78 8.00 17.66
CA ASP A 121 -13.89 8.36 16.78
C ASP A 121 -13.38 8.95 15.46
N LEU A 122 -12.23 9.62 15.51
CA LEU A 122 -11.69 10.29 14.34
C LEU A 122 -11.02 9.31 13.36
N VAL A 123 -10.69 8.12 13.85
CA VAL A 123 -9.95 7.16 13.04
C VAL A 123 -10.91 6.17 12.38
N LYS A 124 -10.71 5.95 11.09
CA LYS A 124 -11.54 5.03 10.33
C LYS A 124 -10.84 3.70 10.15
N SER A 125 -11.62 2.62 10.21
CA SER A 125 -11.08 1.27 10.12
C SER A 125 -10.46 1.00 8.75
N SER A 126 -11.20 1.32 7.70
CA SER A 126 -10.74 1.08 6.34
C SER A 126 -9.99 2.30 5.78
N ASN A 127 -9.03 2.80 6.54
CA ASN A 127 -8.30 3.99 6.15
C ASN A 127 -6.79 3.79 6.29
N VAL A 128 -6.35 3.39 7.48
CA VAL A 128 -4.92 3.27 7.74
C VAL A 128 -4.49 1.80 7.79
N LYS A 129 -3.32 1.53 7.23
CA LYS A 129 -2.76 0.18 7.22
C LYS A 129 -1.72 0.02 8.30
N VAL A 130 -1.89 -1.01 9.14
CA VAL A 130 -0.93 -1.33 10.17
C VAL A 130 -0.48 -2.78 10.03
N THR A 131 0.82 -3.01 10.05
CA THR A 131 1.35 -4.35 9.94
C THR A 131 2.57 -4.53 10.85
N THR A 132 2.63 -5.66 11.54
CA THR A 132 3.77 -6.00 12.35
C THR A 132 4.38 -7.32 11.88
N GLU A 133 5.70 -7.34 11.71
CA GLU A 133 6.39 -8.58 11.43
C GLU A 133 7.72 -8.61 12.19
N ASN A 134 7.96 -9.72 12.87
CA ASN A 134 9.20 -9.94 13.61
C ASN A 134 9.45 -8.85 14.65
N GLY A 135 8.36 -8.35 15.23
CA GLY A 135 8.48 -7.32 16.25
C GLY A 135 8.61 -5.92 15.67
N GLU A 136 8.60 -5.83 14.35
CA GLU A 136 8.72 -4.55 13.68
C GLU A 136 7.36 -4.10 13.14
N VAL A 137 6.89 -2.95 13.61
CA VAL A 137 5.59 -2.44 13.23
C VAL A 137 5.72 -1.34 12.19
N PHE A 138 4.89 -1.40 11.16
CA PHE A 138 4.87 -0.38 10.13
C PHE A 138 3.46 0.13 9.92
N LEU A 139 3.33 1.43 9.66
CA LEU A 139 2.04 2.04 9.39
C LEU A 139 2.07 2.74 8.04
N MET A 140 0.98 2.63 7.29
CA MET A 140 0.95 3.10 5.92
C MET A 140 -0.41 3.70 5.55
N GLY A 141 -0.41 4.52 4.51
CA GLY A 141 -1.65 5.06 3.97
C GLY A 141 -1.71 6.56 4.04
N LEU A 142 -2.90 7.11 3.86
CA LEU A 142 -3.11 8.55 3.94
C LEU A 142 -4.22 8.83 4.95
N VAL A 143 -3.88 9.63 5.96
CA VAL A 143 -4.82 10.01 7.01
C VAL A 143 -4.58 11.47 7.34
N THR A 144 -5.41 12.08 8.18
CA THR A 144 -5.16 13.46 8.56
C THR A 144 -4.22 13.51 9.76
N GLU A 145 -3.90 14.71 10.21
CA GLU A 145 -2.97 14.88 11.32
C GLU A 145 -3.58 14.36 12.61
N ARG A 146 -4.91 14.42 12.71
CA ARG A 146 -5.62 13.90 13.88
C ARG A 146 -5.43 12.39 13.98
N GLU A 147 -5.55 11.69 12.85
CA GLU A 147 -5.36 10.25 12.82
C GLU A 147 -3.89 9.90 12.93
N ALA A 148 -3.05 10.71 12.29
CA ALA A 148 -1.60 10.53 12.35
C ALA A 148 -1.09 10.64 13.79
N LYS A 149 -1.54 11.67 14.49
CA LYS A 149 -1.14 11.89 15.87
C LYS A 149 -1.73 10.81 16.78
N ALA A 150 -2.89 10.29 16.43
CA ALA A 150 -3.50 9.21 17.17
C ALA A 150 -2.66 7.94 17.05
N ALA A 151 -2.20 7.68 15.83
CA ALA A 151 -1.36 6.53 15.56
C ALA A 151 -0.02 6.64 16.30
N ALA A 152 0.60 7.82 16.19
CA ALA A 152 1.87 8.08 16.85
C ALA A 152 1.71 7.97 18.37
N ASP A 153 0.60 8.50 18.88
CA ASP A 153 0.27 8.42 20.30
C ASP A 153 0.27 6.98 20.77
N ILE A 154 -0.52 6.16 20.09
CA ILE A 154 -0.66 4.76 20.45
C ILE A 154 0.64 3.99 20.28
N ALA A 155 1.39 4.32 19.23
CA ALA A 155 2.68 3.68 18.97
C ALA A 155 3.67 3.94 20.10
N SER A 156 3.50 5.08 20.76
CA SER A 156 4.34 5.44 21.91
C SER A 156 3.71 4.92 23.21
N ARG A 157 2.40 4.79 23.21
CA ARG A 157 1.65 4.40 24.40
C ARG A 157 1.70 2.88 24.62
N VAL A 158 1.69 2.12 23.53
CA VAL A 158 1.74 0.67 23.62
C VAL A 158 3.15 0.19 23.94
N SER A 159 3.33 -0.28 25.16
CA SER A 159 4.63 -0.78 25.59
C SER A 159 4.76 -2.26 25.21
N GLY A 160 5.83 -2.59 24.52
CA GLY A 160 6.05 -3.95 24.07
C GLY A 160 6.48 -4.01 22.63
N VAL A 161 6.37 -2.88 21.93
CA VAL A 161 6.80 -2.80 20.54
C VAL A 161 8.31 -2.67 20.48
N LYS A 162 8.93 -3.42 19.57
CA LYS A 162 10.38 -3.38 19.42
C LYS A 162 10.77 -2.21 18.52
N ARG A 163 10.08 -2.09 17.40
CA ARG A 163 10.30 -0.97 16.49
C ARG A 163 9.02 -0.63 15.77
N VAL A 164 8.82 0.65 15.51
CA VAL A 164 7.65 1.10 14.78
C VAL A 164 8.02 2.21 13.80
N THR A 165 7.70 2.00 12.53
CA THR A 165 7.94 3.00 11.52
C THR A 165 6.62 3.63 11.09
N THR A 166 6.57 4.94 11.09
CA THR A 166 5.34 5.65 10.77
C THR A 166 5.55 6.63 9.62
N ALA A 167 4.86 6.40 8.52
CA ALA A 167 4.86 7.33 7.41
C ALA A 167 3.88 8.45 7.71
N PHE A 168 4.39 9.64 7.98
CA PHE A 168 3.53 10.77 8.32
C PHE A 168 2.96 11.38 7.05
N THR A 169 1.67 11.17 6.85
CA THR A 169 0.97 11.67 5.69
C THR A 169 -0.33 12.34 6.14
N PHE A 170 -0.70 13.43 5.49
CA PHE A 170 -1.89 14.17 5.91
C PHE A 170 -2.89 14.32 4.76
N ILE A 171 -4.10 13.81 4.96
CA ILE A 171 -5.18 13.98 4.00
C ILE A 171 -5.82 15.35 4.23
N LYS A 172 -5.51 16.31 3.36
CA LYS A 172 -5.97 17.71 3.49
C LYS A 172 -6.08 18.20 4.94
N GLY A 173 -5.24 17.59 5.81
CA GLY A 173 -5.27 17.79 7.26
C GLY A 173 -6.62 18.17 7.85
N GLY A 174 -7.67 17.46 7.45
CA GLY A 174 -8.99 17.69 8.03
C GLY A 174 -9.59 19.02 7.62
N LEU A 175 -9.34 20.06 8.40
CA LEU A 175 -9.96 21.35 8.17
C LEU A 175 -8.92 22.43 7.84
N GLU A 176 -9.37 23.67 7.79
CA GLU A 176 -8.52 24.79 7.42
C GLU A 176 -8.94 26.05 8.18
N HIS A 177 -8.26 27.15 7.92
CA HIS A 177 -8.65 28.44 8.49
C HIS A 177 -8.84 29.46 7.37
N HIS A 178 -8.36 30.68 7.55
CA HIS A 178 -8.46 31.69 6.51
C HIS A 178 -7.23 32.57 6.54
N ILE A 1 -35.21 -11.86 -31.27
CA ILE A 1 -35.09 -11.33 -32.64
C ILE A 1 -33.87 -11.92 -33.33
N ALA A 2 -34.07 -12.52 -34.50
CA ALA A 2 -32.99 -13.15 -35.23
C ALA A 2 -32.15 -12.10 -35.98
N ALA A 3 -31.19 -11.53 -35.28
CA ALA A 3 -30.30 -10.54 -35.87
C ALA A 3 -28.99 -11.19 -36.29
N ALA A 4 -28.24 -10.51 -37.16
CA ALA A 4 -26.96 -11.02 -37.61
C ALA A 4 -25.82 -10.22 -36.99
N VAL A 5 -25.13 -10.83 -36.04
CA VAL A 5 -24.02 -10.19 -35.36
C VAL A 5 -22.75 -10.31 -36.18
N VAL A 6 -22.74 -9.67 -37.34
CA VAL A 6 -21.58 -9.68 -38.22
C VAL A 6 -20.59 -8.58 -37.81
N GLY A 7 -19.74 -8.90 -36.85
CA GLY A 7 -18.78 -7.94 -36.35
C GLY A 7 -17.41 -8.55 -36.18
N THR A 8 -16.51 -8.21 -37.09
CA THR A 8 -15.15 -8.70 -37.05
C THR A 8 -14.35 -8.00 -35.95
N ALA A 9 -13.97 -8.78 -34.93
CA ALA A 9 -13.18 -8.25 -33.84
C ALA A 9 -11.76 -7.95 -34.30
N ALA A 10 -11.27 -6.77 -33.94
CA ALA A 10 -9.98 -6.31 -34.42
C ALA A 10 -9.02 -6.03 -33.27
N VAL A 11 -7.73 -5.99 -33.59
CA VAL A 11 -6.70 -5.68 -32.62
C VAL A 11 -6.20 -4.25 -32.83
N GLY A 12 -6.00 -3.54 -31.74
CA GLY A 12 -5.56 -2.16 -31.83
C GLY A 12 -4.05 -2.02 -31.79
N THR A 13 -3.50 -1.31 -32.76
CA THR A 13 -2.07 -1.10 -32.84
C THR A 13 -1.72 0.37 -32.62
N LYS A 14 -0.84 0.63 -31.67
CA LYS A 14 -0.33 1.97 -31.44
C LYS A 14 1.04 2.12 -32.09
N ALA A 15 1.58 3.33 -32.08
CA ALA A 15 2.86 3.58 -32.72
C ALA A 15 3.86 4.21 -31.77
N ALA A 16 3.57 5.41 -31.30
CA ALA A 16 4.53 6.22 -30.57
C ALA A 16 4.37 6.10 -29.06
N THR A 17 5.49 6.01 -28.37
CA THR A 17 5.54 6.02 -26.91
C THR A 17 6.82 6.70 -26.45
N ASP A 18 6.97 7.95 -26.82
CA ASP A 18 8.20 8.68 -26.61
C ASP A 18 8.10 9.60 -25.40
N PRO A 19 9.27 9.97 -24.82
CA PRO A 19 9.35 10.87 -23.69
C PRO A 19 9.44 12.34 -24.10
N ARG A 20 9.42 12.60 -25.41
CA ARG A 20 9.54 13.95 -25.94
C ARG A 20 8.26 14.73 -25.68
N SER A 21 7.18 14.00 -25.44
CA SER A 21 5.90 14.60 -25.10
C SER A 21 5.97 15.24 -23.71
N VAL A 22 6.77 14.63 -22.83
CA VAL A 22 7.08 15.18 -21.50
C VAL A 22 5.89 15.09 -20.53
N GLY A 23 4.71 15.51 -20.99
CA GLY A 23 3.53 15.56 -20.14
C GLY A 23 3.22 14.23 -19.45
N THR A 24 3.23 13.16 -20.23
CA THR A 24 2.97 11.84 -19.69
C THR A 24 4.17 11.32 -18.90
N GLN A 25 4.02 11.26 -17.58
CA GLN A 25 5.09 10.78 -16.72
C GLN A 25 4.52 10.18 -15.44
N VAL A 26 4.30 11.02 -14.43
CA VAL A 26 3.79 10.54 -13.14
C VAL A 26 2.43 11.14 -12.82
N ASP A 27 1.58 10.33 -12.20
CA ASP A 27 0.24 10.77 -11.80
C ASP A 27 -0.39 9.71 -10.91
N ASP A 28 -1.00 10.14 -9.82
CA ASP A 28 -1.68 9.23 -8.90
C ASP A 28 -2.76 8.45 -9.63
N GLY A 29 -3.66 9.19 -10.27
CA GLY A 29 -4.76 8.56 -10.98
C GLY A 29 -4.29 7.75 -12.17
N THR A 30 -3.38 8.30 -12.96
CA THR A 30 -2.82 7.60 -14.10
C THR A 30 -2.20 6.27 -13.67
N LEU A 31 -1.46 6.29 -12.57
CA LEU A 31 -0.85 5.07 -12.03
C LEU A 31 -1.95 4.09 -11.59
N GLU A 32 -2.90 4.60 -10.82
CA GLU A 32 -4.03 3.81 -10.35
C GLU A 32 -4.79 3.19 -11.51
N VAL A 33 -4.98 3.97 -12.56
CA VAL A 33 -5.73 3.53 -13.73
C VAL A 33 -4.96 2.46 -14.51
N ARG A 34 -3.68 2.70 -14.79
CA ARG A 34 -2.88 1.77 -15.58
C ARG A 34 -2.78 0.41 -14.89
N VAL A 35 -2.57 0.42 -13.58
CA VAL A 35 -2.45 -0.83 -12.83
C VAL A 35 -3.81 -1.51 -12.70
N ASN A 36 -4.86 -0.71 -12.51
CA ASN A 36 -6.23 -1.24 -12.43
C ASN A 36 -6.59 -1.94 -13.74
N SER A 37 -6.28 -1.27 -14.84
CA SER A 37 -6.58 -1.78 -16.16
C SER A 37 -5.86 -3.10 -16.43
N ALA A 38 -4.58 -3.17 -16.09
CA ALA A 38 -3.80 -4.38 -16.32
C ALA A 38 -4.22 -5.50 -15.36
N LEU A 39 -4.55 -5.12 -14.13
CA LEU A 39 -5.04 -6.07 -13.14
C LEU A 39 -6.30 -6.76 -13.67
N SER A 40 -7.20 -5.96 -14.22
CA SER A 40 -8.43 -6.48 -14.81
C SER A 40 -8.17 -7.12 -16.17
N LYS A 41 -6.96 -6.90 -16.71
CA LYS A 41 -6.58 -7.48 -17.99
C LYS A 41 -6.27 -8.96 -17.82
N ASP A 42 -5.63 -9.31 -16.70
CA ASP A 42 -5.44 -10.72 -16.37
C ASP A 42 -6.72 -11.27 -15.79
N GLU A 43 -7.48 -12.00 -16.59
CA GLU A 43 -8.77 -12.52 -16.17
C GLU A 43 -8.66 -13.27 -14.85
N GLN A 44 -7.75 -14.23 -14.78
CA GLN A 44 -7.62 -15.07 -13.58
C GLN A 44 -7.31 -14.23 -12.34
N ILE A 45 -6.56 -13.15 -12.54
CA ILE A 45 -6.17 -12.25 -11.46
C ILE A 45 -7.40 -11.55 -10.88
N LYS A 46 -8.37 -11.21 -11.72
CA LYS A 46 -9.60 -10.59 -11.24
C LYS A 46 -10.70 -11.63 -11.04
N LYS A 47 -10.46 -12.83 -11.55
CA LYS A 47 -11.44 -13.91 -11.50
C LYS A 47 -11.34 -14.70 -10.19
N GLU A 48 -10.13 -15.13 -9.88
CA GLU A 48 -9.88 -15.96 -8.70
C GLU A 48 -9.30 -15.14 -7.58
N ALA A 49 -8.79 -13.97 -7.94
CA ALA A 49 -8.20 -13.06 -6.97
C ALA A 49 -8.96 -11.75 -6.95
N ARG A 50 -8.82 -11.02 -5.85
CA ARG A 50 -9.39 -9.69 -5.75
C ARG A 50 -8.42 -8.80 -4.98
N ILE A 51 -7.89 -7.82 -5.67
CA ILE A 51 -6.94 -6.89 -5.10
C ILE A 51 -7.45 -5.47 -5.30
N ASN A 52 -7.19 -4.61 -4.33
CA ASN A 52 -7.64 -3.24 -4.39
C ASN A 52 -6.46 -2.32 -4.61
N VAL A 53 -6.64 -1.34 -5.49
CA VAL A 53 -5.57 -0.43 -5.85
C VAL A 53 -5.84 0.96 -5.29
N THR A 54 -4.87 1.50 -4.57
CA THR A 54 -4.96 2.85 -4.06
C THR A 54 -3.64 3.59 -4.30
N ALA A 55 -3.70 4.72 -4.99
CA ALA A 55 -2.51 5.50 -5.27
C ALA A 55 -2.57 6.81 -4.51
N TYR A 56 -1.43 7.23 -3.99
CA TYR A 56 -1.35 8.46 -3.23
C TYR A 56 0.11 8.93 -3.17
N GLN A 57 0.33 10.22 -3.39
CA GLN A 57 1.65 10.84 -3.25
C GLN A 57 2.66 10.26 -4.25
N GLY A 58 2.17 9.71 -5.36
CA GLY A 58 3.05 9.16 -6.37
C GLY A 58 3.33 7.69 -6.19
N LYS A 59 3.01 7.16 -5.02
CA LYS A 59 3.16 5.73 -4.77
C LYS A 59 1.81 5.04 -4.82
N VAL A 60 1.82 3.73 -5.01
CA VAL A 60 0.59 2.98 -5.06
C VAL A 60 0.64 1.80 -4.07
N LEU A 61 -0.48 1.59 -3.39
CA LEU A 61 -0.61 0.50 -2.44
C LEU A 61 -1.69 -0.45 -2.90
N LEU A 62 -1.43 -1.74 -2.77
CA LEU A 62 -2.39 -2.76 -3.15
C LEU A 62 -2.64 -3.71 -1.99
N VAL A 63 -3.90 -4.00 -1.76
CA VAL A 63 -4.29 -4.96 -0.74
C VAL A 63 -5.19 -6.01 -1.36
N GLY A 64 -5.05 -7.26 -1.01
CA GLY A 64 -5.82 -8.26 -1.70
C GLY A 64 -6.22 -9.44 -0.85
N GLN A 65 -7.23 -10.15 -1.32
CA GLN A 65 -7.75 -11.34 -0.66
C GLN A 65 -7.53 -12.56 -1.56
N SER A 66 -6.56 -12.44 -2.44
CA SER A 66 -6.24 -13.49 -3.40
C SER A 66 -5.77 -14.77 -2.71
N PRO A 67 -6.12 -15.93 -3.28
CA PRO A 67 -5.73 -17.24 -2.75
C PRO A 67 -4.28 -17.58 -3.07
N ASN A 68 -3.70 -16.85 -4.01
CA ASN A 68 -2.30 -17.02 -4.38
C ASN A 68 -1.59 -15.69 -4.38
N ALA A 69 -0.42 -15.64 -3.76
CA ALA A 69 0.38 -14.42 -3.75
C ALA A 69 0.87 -14.12 -5.15
N GLU A 70 1.07 -15.18 -5.93
CA GLU A 70 1.56 -15.07 -7.30
C GLU A 70 0.67 -14.16 -8.14
N LEU A 71 -0.64 -14.34 -8.04
CA LEU A 71 -1.58 -13.59 -8.85
C LEU A 71 -1.47 -12.11 -8.55
N SER A 72 -1.49 -11.80 -7.27
CA SER A 72 -1.45 -10.43 -6.81
C SER A 72 -0.12 -9.75 -7.15
N ALA A 73 0.99 -10.45 -6.88
CA ALA A 73 2.32 -9.90 -7.12
C ALA A 73 2.59 -9.73 -8.61
N ARG A 74 2.23 -10.74 -9.39
CA ARG A 74 2.40 -10.69 -10.84
C ARG A 74 1.54 -9.58 -11.43
N ALA A 75 0.35 -9.40 -10.87
CA ALA A 75 -0.50 -8.30 -11.26
C ALA A 75 0.21 -6.98 -11.06
N LYS A 76 0.79 -6.81 -9.88
CA LYS A 76 1.51 -5.58 -9.53
C LYS A 76 2.60 -5.25 -10.56
N GLN A 77 3.48 -6.22 -10.81
CA GLN A 77 4.63 -5.99 -11.68
C GLN A 77 4.20 -5.71 -13.12
N ILE A 78 3.27 -6.50 -13.63
CA ILE A 78 2.82 -6.35 -15.02
C ILE A 78 2.02 -5.06 -15.19
N ALA A 79 1.24 -4.72 -14.18
CA ALA A 79 0.37 -3.56 -14.22
C ALA A 79 1.15 -2.25 -14.23
N MET A 80 2.08 -2.10 -13.30
CA MET A 80 2.80 -0.84 -13.16
C MET A 80 4.02 -0.78 -14.08
N GLY A 81 4.79 -1.87 -14.15
CA GLY A 81 6.06 -1.85 -14.87
C GLY A 81 6.89 -0.64 -14.54
N VAL A 82 7.54 -0.06 -15.53
CA VAL A 82 8.18 1.23 -15.35
C VAL A 82 7.38 2.28 -16.12
N ASP A 83 6.86 3.28 -15.41
CA ASP A 83 6.00 4.30 -16.01
C ASP A 83 5.54 5.31 -14.97
N GLY A 84 6.48 5.81 -14.18
CA GLY A 84 6.15 6.84 -13.21
C GLY A 84 5.96 6.32 -11.81
N ALA A 85 5.66 5.03 -11.70
CA ALA A 85 5.48 4.41 -10.39
C ALA A 85 6.80 4.38 -9.64
N ASN A 86 6.85 5.10 -8.51
CA ASN A 86 8.08 5.20 -7.74
C ASN A 86 8.13 4.14 -6.65
N GLU A 87 7.01 3.93 -5.96
CA GLU A 87 6.94 2.93 -4.90
C GLU A 87 5.66 2.11 -5.01
N VAL A 88 5.79 0.82 -4.72
CA VAL A 88 4.65 -0.09 -4.72
C VAL A 88 4.62 -0.89 -3.42
N TYR A 89 3.48 -0.88 -2.75
CA TYR A 89 3.31 -1.65 -1.52
C TYR A 89 2.12 -2.58 -1.66
N ASN A 90 2.36 -3.87 -1.71
CA ASN A 90 1.27 -4.83 -1.84
C ASN A 90 1.25 -5.80 -0.67
N GLU A 91 0.11 -5.85 0.03
CA GLU A 91 -0.09 -6.88 1.04
C GLU A 91 -1.33 -7.69 0.69
N ILE A 92 -1.13 -8.98 0.55
CA ILE A 92 -2.22 -9.90 0.26
C ILE A 92 -2.45 -10.83 1.44
N ARG A 93 -3.71 -11.03 1.80
CA ARG A 93 -4.07 -11.81 2.99
C ARG A 93 -3.55 -13.25 2.92
N GLN A 94 -3.21 -13.70 1.73
CA GLN A 94 -2.57 -15.00 1.56
C GLN A 94 -1.11 -14.79 1.23
N GLY A 95 -0.25 -15.09 2.19
CA GLY A 95 1.16 -14.88 1.99
C GLY A 95 2.03 -15.80 2.83
N GLN A 96 2.67 -15.22 3.83
CA GLN A 96 3.66 -15.95 4.62
C GLN A 96 3.03 -16.69 5.80
N PRO A 97 3.52 -17.89 6.08
CA PRO A 97 3.17 -18.67 7.25
C PRO A 97 4.31 -18.73 8.27
N ILE A 98 4.72 -17.58 8.78
CA ILE A 98 5.90 -17.49 9.62
C ILE A 98 5.76 -18.31 10.91
N GLY A 99 4.70 -18.05 11.68
CA GLY A 99 4.52 -18.79 12.91
C GLY A 99 3.27 -18.38 13.66
N LEU A 100 2.77 -19.29 14.50
CA LEU A 100 1.60 -19.02 15.32
C LEU A 100 1.93 -18.04 16.43
N GLY A 101 3.11 -18.21 17.02
CA GLY A 101 3.51 -17.38 18.13
C GLY A 101 3.63 -15.92 17.77
N GLU A 102 4.33 -15.63 16.68
CA GLU A 102 4.50 -14.26 16.22
C GLU A 102 3.19 -13.69 15.73
N ALA A 103 2.35 -14.52 15.11
CA ALA A 103 1.06 -14.08 14.60
C ALA A 103 0.13 -13.65 15.74
N SER A 104 0.15 -14.40 16.83
CA SER A 104 -0.67 -14.06 17.99
C SER A 104 -0.21 -12.72 18.57
N ASN A 105 1.09 -12.52 18.59
CA ASN A 105 1.67 -11.26 19.05
C ASN A 105 1.33 -10.13 18.10
N ASP A 106 1.42 -10.42 16.80
CA ASP A 106 1.11 -9.44 15.76
C ASP A 106 -0.31 -8.92 15.92
N THR A 107 -1.26 -9.84 16.05
CA THR A 107 -2.66 -9.48 16.15
C THR A 107 -2.91 -8.66 17.40
N TRP A 108 -2.31 -9.05 18.51
CA TRP A 108 -2.46 -8.34 19.77
C TRP A 108 -1.93 -6.91 19.64
N ILE A 109 -0.68 -6.77 19.20
CA ILE A 109 -0.07 -5.46 19.04
C ILE A 109 -0.89 -4.60 18.08
N THR A 110 -1.22 -5.18 16.94
CA THR A 110 -2.04 -4.51 15.94
C THR A 110 -3.40 -4.12 16.51
N THR A 111 -3.94 -4.97 17.37
CA THR A 111 -5.24 -4.72 17.99
C THR A 111 -5.16 -3.51 18.91
N LYS A 112 -4.21 -3.48 19.84
CA LYS A 112 -4.14 -2.40 20.82
C LYS A 112 -3.83 -1.05 20.16
N VAL A 113 -2.93 -1.04 19.17
CA VAL A 113 -2.61 0.22 18.51
C VAL A 113 -3.80 0.72 17.70
N ARG A 114 -4.51 -0.20 17.03
CA ARG A 114 -5.69 0.17 16.26
C ARG A 114 -6.85 0.53 17.19
N SER A 115 -6.92 -0.14 18.34
CA SER A 115 -7.95 0.15 19.33
C SER A 115 -7.85 1.60 19.78
N GLN A 116 -6.64 2.03 20.08
CA GLN A 116 -6.41 3.40 20.54
C GLN A 116 -6.64 4.40 19.40
N LEU A 117 -6.24 4.01 18.19
CA LEU A 117 -6.41 4.86 17.02
C LEU A 117 -7.88 5.05 16.67
N LEU A 118 -8.61 3.94 16.57
CA LEU A 118 -10.00 3.95 16.14
C LEU A 118 -10.91 4.52 17.22
N THR A 119 -10.46 4.46 18.46
CA THR A 119 -11.22 4.95 19.59
C THR A 119 -11.39 6.48 19.54
N SER A 120 -10.62 7.11 18.66
CA SER A 120 -10.74 8.55 18.43
C SER A 120 -11.83 8.82 17.38
N ASP A 121 -12.63 9.85 17.62
CA ASP A 121 -13.79 10.13 16.78
C ASP A 121 -13.39 10.69 15.42
N LEU A 122 -12.23 11.30 15.34
CA LEU A 122 -11.77 11.90 14.08
C LEU A 122 -10.96 10.90 13.26
N VAL A 123 -10.41 9.90 13.92
CA VAL A 123 -9.58 8.92 13.23
C VAL A 123 -10.41 7.72 12.81
N LYS A 124 -10.82 7.73 11.55
CA LYS A 124 -11.57 6.63 10.97
C LYS A 124 -10.69 5.39 10.88
N SER A 125 -11.30 4.22 10.76
CA SER A 125 -10.55 2.98 10.60
C SER A 125 -9.92 2.86 9.22
N SER A 126 -10.69 3.27 8.21
CA SER A 126 -10.30 3.06 6.81
C SER A 126 -9.37 4.15 6.30
N ASN A 127 -8.14 4.19 6.80
CA ASN A 127 -7.13 5.13 6.31
C ASN A 127 -5.76 4.50 6.28
N VAL A 128 -5.29 4.08 7.44
CA VAL A 128 -3.92 3.62 7.58
C VAL A 128 -3.86 2.11 7.77
N LYS A 129 -2.88 1.51 7.12
CA LYS A 129 -2.67 0.09 7.19
C LYS A 129 -1.66 -0.25 8.27
N VAL A 130 -2.02 -1.17 9.15
CA VAL A 130 -1.14 -1.62 10.23
C VAL A 130 -0.99 -3.14 10.18
N THR A 131 0.24 -3.59 10.09
CA THR A 131 0.53 -5.01 10.02
C THR A 131 1.82 -5.32 10.79
N THR A 132 1.80 -6.41 11.54
CA THR A 132 2.97 -6.84 12.29
C THR A 132 3.47 -8.20 11.81
N GLU A 133 4.75 -8.27 11.47
CA GLU A 133 5.36 -9.55 11.10
C GLU A 133 6.76 -9.63 11.70
N ASN A 134 7.08 -10.76 12.33
CA ASN A 134 8.38 -11.00 12.95
C ASN A 134 8.63 -10.04 14.11
N GLY A 135 7.58 -9.38 14.58
CA GLY A 135 7.72 -8.38 15.62
C GLY A 135 7.90 -6.99 15.03
N GLU A 136 7.97 -6.93 13.71
CA GLU A 136 8.12 -5.68 13.01
C GLU A 136 6.77 -5.16 12.56
N VAL A 137 6.40 -3.99 13.03
CA VAL A 137 5.10 -3.40 12.71
C VAL A 137 5.28 -2.33 11.65
N PHE A 138 4.37 -2.33 10.69
CA PHE A 138 4.41 -1.37 9.60
C PHE A 138 3.11 -0.56 9.57
N LEU A 139 3.25 0.74 9.34
CA LEU A 139 2.11 1.63 9.17
C LEU A 139 2.20 2.31 7.81
N MET A 140 1.08 2.44 7.12
CA MET A 140 1.08 2.94 5.76
C MET A 140 -0.22 3.65 5.41
N GLY A 141 -0.12 4.82 4.79
CA GLY A 141 -1.31 5.48 4.29
C GLY A 141 -1.29 6.99 4.49
N LEU A 142 -2.21 7.67 3.83
CA LEU A 142 -2.30 9.12 3.86
C LEU A 142 -3.36 9.54 4.90
N VAL A 143 -2.95 10.38 5.85
CA VAL A 143 -3.84 10.85 6.92
C VAL A 143 -3.45 12.28 7.30
N THR A 144 -4.29 13.02 7.97
CA THR A 144 -3.87 14.34 8.42
C THR A 144 -3.02 14.20 9.67
N GLU A 145 -2.58 15.31 10.23
CA GLU A 145 -1.75 15.28 11.43
C GLU A 145 -2.48 14.63 12.60
N ARG A 146 -3.81 14.72 12.59
CA ARG A 146 -4.61 14.16 13.67
C ARG A 146 -4.38 12.66 13.80
N GLU A 147 -4.53 11.95 12.69
CA GLU A 147 -4.36 10.51 12.67
C GLU A 147 -2.88 10.16 12.75
N ALA A 148 -2.05 10.96 12.08
CA ALA A 148 -0.61 10.74 12.05
C ALA A 148 0.01 10.87 13.44
N LYS A 149 -0.32 11.96 14.12
CA LYS A 149 0.23 12.21 15.44
C LYS A 149 -0.39 11.28 16.47
N ALA A 150 -1.63 10.85 16.23
CA ALA A 150 -2.28 9.88 17.10
C ALA A 150 -1.61 8.52 16.96
N ALA A 151 -1.36 8.12 15.72
CA ALA A 151 -0.68 6.86 15.44
C ALA A 151 0.70 6.86 16.09
N ALA A 152 1.43 7.95 15.88
CA ALA A 152 2.76 8.11 16.48
C ALA A 152 2.67 8.11 17.99
N ASP A 153 1.69 8.85 18.52
CA ASP A 153 1.48 8.95 19.96
C ASP A 153 1.32 7.57 20.58
N ILE A 154 0.36 6.82 20.06
CA ILE A 154 0.05 5.50 20.58
C ILE A 154 1.26 4.59 20.47
N ALA A 155 1.96 4.64 19.34
CA ALA A 155 3.16 3.83 19.14
C ALA A 155 4.25 4.19 20.14
N SER A 156 4.22 5.42 20.64
CA SER A 156 5.24 5.89 21.57
C SER A 156 4.95 5.40 22.99
N ARG A 157 3.67 5.35 23.38
CA ARG A 157 3.32 4.93 24.74
C ARG A 157 2.95 3.45 24.78
N VAL A 158 2.97 2.80 23.61
CA VAL A 158 2.64 1.39 23.54
C VAL A 158 3.85 0.54 23.95
N SER A 159 3.61 -0.45 24.77
CA SER A 159 4.66 -1.37 25.19
C SER A 159 4.59 -2.65 24.39
N GLY A 160 5.69 -3.39 24.36
CA GLY A 160 5.73 -4.62 23.60
C GLY A 160 6.08 -4.38 22.15
N VAL A 161 6.66 -3.23 21.88
CA VAL A 161 7.07 -2.88 20.52
C VAL A 161 8.49 -3.39 20.26
N LYS A 162 8.64 -4.22 19.24
CA LYS A 162 9.95 -4.71 18.85
C LYS A 162 10.55 -3.79 17.79
N ARG A 163 9.78 -3.55 16.75
CA ARG A 163 10.19 -2.63 15.68
C ARG A 163 8.95 -2.02 15.05
N VAL A 164 9.01 -0.73 14.74
CA VAL A 164 7.87 -0.04 14.13
C VAL A 164 8.34 0.85 12.99
N THR A 165 7.81 0.61 11.81
CA THR A 165 8.11 1.42 10.65
C THR A 165 6.90 2.28 10.30
N THR A 166 7.11 3.57 10.14
CA THR A 166 6.00 4.49 9.97
C THR A 166 6.22 5.43 8.79
N ALA A 167 5.31 5.40 7.83
CA ALA A 167 5.32 6.34 6.73
C ALA A 167 4.14 7.27 6.86
N PHE A 168 4.25 8.25 7.75
CA PHE A 168 3.15 9.17 8.01
C PHE A 168 3.09 10.25 6.95
N THR A 169 2.07 10.19 6.12
CA THR A 169 1.84 11.19 5.10
C THR A 169 0.60 12.00 5.45
N PHE A 170 0.65 13.31 5.26
CA PHE A 170 -0.43 14.19 5.71
C PHE A 170 -1.39 14.55 4.58
N ILE A 171 -2.66 14.22 4.76
CA ILE A 171 -3.70 14.60 3.82
C ILE A 171 -4.18 16.01 4.15
N LYS A 172 -3.76 16.99 3.36
CA LYS A 172 -4.16 18.40 3.56
C LYS A 172 -3.83 18.88 4.98
N GLY A 173 -4.62 18.43 5.94
CA GLY A 173 -4.46 18.82 7.31
C GLY A 173 -5.70 19.49 7.84
N GLY A 174 -6.70 19.61 6.97
CA GLY A 174 -7.99 20.12 7.37
C GLY A 174 -8.78 19.05 8.09
N LEU A 175 -9.14 19.34 9.33
CA LEU A 175 -9.84 18.37 10.17
C LEU A 175 -11.24 18.08 9.64
N GLU A 176 -11.61 16.81 9.62
CA GLU A 176 -12.95 16.41 9.26
C GLU A 176 -13.74 16.12 10.53
N HIS A 177 -15.06 16.15 10.44
CA HIS A 177 -15.89 15.93 11.62
C HIS A 177 -17.17 15.17 11.26
N HIS A 178 -17.43 14.13 12.03
CA HIS A 178 -18.58 13.27 11.83
C HIS A 178 -18.76 12.35 13.04
N ILE A 1 23.88 -24.21 14.73
CA ILE A 1 23.54 -22.80 14.49
C ILE A 1 22.24 -22.45 15.20
N ALA A 2 22.25 -21.33 15.92
CA ALA A 2 21.08 -20.90 16.67
C ALA A 2 20.26 -19.90 15.86
N ALA A 3 19.43 -20.41 14.96
CA ALA A 3 18.58 -19.56 14.13
C ALA A 3 17.34 -19.11 14.92
N ALA A 4 17.60 -18.39 16.01
CA ALA A 4 16.52 -17.91 16.87
C ALA A 4 15.78 -16.75 16.22
N VAL A 5 16.51 -15.95 15.44
CA VAL A 5 15.92 -14.80 14.77
C VAL A 5 16.03 -14.94 13.27
N VAL A 6 15.60 -16.08 12.75
CA VAL A 6 15.62 -16.33 11.32
C VAL A 6 14.42 -15.67 10.64
N GLY A 7 14.57 -14.40 10.32
CA GLY A 7 13.50 -13.66 9.69
C GLY A 7 14.00 -12.78 8.57
N THR A 8 14.73 -13.38 7.64
CA THR A 8 15.28 -12.66 6.52
C THR A 8 14.21 -12.44 5.45
N ALA A 9 13.84 -11.19 5.25
CA ALA A 9 12.75 -10.86 4.34
C ALA A 9 13.12 -9.70 3.42
N ALA A 10 13.48 -10.00 2.19
CA ALA A 10 13.79 -8.98 1.20
C ALA A 10 12.81 -9.07 0.04
N VAL A 11 11.75 -8.28 0.10
CA VAL A 11 10.71 -8.32 -0.92
C VAL A 11 10.77 -7.08 -1.82
N GLY A 12 11.86 -6.32 -1.70
CA GLY A 12 12.05 -5.17 -2.53
C GLY A 12 12.15 -5.52 -4.00
N THR A 13 11.08 -5.23 -4.74
CA THR A 13 11.00 -5.56 -6.14
C THR A 13 11.61 -4.47 -7.00
N LYS A 14 12.47 -4.85 -7.94
CA LYS A 14 13.09 -3.91 -8.86
C LYS A 14 13.05 -4.48 -10.27
N ALA A 15 12.37 -3.78 -11.17
CA ALA A 15 12.27 -4.21 -12.55
C ALA A 15 12.00 -3.00 -13.46
N ALA A 16 12.55 -3.05 -14.66
CA ALA A 16 12.36 -2.00 -15.64
C ALA A 16 12.33 -2.61 -17.03
N THR A 17 11.47 -3.60 -17.19
CA THR A 17 11.37 -4.36 -18.43
C THR A 17 10.36 -3.74 -19.39
N ASP A 18 10.12 -2.45 -19.23
CA ASP A 18 9.14 -1.78 -20.07
C ASP A 18 9.84 -0.93 -21.13
N PRO A 19 9.24 -0.89 -22.32
CA PRO A 19 9.63 0.02 -23.39
C PRO A 19 9.55 1.49 -22.98
N ARG A 20 8.72 1.76 -21.97
CA ARG A 20 8.51 3.11 -21.47
C ARG A 20 7.88 3.99 -22.54
N SER A 21 6.80 3.51 -23.13
CA SER A 21 6.09 4.24 -24.16
C SER A 21 5.09 5.20 -23.53
N VAL A 22 4.54 4.80 -22.40
CA VAL A 22 3.62 5.64 -21.66
C VAL A 22 4.37 6.79 -20.99
N GLY A 23 3.84 7.99 -21.12
CA GLY A 23 4.40 9.11 -20.41
C GLY A 23 4.09 9.02 -18.93
N THR A 24 5.12 9.10 -18.11
CA THR A 24 4.97 8.91 -16.68
C THR A 24 4.07 9.97 -16.07
N GLN A 25 2.91 9.56 -15.60
CA GLN A 25 1.97 10.46 -14.96
C GLN A 25 1.49 9.88 -13.64
N VAL A 26 2.21 10.17 -12.58
CA VAL A 26 1.88 9.59 -11.28
C VAL A 26 0.72 10.35 -10.64
N ASP A 27 -0.34 9.61 -10.39
CA ASP A 27 -1.57 10.16 -9.84
C ASP A 27 -2.27 9.09 -9.03
N ASP A 28 -2.86 9.48 -7.91
CA ASP A 28 -3.56 8.52 -7.04
C ASP A 28 -4.66 7.83 -7.83
N GLY A 29 -5.56 8.61 -8.41
CA GLY A 29 -6.66 8.04 -9.14
C GLY A 29 -6.23 7.40 -10.45
N THR A 30 -5.35 8.09 -11.18
CA THR A 30 -4.87 7.59 -12.46
C THR A 30 -4.18 6.24 -12.31
N LEU A 31 -3.29 6.13 -11.32
CA LEU A 31 -2.56 4.88 -11.08
C LEU A 31 -3.51 3.82 -10.55
N GLU A 32 -4.48 4.23 -9.73
CA GLU A 32 -5.49 3.32 -9.21
C GLU A 32 -6.31 2.74 -10.36
N VAL A 33 -6.69 3.58 -11.30
CA VAL A 33 -7.39 3.13 -12.49
C VAL A 33 -6.48 2.22 -13.32
N ARG A 34 -5.23 2.64 -13.49
CA ARG A 34 -4.23 1.89 -14.24
C ARG A 34 -4.12 0.46 -13.69
N VAL A 35 -3.89 0.33 -12.39
CA VAL A 35 -3.71 -0.98 -11.77
C VAL A 35 -5.02 -1.77 -11.73
N ASN A 36 -6.13 -1.08 -11.52
CA ASN A 36 -7.44 -1.73 -11.46
C ASN A 36 -7.78 -2.36 -12.80
N SER A 37 -7.63 -1.57 -13.86
CA SER A 37 -7.95 -2.02 -15.21
C SER A 37 -7.03 -3.14 -15.65
N ALA A 38 -5.73 -3.02 -15.36
CA ALA A 38 -4.77 -4.04 -15.74
C ALA A 38 -5.04 -5.34 -14.97
N LEU A 39 -5.47 -5.20 -13.72
CA LEU A 39 -5.82 -6.35 -12.90
C LEU A 39 -7.00 -7.11 -13.51
N SER A 40 -8.03 -6.37 -13.87
CA SER A 40 -9.21 -6.96 -14.48
C SER A 40 -8.94 -7.41 -15.92
N LYS A 41 -7.87 -6.87 -16.50
CA LYS A 41 -7.46 -7.23 -17.85
C LYS A 41 -6.78 -8.61 -17.83
N ASP A 42 -5.98 -8.84 -16.81
CA ASP A 42 -5.30 -10.13 -16.66
C ASP A 42 -6.26 -11.16 -16.08
N GLU A 43 -6.87 -11.93 -16.97
CA GLU A 43 -7.89 -12.90 -16.60
C GLU A 43 -7.39 -13.85 -15.53
N GLN A 44 -6.17 -14.36 -15.69
CA GLN A 44 -5.62 -15.33 -14.73
C GLN A 44 -5.62 -14.74 -13.32
N ILE A 45 -5.39 -13.45 -13.23
CA ILE A 45 -5.41 -12.73 -11.96
C ILE A 45 -6.84 -12.58 -11.44
N LYS A 46 -7.73 -12.04 -12.26
CA LYS A 46 -9.11 -11.81 -11.85
C LYS A 46 -9.93 -13.10 -11.88
N LYS A 47 -9.28 -14.22 -12.17
CA LYS A 47 -9.95 -15.50 -12.25
C LYS A 47 -10.08 -16.14 -10.89
N GLU A 48 -8.96 -16.22 -10.17
CA GLU A 48 -8.94 -16.94 -8.90
C GLU A 48 -8.31 -16.09 -7.81
N ALA A 49 -7.85 -14.90 -8.15
CA ALA A 49 -7.17 -14.05 -7.20
C ALA A 49 -7.95 -12.77 -6.97
N ARG A 50 -8.06 -12.36 -5.73
CA ARG A 50 -8.78 -11.16 -5.39
C ARG A 50 -7.86 -10.17 -4.73
N ILE A 51 -7.61 -9.07 -5.42
CA ILE A 51 -6.77 -8.02 -4.90
C ILE A 51 -7.48 -6.70 -5.03
N ASN A 52 -7.34 -5.86 -4.03
CA ASN A 52 -7.98 -4.57 -4.03
C ASN A 52 -6.93 -3.50 -4.21
N VAL A 53 -7.27 -2.47 -4.98
CA VAL A 53 -6.31 -1.48 -5.40
C VAL A 53 -6.55 -0.15 -4.69
N THR A 54 -5.52 0.34 -4.03
CA THR A 54 -5.59 1.60 -3.31
C THR A 54 -4.35 2.43 -3.60
N ALA A 55 -4.54 3.62 -4.16
CA ALA A 55 -3.42 4.50 -4.43
C ALA A 55 -3.51 5.75 -3.59
N TYR A 56 -2.39 6.15 -3.02
CA TYR A 56 -2.35 7.32 -2.16
C TYR A 56 -0.95 7.91 -2.16
N GLN A 57 -0.88 9.22 -2.37
CA GLN A 57 0.37 9.97 -2.32
C GLN A 57 1.34 9.53 -3.42
N GLY A 58 0.79 9.01 -4.52
CA GLY A 58 1.62 8.61 -5.64
C GLY A 58 2.00 7.14 -5.61
N LYS A 59 2.06 6.56 -4.41
CA LYS A 59 2.43 5.16 -4.28
C LYS A 59 1.18 4.29 -4.20
N VAL A 60 1.34 2.98 -4.44
CA VAL A 60 0.20 2.08 -4.49
C VAL A 60 0.23 1.05 -3.36
N LEU A 61 -0.94 0.70 -2.89
CA LEU A 61 -1.10 -0.36 -1.90
C LEU A 61 -2.12 -1.37 -2.42
N LEU A 62 -1.82 -2.65 -2.25
CA LEU A 62 -2.71 -3.71 -2.70
C LEU A 62 -2.99 -4.67 -1.55
N VAL A 63 -4.24 -5.05 -1.38
CA VAL A 63 -4.61 -5.97 -0.31
C VAL A 63 -5.64 -6.97 -0.81
N GLY A 64 -5.60 -8.20 -0.29
CA GLY A 64 -6.59 -9.18 -0.67
C GLY A 64 -6.16 -10.61 -0.39
N GLN A 65 -6.61 -11.53 -1.23
CA GLN A 65 -6.35 -12.95 -1.04
C GLN A 65 -6.27 -13.66 -2.38
N SER A 66 -5.41 -14.66 -2.47
CA SER A 66 -5.24 -15.46 -3.68
C SER A 66 -4.85 -16.88 -3.31
N PRO A 67 -5.08 -17.86 -4.21
CA PRO A 67 -4.65 -19.23 -3.99
C PRO A 67 -3.16 -19.39 -4.26
N ASN A 68 -2.63 -18.47 -5.07
CA ASN A 68 -1.22 -18.45 -5.41
C ASN A 68 -0.69 -17.03 -5.25
N ALA A 69 0.35 -16.87 -4.45
CA ALA A 69 0.91 -15.55 -4.16
C ALA A 69 1.54 -14.93 -5.41
N GLU A 70 2.02 -15.78 -6.30
CA GLU A 70 2.63 -15.33 -7.54
C GLU A 70 1.65 -14.52 -8.39
N LEU A 71 0.38 -14.92 -8.37
CA LEU A 71 -0.65 -14.23 -9.14
C LEU A 71 -0.79 -12.80 -8.67
N SER A 72 -0.84 -12.62 -7.35
CA SER A 72 -0.99 -11.31 -6.75
C SER A 72 0.24 -10.44 -7.04
N ALA A 73 1.42 -11.03 -6.93
CA ALA A 73 2.67 -10.32 -7.19
C ALA A 73 2.78 -9.91 -8.65
N ARG A 74 2.52 -10.87 -9.54
CA ARG A 74 2.54 -10.60 -10.98
C ARG A 74 1.54 -9.52 -11.33
N ALA A 75 0.39 -9.56 -10.67
CA ALA A 75 -0.63 -8.55 -10.87
C ALA A 75 -0.07 -7.17 -10.54
N LYS A 76 0.66 -7.08 -9.44
CA LYS A 76 1.27 -5.82 -9.02
C LYS A 76 2.15 -5.24 -10.12
N GLN A 77 3.10 -6.03 -10.61
CA GLN A 77 4.06 -5.55 -11.60
C GLN A 77 3.39 -5.19 -12.92
N ILE A 78 2.54 -6.09 -13.40
CA ILE A 78 1.87 -5.89 -14.68
C ILE A 78 0.90 -4.71 -14.64
N ALA A 79 0.28 -4.51 -13.48
CA ALA A 79 -0.69 -3.43 -13.32
C ALA A 79 -0.02 -2.06 -13.32
N MET A 80 0.95 -1.88 -12.44
CA MET A 80 1.56 -0.56 -12.27
C MET A 80 2.45 -0.19 -13.46
N GLY A 81 3.27 -1.14 -13.91
CA GLY A 81 4.22 -0.85 -14.98
C GLY A 81 5.00 0.42 -14.75
N VAL A 82 5.07 1.26 -15.77
CA VAL A 82 5.68 2.57 -15.65
C VAL A 82 4.62 3.66 -15.69
N ASP A 83 4.57 4.49 -14.64
CA ASP A 83 3.60 5.59 -14.57
C ASP A 83 3.81 6.39 -13.29
N GLY A 84 5.07 6.52 -12.88
CA GLY A 84 5.39 7.30 -11.71
C GLY A 84 5.39 6.47 -10.44
N ALA A 85 4.92 5.23 -10.56
CA ALA A 85 4.87 4.32 -9.43
C ALA A 85 6.27 4.00 -8.91
N ASN A 86 6.53 4.40 -7.68
CA ASN A 86 7.82 4.14 -7.04
C ASN A 86 7.70 2.98 -6.07
N GLU A 87 6.61 2.93 -5.33
CA GLU A 87 6.41 1.87 -4.36
C GLU A 87 5.05 1.24 -4.52
N VAL A 88 4.99 -0.07 -4.38
CA VAL A 88 3.75 -0.80 -4.32
C VAL A 88 3.80 -1.77 -3.16
N TYR A 89 2.93 -1.59 -2.21
CA TYR A 89 2.93 -2.42 -1.02
C TYR A 89 1.73 -3.35 -1.04
N ASN A 90 2.02 -4.64 -1.17
CA ASN A 90 0.97 -5.64 -1.28
C ASN A 90 0.87 -6.48 -0.02
N GLU A 91 -0.32 -6.61 0.51
CA GLU A 91 -0.57 -7.60 1.54
C GLU A 91 -1.61 -8.59 1.03
N ILE A 92 -1.18 -9.83 0.87
CA ILE A 92 -2.07 -10.90 0.47
C ILE A 92 -2.18 -11.91 1.59
N ARG A 93 -3.39 -12.34 1.91
CA ARG A 93 -3.57 -13.33 2.97
C ARG A 93 -3.33 -14.74 2.44
N GLN A 94 -2.20 -14.91 1.76
CA GLN A 94 -1.79 -16.20 1.23
C GLN A 94 -0.33 -16.46 1.61
N GLY A 95 -0.05 -17.67 2.08
CA GLY A 95 1.31 -18.04 2.41
C GLY A 95 1.52 -18.19 3.90
N GLN A 96 2.57 -18.90 4.26
CA GLN A 96 2.89 -19.12 5.67
C GLN A 96 3.64 -17.91 6.23
N PRO A 97 3.39 -17.58 7.50
CA PRO A 97 4.09 -16.48 8.19
C PRO A 97 5.54 -16.84 8.48
N ILE A 98 6.26 -15.93 9.10
CA ILE A 98 7.65 -16.14 9.45
C ILE A 98 7.74 -17.14 10.61
N GLY A 99 6.85 -16.97 11.57
CA GLY A 99 6.83 -17.84 12.73
C GLY A 99 5.57 -17.68 13.55
N LEU A 100 5.36 -18.57 14.50
CA LEU A 100 4.19 -18.53 15.35
C LEU A 100 4.25 -17.34 16.30
N GLY A 101 5.46 -17.02 16.74
CA GLY A 101 5.66 -15.91 17.67
C GLY A 101 5.21 -14.59 17.09
N GLU A 102 5.65 -14.29 15.87
CA GLU A 102 5.32 -13.03 15.22
C GLU A 102 3.84 -12.96 14.87
N ALA A 103 3.29 -14.08 14.38
CA ALA A 103 1.88 -14.13 13.99
C ALA A 103 0.96 -13.87 15.18
N SER A 104 1.20 -14.56 16.28
CA SER A 104 0.38 -14.40 17.47
C SER A 104 0.56 -13.01 18.08
N ASN A 105 1.75 -12.45 17.92
CA ASN A 105 2.04 -11.10 18.40
C ASN A 105 1.41 -10.07 17.47
N ASP A 106 1.45 -10.35 16.18
CA ASP A 106 0.98 -9.42 15.15
C ASP A 106 -0.48 -9.04 15.37
N THR A 107 -1.33 -10.03 15.54
CA THR A 107 -2.75 -9.79 15.68
C THR A 107 -3.06 -9.17 17.04
N TRP A 108 -2.22 -9.48 18.01
CA TRP A 108 -2.34 -8.91 19.35
C TRP A 108 -1.99 -7.43 19.32
N ILE A 109 -0.82 -7.12 18.78
CA ILE A 109 -0.35 -5.74 18.66
C ILE A 109 -1.29 -4.94 17.76
N THR A 110 -1.60 -5.50 16.60
CA THR A 110 -2.50 -4.85 15.65
C THR A 110 -3.87 -4.62 16.28
N THR A 111 -4.30 -5.52 17.14
CA THR A 111 -5.59 -5.41 17.78
C THR A 111 -5.62 -4.22 18.76
N LYS A 112 -4.61 -4.09 19.61
CA LYS A 112 -4.60 -3.01 20.59
C LYS A 112 -4.39 -1.65 19.93
N VAL A 113 -3.49 -1.58 18.95
CA VAL A 113 -3.21 -0.32 18.28
C VAL A 113 -4.44 0.18 17.51
N ARG A 114 -5.11 -0.74 16.81
CA ARG A 114 -6.31 -0.39 16.07
C ARG A 114 -7.47 -0.11 17.04
N SER A 115 -7.49 -0.81 18.16
CA SER A 115 -8.53 -0.60 19.17
C SER A 115 -8.51 0.84 19.64
N GLN A 116 -7.33 1.33 20.00
CA GLN A 116 -7.18 2.68 20.51
C GLN A 116 -7.38 3.70 19.39
N LEU A 117 -6.96 3.33 18.18
CA LEU A 117 -7.10 4.21 17.03
C LEU A 117 -8.58 4.39 16.66
N LEU A 118 -9.29 3.28 16.49
CA LEU A 118 -10.70 3.32 16.11
C LEU A 118 -11.55 3.91 17.23
N THR A 119 -11.09 3.74 18.46
CA THR A 119 -11.78 4.27 19.62
C THR A 119 -11.55 5.77 19.75
N SER A 120 -10.59 6.29 18.98
CA SER A 120 -10.33 7.72 18.96
C SER A 120 -11.37 8.43 18.11
N ASP A 121 -11.56 9.71 18.36
CA ASP A 121 -12.65 10.46 17.76
C ASP A 121 -12.36 10.84 16.31
N LEU A 122 -11.14 11.24 16.04
CA LEU A 122 -10.78 11.80 14.75
C LEU A 122 -10.28 10.73 13.78
N VAL A 123 -9.74 9.64 14.32
CA VAL A 123 -9.12 8.62 13.49
C VAL A 123 -10.14 7.89 12.64
N LYS A 124 -9.85 7.79 11.35
CA LYS A 124 -10.73 7.07 10.43
C LYS A 124 -10.54 5.57 10.57
N SER A 125 -11.65 4.85 10.56
CA SER A 125 -11.64 3.41 10.78
C SER A 125 -10.81 2.67 9.72
N SER A 126 -11.03 3.00 8.45
CA SER A 126 -10.33 2.31 7.38
C SER A 126 -9.62 3.30 6.46
N ASN A 127 -8.64 4.02 7.01
CA ASN A 127 -7.82 4.92 6.21
C ASN A 127 -6.35 4.59 6.41
N VAL A 128 -6.08 3.62 7.26
CA VAL A 128 -4.71 3.21 7.58
C VAL A 128 -4.64 1.69 7.71
N LYS A 129 -3.64 1.10 7.09
CA LYS A 129 -3.41 -0.33 7.18
C LYS A 129 -2.33 -0.65 8.19
N VAL A 130 -2.69 -1.40 9.21
CA VAL A 130 -1.73 -1.84 10.22
C VAL A 130 -1.49 -3.34 10.07
N THR A 131 -0.23 -3.72 9.97
CA THR A 131 0.14 -5.12 9.91
C THR A 131 1.47 -5.31 10.65
N THR A 132 1.58 -6.36 11.45
CA THR A 132 2.80 -6.60 12.19
C THR A 132 3.60 -7.76 11.58
N GLU A 133 4.84 -7.48 11.25
CA GLU A 133 5.75 -8.49 10.72
C GLU A 133 6.87 -8.74 11.72
N ASN A 134 7.67 -9.77 11.46
CA ASN A 134 8.78 -10.12 12.34
C ASN A 134 9.63 -8.89 12.67
N GLY A 135 9.60 -8.51 13.95
CA GLY A 135 10.38 -7.39 14.42
C GLY A 135 9.74 -6.04 14.13
N GLU A 136 9.17 -5.88 12.94
CA GLU A 136 8.69 -4.58 12.49
C GLU A 136 7.19 -4.58 12.22
N VAL A 137 6.48 -3.64 12.83
CA VAL A 137 5.06 -3.46 12.57
C VAL A 137 4.88 -2.27 11.64
N PHE A 138 4.13 -2.46 10.57
CA PHE A 138 4.00 -1.45 9.54
C PHE A 138 2.68 -0.71 9.65
N LEU A 139 2.74 0.61 9.46
CA LEU A 139 1.56 1.44 9.37
C LEU A 139 1.57 2.17 8.04
N MET A 140 0.42 2.26 7.40
CA MET A 140 0.35 2.74 6.02
C MET A 140 -0.99 3.41 5.73
N GLY A 141 -0.97 4.70 5.39
CA GLY A 141 -2.21 5.35 4.98
C GLY A 141 -2.19 6.85 5.15
N LEU A 142 -3.13 7.50 4.50
CA LEU A 142 -3.24 8.95 4.51
C LEU A 142 -4.27 9.40 5.55
N VAL A 143 -3.85 10.25 6.48
CA VAL A 143 -4.73 10.79 7.52
C VAL A 143 -4.32 12.23 7.84
N THR A 144 -5.11 12.98 8.56
CA THR A 144 -4.70 14.33 8.90
C THR A 144 -3.73 14.30 10.09
N GLU A 145 -3.21 15.46 10.46
CA GLU A 145 -2.19 15.53 11.51
C GLU A 145 -2.69 14.99 12.83
N ARG A 146 -3.97 15.22 13.13
CA ARG A 146 -4.55 14.78 14.39
C ARG A 146 -4.53 13.25 14.50
N GLU A 147 -4.88 12.58 13.41
CA GLU A 147 -4.86 11.12 13.37
C GLU A 147 -3.44 10.61 13.39
N ALA A 148 -2.57 11.25 12.63
CA ALA A 148 -1.16 10.86 12.57
C ALA A 148 -0.51 10.99 13.95
N LYS A 149 -0.87 12.04 14.67
CA LYS A 149 -0.39 12.27 16.02
C LYS A 149 -0.90 11.18 16.96
N ALA A 150 -2.18 10.86 16.83
CA ALA A 150 -2.80 9.83 17.67
C ALA A 150 -2.18 8.47 17.40
N ALA A 151 -1.90 8.19 16.13
CA ALA A 151 -1.27 6.94 15.74
C ALA A 151 0.12 6.82 16.36
N ALA A 152 0.91 7.89 16.27
CA ALA A 152 2.23 7.93 16.86
C ALA A 152 2.15 7.77 18.37
N ASP A 153 1.18 8.46 18.96
CA ASP A 153 0.93 8.38 20.40
C ASP A 153 0.71 6.94 20.84
N ILE A 154 -0.16 6.25 20.11
CA ILE A 154 -0.48 4.86 20.42
C ILE A 154 0.72 3.95 20.12
N ALA A 155 1.39 4.19 19.00
CA ALA A 155 2.55 3.39 18.59
C ALA A 155 3.63 3.40 19.67
N SER A 156 3.77 4.53 20.35
CA SER A 156 4.74 4.67 21.42
C SER A 156 4.21 4.05 22.72
N ARG A 157 2.88 4.04 22.87
CA ARG A 157 2.25 3.63 24.12
C ARG A 157 2.13 2.11 24.22
N VAL A 158 1.93 1.44 23.10
CA VAL A 158 1.68 0.01 23.11
C VAL A 158 2.96 -0.79 23.38
N SER A 159 2.86 -1.72 24.32
CA SER A 159 3.95 -2.62 24.64
C SER A 159 3.91 -3.82 23.70
N GLY A 160 5.09 -4.26 23.26
CA GLY A 160 5.17 -5.40 22.36
C GLY A 160 5.84 -5.02 21.05
N VAL A 161 5.94 -3.74 20.79
CA VAL A 161 6.54 -3.26 19.55
C VAL A 161 8.06 -3.25 19.65
N LYS A 162 8.71 -3.99 18.76
CA LYS A 162 10.16 -4.00 18.68
C LYS A 162 10.63 -2.84 17.81
N ARG A 163 10.01 -2.72 16.64
CA ARG A 163 10.24 -1.60 15.75
C ARG A 163 8.98 -1.36 14.93
N VAL A 164 8.69 -0.10 14.63
CA VAL A 164 7.49 0.24 13.89
C VAL A 164 7.84 1.07 12.65
N THR A 165 7.58 0.52 11.48
CA THR A 165 7.78 1.25 10.26
C THR A 165 6.55 2.10 9.98
N THR A 166 6.75 3.39 9.77
CA THR A 166 5.63 4.30 9.64
C THR A 166 5.82 5.27 8.48
N ALA A 167 4.76 5.44 7.72
CA ALA A 167 4.67 6.52 6.76
C ALA A 167 3.56 7.46 7.18
N PHE A 168 3.92 8.52 7.90
CA PHE A 168 2.94 9.47 8.36
C PHE A 168 2.58 10.41 7.23
N THR A 169 1.38 10.24 6.71
CA THR A 169 0.94 11.00 5.56
C THR A 169 -0.28 11.82 5.90
N PHE A 170 -0.20 13.13 5.69
CA PHE A 170 -1.25 14.05 6.09
C PHE A 170 -2.23 14.35 4.96
N ILE A 171 -3.49 14.05 5.20
CA ILE A 171 -4.57 14.45 4.29
C ILE A 171 -5.04 15.83 4.66
N LYS A 172 -4.67 16.84 3.88
CA LYS A 172 -5.14 18.22 4.10
C LYS A 172 -4.74 18.73 5.50
N GLY A 173 -5.46 18.27 6.50
CA GLY A 173 -5.25 18.66 7.87
C GLY A 173 -6.55 19.04 8.53
N GLY A 174 -7.50 19.47 7.71
CA GLY A 174 -8.85 19.73 8.19
C GLY A 174 -9.04 21.14 8.69
N LEU A 175 -8.14 21.56 9.57
CA LEU A 175 -8.24 22.88 10.16
C LEU A 175 -7.36 23.86 9.43
N GLU A 176 -8.00 24.71 8.63
CA GLU A 176 -7.32 25.77 7.92
C GLU A 176 -8.21 27.00 7.89
N HIS A 177 -7.62 28.15 7.64
CA HIS A 177 -8.36 29.40 7.68
C HIS A 177 -8.90 29.76 6.30
N HIS A 178 -10.20 30.00 6.26
CA HIS A 178 -10.87 30.45 5.06
C HIS A 178 -12.12 31.23 5.44
N ILE A 1 19.48 42.04 18.19
CA ILE A 1 20.76 42.61 17.75
C ILE A 1 20.68 43.02 16.28
N ALA A 2 21.40 44.08 15.92
CA ALA A 2 21.46 44.53 14.54
C ALA A 2 22.42 43.66 13.72
N ALA A 3 21.90 42.52 13.26
CA ALA A 3 22.71 41.57 12.51
C ALA A 3 22.94 42.04 11.08
N ALA A 4 22.04 42.92 10.61
CA ALA A 4 22.15 43.55 9.29
C ALA A 4 21.78 42.60 8.15
N VAL A 5 21.90 41.30 8.41
CA VAL A 5 21.58 40.25 7.43
C VAL A 5 22.59 40.24 6.28
N VAL A 6 23.52 39.31 6.36
CA VAL A 6 24.54 39.16 5.34
C VAL A 6 24.71 37.68 4.99
N GLY A 7 25.53 37.40 3.98
CA GLY A 7 25.81 36.03 3.60
C GLY A 7 24.79 35.48 2.61
N THR A 8 23.51 35.63 2.92
CA THR A 8 22.45 35.08 2.09
C THR A 8 22.29 35.86 0.80
N ALA A 9 22.38 35.15 -0.31
CA ALA A 9 22.28 35.77 -1.63
C ALA A 9 21.37 34.94 -2.54
N ALA A 10 20.77 35.60 -3.52
CA ALA A 10 19.88 34.93 -4.46
C ALA A 10 20.66 34.38 -5.64
N VAL A 11 21.11 33.14 -5.52
CA VAL A 11 21.86 32.48 -6.58
C VAL A 11 21.20 31.17 -6.97
N GLY A 12 20.08 31.27 -7.68
CA GLY A 12 19.35 30.08 -8.07
C GLY A 12 18.76 30.19 -9.46
N THR A 13 19.58 30.63 -10.41
CA THR A 13 19.14 30.78 -11.79
C THR A 13 19.46 29.53 -12.59
N LYS A 14 18.43 28.89 -13.14
CA LYS A 14 18.61 27.73 -13.99
C LYS A 14 17.75 27.88 -15.25
N ALA A 15 18.27 28.60 -16.21
CA ALA A 15 17.53 28.88 -17.45
C ALA A 15 17.76 27.79 -18.48
N ALA A 16 17.62 26.54 -18.06
CA ALA A 16 17.77 25.40 -18.94
C ALA A 16 16.54 25.28 -19.86
N THR A 17 16.76 25.44 -21.15
CA THR A 17 15.69 25.39 -22.13
C THR A 17 15.32 23.95 -22.47
N ASP A 18 14.97 23.19 -21.45
CA ASP A 18 14.62 21.80 -21.65
C ASP A 18 13.10 21.62 -21.64
N PRO A 19 12.61 20.77 -22.54
CA PRO A 19 11.19 20.39 -22.58
C PRO A 19 10.75 19.72 -21.28
N ARG A 20 11.64 18.93 -20.71
CA ARG A 20 11.35 18.20 -19.49
C ARG A 20 11.92 18.92 -18.28
N SER A 21 11.55 20.18 -18.13
CA SER A 21 11.98 20.98 -16.99
C SER A 21 11.27 20.52 -15.73
N VAL A 22 9.98 20.22 -15.87
CA VAL A 22 9.18 19.71 -14.78
C VAL A 22 8.90 18.23 -14.99
N GLY A 23 9.42 17.40 -14.11
CA GLY A 23 9.20 15.97 -14.21
C GLY A 23 7.99 15.51 -13.42
N THR A 24 7.69 16.21 -12.33
CA THR A 24 6.59 15.83 -11.46
C THR A 24 5.23 16.12 -12.09
N GLN A 25 4.53 15.07 -12.48
CA GLN A 25 3.17 15.20 -13.01
C GLN A 25 2.39 13.92 -12.75
N VAL A 26 2.54 13.39 -11.55
CA VAL A 26 1.87 12.15 -11.16
C VAL A 26 0.51 12.44 -10.56
N ASP A 27 -0.43 11.54 -10.78
CA ASP A 27 -1.77 11.69 -10.20
C ASP A 27 -2.18 10.42 -9.49
N ASP A 28 -2.74 10.58 -8.30
CA ASP A 28 -3.25 9.45 -7.52
C ASP A 28 -4.29 8.68 -8.33
N GLY A 29 -5.25 9.41 -8.86
CA GLY A 29 -6.32 8.78 -9.63
C GLY A 29 -5.82 8.12 -10.90
N THR A 30 -4.96 8.82 -11.63
CA THR A 30 -4.40 8.30 -12.86
C THR A 30 -3.63 7.00 -12.61
N LEU A 31 -2.85 6.97 -11.53
CA LEU A 31 -2.10 5.78 -11.14
C LEU A 31 -3.07 4.67 -10.74
N GLU A 32 -4.04 5.03 -9.91
CA GLU A 32 -5.07 4.09 -9.45
C GLU A 32 -5.79 3.47 -10.65
N VAL A 33 -6.14 4.30 -11.61
CA VAL A 33 -6.83 3.86 -12.81
C VAL A 33 -5.99 2.83 -13.57
N ARG A 34 -4.70 3.12 -13.77
CA ARG A 34 -3.84 2.24 -14.56
C ARG A 34 -3.70 0.85 -13.93
N VAL A 35 -3.57 0.81 -12.61
CA VAL A 35 -3.43 -0.47 -11.93
C VAL A 35 -4.77 -1.19 -11.86
N ASN A 36 -5.83 -0.44 -11.60
CA ASN A 36 -7.18 -1.01 -11.52
C ASN A 36 -7.59 -1.61 -12.86
N SER A 37 -7.26 -0.92 -13.95
CA SER A 37 -7.62 -1.40 -15.28
C SER A 37 -6.83 -2.65 -15.63
N ALA A 38 -5.55 -2.69 -15.24
CA ALA A 38 -4.72 -3.87 -15.48
C ALA A 38 -5.26 -5.07 -14.70
N LEU A 39 -5.63 -4.83 -13.44
CA LEU A 39 -6.23 -5.87 -12.60
C LEU A 39 -7.47 -6.46 -13.28
N SER A 40 -8.33 -5.58 -13.77
CA SER A 40 -9.56 -6.00 -14.42
C SER A 40 -9.29 -6.50 -15.84
N LYS A 41 -8.09 -6.24 -16.34
CA LYS A 41 -7.69 -6.71 -17.68
C LYS A 41 -7.40 -8.19 -17.65
N ASP A 42 -6.76 -8.64 -16.57
CA ASP A 42 -6.54 -10.07 -16.36
C ASP A 42 -7.70 -10.63 -15.55
N GLU A 43 -8.68 -11.21 -16.25
CA GLU A 43 -9.89 -11.70 -15.61
C GLU A 43 -9.57 -12.61 -14.45
N GLN A 44 -8.75 -13.62 -14.68
CA GLN A 44 -8.40 -14.60 -13.66
C GLN A 44 -7.89 -13.94 -12.40
N ILE A 45 -7.21 -12.81 -12.56
CA ILE A 45 -6.63 -12.07 -11.45
C ILE A 45 -7.72 -11.41 -10.60
N LYS A 46 -8.77 -10.91 -11.24
CA LYS A 46 -9.85 -10.26 -10.50
C LYS A 46 -11.01 -11.23 -10.25
N LYS A 47 -11.03 -12.32 -10.99
CA LYS A 47 -12.11 -13.30 -10.91
C LYS A 47 -11.85 -14.32 -9.81
N GLU A 48 -10.64 -14.88 -9.78
CA GLU A 48 -10.32 -15.92 -8.81
C GLU A 48 -9.48 -15.35 -7.67
N ALA A 49 -8.94 -14.17 -7.88
CA ALA A 49 -8.17 -13.49 -6.85
C ALA A 49 -8.84 -12.17 -6.52
N ARG A 50 -8.57 -11.65 -5.33
CA ARG A 50 -9.12 -10.36 -4.95
C ARG A 50 -8.03 -9.48 -4.40
N ILE A 51 -7.72 -8.42 -5.12
CA ILE A 51 -6.74 -7.45 -4.67
C ILE A 51 -7.38 -6.08 -4.65
N ASN A 52 -7.02 -5.27 -3.68
CA ASN A 52 -7.54 -3.93 -3.57
C ASN A 52 -6.45 -2.92 -3.86
N VAL A 53 -6.79 -1.91 -4.65
CA VAL A 53 -5.82 -0.93 -5.08
C VAL A 53 -6.09 0.42 -4.42
N THR A 54 -5.05 1.00 -3.85
CA THR A 54 -5.13 2.30 -3.24
C THR A 54 -3.95 3.16 -3.66
N ALA A 55 -4.22 4.27 -4.31
CA ALA A 55 -3.16 5.17 -4.73
C ALA A 55 -3.27 6.49 -4.00
N TYR A 56 -2.15 6.95 -3.47
CA TYR A 56 -2.12 8.18 -2.68
C TYR A 56 -0.69 8.71 -2.61
N GLN A 57 -0.54 10.02 -2.74
CA GLN A 57 0.75 10.70 -2.56
C GLN A 57 1.68 10.47 -3.75
N GLY A 58 1.25 9.63 -4.69
CA GLY A 58 2.09 9.29 -5.82
C GLY A 58 2.59 7.86 -5.73
N LYS A 59 2.39 7.26 -4.57
CA LYS A 59 2.77 5.87 -4.36
C LYS A 59 1.54 4.96 -4.40
N VAL A 60 1.76 3.67 -4.52
CA VAL A 60 0.66 2.71 -4.58
C VAL A 60 0.66 1.79 -3.37
N LEU A 61 -0.54 1.47 -2.91
CA LEU A 61 -0.75 0.52 -1.84
C LEU A 61 -1.71 -0.56 -2.30
N LEU A 62 -1.24 -1.79 -2.35
CA LEU A 62 -2.07 -2.90 -2.76
C LEU A 62 -2.21 -3.89 -1.62
N VAL A 63 -3.42 -4.34 -1.38
CA VAL A 63 -3.70 -5.28 -0.30
C VAL A 63 -4.80 -6.23 -0.73
N GLY A 64 -4.68 -7.51 -0.40
CA GLY A 64 -5.73 -8.44 -0.76
C GLY A 64 -5.38 -9.89 -0.53
N GLN A 65 -6.06 -10.76 -1.27
CA GLN A 65 -5.91 -12.20 -1.12
C GLN A 65 -6.01 -12.87 -2.48
N SER A 66 -5.21 -13.90 -2.69
CA SER A 66 -5.20 -14.62 -3.95
C SER A 66 -4.84 -16.07 -3.73
N PRO A 67 -5.40 -16.99 -4.53
CA PRO A 67 -5.02 -18.40 -4.51
C PRO A 67 -3.62 -18.59 -5.11
N ASN A 68 -3.27 -17.69 -6.03
CA ASN A 68 -1.96 -17.68 -6.63
C ASN A 68 -1.31 -16.33 -6.40
N ALA A 69 -0.17 -16.31 -5.72
CA ALA A 69 0.57 -15.08 -5.49
C ALA A 69 1.06 -14.51 -6.81
N GLU A 70 1.27 -15.41 -7.78
CA GLU A 70 1.70 -15.03 -9.12
C GLU A 70 0.69 -14.07 -9.77
N LEU A 71 -0.60 -14.30 -9.52
CA LEU A 71 -1.65 -13.48 -10.10
C LEU A 71 -1.52 -12.04 -9.62
N SER A 72 -1.42 -11.89 -8.31
CA SER A 72 -1.31 -10.57 -7.70
C SER A 72 -0.02 -9.87 -8.15
N ALA A 73 1.07 -10.62 -8.16
CA ALA A 73 2.37 -10.11 -8.55
C ALA A 73 2.37 -9.64 -10.00
N ARG A 74 1.88 -10.49 -10.89
CA ARG A 74 1.82 -10.16 -12.32
C ARG A 74 0.96 -8.93 -12.54
N ALA A 75 -0.16 -8.86 -11.83
CA ALA A 75 -1.09 -7.75 -11.98
C ALA A 75 -0.44 -6.42 -11.61
N LYS A 76 0.25 -6.39 -10.48
CA LYS A 76 0.86 -5.15 -10.02
C LYS A 76 2.02 -4.71 -10.92
N GLN A 77 2.82 -5.68 -11.38
CA GLN A 77 4.00 -5.36 -12.19
C GLN A 77 3.59 -4.80 -13.55
N ILE A 78 2.61 -5.44 -14.20
CA ILE A 78 2.14 -4.98 -15.51
C ILE A 78 1.38 -3.67 -15.39
N ALA A 79 0.69 -3.50 -14.26
CA ALA A 79 -0.12 -2.32 -14.02
C ALA A 79 0.71 -1.05 -13.93
N MET A 80 1.69 -1.05 -13.03
CA MET A 80 2.45 0.16 -12.76
C MET A 80 3.72 0.25 -13.62
N GLY A 81 4.43 -0.86 -13.76
CA GLY A 81 5.72 -0.84 -14.45
C GLY A 81 6.62 0.25 -13.93
N VAL A 82 7.34 0.91 -14.83
CA VAL A 82 8.08 2.11 -14.47
C VAL A 82 7.39 3.32 -15.07
N ASP A 83 6.96 4.24 -14.21
CA ASP A 83 6.16 5.39 -14.67
C ASP A 83 5.68 6.22 -13.48
N GLY A 84 6.57 7.05 -12.96
CA GLY A 84 6.19 8.00 -11.93
C GLY A 84 6.04 7.40 -10.55
N ALA A 85 5.82 6.09 -10.50
CA ALA A 85 5.62 5.42 -9.22
C ALA A 85 6.94 5.34 -8.46
N ASN A 86 6.99 6.02 -7.32
CA ASN A 86 8.18 6.02 -6.49
C ASN A 86 8.18 4.82 -5.57
N GLU A 87 7.03 4.54 -4.98
CA GLU A 87 6.89 3.43 -4.06
C GLU A 87 5.65 2.62 -4.38
N VAL A 88 5.76 1.32 -4.25
CA VAL A 88 4.62 0.43 -4.36
C VAL A 88 4.69 -0.62 -3.26
N TYR A 89 3.68 -0.64 -2.42
CA TYR A 89 3.63 -1.60 -1.33
C TYR A 89 2.46 -2.54 -1.55
N ASN A 90 2.76 -3.80 -1.80
CA ASN A 90 1.73 -4.79 -2.02
C ASN A 90 1.81 -5.88 -0.95
N GLU A 91 0.70 -6.11 -0.26
CA GLU A 91 0.61 -7.23 0.64
C GLU A 91 -0.52 -8.13 0.20
N ILE A 92 -0.17 -9.36 -0.14
CA ILE A 92 -1.17 -10.34 -0.52
C ILE A 92 -1.20 -11.44 0.53
N ARG A 93 -2.37 -11.67 1.10
CA ARG A 93 -2.53 -12.66 2.15
C ARG A 93 -2.57 -14.07 1.56
N GLN A 94 -1.58 -14.39 0.74
CA GLN A 94 -1.41 -15.72 0.19
C GLN A 94 -0.10 -16.29 0.71
N GLY A 95 -0.22 -17.28 1.58
CA GLY A 95 0.95 -17.89 2.15
C GLY A 95 0.64 -18.49 3.50
N GLN A 96 1.59 -18.40 4.41
CA GLN A 96 1.42 -18.96 5.74
C GLN A 96 2.05 -18.04 6.78
N PRO A 97 1.50 -18.03 8.01
CA PRO A 97 2.12 -17.30 9.12
C PRO A 97 3.49 -17.87 9.45
N ILE A 98 4.38 -17.03 9.97
CA ILE A 98 5.75 -17.43 10.20
C ILE A 98 5.88 -18.29 11.47
N GLY A 99 4.89 -18.21 12.35
CA GLY A 99 4.92 -18.98 13.57
C GLY A 99 3.70 -18.75 14.44
N LEU A 100 3.46 -19.68 15.35
CA LEU A 100 2.29 -19.61 16.22
C LEU A 100 2.45 -18.50 17.25
N GLY A 101 3.59 -18.46 17.92
CA GLY A 101 3.81 -17.51 18.99
C GLY A 101 3.85 -16.08 18.52
N GLU A 102 4.61 -15.81 17.46
CA GLU A 102 4.80 -14.46 16.98
C GLU A 102 3.55 -13.92 16.32
N ALA A 103 2.97 -14.68 15.38
CA ALA A 103 1.83 -14.19 14.59
C ALA A 103 0.66 -13.79 15.47
N SER A 104 0.41 -14.55 16.54
CA SER A 104 -0.66 -14.25 17.46
C SER A 104 -0.39 -12.93 18.19
N ASN A 105 0.87 -12.70 18.53
CA ASN A 105 1.27 -11.44 19.17
C ASN A 105 1.28 -10.33 18.15
N ASP A 106 1.74 -10.65 16.95
CA ASP A 106 1.77 -9.74 15.82
C ASP A 106 0.38 -9.18 15.56
N THR A 107 -0.60 -10.06 15.48
CA THR A 107 -1.98 -9.66 15.24
C THR A 107 -2.57 -8.96 16.46
N TRP A 108 -2.24 -9.46 17.64
CA TRP A 108 -2.71 -8.87 18.89
C TRP A 108 -2.25 -7.42 19.00
N ILE A 109 -0.97 -7.20 18.77
CA ILE A 109 -0.40 -5.87 18.79
C ILE A 109 -1.09 -4.99 17.74
N THR A 110 -1.25 -5.55 16.54
CA THR A 110 -1.94 -4.86 15.46
C THR A 110 -3.35 -4.46 15.89
N THR A 111 -4.03 -5.39 16.54
CA THR A 111 -5.38 -5.20 16.98
C THR A 111 -5.50 -4.08 18.02
N LYS A 112 -4.65 -4.13 19.04
CA LYS A 112 -4.71 -3.17 20.13
C LYS A 112 -4.26 -1.79 19.69
N VAL A 113 -3.17 -1.69 18.93
CA VAL A 113 -2.71 -0.38 18.47
C VAL A 113 -3.76 0.27 17.58
N ARG A 114 -4.43 -0.55 16.78
CA ARG A 114 -5.53 -0.08 15.96
C ARG A 114 -6.67 0.41 16.85
N SER A 115 -7.06 -0.44 17.80
CA SER A 115 -8.13 -0.13 18.74
C SER A 115 -7.90 1.21 19.44
N GLN A 116 -6.68 1.44 19.89
CA GLN A 116 -6.34 2.67 20.59
C GLN A 116 -6.35 3.87 19.66
N LEU A 117 -6.01 3.64 18.40
CA LEU A 117 -6.12 4.70 17.40
C LEU A 117 -7.59 5.00 17.12
N LEU A 118 -8.37 3.95 16.85
CA LEU A 118 -9.77 4.08 16.45
C LEU A 118 -10.65 4.63 17.58
N THR A 119 -10.20 4.50 18.82
CA THR A 119 -10.97 4.99 19.96
C THR A 119 -11.00 6.52 20.00
N SER A 120 -10.13 7.14 19.22
CA SER A 120 -10.05 8.59 19.15
C SER A 120 -11.11 9.13 18.19
N ASP A 121 -11.62 10.32 18.49
CA ASP A 121 -12.69 10.95 17.71
C ASP A 121 -12.21 11.38 16.33
N LEU A 122 -10.98 11.88 16.29
CA LEU A 122 -10.41 12.39 15.05
C LEU A 122 -9.95 11.25 14.13
N VAL A 123 -9.68 10.10 14.73
CA VAL A 123 -9.15 8.97 13.99
C VAL A 123 -10.28 8.06 13.49
N LYS A 124 -10.21 7.66 12.23
CA LYS A 124 -11.22 6.79 11.65
C LYS A 124 -10.69 5.37 11.51
N SER A 125 -11.61 4.40 11.57
CA SER A 125 -11.24 2.99 11.58
C SER A 125 -10.58 2.54 10.28
N SER A 126 -11.19 2.88 9.16
CA SER A 126 -10.69 2.44 7.86
C SER A 126 -9.88 3.55 7.18
N ASN A 127 -8.91 4.09 7.91
CA ASN A 127 -8.05 5.13 7.36
C ASN A 127 -6.60 4.66 7.30
N VAL A 128 -6.14 4.00 8.35
CA VAL A 128 -4.77 3.53 8.43
C VAL A 128 -4.70 2.02 8.25
N LYS A 129 -3.66 1.56 7.57
CA LYS A 129 -3.44 0.14 7.38
C LYS A 129 -2.13 -0.26 8.05
N VAL A 130 -2.22 -1.14 9.04
CA VAL A 130 -1.04 -1.54 9.80
C VAL A 130 -0.82 -3.05 9.70
N THR A 131 0.43 -3.46 9.68
CA THR A 131 0.77 -4.87 9.61
C THR A 131 2.00 -5.17 10.47
N THR A 132 1.85 -6.10 11.41
CA THR A 132 2.95 -6.50 12.27
C THR A 132 3.43 -7.90 11.90
N GLU A 133 4.73 -8.04 11.74
CA GLU A 133 5.32 -9.36 11.53
C GLU A 133 6.62 -9.49 12.30
N ASN A 134 6.75 -10.59 13.03
CA ASN A 134 7.96 -10.93 13.76
C ASN A 134 8.31 -9.85 14.80
N GLY A 135 7.28 -9.23 15.36
CA GLY A 135 7.50 -8.20 16.36
C GLY A 135 7.82 -6.85 15.74
N GLU A 136 7.82 -6.80 14.43
CA GLU A 136 8.08 -5.57 13.70
C GLU A 136 6.79 -5.10 13.02
N VAL A 137 6.26 -3.98 13.46
CA VAL A 137 5.01 -3.46 12.93
C VAL A 137 5.26 -2.31 11.98
N PHE A 138 4.61 -2.36 10.83
CA PHE A 138 4.69 -1.29 9.85
C PHE A 138 3.35 -0.60 9.73
N LEU A 139 3.37 0.69 9.41
CA LEU A 139 2.15 1.47 9.26
C LEU A 139 2.09 2.06 7.86
N MET A 140 0.89 2.05 7.28
CA MET A 140 0.71 2.44 5.89
C MET A 140 -0.61 3.18 5.68
N GLY A 141 -0.68 3.94 4.60
CA GLY A 141 -1.90 4.63 4.24
C GLY A 141 -1.78 6.13 4.39
N LEU A 142 -2.92 6.82 4.37
CA LEU A 142 -2.95 8.26 4.49
C LEU A 142 -3.88 8.64 5.63
N VAL A 143 -3.36 9.38 6.61
CA VAL A 143 -4.16 9.84 7.75
C VAL A 143 -3.81 11.28 8.05
N THR A 144 -4.58 11.92 8.90
CA THR A 144 -4.30 13.30 9.27
C THR A 144 -3.18 13.37 10.29
N GLU A 145 -2.71 14.58 10.57
CA GLU A 145 -1.65 14.77 11.56
C GLU A 145 -2.15 14.36 12.94
N ARG A 146 -3.45 14.51 13.15
CA ARG A 146 -4.09 14.07 14.39
C ARG A 146 -4.02 12.56 14.52
N GLU A 147 -4.39 11.87 13.44
CA GLU A 147 -4.35 10.41 13.43
C GLU A 147 -2.91 9.91 13.47
N ALA A 148 -2.03 10.63 12.80
CA ALA A 148 -0.61 10.33 12.84
C ALA A 148 -0.07 10.49 14.26
N LYS A 149 -0.57 11.50 14.96
CA LYS A 149 -0.18 11.75 16.34
C LYS A 149 -0.63 10.60 17.23
N ALA A 150 -1.86 10.13 17.02
CA ALA A 150 -2.40 9.02 17.77
C ALA A 150 -1.58 7.76 17.52
N ALA A 151 -1.19 7.55 16.26
CA ALA A 151 -0.36 6.42 15.89
C ALA A 151 0.97 6.47 16.63
N ALA A 152 1.63 7.62 16.59
CA ALA A 152 2.90 7.81 17.27
C ALA A 152 2.73 7.67 18.78
N ASP A 153 1.61 8.19 19.30
CA ASP A 153 1.29 8.10 20.71
C ASP A 153 1.28 6.64 21.16
N ILE A 154 0.46 5.86 20.48
CA ILE A 154 0.30 4.45 20.82
C ILE A 154 1.60 3.68 20.62
N ALA A 155 2.26 3.92 19.50
CA ALA A 155 3.50 3.23 19.17
C ALA A 155 4.58 3.46 20.23
N SER A 156 4.53 4.62 20.88
CA SER A 156 5.52 4.95 21.90
C SER A 156 5.13 4.39 23.27
N ARG A 157 3.85 4.43 23.60
CA ARG A 157 3.40 4.05 24.94
C ARG A 157 3.14 2.54 25.05
N VAL A 158 2.91 1.89 23.93
CA VAL A 158 2.64 0.45 23.93
C VAL A 158 3.96 -0.33 23.88
N SER A 159 4.18 -1.16 24.88
CA SER A 159 5.36 -2.00 24.94
C SER A 159 5.04 -3.41 24.52
N GLY A 160 5.95 -4.04 23.78
CA GLY A 160 5.75 -5.41 23.34
C GLY A 160 6.36 -5.63 21.97
N VAL A 161 6.29 -4.62 21.12
CA VAL A 161 6.88 -4.70 19.80
C VAL A 161 8.38 -4.46 19.86
N LYS A 162 9.11 -5.18 19.03
CA LYS A 162 10.56 -5.07 19.03
C LYS A 162 10.99 -3.90 18.16
N ARG A 163 10.23 -3.63 17.12
CA ARG A 163 10.48 -2.51 16.24
C ARG A 163 9.19 -2.02 15.62
N VAL A 164 8.98 -0.71 15.66
CA VAL A 164 7.82 -0.11 15.05
C VAL A 164 8.24 0.86 13.94
N THR A 165 7.86 0.54 12.71
CA THR A 165 8.17 1.38 11.58
C THR A 165 6.91 2.10 11.12
N THR A 166 7.00 3.41 10.97
CA THR A 166 5.82 4.21 10.67
C THR A 166 6.09 5.23 9.57
N ALA A 167 5.33 5.12 8.48
CA ALA A 167 5.36 6.14 7.44
C ALA A 167 4.32 7.20 7.76
N PHE A 168 4.75 8.30 8.36
CA PHE A 168 3.82 9.33 8.77
C PHE A 168 3.42 10.18 7.58
N THR A 169 2.18 10.01 7.17
CA THR A 169 1.64 10.67 6.01
C THR A 169 0.43 11.50 6.44
N PHE A 170 0.24 12.66 5.84
CA PHE A 170 -0.81 13.56 6.29
C PHE A 170 -1.86 13.81 5.22
N ILE A 171 -3.09 13.47 5.58
CA ILE A 171 -4.26 13.87 4.84
C ILE A 171 -4.60 15.28 5.30
N LYS A 172 -4.87 16.20 4.35
CA LYS A 172 -5.16 17.61 4.65
C LYS A 172 -5.82 17.81 6.02
N GLY A 173 -5.00 18.13 7.01
CA GLY A 173 -5.49 18.25 8.37
C GLY A 173 -5.82 19.67 8.72
N GLY A 174 -6.90 20.18 8.15
CA GLY A 174 -7.32 21.53 8.42
C GLY A 174 -8.80 21.71 8.24
N LEU A 175 -9.18 22.53 7.29
CA LEU A 175 -10.58 22.80 7.01
C LEU A 175 -10.87 22.59 5.53
N GLU A 176 -11.97 21.93 5.24
CA GLU A 176 -12.39 21.69 3.86
C GLU A 176 -13.76 22.32 3.63
N HIS A 177 -14.21 22.31 2.40
CA HIS A 177 -15.53 22.83 2.09
C HIS A 177 -16.07 22.20 0.81
N HIS A 178 -17.32 21.80 0.85
CA HIS A 178 -17.98 21.22 -0.32
C HIS A 178 -18.84 22.28 -0.98
N ILE A 1 -7.68 -36.25 5.48
CA ILE A 1 -6.32 -35.99 4.97
C ILE A 1 -6.26 -34.62 4.31
N ALA A 2 -5.08 -34.01 4.28
CA ALA A 2 -4.90 -32.73 3.64
C ALA A 2 -4.33 -32.92 2.24
N ALA A 3 -5.21 -32.91 1.25
CA ALA A 3 -4.81 -33.09 -0.14
C ALA A 3 -4.34 -31.77 -0.76
N ALA A 4 -3.71 -30.94 0.05
CA ALA A 4 -3.20 -29.66 -0.42
C ALA A 4 -1.80 -29.83 -0.98
N VAL A 5 -1.72 -30.25 -2.24
CA VAL A 5 -0.45 -30.46 -2.89
C VAL A 5 -0.53 -30.02 -4.36
N VAL A 6 -0.60 -28.71 -4.55
CA VAL A 6 -0.59 -28.12 -5.88
C VAL A 6 0.41 -26.97 -5.93
N GLY A 7 0.90 -26.68 -7.12
CA GLY A 7 1.85 -25.59 -7.29
C GLY A 7 1.63 -24.86 -8.59
N THR A 8 0.54 -24.12 -8.67
CA THR A 8 0.18 -23.40 -9.87
C THR A 8 0.95 -22.10 -10.01
N ALA A 9 1.79 -22.04 -11.03
CA ALA A 9 2.59 -20.86 -11.32
C ALA A 9 3.07 -20.89 -12.75
N ALA A 10 2.72 -19.88 -13.53
CA ALA A 10 3.10 -19.82 -14.92
C ALA A 10 3.90 -18.56 -15.21
N VAL A 11 4.82 -18.66 -16.15
CA VAL A 11 5.67 -17.53 -16.51
C VAL A 11 5.00 -16.68 -17.57
N GLY A 12 4.41 -15.58 -17.14
CA GLY A 12 3.73 -14.68 -18.05
C GLY A 12 4.19 -13.25 -17.88
N THR A 13 5.49 -13.05 -17.88
CA THR A 13 6.07 -11.73 -17.71
C THR A 13 6.19 -11.02 -19.05
N LYS A 14 5.51 -9.89 -19.16
CA LYS A 14 5.51 -9.12 -20.40
C LYS A 14 6.76 -8.25 -20.49
N ALA A 15 7.56 -8.49 -21.52
CA ALA A 15 8.84 -7.80 -21.68
C ALA A 15 8.66 -6.44 -22.36
N ALA A 16 9.65 -5.57 -22.18
CA ALA A 16 9.63 -4.23 -22.77
C ALA A 16 8.46 -3.42 -22.22
N THR A 17 8.25 -3.54 -20.91
CA THR A 17 7.15 -2.87 -20.24
C THR A 17 7.59 -1.52 -19.68
N ASP A 18 8.52 -0.88 -20.38
CA ASP A 18 9.09 0.37 -19.90
C ASP A 18 8.52 1.55 -20.66
N PRO A 19 8.19 2.62 -19.93
CA PRO A 19 7.82 3.91 -20.52
C PRO A 19 9.04 4.65 -21.06
N ARG A 20 9.68 4.05 -22.06
CA ARG A 20 10.92 4.58 -22.61
C ARG A 20 10.79 6.01 -23.11
N SER A 21 9.61 6.35 -23.59
CA SER A 21 9.36 7.69 -24.11
C SER A 21 9.08 8.70 -22.99
N VAL A 22 8.74 8.20 -21.81
CA VAL A 22 8.37 9.07 -20.70
C VAL A 22 9.40 8.99 -19.57
N GLY A 23 9.35 7.89 -18.82
CA GLY A 23 10.21 7.73 -17.67
C GLY A 23 9.41 7.45 -16.42
N THR A 24 9.09 8.50 -15.68
CA THR A 24 8.31 8.35 -14.47
C THR A 24 7.05 9.22 -14.52
N GLN A 25 5.88 8.61 -14.65
CA GLN A 25 4.62 9.34 -14.64
C GLN A 25 3.89 9.11 -13.32
N VAL A 26 4.17 9.95 -12.33
CA VAL A 26 3.62 9.76 -11.00
C VAL A 26 2.42 10.65 -10.75
N ASP A 27 1.31 10.02 -10.40
CA ASP A 27 0.07 10.68 -10.01
C ASP A 27 -0.74 9.70 -9.19
N ASP A 28 -1.36 10.16 -8.11
CA ASP A 28 -2.13 9.26 -7.24
C ASP A 28 -3.16 8.48 -8.04
N GLY A 29 -4.02 9.20 -8.74
CA GLY A 29 -5.05 8.57 -9.52
C GLY A 29 -4.52 7.86 -10.75
N THR A 30 -3.58 8.50 -11.43
CA THR A 30 -2.98 7.92 -12.63
C THR A 30 -2.28 6.60 -12.33
N LEU A 31 -1.54 6.56 -11.22
CA LEU A 31 -0.87 5.34 -10.79
C LEU A 31 -1.90 4.28 -10.46
N GLU A 32 -2.91 4.67 -9.67
CA GLU A 32 -4.00 3.78 -9.31
C GLU A 32 -4.64 3.18 -10.57
N VAL A 33 -4.78 4.02 -11.59
CA VAL A 33 -5.35 3.60 -12.86
C VAL A 33 -4.47 2.55 -13.55
N ARG A 34 -3.17 2.82 -13.64
CA ARG A 34 -2.28 1.93 -14.38
C ARG A 34 -2.24 0.52 -13.77
N VAL A 35 -2.17 0.44 -12.43
CA VAL A 35 -2.16 -0.87 -11.78
C VAL A 35 -3.54 -1.54 -11.91
N ASN A 36 -4.59 -0.75 -11.76
CA ASN A 36 -5.96 -1.26 -11.92
C ASN A 36 -6.16 -1.84 -13.32
N SER A 37 -5.70 -1.09 -14.31
CA SER A 37 -5.88 -1.46 -15.70
C SER A 37 -5.08 -2.71 -16.06
N ALA A 38 -3.91 -2.87 -15.45
CA ALA A 38 -3.09 -4.05 -15.69
C ALA A 38 -3.72 -5.27 -15.01
N LEU A 39 -4.35 -5.03 -13.86
CA LEU A 39 -5.04 -6.10 -13.12
C LEU A 39 -6.19 -6.65 -13.95
N SER A 40 -6.94 -5.77 -14.60
CA SER A 40 -8.03 -6.20 -15.47
C SER A 40 -7.49 -6.71 -16.81
N LYS A 41 -6.23 -6.38 -17.09
CA LYS A 41 -5.60 -6.75 -18.34
C LYS A 41 -5.22 -8.23 -18.34
N ASP A 42 -4.72 -8.71 -17.21
CA ASP A 42 -4.40 -10.13 -17.07
C ASP A 42 -5.63 -10.89 -16.63
N GLU A 43 -6.18 -11.67 -17.56
CA GLU A 43 -7.42 -12.37 -17.31
C GLU A 43 -7.35 -13.24 -16.07
N GLN A 44 -6.33 -14.08 -15.98
CA GLN A 44 -6.23 -15.02 -14.87
C GLN A 44 -6.21 -14.28 -13.52
N ILE A 45 -5.63 -13.08 -13.54
CA ILE A 45 -5.54 -12.26 -12.35
C ILE A 45 -6.91 -11.68 -11.97
N LYS A 46 -7.70 -11.32 -12.97
CA LYS A 46 -9.06 -10.83 -12.70
C LYS A 46 -10.06 -11.98 -12.73
N LYS A 47 -9.55 -13.18 -12.98
CA LYS A 47 -10.39 -14.36 -13.12
C LYS A 47 -10.89 -14.83 -11.78
N GLU A 48 -9.97 -15.02 -10.86
CA GLU A 48 -10.28 -15.60 -9.57
C GLU A 48 -9.55 -14.86 -8.47
N ALA A 49 -8.90 -13.78 -8.82
CA ALA A 49 -8.17 -13.00 -7.86
C ALA A 49 -8.74 -11.59 -7.81
N ARG A 50 -9.00 -11.10 -6.62
CA ARG A 50 -9.49 -9.75 -6.47
C ARG A 50 -8.52 -8.96 -5.63
N ILE A 51 -7.87 -8.00 -6.26
CA ILE A 51 -6.92 -7.15 -5.59
C ILE A 51 -7.33 -5.70 -5.76
N ASN A 52 -7.28 -4.95 -4.69
CA ASN A 52 -7.69 -3.56 -4.74
C ASN A 52 -6.48 -2.66 -4.60
N VAL A 53 -6.51 -1.56 -5.33
CA VAL A 53 -5.36 -0.68 -5.38
C VAL A 53 -5.64 0.64 -4.67
N THR A 54 -4.69 1.05 -3.85
CA THR A 54 -4.73 2.34 -3.21
C THR A 54 -3.37 3.02 -3.39
N ALA A 55 -3.35 4.16 -4.06
CA ALA A 55 -2.11 4.85 -4.31
C ALA A 55 -2.07 6.16 -3.55
N TYR A 56 -0.96 6.41 -2.87
CA TYR A 56 -0.85 7.57 -2.02
C TYR A 56 0.61 7.93 -1.80
N GLN A 57 0.91 9.23 -1.90
CA GLN A 57 2.25 9.78 -1.66
C GLN A 57 3.23 9.37 -2.76
N GLY A 58 2.76 8.62 -3.75
CA GLY A 58 3.63 8.18 -4.82
C GLY A 58 3.83 6.68 -4.81
N LYS A 59 3.52 6.06 -3.69
CA LYS A 59 3.64 4.62 -3.56
C LYS A 59 2.26 3.96 -3.64
N VAL A 60 2.24 2.65 -3.84
CA VAL A 60 0.99 1.94 -3.99
C VAL A 60 0.81 0.90 -2.88
N LEU A 61 -0.44 0.72 -2.47
CA LEU A 61 -0.80 -0.32 -1.51
C LEU A 61 -1.87 -1.20 -2.15
N LEU A 62 -1.69 -2.51 -2.03
CA LEU A 62 -2.61 -3.46 -2.62
C LEU A 62 -3.17 -4.38 -1.56
N VAL A 63 -4.46 -4.60 -1.60
CA VAL A 63 -5.12 -5.49 -0.65
C VAL A 63 -6.18 -6.31 -1.35
N GLY A 64 -6.27 -7.60 -1.04
CA GLY A 64 -7.29 -8.41 -1.67
C GLY A 64 -7.14 -9.89 -1.40
N GLN A 65 -7.61 -10.70 -2.34
CA GLN A 65 -7.64 -12.15 -2.19
C GLN A 65 -7.32 -12.85 -3.51
N SER A 66 -6.97 -14.13 -3.42
CA SER A 66 -6.65 -14.92 -4.59
C SER A 66 -6.56 -16.41 -4.22
N PRO A 67 -6.71 -17.31 -5.19
CA PRO A 67 -6.51 -18.75 -4.98
C PRO A 67 -5.04 -19.13 -5.12
N ASN A 68 -4.29 -18.33 -5.89
CA ASN A 68 -2.89 -18.60 -6.15
C ASN A 68 -2.06 -17.36 -5.82
N ALA A 69 -0.93 -17.57 -5.18
CA ALA A 69 -0.06 -16.47 -4.78
C ALA A 69 0.60 -15.82 -6.00
N GLU A 70 0.86 -16.62 -7.03
CA GLU A 70 1.46 -16.11 -8.26
C GLU A 70 0.58 -15.04 -8.88
N LEU A 71 -0.74 -15.22 -8.80
CA LEU A 71 -1.68 -14.30 -9.41
C LEU A 71 -1.52 -12.91 -8.81
N SER A 72 -1.50 -12.83 -7.50
CA SER A 72 -1.44 -11.56 -6.81
C SER A 72 -0.06 -10.90 -6.95
N ALA A 73 1.00 -11.68 -6.76
CA ALA A 73 2.36 -11.16 -6.82
C ALA A 73 2.73 -10.68 -8.22
N ARG A 74 2.49 -11.55 -9.20
CA ARG A 74 2.77 -11.24 -10.59
C ARG A 74 1.93 -10.06 -11.05
N ALA A 75 0.69 -10.00 -10.56
CA ALA A 75 -0.18 -8.88 -10.87
C ALA A 75 0.45 -7.57 -10.42
N LYS A 76 0.87 -7.53 -9.16
CA LYS A 76 1.40 -6.30 -8.58
C LYS A 76 2.64 -5.81 -9.34
N GLN A 77 3.56 -6.72 -9.68
CA GLN A 77 4.79 -6.33 -10.35
C GLN A 77 4.51 -5.84 -11.77
N ILE A 78 3.65 -6.56 -12.49
CA ILE A 78 3.32 -6.19 -13.87
C ILE A 78 2.47 -4.92 -13.89
N ALA A 79 1.56 -4.81 -12.92
CA ALA A 79 0.65 -3.69 -12.84
C ALA A 79 1.39 -2.36 -12.70
N MET A 80 2.35 -2.32 -11.78
CA MET A 80 3.07 -1.08 -11.54
C MET A 80 4.25 -0.93 -12.49
N GLY A 81 5.01 -2.01 -12.68
CA GLY A 81 6.22 -1.94 -13.48
C GLY A 81 7.08 -0.74 -13.08
N VAL A 82 7.58 -0.02 -14.06
CA VAL A 82 8.23 1.25 -13.79
C VAL A 82 7.35 2.38 -14.29
N ASP A 83 6.98 3.28 -13.39
CA ASP A 83 6.12 4.42 -13.73
C ASP A 83 5.86 5.29 -12.52
N GLY A 84 6.93 5.75 -11.89
CA GLY A 84 6.80 6.62 -10.74
C GLY A 84 6.54 5.87 -9.45
N ALA A 85 5.98 4.68 -9.57
CA ALA A 85 5.74 3.83 -8.42
C ALA A 85 7.04 3.22 -7.93
N ASN A 86 7.44 3.58 -6.72
CA ASN A 86 8.67 3.07 -6.15
C ASN A 86 8.41 1.86 -5.27
N GLU A 87 7.35 1.92 -4.49
CA GLU A 87 7.03 0.84 -3.56
C GLU A 87 5.57 0.44 -3.66
N VAL A 88 5.33 -0.85 -3.57
CA VAL A 88 3.97 -1.36 -3.49
C VAL A 88 3.88 -2.38 -2.37
N TYR A 89 3.02 -2.10 -1.40
CA TYR A 89 2.85 -2.98 -0.26
C TYR A 89 1.54 -3.72 -0.40
N ASN A 90 1.63 -5.04 -0.55
CA ASN A 90 0.48 -5.86 -0.90
C ASN A 90 0.12 -6.84 0.20
N GLU A 91 -1.11 -6.77 0.68
CA GLU A 91 -1.61 -7.78 1.60
C GLU A 91 -2.68 -8.61 0.89
N ILE A 92 -2.42 -9.90 0.78
CA ILE A 92 -3.34 -10.81 0.13
C ILE A 92 -3.90 -11.83 1.11
N ARG A 93 -5.20 -12.09 1.01
CA ARG A 93 -5.84 -13.12 1.83
C ARG A 93 -5.21 -14.48 1.57
N GLN A 94 -4.60 -14.65 0.41
CA GLN A 94 -3.89 -15.87 0.08
C GLN A 94 -2.45 -15.78 0.51
N GLY A 95 -2.11 -16.49 1.58
CA GLY A 95 -0.76 -16.49 2.07
C GLY A 95 -0.70 -16.70 3.56
N GLN A 96 0.50 -16.89 4.08
CA GLN A 96 0.69 -17.12 5.51
C GLN A 96 1.77 -16.19 6.04
N PRO A 97 1.72 -15.88 7.34
CA PRO A 97 2.72 -15.02 7.99
C PRO A 97 4.12 -15.63 7.96
N ILE A 98 5.09 -14.90 8.50
CA ILE A 98 6.47 -15.37 8.52
C ILE A 98 6.62 -16.56 9.47
N GLY A 99 5.73 -16.60 10.45
CA GLY A 99 5.71 -17.70 11.39
C GLY A 99 4.67 -17.47 12.48
N LEU A 100 4.36 -18.52 13.23
CA LEU A 100 3.39 -18.41 14.31
C LEU A 100 3.86 -17.43 15.37
N GLY A 101 5.16 -17.43 15.63
CA GLY A 101 5.72 -16.55 16.64
C GLY A 101 5.54 -15.08 16.31
N GLU A 102 5.82 -14.72 15.07
CA GLU A 102 5.68 -13.34 14.64
C GLU A 102 4.21 -12.97 14.47
N ALA A 103 3.40 -13.93 14.04
CA ALA A 103 1.97 -13.70 13.83
C ALA A 103 1.27 -13.36 15.14
N SER A 104 1.55 -14.15 16.18
CA SER A 104 0.94 -13.91 17.49
C SER A 104 1.34 -12.55 18.03
N ASN A 105 2.57 -12.14 17.74
CA ASN A 105 3.04 -10.83 18.17
C ASN A 105 2.42 -9.73 17.32
N ASP A 106 2.31 -9.97 16.02
CA ASP A 106 1.72 -9.00 15.10
C ASP A 106 0.29 -8.70 15.48
N THR A 107 -0.50 -9.75 15.65
CA THR A 107 -1.91 -9.59 15.94
C THR A 107 -2.12 -8.91 17.28
N TRP A 108 -1.22 -9.16 18.23
CA TRP A 108 -1.29 -8.54 19.55
C TRP A 108 -0.99 -7.03 19.45
N ILE A 109 0.17 -6.71 18.89
CA ILE A 109 0.60 -5.32 18.74
C ILE A 109 -0.40 -4.56 17.86
N THR A 110 -0.74 -5.15 16.73
CA THR A 110 -1.71 -4.58 15.82
C THR A 110 -3.06 -4.38 16.53
N THR A 111 -3.39 -5.28 17.45
CA THR A 111 -4.63 -5.17 18.19
C THR A 111 -4.64 -3.90 19.04
N LYS A 112 -3.60 -3.67 19.83
CA LYS A 112 -3.57 -2.49 20.72
C LYS A 112 -3.58 -1.20 19.91
N VAL A 113 -2.74 -1.12 18.88
CA VAL A 113 -2.69 0.09 18.07
C VAL A 113 -4.00 0.31 17.33
N ARG A 114 -4.62 -0.77 16.87
CA ARG A 114 -5.92 -0.68 16.21
C ARG A 114 -6.98 -0.24 17.22
N SER A 115 -6.99 -0.89 18.38
CA SER A 115 -7.95 -0.60 19.43
C SER A 115 -7.98 0.89 19.76
N GLN A 116 -6.81 1.45 19.97
CA GLN A 116 -6.69 2.85 20.32
C GLN A 116 -6.98 3.74 19.12
N LEU A 117 -6.64 3.25 17.93
CA LEU A 117 -6.91 3.99 16.70
C LEU A 117 -8.41 4.19 16.52
N LEU A 118 -9.19 3.11 16.58
CA LEU A 118 -10.64 3.21 16.44
C LEU A 118 -11.21 4.04 17.58
N THR A 119 -10.63 3.86 18.75
CA THR A 119 -11.04 4.58 19.95
C THR A 119 -10.82 6.08 19.77
N SER A 120 -9.88 6.44 18.90
CA SER A 120 -9.63 7.83 18.55
C SER A 120 -10.83 8.38 17.77
N ASP A 121 -11.69 9.12 18.47
CA ASP A 121 -12.96 9.60 17.92
C ASP A 121 -12.75 10.60 16.79
N LEU A 122 -11.57 11.18 16.74
CA LEU A 122 -11.25 12.19 15.72
C LEU A 122 -10.71 11.55 14.45
N VAL A 123 -10.34 10.29 14.55
CA VAL A 123 -9.64 9.62 13.45
C VAL A 123 -10.55 8.59 12.76
N LYS A 124 -10.24 8.29 11.51
CA LYS A 124 -10.97 7.26 10.79
C LYS A 124 -10.32 5.90 11.03
N SER A 125 -11.14 4.91 11.37
CA SER A 125 -10.66 3.60 11.75
C SER A 125 -10.03 2.86 10.56
N SER A 126 -10.65 2.98 9.40
CA SER A 126 -10.18 2.27 8.21
C SER A 126 -9.41 3.21 7.29
N ASN A 127 -8.70 4.17 7.88
CA ASN A 127 -7.92 5.12 7.10
C ASN A 127 -6.47 4.67 6.94
N VAL A 128 -6.05 3.80 7.85
CA VAL A 128 -4.65 3.37 7.88
C VAL A 128 -4.56 1.85 8.11
N LYS A 129 -3.59 1.23 7.45
CA LYS A 129 -3.34 -0.20 7.62
C LYS A 129 -2.15 -0.42 8.54
N VAL A 130 -2.37 -1.16 9.62
CA VAL A 130 -1.29 -1.52 10.52
C VAL A 130 -0.98 -3.01 10.41
N THR A 131 0.28 -3.33 10.23
CA THR A 131 0.72 -4.69 10.09
C THR A 131 2.11 -4.89 10.73
N THR A 132 2.29 -5.97 11.47
CA THR A 132 3.60 -6.28 12.03
C THR A 132 4.21 -7.49 11.30
N GLU A 133 5.39 -7.30 10.73
CA GLU A 133 6.06 -8.37 9.98
C GLU A 133 7.50 -8.52 10.45
N ASN A 134 7.92 -9.77 10.68
CA ASN A 134 9.29 -10.12 11.05
C ASN A 134 9.62 -9.71 12.49
N GLY A 135 9.04 -8.60 12.91
CA GLY A 135 9.33 -8.05 14.21
C GLY A 135 9.13 -6.55 14.21
N GLU A 136 9.07 -6.01 13.01
CA GLU A 136 8.82 -4.59 12.82
C GLU A 136 7.35 -4.38 12.45
N VAL A 137 6.75 -3.37 13.04
CA VAL A 137 5.38 -3.04 12.72
C VAL A 137 5.36 -1.82 11.79
N PHE A 138 4.52 -1.88 10.78
CA PHE A 138 4.43 -0.82 9.80
C PHE A 138 3.03 -0.19 9.82
N LEU A 139 2.98 1.09 9.49
CA LEU A 139 1.71 1.78 9.34
C LEU A 139 1.64 2.31 7.93
N MET A 140 0.47 2.20 7.31
CA MET A 140 0.34 2.46 5.88
C MET A 140 -0.96 3.16 5.55
N GLY A 141 -0.87 4.38 5.05
CA GLY A 141 -2.07 5.09 4.63
C GLY A 141 -1.93 6.58 4.79
N LEU A 142 -2.80 7.32 4.13
CA LEU A 142 -2.82 8.77 4.21
C LEU A 142 -3.85 9.22 5.22
N VAL A 143 -3.43 9.98 6.21
CA VAL A 143 -4.34 10.47 7.24
C VAL A 143 -4.02 11.90 7.62
N THR A 144 -4.96 12.56 8.27
CA THR A 144 -4.76 13.94 8.68
C THR A 144 -3.94 14.02 9.95
N GLU A 145 -3.68 15.24 10.40
CA GLU A 145 -2.76 15.47 11.51
C GLU A 145 -3.24 14.84 12.81
N ARG A 146 -4.53 14.97 13.09
CA ARG A 146 -5.10 14.41 14.32
C ARG A 146 -4.94 12.89 14.35
N GLU A 147 -5.16 12.26 13.21
CA GLU A 147 -5.05 10.81 13.10
C GLU A 147 -3.58 10.39 13.13
N ALA A 148 -2.74 11.18 12.48
CA ALA A 148 -1.30 10.93 12.46
C ALA A 148 -0.71 11.07 13.85
N LYS A 149 -1.10 12.13 14.56
CA LYS A 149 -0.63 12.39 15.91
C LYS A 149 -1.07 11.28 16.86
N ALA A 150 -2.32 10.85 16.71
CA ALA A 150 -2.86 9.78 17.53
C ALA A 150 -2.07 8.49 17.30
N ALA A 151 -1.80 8.18 16.04
CA ALA A 151 -1.03 6.99 15.69
C ALA A 151 0.36 7.05 16.33
N ALA A 152 1.02 8.19 16.22
CA ALA A 152 2.33 8.39 16.80
C ALA A 152 2.29 8.20 18.32
N ASP A 153 1.28 8.79 18.95
CA ASP A 153 1.10 8.68 20.39
C ASP A 153 0.94 7.23 20.81
N ILE A 154 0.03 6.53 20.13
CA ILE A 154 -0.24 5.14 20.43
C ILE A 154 1.00 4.28 20.20
N ALA A 155 1.70 4.54 19.11
CA ALA A 155 2.92 3.80 18.79
C ALA A 155 4.00 4.02 19.85
N SER A 156 3.92 5.14 20.55
CA SER A 156 4.89 5.44 21.59
C SER A 156 4.55 4.75 22.91
N ARG A 157 3.26 4.56 23.18
CA ARG A 157 2.83 3.98 24.45
C ARG A 157 2.74 2.45 24.37
N VAL A 158 2.60 1.90 23.16
CA VAL A 158 2.49 0.46 23.02
C VAL A 158 3.83 -0.23 23.21
N SER A 159 3.82 -1.32 23.97
CA SER A 159 5.01 -2.11 24.22
C SER A 159 4.95 -3.43 23.45
N GLY A 160 5.95 -4.28 23.65
CA GLY A 160 5.98 -5.56 22.97
C GLY A 160 6.63 -5.48 21.61
N VAL A 161 6.40 -4.37 20.93
CA VAL A 161 6.95 -4.14 19.60
C VAL A 161 8.48 -4.17 19.62
N LYS A 162 9.07 -4.83 18.62
CA LYS A 162 10.51 -4.90 18.49
C LYS A 162 11.05 -3.66 17.78
N ARG A 163 10.43 -3.34 16.65
CA ARG A 163 10.77 -2.14 15.91
C ARG A 163 9.52 -1.54 15.29
N VAL A 164 9.39 -0.23 15.36
CA VAL A 164 8.20 0.43 14.85
C VAL A 164 8.53 1.31 13.65
N THR A 165 7.77 1.13 12.58
CA THR A 165 7.89 1.97 11.40
C THR A 165 6.55 2.59 11.08
N THR A 166 6.51 3.90 10.94
CA THR A 166 5.26 4.61 10.78
C THR A 166 5.35 5.64 9.67
N ALA A 167 4.74 5.34 8.54
CA ALA A 167 4.69 6.28 7.43
C ALA A 167 3.46 7.16 7.53
N PHE A 168 3.31 7.84 8.65
CA PHE A 168 2.18 8.73 8.83
C PHE A 168 2.44 10.06 8.15
N THR A 169 1.74 10.28 7.06
CA THR A 169 1.85 11.51 6.31
C THR A 169 0.47 12.16 6.27
N PHE A 170 0.45 13.48 6.28
CA PHE A 170 -0.79 14.21 6.50
C PHE A 170 -1.59 14.40 5.23
N ILE A 171 -2.87 14.07 5.33
CA ILE A 171 -3.86 14.43 4.34
C ILE A 171 -4.24 15.86 4.60
N LYS A 172 -4.27 16.68 3.54
CA LYS A 172 -4.59 18.12 3.61
C LYS A 172 -5.38 18.50 4.86
N GLY A 173 -4.67 18.93 5.90
CA GLY A 173 -5.30 19.30 7.14
C GLY A 173 -5.71 20.76 7.15
N GLY A 174 -6.33 21.19 6.05
CA GLY A 174 -6.79 22.54 5.93
C GLY A 174 -8.18 22.70 6.48
N LEU A 175 -8.26 22.95 7.79
CA LEU A 175 -9.55 23.10 8.48
C LEU A 175 -10.44 24.08 7.73
N GLU A 176 -11.57 23.58 7.26
CA GLU A 176 -12.45 24.34 6.40
C GLU A 176 -13.86 24.36 6.97
N HIS A 177 -14.69 25.25 6.43
CA HIS A 177 -16.11 25.24 6.74
C HIS A 177 -16.72 23.95 6.21
N HIS A 178 -16.97 23.00 7.10
CA HIS A 178 -17.52 21.72 6.70
C HIS A 178 -18.98 21.64 7.08
N ILE A 1 27.06 -51.29 -30.74
CA ILE A 1 27.24 -49.98 -31.40
C ILE A 1 25.97 -49.13 -31.25
N ALA A 2 26.16 -47.92 -30.77
CA ALA A 2 25.05 -46.98 -30.60
C ALA A 2 25.51 -45.58 -30.96
N ALA A 3 25.33 -45.21 -32.22
CA ALA A 3 25.79 -43.92 -32.70
C ALA A 3 24.68 -42.87 -32.58
N ALA A 4 24.89 -41.92 -31.69
CA ALA A 4 23.93 -40.85 -31.48
C ALA A 4 24.19 -39.70 -32.44
N VAL A 5 23.76 -39.88 -33.69
CA VAL A 5 23.94 -38.87 -34.72
C VAL A 5 22.60 -38.51 -35.35
N VAL A 6 22.40 -37.21 -35.58
CA VAL A 6 21.19 -36.69 -36.23
C VAL A 6 20.01 -36.67 -35.25
N GLY A 7 19.32 -35.54 -35.19
CA GLY A 7 18.20 -35.40 -34.28
C GLY A 7 18.37 -34.22 -33.34
N THR A 8 19.49 -33.52 -33.49
CA THR A 8 19.79 -32.37 -32.65
C THR A 8 18.92 -31.18 -33.01
N ALA A 9 18.07 -30.80 -32.08
CA ALA A 9 17.15 -29.70 -32.29
C ALA A 9 17.65 -28.42 -31.61
N ALA A 10 17.18 -27.29 -32.09
CA ALA A 10 17.58 -26.01 -31.52
C ALA A 10 16.35 -25.15 -31.24
N VAL A 11 16.52 -24.17 -30.36
CA VAL A 11 15.43 -23.27 -30.00
C VAL A 11 15.85 -21.82 -30.22
N GLY A 12 14.96 -21.05 -30.84
CA GLY A 12 15.28 -19.67 -31.14
C GLY A 12 14.39 -18.70 -30.37
N THR A 13 14.82 -18.35 -29.18
CA THR A 13 14.08 -17.43 -28.33
C THR A 13 14.17 -16.00 -28.87
N LYS A 14 13.03 -15.41 -29.19
CA LYS A 14 12.97 -14.04 -29.65
C LYS A 14 13.00 -13.08 -28.47
N ALA A 15 14.15 -12.49 -28.24
CA ALA A 15 14.33 -11.60 -27.11
C ALA A 15 13.94 -10.17 -27.47
N ALA A 16 12.75 -9.77 -27.06
CA ALA A 16 12.28 -8.41 -27.27
C ALA A 16 12.64 -7.54 -26.08
N THR A 17 13.64 -6.68 -26.24
CA THR A 17 14.08 -5.82 -25.16
C THR A 17 14.41 -4.42 -25.66
N ASP A 18 13.71 -3.44 -25.11
CA ASP A 18 13.98 -2.04 -25.39
C ASP A 18 13.72 -1.22 -24.16
N PRO A 19 14.51 -0.17 -23.95
CA PRO A 19 14.29 0.81 -22.89
C PRO A 19 12.86 1.33 -22.91
N ARG A 20 12.53 2.13 -23.95
CA ARG A 20 11.18 2.66 -24.16
C ARG A 20 10.59 3.23 -22.86
N SER A 21 11.44 3.81 -22.04
CA SER A 21 11.04 4.28 -20.72
C SER A 21 10.45 5.68 -20.79
N VAL A 22 11.03 6.52 -21.65
CA VAL A 22 10.62 7.92 -21.81
C VAL A 22 11.04 8.75 -20.59
N GLY A 23 10.50 8.39 -19.44
CA GLY A 23 10.81 9.11 -18.22
C GLY A 23 9.81 8.79 -17.12
N THR A 24 9.92 9.50 -16.02
CA THR A 24 9.00 9.31 -14.90
C THR A 24 7.73 10.13 -15.09
N GLN A 25 6.63 9.46 -15.37
CA GLN A 25 5.34 10.11 -15.48
C GLN A 25 4.53 9.86 -14.22
N VAL A 26 4.67 10.75 -13.25
CA VAL A 26 4.09 10.55 -11.94
C VAL A 26 2.74 11.24 -11.80
N ASP A 27 1.82 10.57 -11.11
CA ASP A 27 0.50 11.09 -10.78
C ASP A 27 -0.24 10.07 -9.95
N ASP A 28 -0.73 10.47 -8.79
CA ASP A 28 -1.47 9.57 -7.92
C ASP A 28 -2.66 8.99 -8.66
N GLY A 29 -3.40 9.85 -9.34
CA GLY A 29 -4.58 9.42 -10.07
C GLY A 29 -4.23 8.60 -11.28
N THR A 30 -3.26 9.06 -12.06
CA THR A 30 -2.83 8.34 -13.25
C THR A 30 -2.28 6.96 -12.88
N LEU A 31 -1.47 6.90 -11.82
CA LEU A 31 -0.92 5.64 -11.34
C LEU A 31 -2.05 4.72 -10.86
N GLU A 32 -3.02 5.31 -10.18
CA GLU A 32 -4.19 4.60 -9.69
C GLU A 32 -5.01 4.04 -10.86
N VAL A 33 -5.21 4.86 -11.89
CA VAL A 33 -5.91 4.43 -13.08
C VAL A 33 -5.12 3.31 -13.77
N ARG A 34 -3.82 3.50 -13.87
CA ARG A 34 -2.93 2.53 -14.48
C ARG A 34 -3.05 1.17 -13.79
N VAL A 35 -2.93 1.15 -12.46
CA VAL A 35 -2.98 -0.10 -11.70
C VAL A 35 -4.38 -0.71 -11.73
N ASN A 36 -5.41 0.13 -11.56
CA ASN A 36 -6.79 -0.34 -11.56
C ASN A 36 -7.14 -1.00 -12.89
N SER A 37 -6.85 -0.29 -13.98
CA SER A 37 -7.17 -0.78 -15.31
C SER A 37 -6.39 -2.05 -15.64
N ALA A 38 -5.15 -2.13 -15.15
CA ALA A 38 -4.32 -3.30 -15.38
C ALA A 38 -4.88 -4.52 -14.66
N LEU A 39 -5.40 -4.30 -13.44
CA LEU A 39 -6.03 -5.36 -12.67
C LEU A 39 -7.32 -5.80 -13.35
N SER A 40 -8.05 -4.85 -13.90
CA SER A 40 -9.29 -5.13 -14.60
C SER A 40 -9.01 -5.79 -15.96
N LYS A 41 -7.81 -5.56 -16.47
CA LYS A 41 -7.38 -6.17 -17.72
C LYS A 41 -7.03 -7.64 -17.48
N ASP A 42 -6.59 -7.93 -16.26
CA ASP A 42 -6.30 -9.30 -15.86
C ASP A 42 -7.49 -9.90 -15.16
N GLU A 43 -8.41 -10.43 -15.96
CA GLU A 43 -9.68 -10.93 -15.47
C GLU A 43 -9.50 -11.95 -14.35
N GLN A 44 -8.60 -12.90 -14.53
CA GLN A 44 -8.42 -13.98 -13.57
C GLN A 44 -8.11 -13.42 -12.17
N ILE A 45 -7.43 -12.29 -12.16
CA ILE A 45 -7.08 -11.60 -10.93
C ILE A 45 -8.32 -10.99 -10.29
N LYS A 46 -9.12 -10.27 -11.07
CA LYS A 46 -10.31 -9.60 -10.54
C LYS A 46 -11.50 -10.57 -10.48
N LYS A 47 -11.29 -11.78 -10.98
CA LYS A 47 -12.32 -12.80 -10.99
C LYS A 47 -12.33 -13.57 -9.67
N GLU A 48 -11.16 -14.04 -9.28
CA GLU A 48 -11.05 -14.89 -8.10
C GLU A 48 -10.45 -14.13 -6.93
N ALA A 49 -9.80 -13.01 -7.20
CA ALA A 49 -9.16 -12.24 -6.18
C ALA A 49 -9.77 -10.84 -6.10
N ARG A 50 -9.71 -10.24 -4.93
CA ARG A 50 -10.23 -8.88 -4.76
C ARG A 50 -9.15 -7.98 -4.20
N ILE A 51 -8.71 -7.04 -5.02
CA ILE A 51 -7.64 -6.13 -4.63
C ILE A 51 -8.11 -4.70 -4.81
N ASN A 52 -7.71 -3.85 -3.89
CA ASN A 52 -8.06 -2.45 -3.96
C ASN A 52 -6.81 -1.64 -4.23
N VAL A 53 -6.96 -0.59 -5.02
CA VAL A 53 -5.83 0.20 -5.49
C VAL A 53 -5.82 1.57 -4.82
N THR A 54 -4.69 1.89 -4.20
CA THR A 54 -4.54 3.16 -3.50
C THR A 54 -3.21 3.81 -3.84
N ALA A 55 -3.27 5.00 -4.42
CA ALA A 55 -2.06 5.75 -4.71
C ALA A 55 -2.06 7.06 -3.95
N TYR A 56 -0.94 7.38 -3.34
CA TYR A 56 -0.81 8.62 -2.59
C TYR A 56 0.65 9.03 -2.49
N GLN A 57 0.93 10.30 -2.75
CA GLN A 57 2.28 10.85 -2.62
C GLN A 57 3.27 10.21 -3.59
N GLY A 58 2.75 9.61 -4.67
CA GLY A 58 3.61 9.00 -5.67
C GLY A 58 3.92 7.53 -5.37
N LYS A 59 3.60 7.10 -4.17
CA LYS A 59 3.84 5.73 -3.77
C LYS A 59 2.53 4.94 -3.75
N VAL A 60 2.63 3.64 -4.03
CA VAL A 60 1.44 2.83 -4.26
C VAL A 60 1.22 1.79 -3.16
N LEU A 61 -0.02 1.72 -2.71
CA LEU A 61 -0.43 0.77 -1.69
C LEU A 61 -1.55 -0.11 -2.21
N LEU A 62 -1.34 -1.41 -2.19
CA LEU A 62 -2.34 -2.38 -2.64
C LEU A 62 -2.85 -3.17 -1.45
N VAL A 63 -4.17 -3.34 -1.37
CA VAL A 63 -4.77 -4.08 -0.26
C VAL A 63 -5.87 -4.99 -0.79
N GLY A 64 -6.29 -5.95 0.02
CA GLY A 64 -7.41 -6.80 -0.37
C GLY A 64 -7.27 -8.23 0.09
N GLN A 65 -7.90 -9.14 -0.64
CA GLN A 65 -7.88 -10.55 -0.30
C GLN A 65 -7.89 -11.40 -1.58
N SER A 66 -7.44 -12.64 -1.46
CA SER A 66 -7.32 -13.52 -2.62
C SER A 66 -7.33 -14.98 -2.19
N PRO A 67 -7.59 -15.93 -3.11
CA PRO A 67 -7.43 -17.34 -2.83
C PRO A 67 -5.95 -17.71 -2.78
N ASN A 68 -5.18 -17.19 -3.72
CA ASN A 68 -3.74 -17.38 -3.76
C ASN A 68 -3.07 -16.01 -3.82
N ALA A 69 -2.02 -15.85 -3.03
CA ALA A 69 -1.27 -14.60 -2.98
C ALA A 69 -0.57 -14.35 -4.32
N GLU A 70 -0.26 -15.44 -5.02
CA GLU A 70 0.38 -15.39 -6.32
C GLU A 70 -0.43 -14.53 -7.31
N LEU A 71 -1.75 -14.63 -7.24
CA LEU A 71 -2.63 -13.82 -8.10
C LEU A 71 -2.46 -12.34 -7.77
N SER A 72 -2.51 -12.04 -6.48
CA SER A 72 -2.42 -10.68 -5.99
C SER A 72 -1.04 -10.06 -6.29
N ALA A 73 0.01 -10.83 -6.02
CA ALA A 73 1.38 -10.35 -6.20
C ALA A 73 1.69 -10.08 -7.66
N ARG A 74 1.33 -11.03 -8.52
CA ARG A 74 1.54 -10.89 -9.96
C ARG A 74 0.74 -9.70 -10.50
N ALA A 75 -0.46 -9.53 -9.95
CA ALA A 75 -1.31 -8.41 -10.32
C ALA A 75 -0.61 -7.08 -10.05
N LYS A 76 -0.11 -6.93 -8.83
CA LYS A 76 0.55 -5.70 -8.42
C LYS A 76 1.76 -5.39 -9.29
N GLN A 77 2.65 -6.38 -9.45
CA GLN A 77 3.89 -6.17 -10.17
C GLN A 77 3.65 -5.76 -11.61
N ILE A 78 2.71 -6.45 -12.28
CA ILE A 78 2.41 -6.15 -13.66
C ILE A 78 1.66 -4.81 -13.80
N ALA A 79 0.86 -4.48 -12.81
CA ALA A 79 0.02 -3.28 -12.86
C ALA A 79 0.84 -2.00 -12.75
N MET A 80 1.63 -1.87 -11.70
CA MET A 80 2.37 -0.64 -11.47
C MET A 80 3.78 -0.72 -12.06
N GLY A 81 4.47 -1.83 -11.83
CA GLY A 81 5.85 -1.97 -12.27
C GLY A 81 6.71 -0.78 -11.89
N VAL A 82 7.55 -0.34 -12.80
CA VAL A 82 8.32 0.89 -12.59
C VAL A 82 7.77 1.99 -13.49
N ASP A 83 7.35 3.09 -12.87
CA ASP A 83 6.73 4.19 -13.60
C ASP A 83 6.38 5.34 -12.65
N GLY A 84 7.37 5.82 -11.93
CA GLY A 84 7.15 6.93 -11.02
C GLY A 84 6.73 6.49 -9.63
N ALA A 85 6.29 5.24 -9.53
CA ALA A 85 5.87 4.68 -8.24
C ALA A 85 7.05 4.66 -7.27
N ASN A 86 6.93 5.43 -6.18
CA ASN A 86 8.04 5.63 -5.25
C ASN A 86 8.21 4.46 -4.30
N GLU A 87 7.11 3.95 -3.77
CA GLU A 87 7.17 2.87 -2.79
C GLU A 87 6.18 1.78 -3.14
N VAL A 88 6.48 0.56 -2.70
CA VAL A 88 5.64 -0.58 -2.97
C VAL A 88 5.13 -1.19 -1.68
N TYR A 89 3.81 -1.20 -1.50
CA TYR A 89 3.21 -1.85 -0.35
C TYR A 89 2.05 -2.73 -0.78
N ASN A 90 2.19 -4.02 -0.53
CA ASN A 90 1.15 -4.97 -0.88
C ASN A 90 0.63 -5.70 0.35
N GLU A 91 -0.62 -5.49 0.70
CA GLU A 91 -1.24 -6.28 1.75
C GLU A 91 -2.38 -7.10 1.16
N ILE A 92 -2.25 -8.41 1.27
CA ILE A 92 -3.33 -9.31 0.94
C ILE A 92 -3.76 -10.06 2.20
N ARG A 93 -5.05 -10.16 2.43
CA ARG A 93 -5.58 -10.84 3.61
C ARG A 93 -5.36 -12.35 3.51
N GLN A 94 -4.71 -12.79 2.45
CA GLN A 94 -4.30 -14.17 2.29
C GLN A 94 -2.79 -14.24 2.09
N GLY A 95 -2.10 -14.89 3.01
CA GLY A 95 -0.67 -14.99 2.91
C GLY A 95 -0.10 -16.09 3.78
N GLN A 96 1.22 -16.23 3.76
CA GLN A 96 1.90 -17.26 4.52
C GLN A 96 2.47 -16.66 5.81
N PRO A 97 2.47 -17.44 6.90
CA PRO A 97 3.02 -17.00 8.18
C PRO A 97 4.53 -16.75 8.10
N ILE A 98 4.97 -15.59 8.59
CA ILE A 98 6.39 -15.26 8.61
C ILE A 98 7.14 -16.20 9.56
N GLY A 99 6.39 -16.76 10.49
CA GLY A 99 6.95 -17.68 11.44
C GLY A 99 6.00 -17.91 12.60
N LEU A 100 6.30 -18.85 13.46
CA LEU A 100 5.42 -19.20 14.58
C LEU A 100 5.17 -17.99 15.48
N GLY A 101 6.24 -17.37 15.94
CA GLY A 101 6.11 -16.27 16.87
C GLY A 101 5.64 -14.98 16.21
N GLU A 102 6.31 -14.60 15.13
CA GLU A 102 6.07 -13.30 14.51
C GLU A 102 4.69 -13.21 13.87
N ALA A 103 4.17 -14.32 13.35
CA ALA A 103 2.86 -14.29 12.71
C ALA A 103 1.77 -14.02 13.74
N SER A 104 1.81 -14.76 14.84
CA SER A 104 0.85 -14.58 15.93
C SER A 104 1.04 -13.22 16.59
N ASN A 105 2.28 -12.74 16.61
CA ASN A 105 2.59 -11.42 17.16
C ASN A 105 2.09 -10.34 16.22
N ASP A 106 2.30 -10.56 14.92
CA ASP A 106 1.93 -9.59 13.89
C ASP A 106 0.46 -9.21 13.96
N THR A 107 -0.40 -10.23 13.99
CA THR A 107 -1.82 -9.98 13.99
C THR A 107 -2.29 -9.46 15.34
N TRP A 108 -1.64 -9.90 16.40
CA TRP A 108 -1.98 -9.43 17.74
C TRP A 108 -1.63 -7.96 17.89
N ILE A 109 -0.39 -7.61 17.58
CA ILE A 109 0.06 -6.23 17.68
C ILE A 109 -0.75 -5.34 16.75
N THR A 110 -0.89 -5.77 15.50
CA THR A 110 -1.67 -5.03 14.53
C THR A 110 -3.11 -4.87 14.99
N THR A 111 -3.67 -5.91 15.58
CA THR A 111 -5.05 -5.88 16.05
C THR A 111 -5.21 -4.87 17.20
N LYS A 112 -4.30 -4.90 18.17
CA LYS A 112 -4.42 -4.01 19.33
C LYS A 112 -4.23 -2.55 18.93
N VAL A 113 -3.21 -2.26 18.13
CA VAL A 113 -2.92 -0.88 17.75
C VAL A 113 -4.04 -0.32 16.87
N ARG A 114 -4.52 -1.11 15.92
CA ARG A 114 -5.59 -0.67 15.04
C ARG A 114 -6.91 -0.55 15.81
N SER A 115 -7.07 -1.38 16.82
CA SER A 115 -8.26 -1.33 17.67
C SER A 115 -8.35 0.02 18.38
N GLN A 116 -7.27 0.40 19.04
CA GLN A 116 -7.25 1.66 19.80
C GLN A 116 -7.34 2.85 18.86
N LEU A 117 -6.75 2.71 17.68
CA LEU A 117 -6.82 3.76 16.67
C LEU A 117 -8.24 3.92 16.14
N LEU A 118 -8.87 2.80 15.82
CA LEU A 118 -10.19 2.79 15.18
C LEU A 118 -11.28 3.33 16.09
N THR A 119 -11.06 3.29 17.41
CA THR A 119 -12.05 3.81 18.35
C THR A 119 -12.27 5.32 18.17
N SER A 120 -11.30 5.98 17.54
CA SER A 120 -11.39 7.41 17.32
C SER A 120 -12.24 7.71 16.09
N ASP A 121 -13.09 8.73 16.21
CA ASP A 121 -13.98 9.14 15.13
C ASP A 121 -13.20 9.74 13.98
N LEU A 122 -12.07 10.35 14.29
CA LEU A 122 -11.24 11.00 13.28
C LEU A 122 -10.45 9.96 12.47
N VAL A 123 -9.94 8.95 13.15
CA VAL A 123 -9.14 7.92 12.51
C VAL A 123 -10.00 7.06 11.59
N LYS A 124 -9.50 6.79 10.39
CA LYS A 124 -10.21 5.96 9.43
C LYS A 124 -9.43 4.68 9.16
N SER A 125 -10.13 3.55 9.16
CA SER A 125 -9.50 2.25 8.94
C SER A 125 -8.89 2.17 7.54
N SER A 126 -9.66 2.56 6.53
CA SER A 126 -9.18 2.54 5.15
C SER A 126 -8.41 3.82 4.84
N ASN A 127 -7.39 4.10 5.64
CA ASN A 127 -6.58 5.29 5.45
C ASN A 127 -5.11 5.01 5.74
N VAL A 128 -4.85 4.25 6.79
CA VAL A 128 -3.48 3.93 7.17
C VAL A 128 -3.28 2.42 7.27
N LYS A 129 -2.21 1.93 6.67
CA LYS A 129 -1.88 0.51 6.71
C LYS A 129 -0.92 0.21 7.85
N VAL A 130 -1.36 -0.61 8.78
CA VAL A 130 -0.50 -1.09 9.84
C VAL A 130 -0.10 -2.53 9.56
N THR A 131 1.18 -2.81 9.65
CA THR A 131 1.69 -4.13 9.34
C THR A 131 2.83 -4.50 10.28
N THR A 132 2.83 -5.73 10.76
CA THR A 132 3.92 -6.22 11.59
C THR A 132 4.71 -7.30 10.88
N GLU A 133 5.99 -7.03 10.66
CA GLU A 133 6.89 -7.99 10.04
C GLU A 133 7.74 -8.65 11.11
N ASN A 134 8.56 -9.61 10.68
CA ASN A 134 9.38 -10.46 11.57
C ASN A 134 9.82 -9.73 12.85
N GLY A 135 10.48 -8.59 12.72
CA GLY A 135 10.90 -7.86 13.89
C GLY A 135 10.53 -6.40 13.85
N GLU A 136 9.81 -5.99 12.81
CA GLU A 136 9.52 -4.57 12.60
C GLU A 136 8.05 -4.33 12.30
N VAL A 137 7.46 -3.34 12.95
CA VAL A 137 6.08 -2.97 12.68
C VAL A 137 6.03 -1.61 11.98
N PHE A 138 5.26 -1.56 10.89
CA PHE A 138 5.22 -0.39 10.03
C PHE A 138 3.82 0.21 10.03
N LEU A 139 3.76 1.54 9.94
CA LEU A 139 2.52 2.24 9.69
C LEU A 139 2.70 3.10 8.44
N MET A 140 1.68 3.14 7.60
CA MET A 140 1.85 3.72 6.26
C MET A 140 0.54 4.27 5.71
N GLY A 141 0.50 5.56 5.43
CA GLY A 141 -0.68 6.14 4.80
C GLY A 141 -0.80 7.63 5.00
N LEU A 142 -1.73 8.24 4.28
CA LEU A 142 -1.99 9.67 4.37
C LEU A 142 -3.12 9.91 5.37
N VAL A 143 -2.86 10.71 6.40
CA VAL A 143 -3.85 11.01 7.44
C VAL A 143 -3.60 12.42 7.97
N THR A 144 -4.55 13.03 8.65
CA THR A 144 -4.29 14.34 9.22
C THR A 144 -3.48 14.21 10.51
N GLU A 145 -3.23 15.33 11.15
CA GLU A 145 -2.49 15.35 12.39
C GLU A 145 -3.22 14.59 13.49
N ARG A 146 -4.56 14.53 13.41
CA ARG A 146 -5.36 13.86 14.41
C ARG A 146 -5.10 12.35 14.39
N GLU A 147 -5.18 11.76 13.20
CA GLU A 147 -4.91 10.34 13.03
C GLU A 147 -3.44 10.05 13.31
N ALA A 148 -2.57 10.95 12.84
CA ALA A 148 -1.14 10.81 13.05
C ALA A 148 -0.80 10.82 14.53
N LYS A 149 -1.46 11.73 15.27
CA LYS A 149 -1.26 11.85 16.71
C LYS A 149 -1.71 10.58 17.41
N ALA A 150 -2.86 10.04 16.97
CA ALA A 150 -3.38 8.81 17.55
C ALA A 150 -2.46 7.64 17.28
N ALA A 151 -1.94 7.58 16.06
CA ALA A 151 -1.00 6.54 15.67
C ALA A 151 0.26 6.60 16.53
N ALA A 152 0.80 7.80 16.69
CA ALA A 152 1.99 8.01 17.49
C ALA A 152 1.71 7.68 18.96
N ASP A 153 0.54 8.08 19.44
CA ASP A 153 0.13 7.82 20.82
C ASP A 153 0.17 6.33 21.12
N ILE A 154 -0.53 5.58 20.29
CA ILE A 154 -0.63 4.14 20.47
C ILE A 154 0.73 3.47 20.32
N ALA A 155 1.51 3.90 19.33
CA ALA A 155 2.82 3.31 19.08
C ALA A 155 3.78 3.55 20.25
N SER A 156 3.52 4.59 21.04
CA SER A 156 4.39 4.92 22.16
C SER A 156 3.90 4.29 23.47
N ARG A 157 2.59 4.23 23.66
CA ARG A 157 2.03 3.80 24.95
C ARG A 157 1.63 2.32 24.96
N VAL A 158 1.36 1.76 23.78
CA VAL A 158 0.91 0.38 23.70
C VAL A 158 2.11 -0.56 23.59
N SER A 159 2.17 -1.54 24.48
CA SER A 159 3.24 -2.52 24.50
C SER A 159 3.17 -3.44 23.28
N GLY A 160 4.34 -3.81 22.77
CA GLY A 160 4.39 -4.72 21.64
C GLY A 160 5.37 -4.26 20.58
N VAL A 161 5.99 -3.12 20.82
CA VAL A 161 6.90 -2.54 19.85
C VAL A 161 8.31 -3.12 19.99
N LYS A 162 8.81 -3.71 18.90
CA LYS A 162 10.19 -4.17 18.84
C LYS A 162 11.01 -3.20 18.00
N ARG A 163 10.51 -2.92 16.81
CA ARG A 163 11.09 -1.93 15.93
C ARG A 163 9.97 -1.27 15.15
N VAL A 164 9.95 0.05 15.13
CA VAL A 164 8.83 0.77 14.53
C VAL A 164 9.29 1.70 13.42
N THR A 165 8.56 1.70 12.33
CA THR A 165 8.71 2.72 11.32
C THR A 165 7.36 3.40 11.12
N THR A 166 7.35 4.72 11.24
CA THR A 166 6.12 5.48 11.15
C THR A 166 6.29 6.72 10.30
N ALA A 167 5.75 6.70 9.10
CA ALA A 167 5.73 7.89 8.27
C ALA A 167 4.43 8.63 8.49
N PHE A 168 4.47 9.67 9.30
CA PHE A 168 3.26 10.45 9.51
C PHE A 168 3.10 11.41 8.34
N THR A 169 2.16 11.10 7.50
CA THR A 169 1.89 11.91 6.32
C THR A 169 0.54 12.58 6.48
N PHE A 170 0.53 13.91 6.41
CA PHE A 170 -0.67 14.68 6.76
C PHE A 170 -1.57 14.98 5.56
N ILE A 171 -2.82 14.53 5.64
CA ILE A 171 -3.85 14.94 4.69
C ILE A 171 -4.42 16.27 5.14
N LYS A 172 -4.05 17.37 4.47
CA LYS A 172 -4.53 18.70 4.85
C LYS A 172 -4.10 19.09 6.27
N GLY A 173 -4.63 18.37 7.24
CA GLY A 173 -4.43 18.67 8.63
C GLY A 173 -5.76 18.69 9.35
N GLY A 174 -6.79 19.05 8.59
CA GLY A 174 -8.14 18.89 9.02
C GLY A 174 -8.81 17.81 8.22
N LEU A 175 -9.74 17.09 8.83
CA LEU A 175 -10.36 15.94 8.18
C LEU A 175 -11.01 16.34 6.84
N GLU A 176 -10.90 15.44 5.87
CA GLU A 176 -11.50 15.67 4.57
C GLU A 176 -12.95 15.19 4.57
N HIS A 177 -13.65 15.44 3.48
CA HIS A 177 -15.03 14.98 3.37
C HIS A 177 -15.17 14.04 2.18
N HIS A 178 -15.22 12.76 2.47
CA HIS A 178 -15.34 11.74 1.44
C HIS A 178 -16.16 10.58 1.95
N ILE A 1 38.25 11.40 -31.35
CA ILE A 1 37.94 10.96 -32.73
C ILE A 1 39.15 10.22 -33.31
N ALA A 2 38.87 9.18 -34.08
CA ALA A 2 39.91 8.40 -34.74
C ALA A 2 39.30 7.64 -35.91
N ALA A 3 38.91 8.37 -36.94
CA ALA A 3 38.22 7.77 -38.08
C ALA A 3 38.52 8.54 -39.36
N ALA A 4 39.63 8.19 -39.98
CA ALA A 4 40.00 8.78 -41.27
C ALA A 4 39.26 8.09 -42.40
N VAL A 5 38.58 7.01 -42.06
CA VAL A 5 37.78 6.27 -43.01
C VAL A 5 36.29 6.56 -42.80
N VAL A 6 35.54 6.62 -43.89
CA VAL A 6 34.13 6.94 -43.83
C VAL A 6 33.27 5.69 -44.03
N GLY A 7 33.92 4.60 -44.44
CA GLY A 7 33.21 3.36 -44.69
C GLY A 7 32.52 2.82 -43.46
N THR A 8 33.22 2.86 -42.33
CA THR A 8 32.65 2.42 -41.07
C THR A 8 31.65 3.44 -40.56
N ALA A 9 30.39 3.04 -40.55
CA ALA A 9 29.32 3.93 -40.15
C ALA A 9 29.09 3.87 -38.65
N ALA A 10 29.70 4.80 -37.93
CA ALA A 10 29.49 4.92 -36.50
C ALA A 10 28.17 5.63 -36.23
N VAL A 11 27.14 4.85 -35.90
CA VAL A 11 25.81 5.40 -35.66
C VAL A 11 25.67 5.84 -34.21
N GLY A 12 24.62 6.60 -33.92
CA GLY A 12 24.40 7.11 -32.59
C GLY A 12 23.77 6.09 -31.67
N THR A 13 24.48 5.71 -30.62
CA THR A 13 23.96 4.80 -29.63
C THR A 13 23.23 5.58 -28.54
N LYS A 14 21.95 5.31 -28.38
CA LYS A 14 21.13 6.09 -27.46
C LYS A 14 21.42 5.75 -26.01
N ALA A 15 21.21 6.72 -25.14
CA ALA A 15 21.42 6.54 -23.70
C ALA A 15 20.33 7.25 -22.92
N ALA A 16 19.10 6.79 -23.10
CA ALA A 16 17.96 7.39 -22.43
C ALA A 16 17.77 6.79 -21.05
N THR A 17 18.88 6.67 -20.33
CA THR A 17 18.88 6.05 -19.01
C THR A 17 18.47 7.03 -17.92
N ASP A 18 17.36 6.73 -17.26
CA ASP A 18 16.91 7.51 -16.12
C ASP A 18 16.09 6.66 -15.17
N PRO A 19 16.11 7.03 -13.88
CA PRO A 19 15.38 6.29 -12.84
C PRO A 19 13.94 6.76 -12.66
N ARG A 20 13.45 7.59 -13.58
CA ARG A 20 12.14 8.24 -13.43
C ARG A 20 12.10 9.01 -12.12
N SER A 21 13.00 9.97 -12.01
CA SER A 21 13.26 10.69 -10.76
C SER A 21 12.08 11.52 -10.28
N VAL A 22 11.14 11.83 -11.19
CA VAL A 22 10.00 12.71 -10.91
C VAL A 22 9.37 12.45 -9.53
N GLY A 23 8.51 11.44 -9.45
CA GLY A 23 7.87 11.11 -8.20
C GLY A 23 6.84 12.16 -7.77
N THR A 24 6.62 13.14 -8.63
CA THR A 24 5.66 14.19 -8.37
C THR A 24 4.63 14.27 -9.49
N GLN A 25 3.47 14.87 -9.19
CA GLN A 25 2.38 15.01 -10.16
C GLN A 25 1.73 13.65 -10.42
N VAL A 26 1.46 12.95 -9.34
CA VAL A 26 0.88 11.63 -9.41
C VAL A 26 -0.57 11.66 -8.93
N ASP A 27 -1.40 10.80 -9.50
CA ASP A 27 -2.82 10.79 -9.17
C ASP A 27 -3.22 9.51 -8.46
N ASP A 28 -3.93 9.66 -7.35
CA ASP A 28 -4.40 8.53 -6.57
C ASP A 28 -5.40 7.72 -7.39
N GLY A 29 -6.45 8.41 -7.86
CA GLY A 29 -7.50 7.76 -8.61
C GLY A 29 -6.99 7.17 -9.91
N THR A 30 -6.17 7.92 -10.63
CA THR A 30 -5.60 7.45 -11.89
C THR A 30 -4.79 6.17 -11.68
N LEU A 31 -4.05 6.11 -10.57
CA LEU A 31 -3.27 4.92 -10.24
C LEU A 31 -4.20 3.75 -9.92
N GLU A 32 -5.19 4.02 -9.06
CA GLU A 32 -6.18 3.03 -8.68
C GLU A 32 -6.83 2.42 -9.93
N VAL A 33 -7.29 3.28 -10.81
CA VAL A 33 -7.90 2.86 -12.07
C VAL A 33 -6.95 2.02 -12.90
N ARG A 34 -5.67 2.41 -12.92
CA ARG A 34 -4.66 1.71 -13.71
C ARG A 34 -4.54 0.24 -13.31
N VAL A 35 -4.31 -0.01 -12.02
CA VAL A 35 -4.12 -1.38 -11.57
C VAL A 35 -5.42 -2.16 -11.65
N ASN A 36 -6.53 -1.49 -11.37
CA ASN A 36 -7.85 -2.10 -11.45
C ASN A 36 -8.14 -2.58 -12.88
N SER A 37 -7.86 -1.71 -13.83
CA SER A 37 -8.08 -2.02 -15.24
C SER A 37 -7.19 -3.18 -15.68
N ALA A 38 -6.00 -3.27 -15.10
CA ALA A 38 -5.09 -4.37 -15.42
C ALA A 38 -5.58 -5.69 -14.81
N LEU A 39 -6.17 -5.60 -13.61
CA LEU A 39 -6.76 -6.77 -12.97
C LEU A 39 -7.85 -7.34 -13.85
N SER A 40 -8.70 -6.45 -14.38
CA SER A 40 -9.77 -6.85 -15.28
C SER A 40 -9.23 -7.17 -16.68
N LYS A 41 -7.96 -6.81 -16.92
CA LYS A 41 -7.32 -7.10 -18.19
C LYS A 41 -6.87 -8.55 -18.23
N ASP A 42 -6.64 -9.11 -17.04
CA ASP A 42 -6.30 -10.52 -16.92
C ASP A 42 -7.56 -11.35 -16.76
N GLU A 43 -7.39 -12.65 -16.63
CA GLU A 43 -8.51 -13.54 -16.40
C GLU A 43 -8.26 -14.38 -15.17
N GLN A 44 -7.20 -15.18 -15.19
CA GLN A 44 -6.87 -16.05 -14.05
C GLN A 44 -6.68 -15.22 -12.79
N ILE A 45 -6.19 -14.00 -12.96
CA ILE A 45 -6.01 -13.06 -11.87
C ILE A 45 -7.35 -12.71 -11.21
N LYS A 46 -8.41 -12.62 -12.00
CA LYS A 46 -9.74 -12.34 -11.46
C LYS A 46 -10.59 -13.60 -11.43
N LYS A 47 -10.00 -14.71 -11.87
CA LYS A 47 -10.69 -15.99 -11.94
C LYS A 47 -10.58 -16.73 -10.61
N GLU A 48 -9.34 -16.83 -10.13
CA GLU A 48 -9.06 -17.57 -8.91
C GLU A 48 -8.62 -16.62 -7.81
N ALA A 49 -8.28 -15.40 -8.18
CA ALA A 49 -7.75 -14.44 -7.23
C ALA A 49 -8.66 -13.24 -7.12
N ARG A 50 -8.58 -12.57 -5.97
CA ARG A 50 -9.31 -11.34 -5.75
C ARG A 50 -8.43 -10.36 -5.01
N ILE A 51 -8.08 -9.27 -5.67
CA ILE A 51 -7.20 -8.27 -5.10
C ILE A 51 -7.87 -6.90 -5.15
N ASN A 52 -7.67 -6.11 -4.12
CA ASN A 52 -8.23 -4.78 -4.08
C ASN A 52 -7.11 -3.75 -4.15
N VAL A 53 -7.40 -2.63 -4.78
CA VAL A 53 -6.40 -1.60 -4.99
C VAL A 53 -6.69 -0.37 -4.14
N THR A 54 -5.68 0.03 -3.38
CA THR A 54 -5.78 1.22 -2.56
C THR A 54 -4.68 2.21 -2.95
N ALA A 55 -5.07 3.38 -3.41
CA ALA A 55 -4.11 4.37 -3.83
C ALA A 55 -4.29 5.66 -3.04
N TYR A 56 -3.18 6.20 -2.56
CA TYR A 56 -3.19 7.43 -1.80
C TYR A 56 -1.84 8.11 -1.91
N GLN A 57 -1.84 9.42 -2.14
CA GLN A 57 -0.60 10.21 -2.21
C GLN A 57 0.31 9.72 -3.32
N GLY A 58 -0.28 9.20 -4.40
CA GLY A 58 0.49 8.74 -5.55
C GLY A 58 1.14 7.37 -5.34
N LYS A 59 1.08 6.86 -4.12
CA LYS A 59 1.61 5.54 -3.82
C LYS A 59 0.49 4.54 -3.63
N VAL A 60 0.78 3.27 -3.84
CA VAL A 60 -0.28 2.25 -3.90
C VAL A 60 -0.08 1.12 -2.88
N LEU A 61 -1.19 0.65 -2.36
CA LEU A 61 -1.22 -0.49 -1.47
C LEU A 61 -2.19 -1.53 -2.01
N LEU A 62 -1.71 -2.73 -2.25
CA LEU A 62 -2.54 -3.80 -2.78
C LEU A 62 -2.82 -4.84 -1.70
N VAL A 63 -4.07 -5.26 -1.60
CA VAL A 63 -4.45 -6.26 -0.59
C VAL A 63 -5.48 -7.22 -1.16
N GLY A 64 -5.41 -8.47 -0.80
CA GLY A 64 -6.42 -9.41 -1.25
C GLY A 64 -6.02 -10.86 -1.06
N GLN A 65 -6.84 -11.76 -1.59
CA GLN A 65 -6.61 -13.19 -1.43
C GLN A 65 -6.40 -13.84 -2.80
N SER A 66 -5.39 -14.69 -2.88
CA SER A 66 -5.09 -15.43 -4.10
C SER A 66 -4.61 -16.83 -3.74
N PRO A 67 -4.87 -17.83 -4.59
CA PRO A 67 -4.34 -19.17 -4.42
C PRO A 67 -2.86 -19.22 -4.78
N ASN A 68 -2.49 -18.39 -5.75
CA ASN A 68 -1.12 -18.32 -6.22
C ASN A 68 -0.63 -16.88 -6.17
N ALA A 69 0.53 -16.68 -5.57
CA ALA A 69 1.15 -15.36 -5.52
C ALA A 69 1.47 -14.84 -6.92
N GLU A 70 1.72 -15.77 -7.83
CA GLU A 70 2.02 -15.43 -9.21
C GLU A 70 0.94 -14.52 -9.81
N LEU A 71 -0.31 -14.77 -9.44
CA LEU A 71 -1.43 -14.00 -9.95
C LEU A 71 -1.37 -12.57 -9.44
N SER A 72 -1.18 -12.43 -8.14
CA SER A 72 -1.13 -11.14 -7.49
C SER A 72 0.11 -10.35 -7.93
N ALA A 73 1.24 -11.05 -8.01
CA ALA A 73 2.51 -10.44 -8.40
C ALA A 73 2.47 -9.99 -9.85
N ARG A 74 2.03 -10.88 -10.74
CA ARG A 74 1.93 -10.56 -12.16
C ARG A 74 0.99 -9.38 -12.37
N ALA A 75 -0.07 -9.33 -11.58
CA ALA A 75 -1.00 -8.22 -11.63
C ALA A 75 -0.29 -6.92 -11.30
N LYS A 76 0.47 -6.92 -10.21
CA LYS A 76 1.17 -5.73 -9.74
C LYS A 76 2.15 -5.20 -10.79
N GLN A 77 3.00 -6.08 -11.32
CA GLN A 77 4.02 -5.66 -12.28
C GLN A 77 3.39 -5.18 -13.58
N ILE A 78 2.35 -5.87 -14.04
CA ILE A 78 1.66 -5.51 -15.28
C ILE A 78 0.86 -4.22 -15.09
N ALA A 79 0.22 -4.10 -13.94
CA ALA A 79 -0.63 -2.96 -13.66
C ALA A 79 0.18 -1.70 -13.39
N MET A 80 1.06 -1.78 -12.40
CA MET A 80 1.75 -0.59 -11.94
C MET A 80 3.08 -0.42 -12.64
N GLY A 81 3.87 -1.50 -12.71
CA GLY A 81 5.22 -1.45 -13.26
C GLY A 81 5.92 -0.13 -12.95
N VAL A 82 6.37 0.54 -14.00
CA VAL A 82 6.79 1.92 -13.88
C VAL A 82 5.76 2.79 -14.59
N ASP A 83 5.15 3.72 -13.86
CA ASP A 83 4.06 4.55 -14.39
C ASP A 83 3.47 5.44 -13.30
N GLY A 84 4.30 6.25 -12.68
CA GLY A 84 3.81 7.15 -11.66
C GLY A 84 3.58 6.49 -10.32
N ALA A 85 4.14 5.31 -10.13
CA ALA A 85 4.03 4.62 -8.85
C ALA A 85 5.17 5.04 -7.93
N ASN A 86 4.82 5.72 -6.83
CA ASN A 86 5.85 6.23 -5.93
C ASN A 86 6.38 5.13 -5.02
N GLU A 87 5.46 4.32 -4.50
CA GLU A 87 5.82 3.18 -3.66
C GLU A 87 4.71 2.16 -3.73
N VAL A 88 5.08 0.88 -3.71
CA VAL A 88 4.11 -0.20 -3.81
C VAL A 88 4.22 -1.14 -2.61
N TYR A 89 3.12 -1.33 -1.90
CA TYR A 89 3.08 -2.24 -0.77
C TYR A 89 1.94 -3.22 -0.94
N ASN A 90 2.28 -4.50 -1.01
CA ASN A 90 1.29 -5.53 -1.32
C ASN A 90 1.15 -6.53 -0.18
N GLU A 91 -0.07 -6.75 0.28
CA GLU A 91 -0.34 -7.85 1.19
C GLU A 91 -1.38 -8.77 0.57
N ILE A 92 -0.96 -10.00 0.31
CA ILE A 92 -1.86 -11.03 -0.19
C ILE A 92 -1.98 -12.13 0.84
N ARG A 93 -3.20 -12.61 1.08
CA ARG A 93 -3.42 -13.67 2.05
C ARG A 93 -2.98 -15.03 1.49
N GLN A 94 -1.79 -15.07 0.91
CA GLN A 94 -1.24 -16.30 0.35
C GLN A 94 0.18 -16.52 0.85
N GLY A 95 0.49 -17.73 1.27
CA GLY A 95 1.84 -18.07 1.64
C GLY A 95 1.97 -18.62 3.03
N GLN A 96 2.87 -18.03 3.81
CA GLN A 96 3.19 -18.53 5.13
C GLN A 96 3.35 -17.36 6.10
N PRO A 97 3.26 -17.61 7.42
CA PRO A 97 3.52 -16.60 8.43
C PRO A 97 5.01 -16.32 8.58
N ILE A 98 5.34 -15.27 9.31
CA ILE A 98 6.74 -14.94 9.58
C ILE A 98 7.37 -16.00 10.48
N GLY A 99 6.57 -16.53 11.39
CA GLY A 99 7.02 -17.53 12.31
C GLY A 99 5.98 -17.79 13.37
N LEU A 100 6.20 -18.79 14.20
CA LEU A 100 5.22 -19.16 15.21
C LEU A 100 4.99 -18.03 16.21
N GLY A 101 6.07 -17.48 16.73
CA GLY A 101 5.94 -16.45 17.74
C GLY A 101 5.52 -15.10 17.18
N GLU A 102 6.23 -14.65 16.15
CA GLU A 102 6.03 -13.30 15.63
C GLU A 102 4.67 -13.14 14.95
N ALA A 103 4.15 -14.20 14.34
CA ALA A 103 2.86 -14.11 13.66
C ALA A 103 1.74 -13.82 14.66
N SER A 104 1.87 -14.35 15.87
CA SER A 104 0.93 -14.04 16.93
C SER A 104 1.21 -12.66 17.50
N ASN A 105 2.49 -12.36 17.65
CA ASN A 105 2.94 -11.06 18.14
C ASN A 105 2.43 -9.96 17.21
N ASP A 106 2.49 -10.23 15.91
CA ASP A 106 2.00 -9.31 14.89
C ASP A 106 0.52 -8.98 15.11
N THR A 107 -0.28 -10.03 15.26
CA THR A 107 -1.71 -9.85 15.43
C THR A 107 -2.02 -9.17 16.76
N TRP A 108 -1.25 -9.48 17.79
CA TRP A 108 -1.43 -8.84 19.08
C TRP A 108 -1.14 -7.35 18.99
N ILE A 109 0.03 -7.01 18.45
CA ILE A 109 0.43 -5.63 18.28
C ILE A 109 -0.56 -4.89 17.38
N THR A 110 -0.86 -5.48 16.24
CA THR A 110 -1.81 -4.92 15.29
C THR A 110 -3.17 -4.72 15.95
N THR A 111 -3.58 -5.68 16.76
CA THR A 111 -4.86 -5.62 17.43
C THR A 111 -4.89 -4.50 18.47
N LYS A 112 -3.88 -4.43 19.33
CA LYS A 112 -3.89 -3.44 20.41
C LYS A 112 -3.81 -2.03 19.88
N VAL A 113 -2.97 -1.79 18.88
CA VAL A 113 -2.84 -0.46 18.31
C VAL A 113 -4.11 -0.07 17.56
N ARG A 114 -4.71 -1.03 16.86
CA ARG A 114 -5.94 -0.79 16.14
C ARG A 114 -7.10 -0.61 17.11
N SER A 115 -7.04 -1.31 18.23
CA SER A 115 -8.06 -1.20 19.28
C SER A 115 -8.10 0.23 19.82
N GLN A 116 -6.94 0.77 20.11
CA GLN A 116 -6.84 2.13 20.65
C GLN A 116 -7.08 3.15 19.55
N LEU A 117 -6.66 2.83 18.33
CA LEU A 117 -6.97 3.66 17.18
C LEU A 117 -8.48 3.75 17.01
N LEU A 118 -9.14 2.60 17.02
CA LEU A 118 -10.59 2.53 16.89
C LEU A 118 -11.26 3.23 18.06
N THR A 119 -10.59 3.23 19.20
CA THR A 119 -11.08 3.89 20.39
C THR A 119 -11.07 5.41 20.21
N SER A 120 -10.34 5.87 19.19
CA SER A 120 -10.34 7.28 18.84
C SER A 120 -11.52 7.58 17.92
N ASP A 121 -12.36 8.52 18.33
CA ASP A 121 -13.61 8.81 17.64
C ASP A 121 -13.38 9.48 16.29
N LEU A 122 -12.21 10.08 16.12
CA LEU A 122 -11.94 10.86 14.92
C LEU A 122 -11.44 9.98 13.77
N VAL A 123 -10.73 8.91 14.09
CA VAL A 123 -10.14 8.06 13.05
C VAL A 123 -11.03 6.83 12.82
N LYS A 124 -10.99 6.30 11.60
CA LYS A 124 -11.80 5.13 11.25
C LYS A 124 -10.92 3.89 11.11
N SER A 125 -11.54 2.72 11.24
CA SER A 125 -10.83 1.45 11.18
C SER A 125 -10.19 1.24 9.81
N SER A 126 -10.96 1.47 8.76
CA SER A 126 -10.50 1.26 7.41
C SER A 126 -9.81 2.50 6.85
N ASN A 127 -9.34 3.36 7.75
CA ASN A 127 -8.65 4.58 7.34
C ASN A 127 -7.14 4.38 7.34
N VAL A 128 -6.70 3.31 8.01
CA VAL A 128 -5.29 3.04 8.17
C VAL A 128 -5.00 1.54 8.05
N LYS A 129 -3.88 1.21 7.43
CA LYS A 129 -3.44 -0.18 7.32
C LYS A 129 -2.29 -0.43 8.30
N VAL A 130 -2.50 -1.32 9.25
CA VAL A 130 -1.47 -1.67 10.21
C VAL A 130 -1.05 -3.12 10.03
N THR A 131 0.26 -3.33 9.97
CA THR A 131 0.82 -4.67 9.77
C THR A 131 2.12 -4.79 10.58
N THR A 132 2.32 -5.93 11.23
CA THR A 132 3.51 -6.16 12.02
C THR A 132 4.33 -7.33 11.48
N GLU A 133 5.65 -7.16 11.43
CA GLU A 133 6.53 -8.23 11.02
C GLU A 133 7.74 -8.28 11.94
N ASN A 134 8.05 -9.50 12.43
CA ASN A 134 9.20 -9.77 13.31
C ASN A 134 9.33 -8.83 14.52
N GLY A 135 8.30 -8.02 14.78
CA GLY A 135 8.35 -7.09 15.89
C GLY A 135 8.33 -5.64 15.45
N GLU A 136 8.46 -5.44 14.14
CA GLU A 136 8.41 -4.11 13.55
C GLU A 136 7.01 -3.83 13.03
N VAL A 137 6.47 -2.67 13.38
CA VAL A 137 5.11 -2.33 12.99
C VAL A 137 5.10 -1.30 11.89
N PHE A 138 4.30 -1.56 10.87
CA PHE A 138 4.13 -0.64 9.76
C PHE A 138 2.74 -0.02 9.81
N LEU A 139 2.67 1.29 9.64
CA LEU A 139 1.39 1.98 9.57
C LEU A 139 1.29 2.74 8.25
N MET A 140 0.11 2.70 7.66
CA MET A 140 -0.09 3.17 6.30
C MET A 140 -1.44 3.83 6.14
N GLY A 141 -1.48 5.01 5.52
CA GLY A 141 -2.75 5.63 5.21
C GLY A 141 -2.81 7.11 5.44
N LEU A 142 -3.77 7.75 4.79
CA LEU A 142 -3.97 9.20 4.86
C LEU A 142 -5.05 9.52 5.91
N VAL A 143 -4.70 10.35 6.88
CA VAL A 143 -5.63 10.81 7.92
C VAL A 143 -5.25 12.22 8.32
N THR A 144 -6.09 12.93 9.05
CA THR A 144 -5.73 14.28 9.44
C THR A 144 -4.81 14.25 10.65
N GLU A 145 -4.29 15.42 11.01
CA GLU A 145 -3.33 15.51 12.09
C GLU A 145 -3.92 15.01 13.41
N ARG A 146 -5.22 15.11 13.56
CA ARG A 146 -5.88 14.66 14.79
C ARG A 146 -5.82 13.14 14.90
N GLU A 147 -6.20 12.47 13.82
CA GLU A 147 -6.15 11.01 13.78
C GLU A 147 -4.70 10.53 13.79
N ALA A 148 -3.85 11.26 13.07
CA ALA A 148 -2.43 10.95 13.01
C ALA A 148 -1.79 11.04 14.39
N LYS A 149 -2.14 12.10 15.12
CA LYS A 149 -1.62 12.30 16.47
C LYS A 149 -2.06 11.17 17.37
N ALA A 150 -3.32 10.75 17.25
CA ALA A 150 -3.84 9.65 18.05
C ALA A 150 -3.11 8.35 17.75
N ALA A 151 -2.94 8.06 16.47
CA ALA A 151 -2.25 6.85 16.03
C ALA A 151 -0.80 6.85 16.52
N ALA A 152 -0.11 7.96 16.30
CA ALA A 152 1.29 8.09 16.71
C ALA A 152 1.42 7.96 18.22
N ASP A 153 0.48 8.56 18.94
CA ASP A 153 0.46 8.50 20.39
C ASP A 153 0.42 7.06 20.87
N ILE A 154 -0.53 6.31 20.33
CA ILE A 154 -0.72 4.92 20.69
C ILE A 154 0.49 4.08 20.30
N ALA A 155 0.93 4.21 19.05
CA ALA A 155 2.05 3.42 18.54
C ALA A 155 3.32 3.64 19.36
N SER A 156 3.48 4.85 19.87
CA SER A 156 4.66 5.20 20.65
C SER A 156 4.56 4.66 22.09
N ARG A 157 3.34 4.52 22.59
CA ARG A 157 3.14 4.16 23.99
C ARG A 157 2.84 2.67 24.20
N VAL A 158 2.57 1.93 23.13
CA VAL A 158 2.25 0.51 23.25
C VAL A 158 3.52 -0.30 23.49
N SER A 159 3.44 -1.23 24.42
CA SER A 159 4.56 -2.10 24.75
C SER A 159 4.59 -3.33 23.85
N GLY A 160 5.76 -3.89 23.66
CA GLY A 160 5.91 -5.09 22.85
C GLY A 160 6.39 -4.79 21.46
N VAL A 161 6.47 -3.52 21.13
CA VAL A 161 6.92 -3.09 19.82
C VAL A 161 8.43 -2.92 19.79
N LYS A 162 9.07 -3.45 18.76
CA LYS A 162 10.50 -3.30 18.60
C LYS A 162 10.81 -1.96 17.94
N ARG A 163 10.06 -1.67 16.89
CA ARG A 163 10.18 -0.41 16.18
C ARG A 163 8.95 -0.20 15.32
N VAL A 164 8.49 1.04 15.24
CA VAL A 164 7.34 1.35 14.40
C VAL A 164 7.76 2.26 13.25
N THR A 165 7.42 1.87 12.04
CA THR A 165 7.64 2.71 10.89
C THR A 165 6.30 3.30 10.44
N THR A 166 6.27 4.61 10.27
CA THR A 166 5.01 5.29 10.07
C THR A 166 5.06 6.29 8.92
N ALA A 167 4.12 6.16 8.00
CA ALA A 167 3.88 7.19 7.02
C ALA A 167 2.54 7.84 7.30
N PHE A 168 2.46 8.59 8.39
CA PHE A 168 1.21 9.23 8.75
C PHE A 168 1.02 10.44 7.88
N THR A 169 0.08 10.33 6.96
CA THR A 169 -0.11 11.31 5.93
C THR A 169 -1.32 12.16 6.26
N PHE A 170 -1.16 13.47 6.28
CA PHE A 170 -2.22 14.37 6.72
C PHE A 170 -3.19 14.70 5.61
N ILE A 171 -4.45 14.37 5.86
CA ILE A 171 -5.54 14.79 5.00
C ILE A 171 -5.89 16.22 5.37
N LYS A 172 -6.04 17.08 4.35
CA LYS A 172 -6.34 18.50 4.55
C LYS A 172 -7.31 18.73 5.71
N GLY A 173 -6.76 19.16 6.84
CA GLY A 173 -7.55 19.34 8.03
C GLY A 173 -7.86 20.80 8.30
N GLY A 174 -8.91 21.29 7.65
CA GLY A 174 -9.28 22.68 7.81
C GLY A 174 -8.56 23.59 6.84
N LEU A 175 -7.26 23.67 6.97
CA LEU A 175 -6.45 24.51 6.09
C LEU A 175 -5.29 23.72 5.54
N GLU A 176 -4.83 24.11 4.35
CA GLU A 176 -3.67 23.49 3.73
C GLU A 176 -2.49 24.43 3.73
N HIS A 177 -2.70 25.66 4.15
CA HIS A 177 -1.65 26.67 4.15
C HIS A 177 -1.21 26.98 5.56
N HIS A 178 -0.06 26.46 5.93
CA HIS A 178 0.52 26.77 7.23
C HIS A 178 1.79 27.60 7.04
N ILE A 1 61.02 -8.75 -33.02
CA ILE A 1 59.67 -8.16 -33.06
C ILE A 1 59.42 -7.33 -31.81
N ALA A 2 58.98 -6.10 -32.01
CA ALA A 2 58.66 -5.21 -30.91
C ALA A 2 57.15 -5.06 -30.79
N ALA A 3 56.56 -5.84 -29.89
CA ALA A 3 55.11 -5.85 -29.72
C ALA A 3 54.66 -4.70 -28.80
N ALA A 4 55.18 -3.52 -29.07
CA ALA A 4 54.84 -2.34 -28.30
C ALA A 4 53.59 -1.70 -28.85
N VAL A 5 52.44 -2.17 -28.39
CA VAL A 5 51.17 -1.65 -28.86
C VAL A 5 50.24 -1.36 -27.68
N VAL A 6 49.47 -0.29 -27.78
CA VAL A 6 48.50 0.05 -26.76
C VAL A 6 47.12 -0.49 -27.15
N GLY A 7 46.64 -1.48 -26.43
CA GLY A 7 45.36 -2.08 -26.73
C GLY A 7 44.23 -1.44 -25.96
N THR A 8 44.58 -0.47 -25.11
CA THR A 8 43.60 0.22 -24.31
C THR A 8 42.78 1.18 -25.17
N ALA A 9 41.50 0.87 -25.31
CA ALA A 9 40.62 1.60 -26.20
C ALA A 9 39.40 2.14 -25.46
N ALA A 10 38.47 2.67 -26.23
CA ALA A 10 37.23 3.22 -25.68
C ALA A 10 36.12 3.10 -26.70
N VAL A 11 35.55 1.91 -26.80
CA VAL A 11 34.53 1.64 -27.80
C VAL A 11 33.14 1.80 -27.20
N GLY A 12 32.25 2.45 -27.94
CA GLY A 12 30.91 2.67 -27.46
C GLY A 12 30.74 4.06 -26.90
N THR A 13 29.78 4.80 -27.42
CA THR A 13 29.50 6.14 -26.95
C THR A 13 28.62 6.09 -25.70
N LYS A 14 29.13 6.62 -24.59
CA LYS A 14 28.39 6.63 -23.34
C LYS A 14 27.43 7.83 -23.29
N ALA A 15 26.57 7.92 -24.28
CA ALA A 15 25.62 9.02 -24.37
C ALA A 15 24.25 8.59 -23.87
N ALA A 16 23.29 9.50 -23.96
CA ALA A 16 21.92 9.21 -23.60
C ALA A 16 20.99 9.77 -24.64
N THR A 17 20.17 8.90 -25.24
CA THR A 17 19.24 9.31 -26.28
C THR A 17 17.85 8.75 -26.00
N ASP A 18 17.11 9.42 -25.13
CA ASP A 18 15.76 9.01 -24.78
C ASP A 18 14.74 9.98 -25.35
N PRO A 19 13.57 9.46 -25.76
CA PRO A 19 12.50 10.28 -26.34
C PRO A 19 11.80 11.15 -25.31
N ARG A 20 11.88 10.75 -24.03
CA ARG A 20 11.20 11.43 -22.92
C ARG A 20 9.84 11.98 -23.33
N SER A 21 8.96 11.08 -23.77
CA SER A 21 7.64 11.48 -24.25
C SER A 21 6.74 11.95 -23.13
N VAL A 22 7.08 11.57 -21.90
CA VAL A 22 6.32 11.98 -20.73
C VAL A 22 7.15 11.75 -19.48
N GLY A 23 6.95 12.59 -18.47
CA GLY A 23 7.65 12.43 -17.23
C GLY A 23 6.75 11.85 -16.16
N THR A 24 6.15 12.73 -15.37
CA THR A 24 5.30 12.30 -14.27
C THR A 24 3.82 12.52 -14.57
N GLN A 25 3.09 11.42 -14.68
CA GLN A 25 1.64 11.49 -14.84
C GLN A 25 0.98 10.68 -13.72
N VAL A 26 0.94 11.27 -12.54
CA VAL A 26 0.50 10.56 -11.35
C VAL A 26 -0.88 11.01 -10.88
N ASP A 27 -1.75 10.04 -10.67
CA ASP A 27 -3.07 10.29 -10.09
C ASP A 27 -3.48 9.09 -9.24
N ASP A 28 -3.96 9.34 -8.03
CA ASP A 28 -4.37 8.25 -7.14
C ASP A 28 -5.52 7.46 -7.77
N GLY A 29 -6.56 8.17 -8.17
CA GLY A 29 -7.71 7.52 -8.77
C GLY A 29 -7.38 6.84 -10.09
N THR A 30 -6.65 7.56 -10.94
CA THR A 30 -6.24 7.02 -12.23
C THR A 30 -5.38 5.75 -12.06
N LEU A 31 -4.46 5.78 -11.11
CA LEU A 31 -3.61 4.63 -10.84
C LEU A 31 -4.44 3.47 -10.31
N GLU A 32 -5.43 3.78 -9.48
CA GLU A 32 -6.33 2.77 -8.94
C GLU A 32 -7.12 2.11 -10.06
N VAL A 33 -7.66 2.92 -10.96
CA VAL A 33 -8.38 2.42 -12.12
C VAL A 33 -7.47 1.55 -12.98
N ARG A 34 -6.25 2.04 -13.22
CA ARG A 34 -5.27 1.33 -14.04
C ARG A 34 -5.03 -0.09 -13.52
N VAL A 35 -4.69 -0.20 -12.24
CA VAL A 35 -4.37 -1.50 -11.67
C VAL A 35 -5.60 -2.39 -11.59
N ASN A 36 -6.75 -1.79 -11.30
CA ASN A 36 -8.00 -2.54 -11.19
C ASN A 36 -8.39 -3.13 -12.55
N SER A 37 -8.38 -2.29 -13.57
CA SER A 37 -8.75 -2.72 -14.91
C SER A 37 -7.78 -3.77 -15.44
N ALA A 38 -6.52 -3.68 -15.02
CA ALA A 38 -5.53 -4.66 -15.41
C ALA A 38 -5.80 -6.01 -14.74
N LEU A 39 -6.28 -5.95 -13.50
CA LEU A 39 -6.63 -7.15 -12.74
C LEU A 39 -7.75 -7.92 -13.44
N SER A 40 -8.78 -7.20 -13.85
CA SER A 40 -9.90 -7.82 -14.55
C SER A 40 -9.53 -8.15 -16.00
N LYS A 41 -8.41 -7.62 -16.46
CA LYS A 41 -7.92 -7.89 -17.80
C LYS A 41 -7.26 -9.26 -17.86
N ASP A 42 -6.41 -9.55 -16.89
CA ASP A 42 -5.74 -10.85 -16.82
C ASP A 42 -6.67 -11.87 -16.21
N GLU A 43 -7.21 -12.75 -17.05
CA GLU A 43 -8.18 -13.73 -16.62
C GLU A 43 -7.58 -14.64 -15.55
N GLN A 44 -6.37 -15.12 -15.78
CA GLN A 44 -5.72 -16.04 -14.85
C GLN A 44 -5.66 -15.42 -13.45
N ILE A 45 -5.51 -14.11 -13.41
CA ILE A 45 -5.47 -13.35 -12.16
C ILE A 45 -6.87 -13.25 -11.55
N LYS A 46 -7.84 -12.79 -12.33
CA LYS A 46 -9.20 -12.63 -11.81
C LYS A 46 -9.90 -13.98 -11.63
N LYS A 47 -9.29 -15.04 -12.16
CA LYS A 47 -9.85 -16.37 -12.12
C LYS A 47 -9.77 -16.98 -10.73
N GLU A 48 -8.59 -16.94 -10.15
CA GLU A 48 -8.35 -17.66 -8.90
C GLU A 48 -7.67 -16.79 -7.86
N ALA A 49 -7.41 -15.55 -8.19
CA ALA A 49 -6.75 -14.65 -7.27
C ALA A 49 -7.66 -13.49 -6.93
N ARG A 50 -7.66 -13.09 -5.67
CA ARG A 50 -8.46 -11.98 -5.23
C ARG A 50 -7.58 -10.90 -4.64
N ILE A 51 -7.52 -9.78 -5.33
CA ILE A 51 -6.67 -8.67 -4.93
C ILE A 51 -7.48 -7.38 -4.94
N ASN A 52 -7.19 -6.51 -4.01
CA ASN A 52 -7.88 -5.23 -3.92
C ASN A 52 -6.90 -4.11 -4.28
N VAL A 53 -7.44 -3.04 -4.83
CA VAL A 53 -6.63 -1.99 -5.40
C VAL A 53 -6.70 -0.71 -4.55
N THR A 54 -5.54 -0.19 -4.20
CA THR A 54 -5.44 1.05 -3.47
C THR A 54 -4.31 1.90 -4.03
N ALA A 55 -4.55 3.18 -4.18
CA ALA A 55 -3.52 4.09 -4.66
C ALA A 55 -3.66 5.45 -4.00
N TYR A 56 -2.54 6.00 -3.53
CA TYR A 56 -2.55 7.30 -2.88
C TYR A 56 -1.14 7.89 -2.89
N GLN A 57 -1.04 9.17 -3.22
CA GLN A 57 0.22 9.91 -3.11
C GLN A 57 1.25 9.42 -4.13
N GLY A 58 0.78 8.74 -5.17
CA GLY A 58 1.69 8.22 -6.19
C GLY A 58 2.12 6.81 -5.89
N LYS A 59 2.14 6.46 -4.62
CA LYS A 59 2.50 5.10 -4.22
C LYS A 59 1.27 4.21 -4.27
N VAL A 60 1.44 3.03 -4.85
CA VAL A 60 0.31 2.13 -5.08
C VAL A 60 0.36 0.92 -4.17
N LEU A 61 -0.76 0.68 -3.51
CA LEU A 61 -0.87 -0.40 -2.54
C LEU A 61 -1.84 -1.46 -3.05
N LEU A 62 -1.34 -2.67 -3.28
CA LEU A 62 -2.20 -3.78 -3.64
C LEU A 62 -2.26 -4.73 -2.47
N VAL A 63 -3.45 -5.17 -2.13
CA VAL A 63 -3.64 -6.06 -0.97
C VAL A 63 -4.69 -7.10 -1.27
N GLY A 64 -4.45 -8.34 -0.89
CA GLY A 64 -5.43 -9.36 -1.15
C GLY A 64 -5.01 -10.72 -0.66
N GLN A 65 -5.65 -11.75 -1.18
CA GLN A 65 -5.38 -13.13 -0.78
C GLN A 65 -5.63 -14.07 -1.95
N SER A 66 -4.61 -14.81 -2.32
CA SER A 66 -4.69 -15.73 -3.44
C SER A 66 -3.98 -17.03 -3.11
N PRO A 67 -4.34 -18.13 -3.80
CA PRO A 67 -3.69 -19.44 -3.60
C PRO A 67 -2.23 -19.44 -4.06
N ASN A 68 -1.85 -18.42 -4.83
CA ASN A 68 -0.49 -18.33 -5.34
C ASN A 68 0.01 -16.89 -5.29
N ALA A 69 1.25 -16.72 -4.85
CA ALA A 69 1.89 -15.41 -4.86
C ALA A 69 2.19 -14.99 -6.29
N GLU A 70 2.48 -15.98 -7.14
CA GLU A 70 2.85 -15.74 -8.52
C GLU A 70 1.81 -14.89 -9.26
N LEU A 71 0.54 -15.22 -9.06
CA LEU A 71 -0.54 -14.53 -9.75
C LEU A 71 -0.66 -13.10 -9.26
N SER A 72 -0.69 -12.95 -7.94
CA SER A 72 -0.86 -11.65 -7.32
C SER A 72 0.33 -10.71 -7.59
N ALA A 73 1.55 -11.26 -7.54
CA ALA A 73 2.75 -10.47 -7.78
C ALA A 73 2.79 -9.99 -9.23
N ARG A 74 2.58 -10.93 -10.16
CA ARG A 74 2.55 -10.59 -11.58
C ARG A 74 1.44 -9.59 -11.86
N ALA A 75 0.32 -9.76 -11.18
CA ALA A 75 -0.81 -8.85 -11.32
C ALA A 75 -0.42 -7.42 -10.98
N LYS A 76 0.21 -7.25 -9.83
CA LYS A 76 0.59 -5.94 -9.35
C LYS A 76 1.57 -5.25 -10.31
N GLN A 77 2.66 -5.95 -10.61
CA GLN A 77 3.72 -5.37 -11.43
C GLN A 77 3.23 -5.04 -12.84
N ILE A 78 2.45 -5.95 -13.42
CA ILE A 78 1.95 -5.76 -14.78
C ILE A 78 0.88 -4.67 -14.81
N ALA A 79 0.11 -4.55 -13.74
CA ALA A 79 -0.96 -3.59 -13.65
C ALA A 79 -0.44 -2.16 -13.66
N MET A 80 0.47 -1.85 -12.74
CA MET A 80 0.93 -0.47 -12.59
C MET A 80 2.09 -0.14 -13.53
N GLY A 81 3.08 -1.05 -13.62
CA GLY A 81 4.29 -0.75 -14.37
C GLY A 81 4.86 0.60 -13.98
N VAL A 82 5.36 1.34 -14.95
CA VAL A 82 5.74 2.72 -14.71
C VAL A 82 4.76 3.65 -15.41
N ASP A 83 4.13 4.52 -14.62
CA ASP A 83 3.11 5.45 -15.11
C ASP A 83 2.50 6.20 -13.93
N GLY A 84 3.24 7.17 -13.42
CA GLY A 84 2.78 7.92 -12.25
C GLY A 84 3.03 7.17 -10.95
N ALA A 85 3.15 5.86 -11.04
CA ALA A 85 3.45 5.03 -9.89
C ALA A 85 4.84 5.37 -9.33
N ASN A 86 4.88 5.72 -8.06
CA ASN A 86 6.12 6.12 -7.43
C ASN A 86 6.65 5.02 -6.51
N GLU A 87 5.74 4.36 -5.79
CA GLU A 87 6.14 3.30 -4.87
C GLU A 87 5.26 2.07 -5.06
N VAL A 88 5.84 0.90 -4.84
CA VAL A 88 5.15 -0.35 -5.06
C VAL A 88 5.05 -1.15 -3.75
N TYR A 89 3.81 -1.40 -3.32
CA TYR A 89 3.57 -2.24 -2.16
C TYR A 89 2.48 -3.26 -2.48
N ASN A 90 2.84 -4.53 -2.48
CA ASN A 90 1.86 -5.59 -2.69
C ASN A 90 1.84 -6.54 -1.51
N GLU A 91 0.75 -6.52 -0.74
CA GLU A 91 0.60 -7.48 0.34
C GLU A 91 -0.44 -8.52 -0.07
N ILE A 92 0.01 -9.76 -0.15
CA ILE A 92 -0.88 -10.88 -0.38
C ILE A 92 -0.87 -11.79 0.83
N ARG A 93 -2.01 -11.97 1.45
CA ARG A 93 -2.11 -12.84 2.62
C ARG A 93 -2.15 -14.30 2.19
N GLN A 94 -1.04 -14.77 1.66
CA GLN A 94 -0.91 -16.15 1.22
C GLN A 94 0.36 -16.76 1.80
N GLY A 95 0.33 -18.05 2.08
CA GLY A 95 1.49 -18.71 2.64
C GLY A 95 1.45 -18.72 4.15
N GLN A 96 2.63 -18.73 4.76
CA GLN A 96 2.73 -18.81 6.21
C GLN A 96 3.34 -17.54 6.78
N PRO A 97 3.03 -17.23 8.05
CA PRO A 97 3.61 -16.08 8.75
C PRO A 97 5.07 -16.33 9.14
N ILE A 98 5.57 -15.51 10.04
CA ILE A 98 6.95 -15.61 10.49
C ILE A 98 7.09 -16.67 11.57
N GLY A 99 6.08 -16.76 12.43
CA GLY A 99 6.11 -17.73 13.51
C GLY A 99 4.78 -17.82 14.21
N LEU A 100 4.63 -18.85 15.03
CA LEU A 100 3.40 -19.07 15.78
C LEU A 100 3.18 -17.95 16.80
N GLY A 101 4.26 -17.50 17.42
CA GLY A 101 4.17 -16.49 18.45
C GLY A 101 3.93 -15.11 17.88
N GLU A 102 4.62 -14.78 16.80
CA GLU A 102 4.52 -13.46 16.20
C GLU A 102 3.13 -13.21 15.63
N ALA A 103 2.49 -14.27 15.13
CA ALA A 103 1.15 -14.14 14.56
C ALA A 103 0.15 -13.74 15.63
N SER A 104 0.32 -14.30 16.82
CA SER A 104 -0.52 -13.94 17.96
C SER A 104 -0.25 -12.51 18.37
N ASN A 105 1.02 -12.14 18.34
CA ASN A 105 1.45 -10.80 18.74
C ASN A 105 1.01 -9.76 17.72
N ASP A 106 1.10 -10.13 16.44
CA ASP A 106 0.77 -9.23 15.34
C ASP A 106 -0.65 -8.72 15.44
N THR A 107 -1.60 -9.63 15.57
CA THR A 107 -2.99 -9.24 15.60
C THR A 107 -3.36 -8.62 16.93
N TRP A 108 -2.69 -9.06 17.98
CA TRP A 108 -2.92 -8.49 19.29
C TRP A 108 -2.51 -7.03 19.31
N ILE A 109 -1.28 -6.75 18.91
CA ILE A 109 -0.77 -5.39 18.91
C ILE A 109 -1.55 -4.53 17.92
N THR A 110 -1.83 -5.11 16.75
CA THR A 110 -2.64 -4.45 15.76
C THR A 110 -4.01 -4.11 16.33
N THR A 111 -4.49 -4.97 17.21
CA THR A 111 -5.77 -4.77 17.86
C THR A 111 -5.70 -3.62 18.87
N LYS A 112 -4.60 -3.51 19.62
CA LYS A 112 -4.45 -2.43 20.60
C LYS A 112 -4.39 -1.08 19.92
N VAL A 113 -3.55 -0.97 18.89
CA VAL A 113 -3.42 0.29 18.16
C VAL A 113 -4.76 0.65 17.50
N ARG A 114 -5.46 -0.38 17.03
CA ARG A 114 -6.79 -0.21 16.48
C ARG A 114 -7.74 0.31 17.55
N SER A 115 -7.71 -0.35 18.69
CA SER A 115 -8.55 0.00 19.83
C SER A 115 -8.42 1.47 20.19
N GLN A 116 -7.19 1.93 20.37
CA GLN A 116 -6.93 3.28 20.82
C GLN A 116 -7.18 4.29 19.70
N LEU A 117 -6.78 3.95 18.48
CA LEU A 117 -6.98 4.84 17.35
C LEU A 117 -8.47 5.06 17.08
N LEU A 118 -9.24 3.98 17.18
CA LEU A 118 -10.66 4.01 16.84
C LEU A 118 -11.46 4.90 17.80
N THR A 119 -10.95 5.10 19.02
CA THR A 119 -11.64 5.94 19.99
C THR A 119 -11.59 7.40 19.56
N SER A 120 -10.61 7.73 18.73
CA SER A 120 -10.41 9.08 18.24
C SER A 120 -11.55 9.49 17.30
N ASP A 121 -12.35 10.46 17.74
CA ASP A 121 -13.46 10.97 16.95
C ASP A 121 -12.97 11.79 15.77
N LEU A 122 -11.77 12.33 15.90
CA LEU A 122 -11.19 13.17 14.86
C LEU A 122 -10.57 12.31 13.76
N VAL A 123 -10.41 11.03 14.03
CA VAL A 123 -9.75 10.13 13.10
C VAL A 123 -10.73 9.09 12.55
N LYS A 124 -10.37 8.47 11.44
CA LYS A 124 -11.20 7.42 10.84
C LYS A 124 -10.63 6.04 11.14
N SER A 125 -11.51 5.10 11.39
CA SER A 125 -11.12 3.75 11.81
C SER A 125 -10.42 2.97 10.70
N SER A 126 -10.99 2.99 9.52
CA SER A 126 -10.48 2.19 8.41
C SER A 126 -9.50 2.98 7.55
N ASN A 127 -9.10 4.15 8.05
CA ASN A 127 -8.24 5.05 7.29
C ASN A 127 -6.79 4.59 7.32
N VAL A 128 -6.42 3.80 8.32
CA VAL A 128 -5.05 3.38 8.48
C VAL A 128 -4.87 1.86 8.30
N LYS A 129 -3.83 1.49 7.58
CA LYS A 129 -3.47 0.09 7.39
C LYS A 129 -2.39 -0.30 8.39
N VAL A 130 -2.70 -1.25 9.26
CA VAL A 130 -1.75 -1.67 10.29
C VAL A 130 -1.52 -3.17 10.23
N THR A 131 -0.26 -3.55 10.11
CA THR A 131 0.12 -4.95 10.10
C THR A 131 1.44 -5.15 10.85
N THR A 132 1.52 -6.20 11.65
CA THR A 132 2.71 -6.48 12.45
C THR A 132 3.41 -7.77 12.00
N GLU A 133 4.72 -7.75 11.94
CA GLU A 133 5.46 -8.97 11.66
C GLU A 133 6.70 -9.05 12.55
N ASN A 134 6.92 -10.22 13.15
CA ASN A 134 8.07 -10.48 14.02
C ASN A 134 8.12 -9.48 15.18
N GLY A 135 8.80 -8.36 14.96
CA GLY A 135 8.88 -7.31 15.96
C GLY A 135 8.73 -5.94 15.35
N GLU A 136 8.33 -5.91 14.09
CA GLU A 136 8.20 -4.66 13.35
C GLU A 136 6.75 -4.43 12.96
N VAL A 137 6.24 -3.25 13.30
CA VAL A 137 4.88 -2.88 12.97
C VAL A 137 4.88 -1.77 11.94
N PHE A 138 4.02 -1.86 10.96
CA PHE A 138 3.92 -0.82 9.94
C PHE A 138 2.48 -0.33 9.83
N LEU A 139 2.32 0.98 9.81
CA LEU A 139 1.01 1.59 9.59
C LEU A 139 1.09 2.52 8.39
N MET A 140 0.04 2.51 7.59
CA MET A 140 0.08 3.18 6.30
C MET A 140 -1.27 3.77 5.92
N GLY A 141 -1.24 4.68 4.95
CA GLY A 141 -2.46 5.25 4.42
C GLY A 141 -2.46 6.76 4.49
N LEU A 142 -3.42 7.38 3.83
CA LEU A 142 -3.55 8.83 3.85
C LEU A 142 -4.54 9.22 4.92
N VAL A 143 -4.10 10.02 5.87
CA VAL A 143 -4.94 10.45 6.98
C VAL A 143 -4.56 11.87 7.36
N THR A 144 -5.38 12.53 8.12
CA THR A 144 -5.05 13.88 8.55
C THR A 144 -4.01 13.84 9.67
N GLU A 145 -3.51 15.00 10.06
CA GLU A 145 -2.44 15.08 11.04
C GLU A 145 -2.90 14.54 12.39
N ARG A 146 -4.18 14.70 12.68
CA ARG A 146 -4.75 14.19 13.92
C ARG A 146 -4.65 12.67 13.97
N GLU A 147 -5.04 12.04 12.87
CA GLU A 147 -5.01 10.59 12.78
C GLU A 147 -3.58 10.07 12.69
N ALA A 148 -2.75 10.79 11.94
CA ALA A 148 -1.35 10.43 11.76
C ALA A 148 -0.59 10.48 13.09
N LYS A 149 -0.80 11.56 13.84
CA LYS A 149 -0.12 11.74 15.12
C LYS A 149 -0.62 10.73 16.14
N ALA A 150 -1.92 10.47 16.13
CA ALA A 150 -2.51 9.49 17.04
C ALA A 150 -1.98 8.10 16.74
N ALA A 151 -1.92 7.75 15.46
CA ALA A 151 -1.39 6.45 15.04
C ALA A 151 0.06 6.29 15.50
N ALA A 152 0.86 7.31 15.25
CA ALA A 152 2.26 7.31 15.64
C ALA A 152 2.39 7.23 17.16
N ASP A 153 1.54 7.97 17.86
CA ASP A 153 1.56 8.00 19.33
C ASP A 153 1.33 6.61 19.90
N ILE A 154 0.22 6.00 19.50
CA ILE A 154 -0.16 4.69 19.99
C ILE A 154 0.90 3.65 19.65
N ALA A 155 1.33 3.65 18.40
CA ALA A 155 2.34 2.68 17.92
C ALA A 155 3.64 2.80 18.69
N SER A 156 3.92 3.99 19.23
CA SER A 156 5.15 4.23 19.96
C SER A 156 5.01 3.85 21.43
N ARG A 157 3.80 3.92 21.98
CA ARG A 157 3.61 3.70 23.40
C ARG A 157 3.13 2.28 23.73
N VAL A 158 2.77 1.50 22.72
CA VAL A 158 2.30 0.14 22.97
C VAL A 158 3.47 -0.82 23.11
N SER A 159 3.39 -1.70 24.11
CA SER A 159 4.41 -2.70 24.33
C SER A 159 4.30 -3.82 23.30
N GLY A 160 5.44 -4.21 22.75
CA GLY A 160 5.46 -5.24 21.73
C GLY A 160 6.20 -4.76 20.50
N VAL A 161 6.14 -3.46 20.26
CA VAL A 161 6.79 -2.87 19.11
C VAL A 161 8.27 -2.70 19.36
N LYS A 162 9.07 -3.29 18.48
CA LYS A 162 10.52 -3.10 18.50
C LYS A 162 10.90 -2.02 17.50
N ARG A 163 10.32 -2.13 16.31
CA ARG A 163 10.52 -1.14 15.27
C ARG A 163 9.19 -0.85 14.59
N VAL A 164 8.92 0.41 14.34
CA VAL A 164 7.68 0.81 13.69
C VAL A 164 7.99 1.59 12.42
N THR A 165 7.27 1.28 11.35
CA THR A 165 7.40 1.98 10.09
C THR A 165 6.18 2.87 9.87
N THR A 166 6.42 4.13 9.58
CA THR A 166 5.36 5.10 9.51
C THR A 166 5.42 5.92 8.23
N ALA A 167 4.44 5.74 7.36
CA ALA A 167 4.29 6.62 6.22
C ALA A 167 3.37 7.76 6.61
N PHE A 168 3.95 8.88 7.00
CA PHE A 168 3.16 10.01 7.42
C PHE A 168 2.64 10.75 6.20
N THR A 169 1.35 10.61 5.98
CA THR A 169 0.71 11.22 4.83
C THR A 169 -0.56 11.91 5.28
N PHE A 170 -0.60 13.23 5.12
CA PHE A 170 -1.69 14.03 5.68
C PHE A 170 -2.72 14.40 4.63
N ILE A 171 -3.97 13.99 4.87
CA ILE A 171 -5.08 14.37 4.02
C ILE A 171 -5.57 15.76 4.44
N LYS A 172 -5.20 16.80 3.70
CA LYS A 172 -5.58 18.19 4.00
C LYS A 172 -5.20 18.65 5.42
N GLY A 173 -4.88 17.71 6.31
CA GLY A 173 -4.47 18.03 7.66
C GLY A 173 -5.55 17.77 8.68
N GLY A 174 -6.78 18.12 8.35
CA GLY A 174 -7.88 17.93 9.27
C GLY A 174 -8.01 19.06 10.26
N LEU A 175 -6.90 19.40 10.91
CA LEU A 175 -6.87 20.51 11.84
C LEU A 175 -6.91 21.83 11.08
N GLU A 176 -8.07 22.46 11.05
CA GLU A 176 -8.22 23.73 10.36
C GLU A 176 -7.43 24.82 11.09
N HIS A 177 -6.97 25.81 10.33
CA HIS A 177 -6.22 26.92 10.89
C HIS A 177 -7.00 28.21 10.72
N HIS A 178 -7.81 28.54 11.72
CA HIS A 178 -8.58 29.77 11.70
C HIS A 178 -8.71 30.33 13.10
N ILE A 1 53.48 -9.45 20.94
CA ILE A 1 53.30 -8.30 20.01
C ILE A 1 51.82 -8.06 19.74
N ALA A 2 51.30 -6.96 20.27
CA ALA A 2 49.91 -6.59 20.04
C ALA A 2 49.75 -5.87 18.71
N ALA A 3 50.06 -6.58 17.64
CA ALA A 3 49.94 -6.01 16.30
C ALA A 3 49.63 -7.12 15.30
N ALA A 4 48.36 -7.25 14.94
CA ALA A 4 47.94 -8.25 13.99
C ALA A 4 48.31 -7.83 12.59
N VAL A 5 48.96 -8.71 11.84
CA VAL A 5 49.41 -8.39 10.49
C VAL A 5 48.28 -8.56 9.49
N VAL A 6 47.17 -7.88 9.75
CA VAL A 6 46.01 -7.93 8.88
C VAL A 6 45.74 -6.54 8.31
N GLY A 7 45.85 -6.42 7.00
CA GLY A 7 45.61 -5.15 6.35
C GLY A 7 44.13 -4.95 6.07
N THR A 8 43.44 -4.37 7.04
CA THR A 8 42.00 -4.14 6.90
C THR A 8 41.74 -3.01 5.91
N ALA A 9 41.17 -3.36 4.78
CA ALA A 9 40.91 -2.42 3.72
C ALA A 9 39.65 -2.81 2.96
N ALA A 10 38.50 -2.42 3.50
CA ALA A 10 37.22 -2.79 2.90
C ALA A 10 36.95 -1.94 1.66
N VAL A 11 36.41 -2.58 0.62
CA VAL A 11 36.05 -1.87 -0.60
C VAL A 11 34.74 -1.11 -0.39
N GLY A 12 34.40 -0.25 -1.33
CA GLY A 12 33.22 0.56 -1.17
C GLY A 12 32.57 0.93 -2.48
N THR A 13 31.31 0.55 -2.63
CA THR A 13 30.52 0.93 -3.79
C THR A 13 29.70 2.17 -3.46
N LYS A 14 29.72 3.15 -4.35
CA LYS A 14 28.97 4.38 -4.15
C LYS A 14 27.89 4.52 -5.20
N ALA A 15 26.75 3.90 -4.94
CA ALA A 15 25.62 3.98 -5.84
C ALA A 15 24.96 5.35 -5.76
N ALA A 16 24.56 5.88 -6.89
CA ALA A 16 23.97 7.21 -6.95
C ALA A 16 22.48 7.15 -6.66
N THR A 17 22.13 7.20 -5.38
CA THR A 17 20.73 7.26 -4.97
C THR A 17 20.19 8.67 -5.14
N ASP A 18 20.04 9.07 -6.39
CA ASP A 18 19.57 10.41 -6.71
C ASP A 18 18.08 10.53 -6.46
N PRO A 19 17.67 11.66 -5.88
CA PRO A 19 16.26 12.02 -5.73
C PRO A 19 15.57 12.06 -7.10
N ARG A 20 15.87 13.10 -7.89
CA ARG A 20 15.33 13.26 -9.24
C ARG A 20 13.83 12.99 -9.29
N SER A 21 13.09 13.68 -8.43
CA SER A 21 11.65 13.52 -8.36
C SER A 21 10.96 14.25 -9.50
N VAL A 22 11.69 15.19 -10.12
CA VAL A 22 11.18 15.98 -11.25
C VAL A 22 9.85 16.64 -10.90
N GLY A 23 9.77 17.23 -9.71
CA GLY A 23 8.54 17.83 -9.25
C GLY A 23 7.46 16.80 -9.06
N THR A 24 6.38 16.94 -9.80
CA THR A 24 5.30 15.96 -9.77
C THR A 24 5.35 15.09 -11.02
N GLN A 25 5.75 13.84 -10.83
CA GLN A 25 5.74 12.86 -11.90
C GLN A 25 4.97 11.63 -11.44
N VAL A 26 4.19 11.82 -10.38
CA VAL A 26 3.41 10.77 -9.77
C VAL A 26 1.94 11.16 -9.74
N ASP A 27 1.07 10.18 -9.86
CA ASP A 27 -0.36 10.41 -9.84
C ASP A 27 -1.07 9.31 -9.09
N ASP A 28 -1.69 9.66 -7.96
CA ASP A 28 -2.45 8.69 -7.19
C ASP A 28 -3.61 8.16 -8.03
N GLY A 29 -4.27 9.06 -8.74
CA GLY A 29 -5.40 8.66 -9.55
C GLY A 29 -4.99 7.86 -10.77
N THR A 30 -4.00 8.36 -11.50
CA THR A 30 -3.51 7.67 -12.69
C THR A 30 -2.94 6.29 -12.33
N LEU A 31 -2.22 6.23 -11.21
CA LEU A 31 -1.66 4.95 -10.75
C LEU A 31 -2.78 4.01 -10.35
N GLU A 32 -3.82 4.55 -9.70
CA GLU A 32 -4.99 3.77 -9.32
C GLU A 32 -5.66 3.18 -10.56
N VAL A 33 -5.94 4.06 -11.52
CA VAL A 33 -6.54 3.64 -12.79
C VAL A 33 -5.66 2.61 -13.48
N ARG A 34 -4.35 2.87 -13.50
CA ARG A 34 -3.39 1.98 -14.14
C ARG A 34 -3.46 0.58 -13.58
N VAL A 35 -3.33 0.43 -12.26
CA VAL A 35 -3.30 -0.88 -11.64
C VAL A 35 -4.70 -1.51 -11.64
N ASN A 36 -5.73 -0.68 -11.52
CA ASN A 36 -7.11 -1.17 -11.51
C ASN A 36 -7.47 -1.81 -12.84
N SER A 37 -7.24 -1.07 -13.92
CA SER A 37 -7.55 -1.56 -15.25
C SER A 37 -6.63 -2.71 -15.65
N ALA A 38 -5.40 -2.72 -15.16
CA ALA A 38 -4.47 -3.81 -15.44
C ALA A 38 -4.93 -5.10 -14.77
N LEU A 39 -5.40 -4.98 -13.53
CA LEU A 39 -5.92 -6.13 -12.79
C LEU A 39 -7.12 -6.71 -13.51
N SER A 40 -7.99 -5.83 -14.01
CA SER A 40 -9.15 -6.25 -14.77
C SER A 40 -8.77 -6.67 -16.20
N LYS A 41 -7.54 -6.36 -16.59
CA LYS A 41 -7.03 -6.76 -17.91
C LYS A 41 -6.72 -8.24 -17.89
N ASP A 42 -6.18 -8.70 -16.77
CA ASP A 42 -5.90 -10.12 -16.60
C ASP A 42 -7.19 -10.88 -16.33
N GLU A 43 -7.09 -12.19 -16.31
CA GLU A 43 -8.24 -13.00 -15.97
C GLU A 43 -7.94 -13.82 -14.74
N GLN A 44 -6.88 -14.64 -14.79
CA GLN A 44 -6.56 -15.53 -13.68
C GLN A 44 -6.29 -14.71 -12.41
N ILE A 45 -5.75 -13.51 -12.61
CA ILE A 45 -5.48 -12.59 -11.52
C ILE A 45 -6.77 -12.20 -10.79
N LYS A 46 -7.87 -12.07 -11.53
CA LYS A 46 -9.13 -11.68 -10.93
C LYS A 46 -10.08 -12.87 -10.81
N LYS A 47 -9.70 -13.98 -11.42
CA LYS A 47 -10.51 -15.19 -11.42
C LYS A 47 -10.23 -16.02 -10.18
N GLU A 48 -8.95 -16.29 -9.93
CA GLU A 48 -8.56 -17.13 -8.81
C GLU A 48 -8.01 -16.28 -7.68
N ALA A 49 -7.65 -15.05 -7.99
CA ALA A 49 -7.11 -14.13 -7.00
C ALA A 49 -8.01 -12.91 -6.87
N ARG A 50 -7.94 -12.25 -5.73
CA ARG A 50 -8.68 -11.03 -5.53
C ARG A 50 -7.79 -9.98 -4.90
N ILE A 51 -7.53 -8.92 -5.64
CA ILE A 51 -6.69 -7.83 -5.15
C ILE A 51 -7.43 -6.51 -5.32
N ASN A 52 -7.31 -5.66 -4.33
CA ASN A 52 -7.92 -4.35 -4.36
C ASN A 52 -6.85 -3.28 -4.44
N VAL A 53 -7.13 -2.22 -5.17
CA VAL A 53 -6.13 -1.19 -5.45
C VAL A 53 -6.45 0.09 -4.69
N THR A 54 -5.44 0.64 -4.03
CA THR A 54 -5.57 1.92 -3.36
C THR A 54 -4.30 2.76 -3.57
N ALA A 55 -4.47 4.00 -3.99
CA ALA A 55 -3.32 4.88 -4.15
C ALA A 55 -3.52 6.16 -3.35
N TYR A 56 -2.46 6.56 -2.65
CA TYR A 56 -2.54 7.72 -1.77
C TYR A 56 -1.15 8.32 -1.56
N GLN A 57 -1.07 9.66 -1.58
CA GLN A 57 0.17 10.41 -1.35
C GLN A 57 1.26 10.08 -2.37
N GLY A 58 0.87 9.48 -3.49
CA GLY A 58 1.83 9.14 -4.53
C GLY A 58 2.19 7.67 -4.53
N LYS A 59 2.10 7.02 -3.38
CA LYS A 59 2.47 5.61 -3.28
C LYS A 59 1.25 4.72 -3.41
N VAL A 60 1.48 3.46 -3.70
CA VAL A 60 0.38 2.52 -3.91
C VAL A 60 0.28 1.51 -2.77
N LEU A 61 -0.93 1.15 -2.45
CA LEU A 61 -1.22 0.10 -1.50
C LEU A 61 -2.14 -0.92 -2.14
N LEU A 62 -1.78 -2.19 -2.07
CA LEU A 62 -2.61 -3.23 -2.63
C LEU A 62 -2.98 -4.22 -1.54
N VAL A 63 -4.24 -4.60 -1.50
CA VAL A 63 -4.74 -5.50 -0.47
C VAL A 63 -5.55 -6.62 -1.10
N GLY A 64 -5.86 -7.65 -0.35
CA GLY A 64 -6.75 -8.67 -0.88
C GLY A 64 -6.45 -10.07 -0.40
N GLN A 65 -6.76 -11.06 -1.24
CA GLN A 65 -6.60 -12.45 -0.89
C GLN A 65 -6.36 -13.29 -2.14
N SER A 66 -5.56 -14.34 -2.02
CA SER A 66 -5.29 -15.24 -3.13
C SER A 66 -4.89 -16.61 -2.59
N PRO A 67 -5.09 -17.67 -3.38
CA PRO A 67 -4.55 -19.00 -3.06
C PRO A 67 -3.15 -19.16 -3.64
N ASN A 68 -2.75 -18.19 -4.44
CA ASN A 68 -1.44 -18.17 -5.06
C ASN A 68 -0.79 -16.81 -4.86
N ALA A 69 0.28 -16.76 -4.10
CA ALA A 69 1.02 -15.52 -3.90
C ALA A 69 1.62 -15.04 -5.21
N GLU A 70 1.90 -16.01 -6.08
CA GLU A 70 2.43 -15.75 -7.41
C GLU A 70 1.49 -14.83 -8.19
N LEU A 71 0.19 -15.02 -8.02
CA LEU A 71 -0.80 -14.26 -8.77
C LEU A 71 -0.81 -12.80 -8.33
N SER A 72 -0.85 -12.59 -7.02
CA SER A 72 -0.90 -11.24 -6.45
C SER A 72 0.38 -10.48 -6.74
N ALA A 73 1.52 -11.16 -6.59
CA ALA A 73 2.82 -10.56 -6.84
C ALA A 73 2.94 -10.15 -8.31
N ARG A 74 2.60 -11.08 -9.19
CA ARG A 74 2.65 -10.83 -10.62
C ARG A 74 1.68 -9.73 -11.00
N ALA A 75 0.51 -9.72 -10.35
CA ALA A 75 -0.51 -8.71 -10.61
C ALA A 75 0.01 -7.31 -10.35
N LYS A 76 0.59 -7.09 -9.18
CA LYS A 76 1.04 -5.76 -8.80
C LYS A 76 2.22 -5.31 -9.66
N GLN A 77 3.16 -6.22 -9.93
CA GLN A 77 4.36 -5.85 -10.68
C GLN A 77 4.03 -5.51 -12.14
N ILE A 78 3.15 -6.30 -12.75
CA ILE A 78 2.75 -6.07 -14.14
C ILE A 78 1.88 -4.83 -14.25
N ALA A 79 1.08 -4.57 -13.23
CA ALA A 79 0.16 -3.43 -13.23
C ALA A 79 0.90 -2.10 -13.16
N MET A 80 1.73 -1.94 -12.14
CA MET A 80 2.42 -0.67 -11.94
C MET A 80 3.66 -0.55 -12.80
N GLY A 81 4.45 -1.62 -12.87
CA GLY A 81 5.73 -1.55 -13.57
C GLY A 81 6.57 -0.39 -13.09
N VAL A 82 7.25 0.27 -14.01
CA VAL A 82 7.92 1.52 -13.69
C VAL A 82 7.16 2.67 -14.34
N ASP A 83 6.70 3.60 -13.53
CA ASP A 83 5.91 4.73 -14.03
C ASP A 83 5.49 5.66 -12.89
N GLY A 84 6.47 6.22 -12.21
CA GLY A 84 6.19 7.17 -11.15
C GLY A 84 6.02 6.51 -9.80
N ALA A 85 5.69 5.23 -9.78
CA ALA A 85 5.51 4.51 -8.53
C ALA A 85 6.83 4.38 -7.78
N ASN A 86 6.91 5.00 -6.62
CA ASN A 86 8.12 4.96 -5.80
C ASN A 86 8.05 3.84 -4.77
N GLU A 87 6.90 3.71 -4.12
CA GLU A 87 6.70 2.63 -3.16
C GLU A 87 5.35 1.99 -3.36
N VAL A 88 5.31 0.68 -3.18
CA VAL A 88 4.08 -0.07 -3.26
C VAL A 88 4.02 -1.10 -2.14
N TYR A 89 3.02 -0.98 -1.29
CA TYR A 89 2.87 -1.89 -0.17
C TYR A 89 1.68 -2.80 -0.42
N ASN A 90 1.95 -4.07 -0.58
CA ASN A 90 0.92 -5.04 -0.88
C ASN A 90 0.74 -6.01 0.26
N GLU A 91 -0.45 -6.03 0.84
CA GLU A 91 -0.78 -7.06 1.82
C GLU A 91 -1.83 -7.99 1.24
N ILE A 92 -1.45 -9.25 1.13
CA ILE A 92 -2.31 -10.26 0.58
C ILE A 92 -2.67 -11.27 1.66
N ARG A 93 -3.93 -11.67 1.70
CA ARG A 93 -4.37 -12.74 2.60
C ARG A 93 -3.88 -14.10 2.11
N GLN A 94 -2.70 -14.11 1.53
CA GLN A 94 -2.03 -15.33 1.14
C GLN A 94 -0.63 -15.31 1.71
N GLY A 95 -0.42 -16.10 2.74
CA GLY A 95 0.86 -16.16 3.39
C GLY A 95 0.84 -17.12 4.53
N GLN A 96 1.83 -17.99 4.56
CA GLN A 96 1.93 -18.99 5.59
C GLN A 96 2.62 -18.40 6.81
N PRO A 97 2.30 -18.90 8.01
CA PRO A 97 2.98 -18.47 9.24
C PRO A 97 4.49 -18.60 9.11
N ILE A 98 5.17 -17.47 9.00
CA ILE A 98 6.62 -17.42 8.96
C ILE A 98 7.18 -18.01 10.26
N GLY A 99 6.44 -17.77 11.34
CA GLY A 99 6.76 -18.35 12.62
C GLY A 99 5.57 -18.27 13.55
N LEU A 100 5.46 -19.22 14.45
CA LEU A 100 4.34 -19.28 15.38
C LEU A 100 4.31 -18.02 16.26
N GLY A 101 5.48 -17.58 16.69
CA GLY A 101 5.56 -16.44 17.58
C GLY A 101 5.13 -15.14 16.93
N GLU A 102 5.71 -14.83 15.77
CA GLU A 102 5.42 -13.59 15.08
C GLU A 102 3.99 -13.57 14.56
N ALA A 103 3.49 -14.72 14.11
CA ALA A 103 2.15 -14.80 13.54
C ALA A 103 1.07 -14.51 14.58
N SER A 104 1.18 -15.15 15.74
CA SER A 104 0.22 -14.93 16.81
C SER A 104 0.38 -13.54 17.42
N ASN A 105 1.61 -13.05 17.44
CA ASN A 105 1.89 -11.72 17.97
C ASN A 105 1.45 -10.63 16.99
N ASP A 106 1.53 -10.94 15.69
CA ASP A 106 1.19 -9.99 14.64
C ASP A 106 -0.23 -9.45 14.84
N THR A 107 -1.17 -10.35 15.04
CA THR A 107 -2.56 -9.97 15.18
C THR A 107 -2.81 -9.33 16.55
N TRP A 108 -2.05 -9.73 17.56
CA TRP A 108 -2.15 -9.13 18.88
C TRP A 108 -1.71 -7.68 18.83
N ILE A 109 -0.54 -7.43 18.25
CA ILE A 109 -0.02 -6.09 18.10
C ILE A 109 -0.96 -5.25 17.26
N THR A 110 -1.37 -5.81 16.12
CA THR A 110 -2.31 -5.14 15.23
C THR A 110 -3.62 -4.84 15.95
N THR A 111 -4.06 -5.74 16.81
CA THR A 111 -5.30 -5.57 17.53
C THR A 111 -5.21 -4.43 18.55
N LYS A 112 -4.13 -4.41 19.34
CA LYS A 112 -3.97 -3.38 20.37
C LYS A 112 -3.83 -1.99 19.75
N VAL A 113 -3.06 -1.88 18.67
CA VAL A 113 -2.88 -0.59 18.04
C VAL A 113 -4.17 -0.14 17.37
N ARG A 114 -4.90 -1.09 16.80
CA ARG A 114 -6.19 -0.80 16.18
C ARG A 114 -7.20 -0.35 17.23
N SER A 115 -7.18 -1.00 18.38
CA SER A 115 -8.07 -0.65 19.48
C SER A 115 -7.82 0.78 19.95
N GLN A 116 -6.55 1.10 20.19
CA GLN A 116 -6.18 2.44 20.65
C GLN A 116 -6.47 3.48 19.57
N LEU A 117 -6.31 3.08 18.32
CA LEU A 117 -6.64 3.95 17.20
C LEU A 117 -8.15 4.18 17.14
N LEU A 118 -8.91 3.10 17.20
CA LEU A 118 -10.37 3.17 17.10
C LEU A 118 -10.96 3.92 18.29
N THR A 119 -10.24 3.89 19.41
CA THR A 119 -10.66 4.61 20.59
C THR A 119 -10.51 6.13 20.39
N SER A 120 -9.80 6.50 19.34
CA SER A 120 -9.66 7.91 18.97
C SER A 120 -10.88 8.35 18.17
N ASP A 121 -11.41 9.51 18.52
CA ASP A 121 -12.67 10.00 17.96
C ASP A 121 -12.56 10.37 16.49
N LEU A 122 -11.44 10.98 16.11
CA LEU A 122 -11.29 11.54 14.77
C LEU A 122 -11.03 10.47 13.71
N VAL A 123 -10.07 9.60 13.97
CA VAL A 123 -9.63 8.63 12.96
C VAL A 123 -10.70 7.57 12.68
N LYS A 124 -10.82 7.20 11.42
CA LYS A 124 -11.81 6.19 11.01
C LYS A 124 -11.12 4.84 10.84
N SER A 125 -11.84 3.77 11.16
CA SER A 125 -11.29 2.43 11.16
C SER A 125 -10.66 2.05 9.82
N SER A 126 -11.39 2.30 8.73
CA SER A 126 -10.94 1.89 7.40
C SER A 126 -10.03 2.95 6.77
N ASN A 127 -9.72 3.99 7.53
CA ASN A 127 -8.91 5.09 7.00
C ASN A 127 -7.45 4.86 7.33
N VAL A 128 -7.19 3.85 8.14
CA VAL A 128 -5.83 3.53 8.57
C VAL A 128 -5.54 2.04 8.34
N LYS A 129 -4.35 1.75 7.84
CA LYS A 129 -3.94 0.37 7.59
C LYS A 129 -2.75 -0.02 8.47
N VAL A 130 -2.96 -1.02 9.31
CA VAL A 130 -1.90 -1.52 10.17
C VAL A 130 -1.63 -2.99 9.87
N THR A 131 -0.36 -3.33 9.71
CA THR A 131 0.05 -4.71 9.48
C THR A 131 1.36 -5.00 10.19
N THR A 132 1.46 -6.14 10.82
CA THR A 132 2.69 -6.54 11.49
C THR A 132 3.46 -7.54 10.64
N GLU A 133 4.65 -7.15 10.21
CA GLU A 133 5.49 -7.99 9.39
C GLU A 133 6.64 -8.54 10.21
N ASN A 134 7.50 -9.33 9.56
CA ASN A 134 8.60 -10.02 10.24
C ASN A 134 9.59 -9.03 10.87
N GLY A 135 9.33 -8.69 12.13
CA GLY A 135 10.20 -7.79 12.86
C GLY A 135 9.86 -6.33 12.66
N GLU A 136 8.90 -6.07 11.79
CA GLU A 136 8.54 -4.70 11.43
C GLU A 136 7.04 -4.52 11.36
N VAL A 137 6.50 -3.62 12.15
CA VAL A 137 5.07 -3.33 12.08
C VAL A 137 4.85 -2.02 11.35
N PHE A 138 3.95 -2.03 10.38
CA PHE A 138 3.75 -0.88 9.52
C PHE A 138 2.40 -0.22 9.78
N LEU A 139 2.41 1.09 9.75
CA LEU A 139 1.18 1.87 9.82
C LEU A 139 1.09 2.74 8.57
N MET A 140 -0.09 2.86 8.00
CA MET A 140 -0.21 3.50 6.70
C MET A 140 -1.58 4.12 6.51
N GLY A 141 -1.67 5.01 5.53
CA GLY A 141 -2.93 5.61 5.16
C GLY A 141 -2.89 7.11 5.22
N LEU A 142 -3.97 7.75 4.82
CA LEU A 142 -4.05 9.19 4.78
C LEU A 142 -5.05 9.69 5.82
N VAL A 143 -4.57 10.54 6.72
CA VAL A 143 -5.38 11.11 7.79
C VAL A 143 -4.84 12.49 8.11
N THR A 144 -5.55 13.31 8.85
CA THR A 144 -5.01 14.61 9.20
C THR A 144 -4.04 14.48 10.37
N GLU A 145 -3.49 15.59 10.82
CA GLU A 145 -2.46 15.58 11.86
C GLU A 145 -2.98 14.98 13.16
N ARG A 146 -4.27 15.10 13.42
CA ARG A 146 -4.85 14.60 14.67
C ARG A 146 -4.80 13.07 14.71
N GLU A 147 -5.29 12.44 13.65
CA GLU A 147 -5.30 10.99 13.55
C GLU A 147 -3.88 10.46 13.37
N ALA A 148 -3.05 11.21 12.64
CA ALA A 148 -1.66 10.83 12.43
C ALA A 148 -0.89 10.83 13.75
N LYS A 149 -1.12 11.85 14.56
CA LYS A 149 -0.49 11.96 15.87
C LYS A 149 -0.95 10.81 16.77
N ALA A 150 -2.24 10.47 16.68
CA ALA A 150 -2.81 9.38 17.46
C ALA A 150 -2.16 8.05 17.08
N ALA A 151 -2.03 7.81 15.78
CA ALA A 151 -1.43 6.57 15.28
C ALA A 151 0.01 6.44 15.73
N ALA A 152 0.79 7.50 15.55
CA ALA A 152 2.20 7.51 15.94
C ALA A 152 2.34 7.32 17.44
N ASP A 153 1.45 7.97 18.19
CA ASP A 153 1.46 7.89 19.65
C ASP A 153 1.30 6.44 20.11
N ILE A 154 0.30 5.77 19.55
CA ILE A 154 0.02 4.39 19.90
C ILE A 154 1.21 3.50 19.57
N ALA A 155 1.70 3.61 18.33
CA ALA A 155 2.78 2.77 17.83
C ALA A 155 4.05 2.91 18.67
N SER A 156 4.28 4.10 19.22
CA SER A 156 5.46 4.36 20.02
C SER A 156 5.29 3.87 21.46
N ARG A 157 4.05 3.86 21.93
CA ARG A 157 3.78 3.55 23.33
C ARG A 157 3.51 2.05 23.56
N VAL A 158 2.91 1.38 22.58
CA VAL A 158 2.51 -0.01 22.77
C VAL A 158 3.72 -0.94 22.87
N SER A 159 3.68 -1.85 23.83
CA SER A 159 4.72 -2.84 23.99
C SER A 159 4.54 -3.99 23.00
N GLY A 160 5.63 -4.60 22.60
CA GLY A 160 5.58 -5.70 21.66
C GLY A 160 6.11 -5.30 20.30
N VAL A 161 6.26 -4.00 20.11
CA VAL A 161 6.74 -3.46 18.85
C VAL A 161 8.26 -3.52 18.78
N LYS A 162 8.78 -4.20 17.77
CA LYS A 162 10.21 -4.27 17.55
C LYS A 162 10.68 -3.04 16.76
N ARG A 163 10.01 -2.77 15.66
CA ARG A 163 10.31 -1.63 14.82
C ARG A 163 9.04 -1.16 14.11
N VAL A 164 8.77 0.13 14.17
CA VAL A 164 7.57 0.68 13.55
C VAL A 164 7.93 1.57 12.37
N THR A 165 7.15 1.45 11.31
CA THR A 165 7.28 2.33 10.16
C THR A 165 5.93 2.97 9.86
N THR A 166 5.91 4.28 9.70
CA THR A 166 4.66 5.01 9.52
C THR A 166 4.73 5.98 8.34
N ALA A 167 3.91 5.74 7.34
CA ALA A 167 3.77 6.69 6.25
C ALA A 167 2.59 7.62 6.52
N PHE A 168 2.65 8.31 7.64
CA PHE A 168 1.56 9.17 8.06
C PHE A 168 1.63 10.52 7.36
N THR A 169 0.70 10.74 6.47
CA THR A 169 0.60 11.99 5.73
C THR A 169 -0.77 12.60 5.96
N PHE A 170 -0.83 13.93 6.02
CA PHE A 170 -2.04 14.61 6.46
C PHE A 170 -3.03 14.85 5.32
N ILE A 171 -4.27 14.41 5.54
CA ILE A 171 -5.35 14.72 4.61
C ILE A 171 -5.91 16.09 4.96
N LYS A 172 -5.58 17.11 4.16
CA LYS A 172 -6.10 18.46 4.36
C LYS A 172 -5.60 19.10 5.66
N GLY A 173 -5.53 18.29 6.71
CA GLY A 173 -5.16 18.76 8.03
C GLY A 173 -6.38 19.02 8.88
N GLY A 174 -7.53 18.67 8.34
CA GLY A 174 -8.78 18.86 9.06
C GLY A 174 -9.49 20.12 8.63
N LEU A 175 -8.71 21.17 8.40
CA LEU A 175 -9.27 22.45 8.03
C LEU A 175 -8.38 23.15 6.99
N GLU A 176 -8.98 24.04 6.23
CA GLU A 176 -8.25 24.86 5.28
C GLU A 176 -8.65 26.33 5.43
N HIS A 177 -7.87 27.23 4.87
CA HIS A 177 -8.13 28.66 5.01
C HIS A 177 -8.92 29.19 3.83
N HIS A 178 -9.44 30.40 3.98
CA HIS A 178 -10.19 31.04 2.91
C HIS A 178 -9.33 32.11 2.26
N ILE A 1 29.58 -10.69 -67.84
CA ILE A 1 28.58 -9.68 -67.44
C ILE A 1 28.85 -9.22 -66.02
N ALA A 2 28.62 -7.94 -65.75
CA ALA A 2 28.88 -7.37 -64.45
C ALA A 2 27.77 -7.72 -63.46
N ALA A 3 27.99 -8.78 -62.69
CA ALA A 3 27.05 -9.19 -61.66
C ALA A 3 27.23 -8.33 -60.41
N ALA A 4 26.93 -7.05 -60.54
CA ALA A 4 27.11 -6.11 -59.45
C ALA A 4 25.87 -6.07 -58.56
N VAL A 5 25.73 -7.10 -57.73
CA VAL A 5 24.61 -7.17 -56.80
C VAL A 5 25.05 -6.70 -55.41
N VAL A 6 24.43 -5.63 -54.94
CA VAL A 6 24.79 -5.03 -53.67
C VAL A 6 23.68 -5.20 -52.66
N GLY A 7 23.97 -5.89 -51.56
CA GLY A 7 22.97 -6.12 -50.53
C GLY A 7 23.33 -5.44 -49.22
N THR A 8 24.00 -4.30 -49.31
CA THR A 8 24.37 -3.55 -48.13
C THR A 8 23.19 -2.77 -47.56
N ALA A 9 22.99 -2.87 -46.26
CA ALA A 9 21.92 -2.19 -45.58
C ALA A 9 22.36 -1.70 -44.22
N ALA A 10 23.08 -0.59 -44.20
CA ALA A 10 23.54 0.01 -42.96
C ALA A 10 22.38 0.55 -42.14
N VAL A 11 22.39 0.29 -40.85
CA VAL A 11 21.31 0.70 -39.97
C VAL A 11 21.85 1.13 -38.61
N GLY A 12 21.32 2.23 -38.09
CA GLY A 12 21.73 2.71 -36.78
C GLY A 12 20.74 3.71 -36.21
N THR A 13 20.32 3.50 -34.99
CA THR A 13 19.36 4.38 -34.35
C THR A 13 20.06 5.50 -33.58
N LYS A 14 19.65 6.73 -33.86
CA LYS A 14 20.16 7.90 -33.14
C LYS A 14 19.05 8.50 -32.30
N ALA A 15 19.41 9.13 -31.19
CA ALA A 15 18.42 9.73 -30.31
C ALA A 15 18.82 11.14 -29.90
N ALA A 16 17.82 11.95 -29.58
CA ALA A 16 18.04 13.31 -29.11
C ALA A 16 17.30 13.52 -27.80
N THR A 17 18.01 13.43 -26.70
CA THR A 17 17.43 13.52 -25.38
C THR A 17 16.98 14.95 -25.05
N ASP A 18 15.69 15.13 -24.83
CA ASP A 18 15.17 16.43 -24.42
C ASP A 18 14.72 16.38 -22.99
N PRO A 19 15.03 17.42 -22.23
CA PRO A 19 14.53 17.62 -20.86
C PRO A 19 13.01 17.63 -20.80
N ARG A 20 12.39 18.23 -21.80
CA ARG A 20 10.95 18.45 -21.81
C ARG A 20 10.21 17.24 -22.38
N SER A 21 10.67 16.04 -22.03
CA SER A 21 10.05 14.81 -22.46
C SER A 21 8.77 14.57 -21.67
N VAL A 22 8.91 14.66 -20.33
CA VAL A 22 7.79 14.57 -19.39
C VAL A 22 6.81 13.42 -19.71
N GLY A 23 7.35 12.32 -20.20
CA GLY A 23 6.53 11.15 -20.49
C GLY A 23 6.15 10.42 -19.21
N THR A 24 7.13 10.27 -18.33
CA THR A 24 6.90 9.63 -17.05
C THR A 24 6.34 10.62 -16.05
N GLN A 25 5.08 10.47 -15.70
CA GLN A 25 4.44 11.36 -14.74
C GLN A 25 3.83 10.55 -13.60
N VAL A 26 3.98 11.05 -12.39
CA VAL A 26 3.41 10.40 -11.23
C VAL A 26 1.98 10.90 -10.98
N ASP A 27 1.05 9.98 -10.96
CA ASP A 27 -0.36 10.32 -10.79
C ASP A 27 -1.06 9.22 -10.00
N ASP A 28 -1.64 9.59 -8.86
CA ASP A 28 -2.34 8.62 -8.02
C ASP A 28 -3.47 7.96 -8.80
N GLY A 29 -4.31 8.78 -9.41
CA GLY A 29 -5.43 8.27 -10.16
C GLY A 29 -5.01 7.53 -11.42
N THR A 30 -4.12 8.14 -12.20
CA THR A 30 -3.66 7.53 -13.45
C THR A 30 -3.00 6.18 -13.20
N LEU A 31 -2.17 6.11 -12.16
CA LEU A 31 -1.51 4.86 -11.80
C LEU A 31 -2.55 3.84 -11.33
N GLU A 32 -3.48 4.30 -10.53
CA GLU A 32 -4.58 3.46 -10.04
C GLU A 32 -5.38 2.90 -11.21
N VAL A 33 -5.61 3.74 -12.22
CA VAL A 33 -6.36 3.34 -13.40
C VAL A 33 -5.61 2.29 -14.21
N ARG A 34 -4.34 2.54 -14.53
CA ARG A 34 -3.58 1.63 -15.39
C ARG A 34 -3.42 0.25 -14.74
N VAL A 35 -3.18 0.23 -13.44
CA VAL A 35 -2.99 -1.03 -12.75
C VAL A 35 -4.32 -1.76 -12.57
N ASN A 36 -5.40 -1.00 -12.36
CA ASN A 36 -6.73 -1.60 -12.24
C ASN A 36 -7.17 -2.21 -13.56
N SER A 37 -6.92 -1.50 -14.64
CA SER A 37 -7.29 -1.94 -15.96
C SER A 37 -6.47 -3.17 -16.37
N ALA A 38 -5.23 -3.23 -15.91
CA ALA A 38 -4.38 -4.39 -16.17
C ALA A 38 -4.85 -5.59 -15.33
N LEU A 39 -5.32 -5.32 -14.12
CA LEU A 39 -5.88 -6.35 -13.27
C LEU A 39 -7.11 -6.95 -13.93
N SER A 40 -7.93 -6.08 -14.54
CA SER A 40 -9.11 -6.51 -15.26
C SER A 40 -8.74 -7.10 -16.61
N LYS A 41 -7.49 -6.91 -17.02
CA LYS A 41 -6.98 -7.48 -18.26
C LYS A 41 -6.71 -8.97 -18.06
N ASP A 42 -6.09 -9.29 -16.93
CA ASP A 42 -5.85 -10.68 -16.57
C ASP A 42 -7.06 -11.25 -15.88
N GLU A 43 -7.88 -11.97 -16.63
CA GLU A 43 -9.12 -12.50 -16.10
C GLU A 43 -8.87 -13.35 -14.87
N GLN A 44 -7.91 -14.26 -14.94
CA GLN A 44 -7.60 -15.16 -13.83
C GLN A 44 -7.32 -14.38 -12.55
N ILE A 45 -6.70 -13.23 -12.70
CA ILE A 45 -6.34 -12.38 -11.57
C ILE A 45 -7.60 -11.85 -10.88
N LYS A 46 -8.64 -11.55 -11.65
CA LYS A 46 -9.87 -10.99 -11.09
C LYS A 46 -10.96 -12.06 -10.94
N LYS A 47 -10.82 -13.17 -11.66
CA LYS A 47 -11.83 -14.22 -11.64
C LYS A 47 -11.56 -15.19 -10.47
N GLU A 48 -10.30 -15.43 -10.17
CA GLU A 48 -9.93 -16.36 -9.11
C GLU A 48 -9.36 -15.63 -7.91
N ALA A 49 -8.82 -14.45 -8.14
CA ALA A 49 -8.24 -13.66 -7.07
C ALA A 49 -8.99 -12.34 -6.92
N ARG A 50 -8.88 -11.76 -5.75
CA ARG A 50 -9.48 -10.46 -5.51
C ARG A 50 -8.46 -9.53 -4.88
N ILE A 51 -8.07 -8.50 -5.62
CA ILE A 51 -7.10 -7.54 -5.14
C ILE A 51 -7.67 -6.13 -5.31
N ASN A 52 -7.43 -5.29 -4.32
CA ASN A 52 -7.90 -3.92 -4.37
C ASN A 52 -6.74 -2.97 -4.55
N VAL A 53 -6.96 -1.93 -5.34
CA VAL A 53 -5.91 -0.99 -5.68
C VAL A 53 -6.16 0.37 -5.03
N THR A 54 -5.15 0.87 -4.34
CA THR A 54 -5.19 2.20 -3.77
C THR A 54 -3.86 2.92 -4.00
N ALA A 55 -3.89 4.02 -4.70
CA ALA A 55 -2.67 4.80 -4.93
C ALA A 55 -2.76 6.15 -4.24
N TYR A 56 -1.68 6.50 -3.55
CA TYR A 56 -1.64 7.74 -2.79
C TYR A 56 -0.20 8.25 -2.71
N GLN A 57 -0.02 9.54 -2.92
CA GLN A 57 1.29 10.19 -2.76
C GLN A 57 2.34 9.65 -3.73
N GLY A 58 1.88 9.14 -4.88
CA GLY A 58 2.79 8.63 -5.88
C GLY A 58 3.11 7.16 -5.72
N LYS A 59 2.84 6.62 -4.54
CA LYS A 59 3.08 5.22 -4.26
C LYS A 59 1.78 4.44 -4.27
N VAL A 60 1.86 3.14 -4.43
CA VAL A 60 0.67 2.30 -4.54
C VAL A 60 0.59 1.29 -3.42
N LEU A 61 -0.62 1.07 -2.94
CA LEU A 61 -0.90 0.07 -1.93
C LEU A 61 -2.00 -0.85 -2.44
N LEU A 62 -1.70 -2.14 -2.51
CA LEU A 62 -2.68 -3.12 -2.96
C LEU A 62 -2.98 -4.09 -1.82
N VAL A 63 -4.25 -4.41 -1.63
CA VAL A 63 -4.65 -5.31 -0.56
C VAL A 63 -5.75 -6.24 -1.04
N GLY A 64 -5.72 -7.49 -0.63
CA GLY A 64 -6.79 -8.39 -1.01
C GLY A 64 -6.47 -9.85 -0.79
N GLN A 65 -7.35 -10.71 -1.31
CA GLN A 65 -7.21 -12.15 -1.15
C GLN A 65 -6.98 -12.81 -2.51
N SER A 66 -5.76 -13.25 -2.73
CA SER A 66 -5.42 -14.01 -3.93
C SER A 66 -4.89 -15.36 -3.52
N PRO A 67 -5.62 -16.44 -3.86
CA PRO A 67 -5.30 -17.81 -3.42
C PRO A 67 -3.88 -18.24 -3.77
N ASN A 68 -3.36 -17.72 -4.87
CA ASN A 68 -2.01 -18.02 -5.29
C ASN A 68 -1.18 -16.75 -5.34
N ALA A 69 0.08 -16.85 -4.94
CA ALA A 69 0.97 -15.71 -4.92
C ALA A 69 1.35 -15.29 -6.34
N GLU A 70 1.38 -16.27 -7.24
CA GLU A 70 1.70 -16.02 -8.63
C GLU A 70 0.74 -15.01 -9.24
N LEU A 71 -0.53 -15.10 -8.85
CA LEU A 71 -1.56 -14.23 -9.41
C LEU A 71 -1.36 -12.79 -8.96
N SER A 72 -1.19 -12.59 -7.66
CA SER A 72 -1.07 -11.27 -7.09
C SER A 72 0.26 -10.60 -7.48
N ALA A 73 1.33 -11.38 -7.46
CA ALA A 73 2.66 -10.88 -7.78
C ALA A 73 2.73 -10.46 -9.24
N ARG A 74 2.31 -11.35 -10.12
CA ARG A 74 2.30 -11.08 -11.55
C ARG A 74 1.37 -9.91 -11.85
N ALA A 75 0.27 -9.84 -11.11
CA ALA A 75 -0.65 -8.70 -11.22
C ALA A 75 0.10 -7.40 -11.00
N LYS A 76 0.85 -7.32 -9.91
CA LYS A 76 1.59 -6.12 -9.56
C LYS A 76 2.57 -5.73 -10.67
N GLN A 77 3.43 -6.66 -11.06
CA GLN A 77 4.47 -6.37 -12.04
C GLN A 77 3.89 -6.00 -13.39
N ILE A 78 2.88 -6.75 -13.82
CA ILE A 78 2.28 -6.54 -15.13
C ILE A 78 1.48 -5.24 -15.19
N ALA A 79 0.87 -4.87 -14.07
CA ALA A 79 0.01 -3.69 -14.02
C ALA A 79 0.80 -2.40 -14.00
N MET A 80 1.67 -2.23 -13.00
CA MET A 80 2.40 -0.97 -12.87
C MET A 80 3.78 -1.04 -13.51
N GLY A 81 4.51 -2.12 -13.27
CA GLY A 81 5.89 -2.19 -13.72
C GLY A 81 6.68 -0.97 -13.28
N VAL A 82 7.45 -0.40 -14.20
CA VAL A 82 8.12 0.86 -13.93
C VAL A 82 7.46 1.98 -14.73
N ASP A 83 6.97 2.99 -14.02
CA ASP A 83 6.27 4.12 -14.65
C ASP A 83 5.63 5.01 -13.58
N GLY A 84 6.45 5.85 -12.96
CA GLY A 84 5.93 6.81 -12.00
C GLY A 84 5.69 6.20 -10.63
N ALA A 85 5.51 4.88 -10.58
CA ALA A 85 5.30 4.19 -9.31
C ALA A 85 6.50 4.37 -8.40
N ASN A 86 6.30 5.07 -7.30
CA ASN A 86 7.39 5.37 -6.38
C ASN A 86 7.72 4.16 -5.52
N GLU A 87 6.68 3.52 -5.03
CA GLU A 87 6.80 2.28 -4.29
C GLU A 87 5.47 1.55 -4.32
N VAL A 88 5.52 0.24 -4.43
CA VAL A 88 4.31 -0.55 -4.43
C VAL A 88 4.31 -1.54 -3.27
N TYR A 89 3.33 -1.41 -2.40
CA TYR A 89 3.17 -2.33 -1.29
C TYR A 89 1.86 -3.09 -1.44
N ASN A 90 1.97 -4.38 -1.66
CA ASN A 90 0.79 -5.20 -1.81
C ASN A 90 0.70 -6.23 -0.69
N GLU A 91 -0.40 -6.23 0.04
CA GLU A 91 -0.61 -7.23 1.07
C GLU A 91 -1.66 -8.23 0.61
N ILE A 92 -1.23 -9.45 0.45
CA ILE A 92 -2.12 -10.56 0.16
C ILE A 92 -2.06 -11.56 1.31
N ARG A 93 -3.14 -11.72 2.05
CA ARG A 93 -3.14 -12.64 3.18
C ARG A 93 -3.35 -14.08 2.69
N GLN A 94 -2.37 -14.60 1.98
CA GLN A 94 -2.43 -15.95 1.43
C GLN A 94 -1.16 -16.71 1.79
N GLY A 95 -1.30 -18.00 2.00
CA GLY A 95 -0.15 -18.85 2.23
C GLY A 95 0.35 -18.81 3.65
N GLN A 96 1.45 -18.10 3.87
CA GLN A 96 2.10 -18.08 5.17
C GLN A 96 2.64 -16.68 5.49
N PRO A 97 2.65 -16.31 6.79
CA PRO A 97 3.31 -15.10 7.25
C PRO A 97 4.82 -15.33 7.42
N ILE A 98 5.37 -14.93 8.56
CA ILE A 98 6.77 -15.22 8.85
C ILE A 98 6.89 -16.46 9.72
N GLY A 99 6.12 -16.49 10.79
CA GLY A 99 6.15 -17.62 11.71
C GLY A 99 5.00 -17.57 12.69
N LEU A 100 4.79 -18.66 13.40
CA LEU A 100 3.69 -18.75 14.35
C LEU A 100 3.94 -17.84 15.55
N GLY A 101 5.21 -17.70 15.90
CA GLY A 101 5.60 -16.86 17.01
C GLY A 101 5.31 -15.39 16.76
N GLU A 102 5.72 -14.92 15.58
CA GLU A 102 5.50 -13.51 15.24
C GLU A 102 4.03 -13.26 14.90
N ALA A 103 3.39 -14.21 14.22
CA ALA A 103 1.99 -14.05 13.79
C ALA A 103 1.06 -13.85 14.97
N SER A 104 1.24 -14.64 16.02
CA SER A 104 0.42 -14.53 17.22
C SER A 104 0.56 -13.14 17.84
N ASN A 105 1.80 -12.64 17.90
CA ASN A 105 2.06 -11.33 18.47
C ASN A 105 1.64 -10.22 17.51
N ASP A 106 1.74 -10.48 16.21
CA ASP A 106 1.42 -9.50 15.19
C ASP A 106 -0.03 -9.06 15.28
N THR A 107 -0.94 -10.02 15.31
CA THR A 107 -2.35 -9.72 15.36
C THR A 107 -2.72 -9.13 16.72
N TRP A 108 -1.99 -9.55 17.73
CA TRP A 108 -2.19 -9.03 19.08
C TRP A 108 -1.79 -7.56 19.14
N ILE A 109 -0.57 -7.26 18.69
CA ILE A 109 -0.05 -5.89 18.67
C ILE A 109 -0.91 -5.00 17.79
N THR A 110 -1.22 -5.49 16.58
CA THR A 110 -2.07 -4.76 15.66
C THR A 110 -3.45 -4.51 16.27
N THR A 111 -3.94 -5.47 17.04
CA THR A 111 -5.21 -5.32 17.71
C THR A 111 -5.18 -4.13 18.69
N LYS A 112 -4.13 -4.04 19.51
CA LYS A 112 -4.04 -2.94 20.48
C LYS A 112 -3.97 -1.60 19.78
N VAL A 113 -3.03 -1.46 18.83
CA VAL A 113 -2.85 -0.18 18.16
C VAL A 113 -4.09 0.20 17.36
N ARG A 114 -4.76 -0.78 16.77
CA ARG A 114 -6.00 -0.54 16.04
C ARG A 114 -7.09 -0.10 17.01
N SER A 115 -7.22 -0.83 18.11
CA SER A 115 -8.23 -0.54 19.12
C SER A 115 -8.10 0.90 19.62
N GLN A 116 -6.90 1.30 19.98
CA GLN A 116 -6.66 2.62 20.55
C GLN A 116 -6.84 3.72 19.51
N LEU A 117 -6.41 3.44 18.28
CA LEU A 117 -6.58 4.40 17.19
C LEU A 117 -8.05 4.61 16.90
N LEU A 118 -8.79 3.50 16.82
CA LEU A 118 -10.22 3.52 16.58
C LEU A 118 -10.95 4.17 17.77
N THR A 119 -10.38 3.97 18.95
CA THR A 119 -10.92 4.52 20.17
C THR A 119 -10.84 6.06 20.16
N SER A 120 -10.03 6.60 19.26
CA SER A 120 -9.93 8.02 19.09
C SER A 120 -11.01 8.52 18.13
N ASP A 121 -11.49 9.73 18.36
CA ASP A 121 -12.62 10.27 17.59
C ASP A 121 -12.19 10.65 16.16
N LEU A 122 -11.01 11.25 16.05
CA LEU A 122 -10.56 11.83 14.78
C LEU A 122 -10.07 10.77 13.80
N VAL A 123 -9.66 9.62 14.32
CA VAL A 123 -9.09 8.57 13.47
C VAL A 123 -10.17 7.63 12.96
N LYS A 124 -10.24 7.49 11.63
CA LYS A 124 -11.20 6.58 11.03
C LYS A 124 -10.59 5.19 10.88
N SER A 125 -11.44 4.17 11.07
CA SER A 125 -11.00 2.78 11.07
C SER A 125 -10.33 2.38 9.75
N SER A 126 -10.97 2.72 8.64
CA SER A 126 -10.50 2.31 7.33
C SER A 126 -9.61 3.38 6.69
N ASN A 127 -9.01 4.22 7.53
CA ASN A 127 -8.19 5.33 7.03
C ASN A 127 -6.70 5.04 7.22
N VAL A 128 -6.39 3.86 7.75
CA VAL A 128 -5.01 3.51 8.06
C VAL A 128 -4.76 2.00 7.92
N LYS A 129 -3.59 1.65 7.42
CA LYS A 129 -3.19 0.25 7.31
C LYS A 129 -2.10 -0.06 8.33
N VAL A 130 -2.37 -1.03 9.20
CA VAL A 130 -1.40 -1.44 10.22
C VAL A 130 -1.14 -2.93 10.13
N THR A 131 0.11 -3.32 9.97
CA THR A 131 0.46 -4.72 9.91
C THR A 131 1.81 -4.99 10.57
N THR A 132 1.88 -6.06 11.37
CA THR A 132 3.12 -6.44 12.03
C THR A 132 3.80 -7.59 11.30
N GLU A 133 5.10 -7.52 11.14
CA GLU A 133 5.88 -8.61 10.58
C GLU A 133 7.15 -8.81 11.38
N ASN A 134 7.40 -10.07 11.77
CA ASN A 134 8.60 -10.46 12.51
C ASN A 134 8.86 -9.54 13.72
N GLY A 135 7.80 -9.20 14.44
CA GLY A 135 7.95 -8.39 15.64
C GLY A 135 8.05 -6.91 15.34
N GLU A 136 8.04 -6.56 14.06
CA GLU A 136 8.13 -5.17 13.63
C GLU A 136 6.82 -4.74 13.00
N VAL A 137 6.21 -3.69 13.52
CA VAL A 137 4.92 -3.24 13.00
C VAL A 137 5.10 -1.98 12.16
N PHE A 138 4.40 -1.93 11.03
CA PHE A 138 4.45 -0.76 10.18
C PHE A 138 3.07 -0.18 9.99
N LEU A 139 3.04 1.12 9.75
CA LEU A 139 1.81 1.85 9.55
C LEU A 139 1.84 2.53 8.18
N MET A 140 0.72 2.51 7.47
CA MET A 140 0.70 3.00 6.11
C MET A 140 -0.62 3.68 5.78
N GLY A 141 -0.58 4.57 4.80
CA GLY A 141 -1.78 5.24 4.33
C GLY A 141 -1.66 6.75 4.41
N LEU A 142 -2.76 7.43 4.23
CA LEU A 142 -2.76 8.89 4.26
C LEU A 142 -3.78 9.39 5.28
N VAL A 143 -3.32 10.21 6.22
CA VAL A 143 -4.20 10.78 7.26
C VAL A 143 -3.78 12.21 7.54
N THR A 144 -4.56 12.96 8.29
CA THR A 144 -4.17 14.31 8.64
C THR A 144 -3.30 14.29 9.90
N GLU A 145 -2.89 15.46 10.36
CA GLU A 145 -2.03 15.55 11.54
C GLU A 145 -2.74 15.02 12.79
N ARG A 146 -4.07 15.13 12.81
CA ARG A 146 -4.85 14.66 13.95
C ARG A 146 -4.74 13.15 14.10
N GLU A 147 -4.93 12.45 13.00
CA GLU A 147 -4.84 11.00 12.97
C GLU A 147 -3.41 10.56 13.22
N ALA A 148 -2.47 11.28 12.61
CA ALA A 148 -1.04 10.98 12.77
C ALA A 148 -0.62 11.16 14.23
N LYS A 149 -1.16 12.20 14.87
CA LYS A 149 -0.88 12.47 16.27
C LYS A 149 -1.37 11.33 17.16
N ALA A 150 -2.60 10.88 16.91
CA ALA A 150 -3.18 9.78 17.69
C ALA A 150 -2.37 8.49 17.47
N ALA A 151 -1.92 8.30 16.24
CA ALA A 151 -1.09 7.14 15.91
C ALA A 151 0.21 7.17 16.70
N ALA A 152 0.84 8.34 16.76
CA ALA A 152 2.08 8.51 17.51
C ALA A 152 1.84 8.28 18.99
N ASP A 153 0.73 8.81 19.49
CA ASP A 153 0.34 8.62 20.89
C ASP A 153 0.35 7.15 21.25
N ILE A 154 -0.39 6.39 20.46
CA ILE A 154 -0.55 4.96 20.71
C ILE A 154 0.75 4.21 20.49
N ALA A 155 1.49 4.59 19.46
CA ALA A 155 2.73 3.91 19.10
C ALA A 155 3.75 3.95 20.24
N SER A 156 3.94 5.13 20.83
CA SER A 156 4.91 5.28 21.91
C SER A 156 4.37 4.75 23.24
N ARG A 157 3.05 4.82 23.41
CA ARG A 157 2.44 4.45 24.69
C ARG A 157 2.24 2.94 24.80
N VAL A 158 1.92 2.28 23.70
CA VAL A 158 1.69 0.84 23.71
C VAL A 158 3.00 0.08 23.58
N SER A 159 3.41 -0.55 24.66
CA SER A 159 4.63 -1.33 24.67
C SER A 159 4.36 -2.76 24.21
N GLY A 160 5.28 -3.31 23.42
CA GLY A 160 5.12 -4.66 22.93
C GLY A 160 5.92 -4.89 21.67
N VAL A 161 5.79 -3.96 20.74
CA VAL A 161 6.51 -4.01 19.48
C VAL A 161 7.99 -3.70 19.70
N LYS A 162 8.86 -4.36 18.94
CA LYS A 162 10.29 -4.15 19.06
C LYS A 162 10.71 -2.93 18.25
N ARG A 163 10.04 -2.72 17.12
CA ARG A 163 10.30 -1.57 16.27
C ARG A 163 9.03 -1.22 15.52
N VAL A 164 8.69 0.05 15.51
CA VAL A 164 7.51 0.52 14.79
C VAL A 164 7.91 1.43 13.63
N THR A 165 7.66 0.96 12.42
CA THR A 165 7.93 1.76 11.24
C THR A 165 6.67 2.53 10.87
N THR A 166 6.80 3.82 10.67
CA THR A 166 5.65 4.68 10.46
C THR A 166 5.87 5.65 9.30
N ALA A 167 5.02 5.55 8.30
CA ALA A 167 5.01 6.53 7.24
C ALA A 167 4.12 7.70 7.64
N PHE A 168 4.74 8.82 7.99
CA PHE A 168 3.98 9.98 8.37
C PHE A 168 3.54 10.74 7.13
N THR A 169 2.27 10.65 6.84
CA THR A 169 1.70 11.24 5.65
C THR A 169 0.46 12.03 6.02
N PHE A 170 0.41 13.30 5.60
CA PHE A 170 -0.68 14.19 5.99
C PHE A 170 -1.60 14.50 4.82
N ILE A 171 -2.89 14.20 5.00
CA ILE A 171 -3.89 14.48 3.98
C ILE A 171 -4.31 15.94 4.08
N LYS A 172 -3.77 16.76 3.17
CA LYS A 172 -4.03 18.21 3.09
C LYS A 172 -4.16 18.90 4.46
N GLY A 173 -3.63 18.24 5.51
CA GLY A 173 -3.97 18.59 6.88
C GLY A 173 -5.40 19.07 7.03
N GLY A 174 -6.33 18.22 6.60
CA GLY A 174 -7.74 18.57 6.59
C GLY A 174 -8.26 19.03 7.94
N LEU A 175 -8.37 20.34 8.09
CA LEU A 175 -8.92 20.92 9.29
C LEU A 175 -10.44 20.85 9.26
N GLU A 176 -11.06 21.27 10.35
CA GLU A 176 -12.51 21.28 10.46
C GLU A 176 -13.08 22.62 10.01
N HIS A 177 -12.33 23.30 9.17
CA HIS A 177 -12.76 24.60 8.68
C HIS A 177 -13.29 24.46 7.26
N HIS A 178 -14.55 24.81 7.07
CA HIS A 178 -15.17 24.72 5.76
C HIS A 178 -15.86 26.04 5.43
N ILE A 1 55.50 -7.37 -24.96
CA ILE A 1 54.29 -8.00 -25.52
C ILE A 1 54.59 -9.39 -26.06
N ALA A 2 54.07 -10.40 -25.39
CA ALA A 2 54.27 -11.78 -25.81
C ALA A 2 52.99 -12.35 -26.39
N ALA A 3 51.92 -11.57 -26.29
CA ALA A 3 50.61 -12.00 -26.78
C ALA A 3 50.09 -11.05 -27.85
N ALA A 4 50.04 -11.54 -29.08
CA ALA A 4 49.53 -10.75 -30.19
C ALA A 4 48.03 -10.95 -30.34
N VAL A 5 47.32 -10.87 -29.22
CA VAL A 5 45.88 -11.06 -29.21
C VAL A 5 45.19 -10.00 -28.34
N VAL A 6 44.34 -9.22 -28.97
CA VAL A 6 43.55 -8.22 -28.27
C VAL A 6 42.08 -8.60 -28.35
N GLY A 7 41.67 -9.06 -29.52
CA GLY A 7 40.29 -9.46 -29.71
C GLY A 7 39.41 -8.31 -30.14
N THR A 8 38.11 -8.51 -30.05
CA THR A 8 37.15 -7.48 -30.39
C THR A 8 36.24 -7.18 -29.20
N ALA A 9 35.99 -5.90 -28.96
CA ALA A 9 35.10 -5.47 -27.91
C ALA A 9 33.65 -5.59 -28.37
N ALA A 10 32.94 -6.56 -27.81
CA ALA A 10 31.55 -6.78 -28.15
C ALA A 10 30.66 -5.76 -27.45
N VAL A 11 29.96 -4.97 -28.23
CA VAL A 11 29.04 -3.97 -27.69
C VAL A 11 27.65 -4.17 -28.29
N GLY A 12 27.07 -5.34 -28.06
CA GLY A 12 25.76 -5.64 -28.60
C GLY A 12 24.65 -5.25 -27.65
N THR A 13 24.84 -4.14 -26.96
CA THR A 13 23.87 -3.67 -25.98
C THR A 13 22.94 -2.63 -26.59
N LYS A 14 21.65 -2.93 -26.58
CA LYS A 14 20.64 -1.98 -27.02
C LYS A 14 20.10 -1.22 -25.82
N ALA A 15 20.29 0.09 -25.81
CA ALA A 15 19.89 0.92 -24.69
C ALA A 15 18.47 1.43 -24.85
N ALA A 16 17.88 1.92 -23.77
CA ALA A 16 16.52 2.42 -23.79
C ALA A 16 16.48 3.83 -24.37
N THR A 17 16.70 3.93 -25.66
CA THR A 17 16.67 5.21 -26.35
C THR A 17 15.44 5.31 -27.24
N ASP A 18 14.36 5.85 -26.70
CA ASP A 18 13.13 6.02 -27.45
C ASP A 18 13.04 7.44 -27.99
N PRO A 19 12.29 7.65 -29.08
CA PRO A 19 12.11 8.98 -29.67
C PRO A 19 11.12 9.83 -28.87
N ARG A 20 10.64 9.29 -27.76
CA ARG A 20 9.68 9.97 -26.92
C ARG A 20 10.36 10.60 -25.72
N SER A 21 9.86 11.74 -25.30
CA SER A 21 10.43 12.48 -24.18
C SER A 21 9.89 11.97 -22.85
N VAL A 22 8.77 11.26 -22.91
CA VAL A 22 8.15 10.71 -21.71
C VAL A 22 9.09 9.75 -20.98
N GLY A 23 9.34 10.05 -19.72
CA GLY A 23 10.16 9.18 -18.90
C GLY A 23 9.66 9.14 -17.48
N THR A 24 9.21 10.28 -16.99
CA THR A 24 8.65 10.37 -15.65
C THR A 24 7.23 10.91 -15.70
N GLN A 25 6.27 10.05 -15.42
CA GLN A 25 4.86 10.45 -15.42
C GLN A 25 4.16 9.86 -14.21
N VAL A 26 4.68 10.16 -13.03
CA VAL A 26 4.12 9.63 -11.79
C VAL A 26 2.90 10.43 -11.37
N ASP A 27 1.78 9.74 -11.26
CA ASP A 27 0.52 10.35 -10.87
C ASP A 27 -0.31 9.36 -10.09
N ASP A 28 -0.91 9.79 -8.98
CA ASP A 28 -1.74 8.90 -8.17
C ASP A 28 -2.83 8.29 -9.03
N GLY A 29 -3.56 9.14 -9.72
CA GLY A 29 -4.64 8.66 -10.57
C GLY A 29 -4.13 7.83 -11.73
N THR A 30 -3.07 8.30 -12.40
CA THR A 30 -2.50 7.57 -13.51
C THR A 30 -2.03 6.18 -13.08
N LEU A 31 -1.48 6.09 -11.88
CA LEU A 31 -1.01 4.81 -11.35
C LEU A 31 -2.20 3.93 -10.99
N GLU A 32 -3.18 4.53 -10.33
CA GLU A 32 -4.40 3.84 -9.96
C GLU A 32 -5.09 3.27 -11.20
N VAL A 33 -5.19 4.10 -12.24
CA VAL A 33 -5.84 3.70 -13.48
C VAL A 33 -5.04 2.61 -14.21
N ARG A 34 -3.73 2.82 -14.38
CA ARG A 34 -2.91 1.89 -15.14
C ARG A 34 -2.91 0.50 -14.51
N VAL A 35 -2.80 0.43 -13.19
CA VAL A 35 -2.76 -0.86 -12.51
C VAL A 35 -4.15 -1.49 -12.52
N ASN A 36 -5.19 -0.68 -12.36
CA ASN A 36 -6.56 -1.17 -12.39
C ASN A 36 -6.87 -1.80 -13.74
N SER A 37 -6.45 -1.11 -14.79
CA SER A 37 -6.67 -1.58 -16.15
C SER A 37 -5.91 -2.89 -16.41
N ALA A 38 -4.68 -2.98 -15.90
CA ALA A 38 -3.87 -4.18 -16.09
C ALA A 38 -4.43 -5.35 -15.28
N LEU A 39 -4.87 -5.09 -14.06
CA LEU A 39 -5.43 -6.12 -13.20
C LEU A 39 -6.69 -6.70 -13.81
N SER A 40 -7.54 -5.83 -14.33
CA SER A 40 -8.79 -6.24 -14.96
C SER A 40 -8.53 -6.90 -16.32
N LYS A 41 -7.34 -6.65 -16.86
CA LYS A 41 -6.95 -7.24 -18.13
C LYS A 41 -6.57 -8.70 -17.92
N ASP A 42 -5.85 -8.97 -16.83
CA ASP A 42 -5.49 -10.34 -16.50
C ASP A 42 -6.65 -11.04 -15.83
N GLU A 43 -7.38 -11.81 -16.62
CA GLU A 43 -8.58 -12.49 -16.14
C GLU A 43 -8.30 -13.26 -14.87
N GLN A 44 -7.30 -14.15 -14.91
CA GLN A 44 -7.01 -15.02 -13.77
C GLN A 44 -6.81 -14.21 -12.49
N ILE A 45 -6.22 -13.03 -12.63
CA ILE A 45 -5.95 -12.15 -11.50
C ILE A 45 -7.23 -11.50 -10.96
N LYS A 46 -8.15 -11.15 -11.84
CA LYS A 46 -9.37 -10.46 -11.43
C LYS A 46 -10.55 -11.41 -11.30
N LYS A 47 -10.39 -12.62 -11.81
CA LYS A 47 -11.47 -13.61 -11.82
C LYS A 47 -11.47 -14.41 -10.51
N GLU A 48 -10.30 -14.94 -10.15
CA GLU A 48 -10.19 -15.78 -8.97
C GLU A 48 -9.58 -15.02 -7.80
N ALA A 49 -9.02 -13.86 -8.08
CA ALA A 49 -8.38 -13.06 -7.06
C ALA A 49 -9.06 -11.72 -6.89
N ARG A 50 -9.01 -11.19 -5.69
CA ARG A 50 -9.59 -9.89 -5.42
C ARG A 50 -8.52 -8.95 -4.89
N ILE A 51 -8.23 -7.93 -5.67
CA ILE A 51 -7.25 -6.92 -5.27
C ILE A 51 -7.82 -5.55 -5.51
N ASN A 52 -7.67 -4.68 -4.52
CA ASN A 52 -8.13 -3.32 -4.65
C ASN A 52 -6.95 -2.38 -4.70
N VAL A 53 -7.06 -1.35 -5.52
CA VAL A 53 -5.96 -0.43 -5.74
C VAL A 53 -6.24 0.93 -5.12
N THR A 54 -5.32 1.38 -4.30
CA THR A 54 -5.40 2.70 -3.69
C THR A 54 -4.09 3.45 -3.86
N ALA A 55 -4.14 4.57 -4.57
CA ALA A 55 -2.96 5.38 -4.78
C ALA A 55 -3.12 6.71 -4.08
N TYR A 56 -2.09 7.14 -3.36
CA TYR A 56 -2.17 8.35 -2.57
C TYR A 56 -0.79 8.99 -2.42
N GLN A 57 -0.74 10.31 -2.59
CA GLN A 57 0.49 11.11 -2.46
C GLN A 57 1.41 10.93 -3.68
N GLY A 58 1.33 9.77 -4.31
CA GLY A 58 2.20 9.45 -5.43
C GLY A 58 2.62 8.00 -5.38
N LYS A 59 2.42 7.39 -4.21
CA LYS A 59 2.71 5.98 -4.02
C LYS A 59 1.40 5.19 -4.04
N VAL A 60 1.49 3.89 -4.31
CA VAL A 60 0.28 3.09 -4.45
C VAL A 60 0.29 1.87 -3.52
N LEU A 61 -0.88 1.53 -3.01
CA LEU A 61 -1.06 0.38 -2.14
C LEU A 61 -2.12 -0.55 -2.72
N LEU A 62 -1.87 -1.84 -2.64
CA LEU A 62 -2.82 -2.84 -3.10
C LEU A 62 -3.19 -3.76 -1.95
N VAL A 63 -4.46 -4.03 -1.80
CA VAL A 63 -4.93 -4.89 -0.71
C VAL A 63 -6.02 -5.83 -1.22
N GLY A 64 -6.19 -6.96 -0.56
CA GLY A 64 -7.25 -7.87 -0.95
C GLY A 64 -6.97 -9.31 -0.56
N GLN A 65 -7.32 -10.24 -1.43
CA GLN A 65 -7.13 -11.67 -1.17
C GLN A 65 -7.13 -12.44 -2.48
N SER A 66 -6.21 -13.38 -2.60
CA SER A 66 -6.07 -14.18 -3.81
C SER A 66 -5.87 -15.65 -3.44
N PRO A 67 -6.12 -16.57 -4.38
CA PRO A 67 -5.85 -17.99 -4.18
C PRO A 67 -4.37 -18.27 -4.00
N ASN A 68 -3.55 -17.63 -4.83
CA ASN A 68 -2.11 -17.78 -4.76
C ASN A 68 -1.46 -16.42 -4.61
N ALA A 69 -0.39 -16.35 -3.82
CA ALA A 69 0.35 -15.11 -3.65
C ALA A 69 0.99 -14.65 -4.96
N GLU A 70 1.29 -15.63 -5.81
CA GLU A 70 1.86 -15.35 -7.13
C GLU A 70 0.93 -14.45 -7.95
N LEU A 71 -0.37 -14.65 -7.82
CA LEU A 71 -1.35 -13.91 -8.61
C LEU A 71 -1.30 -12.43 -8.25
N SER A 72 -1.35 -12.15 -6.95
CA SER A 72 -1.36 -10.79 -6.45
C SER A 72 -0.02 -10.09 -6.72
N ALA A 73 1.07 -10.81 -6.47
CA ALA A 73 2.41 -10.24 -6.63
C ALA A 73 2.71 -9.96 -8.10
N ARG A 74 2.51 -10.96 -8.95
CA ARG A 74 2.76 -10.83 -10.37
C ARG A 74 1.90 -9.71 -10.95
N ALA A 75 0.68 -9.61 -10.43
CA ALA A 75 -0.23 -8.56 -10.83
C ALA A 75 0.38 -7.19 -10.56
N LYS A 76 0.88 -7.00 -9.34
CA LYS A 76 1.52 -5.75 -8.95
C LYS A 76 2.60 -5.36 -9.95
N GLN A 77 3.46 -6.32 -10.31
CA GLN A 77 4.57 -6.05 -11.23
C GLN A 77 4.07 -5.66 -12.60
N ILE A 78 3.19 -6.48 -13.17
CA ILE A 78 2.69 -6.26 -14.53
C ILE A 78 1.83 -4.99 -14.60
N ALA A 79 1.12 -4.70 -13.52
CA ALA A 79 0.23 -3.56 -13.47
C ALA A 79 1.00 -2.24 -13.48
N MET A 80 1.98 -2.10 -12.58
CA MET A 80 2.69 -0.84 -12.47
C MET A 80 3.88 -0.77 -13.43
N GLY A 81 4.64 -1.86 -13.52
CA GLY A 81 5.83 -1.88 -14.35
C GLY A 81 6.72 -0.67 -14.14
N VAL A 82 7.19 -0.10 -15.24
CA VAL A 82 7.94 1.15 -15.17
C VAL A 82 7.07 2.29 -15.71
N ASP A 83 6.87 3.30 -14.87
CA ASP A 83 6.05 4.45 -15.26
C ASP A 83 6.29 5.63 -14.31
N GLY A 84 7.29 5.48 -13.45
CA GLY A 84 7.58 6.53 -12.48
C GLY A 84 7.12 6.15 -11.09
N ALA A 85 6.61 4.94 -10.95
CA ALA A 85 6.16 4.45 -9.66
C ALA A 85 7.35 4.25 -8.72
N ASN A 86 7.33 4.93 -7.59
CA ASN A 86 8.43 4.84 -6.63
C ASN A 86 8.22 3.68 -5.67
N GLU A 87 6.99 3.52 -5.18
CA GLU A 87 6.70 2.49 -4.21
C GLU A 87 5.30 1.94 -4.39
N VAL A 88 5.18 0.64 -4.21
CA VAL A 88 3.90 -0.05 -4.25
C VAL A 88 3.88 -1.15 -3.20
N TYR A 89 2.95 -1.07 -2.28
CA TYR A 89 2.87 -2.03 -1.19
C TYR A 89 1.62 -2.89 -1.33
N ASN A 90 1.78 -4.19 -1.23
CA ASN A 90 0.67 -5.10 -1.38
C ASN A 90 0.42 -5.91 -0.11
N GLU A 91 -0.80 -5.88 0.39
CA GLU A 91 -1.18 -6.78 1.47
C GLU A 91 -2.34 -7.65 1.01
N ILE A 92 -2.09 -8.94 1.00
CA ILE A 92 -3.10 -9.91 0.57
C ILE A 92 -3.49 -10.81 1.74
N ARG A 93 -4.78 -11.06 1.90
CA ARG A 93 -5.28 -11.88 3.02
C ARG A 93 -5.02 -13.37 2.79
N GLN A 94 -3.96 -13.68 2.06
CA GLN A 94 -3.55 -15.06 1.84
C GLN A 94 -2.07 -15.19 2.15
N GLY A 95 -1.67 -16.35 2.65
CA GLY A 95 -0.29 -16.58 2.97
C GLY A 95 -0.10 -17.43 4.20
N GLN A 96 1.13 -17.54 4.66
CA GLN A 96 1.46 -18.34 5.82
C GLN A 96 2.47 -17.61 6.68
N PRO A 97 2.38 -17.79 8.01
CA PRO A 97 3.26 -17.12 8.96
C PRO A 97 4.74 -17.49 8.75
N ILE A 98 5.60 -16.49 8.86
CA ILE A 98 7.05 -16.71 8.81
C ILE A 98 7.47 -17.65 9.94
N GLY A 99 6.84 -17.46 11.10
CA GLY A 99 7.11 -18.30 12.24
C GLY A 99 5.94 -18.26 13.19
N LEU A 100 5.91 -19.21 14.12
CA LEU A 100 4.79 -19.33 15.05
C LEU A 100 4.78 -18.19 16.07
N GLY A 101 5.95 -17.96 16.67
CA GLY A 101 6.05 -17.00 17.76
C GLY A 101 5.78 -15.58 17.31
N GLU A 102 6.44 -15.14 16.25
CA GLU A 102 6.30 -13.77 15.77
C GLU A 102 4.90 -13.51 15.25
N ALA A 103 4.27 -14.53 14.67
CA ALA A 103 2.91 -14.41 14.17
C ALA A 103 1.93 -14.25 15.33
N SER A 104 2.14 -15.05 16.37
CA SER A 104 1.30 -14.98 17.55
C SER A 104 1.50 -13.64 18.26
N ASN A 105 2.72 -13.12 18.21
CA ASN A 105 3.03 -11.83 18.79
C ASN A 105 2.48 -10.70 17.92
N ASP A 106 2.51 -10.89 16.60
CA ASP A 106 1.99 -9.90 15.67
C ASP A 106 0.51 -9.65 15.93
N THR A 107 -0.27 -10.72 15.97
CA THR A 107 -1.69 -10.60 16.18
C THR A 107 -1.99 -9.98 17.54
N TRP A 108 -1.08 -10.20 18.48
CA TRP A 108 -1.20 -9.63 19.82
C TRP A 108 -0.94 -8.12 19.77
N ILE A 109 0.20 -7.73 19.22
CA ILE A 109 0.59 -6.33 19.12
C ILE A 109 -0.37 -5.57 18.20
N THR A 110 -0.66 -6.17 17.05
CA THR A 110 -1.60 -5.61 16.10
C THR A 110 -2.97 -5.43 16.74
N THR A 111 -3.34 -6.36 17.63
CA THR A 111 -4.63 -6.29 18.29
C THR A 111 -4.70 -5.06 19.20
N LYS A 112 -3.67 -4.83 20.02
CA LYS A 112 -3.69 -3.68 20.94
C LYS A 112 -3.69 -2.37 20.16
N VAL A 113 -2.82 -2.24 19.16
CA VAL A 113 -2.74 -1.01 18.38
C VAL A 113 -4.03 -0.78 17.60
N ARG A 114 -4.63 -1.86 17.11
CA ARG A 114 -5.92 -1.78 16.43
C ARG A 114 -7.01 -1.40 17.41
N SER A 115 -7.03 -2.06 18.57
CA SER A 115 -8.03 -1.81 19.60
C SER A 115 -8.10 -0.32 19.95
N GLN A 116 -6.94 0.26 20.24
CA GLN A 116 -6.87 1.66 20.61
C GLN A 116 -7.16 2.56 19.42
N LEU A 117 -6.78 2.10 18.23
CA LEU A 117 -7.07 2.83 17.01
C LEU A 117 -8.59 3.01 16.84
N LEU A 118 -9.34 1.92 16.95
CA LEU A 118 -10.79 2.00 16.76
C LEU A 118 -11.46 2.80 17.87
N THR A 119 -10.85 2.81 19.07
CA THR A 119 -11.40 3.58 20.17
C THR A 119 -11.15 5.07 19.97
N SER A 120 -10.29 5.39 19.00
CA SER A 120 -10.04 6.77 18.64
C SER A 120 -11.17 7.27 17.74
N ASP A 121 -12.04 8.09 18.32
CA ASP A 121 -13.27 8.51 17.64
C ASP A 121 -12.98 9.33 16.39
N LEU A 122 -11.95 10.16 16.46
CA LEU A 122 -11.62 11.06 15.36
C LEU A 122 -10.94 10.33 14.22
N VAL A 123 -10.50 9.11 14.47
CA VAL A 123 -9.76 8.34 13.49
C VAL A 123 -10.64 7.26 12.88
N LYS A 124 -10.39 6.94 11.62
CA LYS A 124 -11.15 5.89 10.95
C LYS A 124 -10.34 4.60 10.94
N SER A 125 -10.98 3.51 11.33
CA SER A 125 -10.32 2.21 11.39
C SER A 125 -9.99 1.71 9.98
N SER A 126 -10.79 2.13 9.02
CA SER A 126 -10.64 1.71 7.64
C SER A 126 -9.71 2.65 6.86
N ASN A 127 -9.05 3.55 7.58
CA ASN A 127 -8.23 4.57 6.94
C ASN A 127 -6.75 4.17 6.91
N VAL A 128 -6.23 3.72 8.04
CA VAL A 128 -4.82 3.40 8.15
C VAL A 128 -4.59 1.88 8.22
N LYS A 129 -3.53 1.42 7.57
CA LYS A 129 -3.19 0.01 7.56
C LYS A 129 -2.11 -0.29 8.60
N VAL A 130 -2.35 -1.28 9.43
CA VAL A 130 -1.41 -1.70 10.45
C VAL A 130 -1.08 -3.18 10.31
N THR A 131 0.21 -3.49 10.20
CA THR A 131 0.66 -4.86 10.11
C THR A 131 1.99 -5.05 10.87
N THR A 132 2.10 -6.13 11.62
CA THR A 132 3.33 -6.42 12.35
C THR A 132 4.04 -7.64 11.76
N GLU A 133 5.31 -7.47 11.42
CA GLU A 133 6.09 -8.55 10.86
C GLU A 133 7.46 -8.62 11.54
N ASN A 134 7.85 -9.81 11.99
CA ASN A 134 9.14 -10.03 12.64
C ASN A 134 9.43 -8.99 13.73
N GLY A 135 8.42 -8.64 14.50
CA GLY A 135 8.59 -7.69 15.60
C GLY A 135 8.59 -6.24 15.12
N GLU A 136 8.54 -6.05 13.82
CA GLU A 136 8.53 -4.72 13.23
C GLU A 136 7.09 -4.36 12.84
N VAL A 137 6.66 -3.18 13.22
CA VAL A 137 5.30 -2.75 12.91
C VAL A 137 5.32 -1.75 11.76
N PHE A 138 4.38 -1.92 10.85
CA PHE A 138 4.24 -1.03 9.71
C PHE A 138 2.87 -0.37 9.70
N LEU A 139 2.85 0.95 9.57
CA LEU A 139 1.61 1.70 9.46
C LEU A 139 1.62 2.49 8.16
N MET A 140 0.47 2.53 7.49
CA MET A 140 0.42 3.05 6.14
C MET A 140 -0.94 3.68 5.82
N GLY A 141 -0.93 4.63 4.89
CA GLY A 141 -2.17 5.19 4.38
C GLY A 141 -2.27 6.68 4.60
N LEU A 142 -3.29 7.28 4.03
CA LEU A 142 -3.52 8.71 4.18
C LEU A 142 -4.55 8.93 5.29
N VAL A 143 -4.17 9.69 6.31
CA VAL A 143 -5.08 9.98 7.43
C VAL A 143 -4.88 11.40 7.90
N THR A 144 -5.82 11.93 8.64
CA THR A 144 -5.68 13.29 9.16
C THR A 144 -4.68 13.31 10.31
N GLU A 145 -4.26 14.51 10.70
CA GLU A 145 -3.26 14.66 11.76
C GLU A 145 -3.80 14.09 13.07
N ARG A 146 -5.10 14.20 13.26
CA ARG A 146 -5.76 13.62 14.43
C ARG A 146 -5.52 12.11 14.49
N GLU A 147 -5.75 11.44 13.36
CA GLU A 147 -5.58 10.00 13.28
C GLU A 147 -4.10 9.62 13.32
N ALA A 148 -3.29 10.41 12.63
CA ALA A 148 -1.85 10.17 12.59
C ALA A 148 -1.25 10.27 13.98
N LYS A 149 -1.62 11.30 14.72
CA LYS A 149 -1.12 11.49 16.08
C LYS A 149 -1.65 10.40 17.01
N ALA A 150 -2.89 9.98 16.78
CA ALA A 150 -3.50 8.93 17.60
C ALA A 150 -2.77 7.60 17.39
N ALA A 151 -2.52 7.25 16.14
CA ALA A 151 -1.81 6.02 15.81
C ALA A 151 -0.39 6.05 16.38
N ALA A 152 0.28 7.19 16.21
CA ALA A 152 1.63 7.36 16.72
C ALA A 152 1.65 7.23 18.24
N ASP A 153 0.67 7.85 18.90
CA ASP A 153 0.56 7.81 20.36
C ASP A 153 0.42 6.38 20.85
N ILE A 154 -0.42 5.62 20.17
CA ILE A 154 -0.65 4.23 20.53
C ILE A 154 0.62 3.41 20.33
N ALA A 155 1.24 3.54 19.17
CA ALA A 155 2.44 2.79 18.83
C ALA A 155 3.60 3.12 19.76
N SER A 156 3.59 4.33 20.31
CA SER A 156 4.64 4.75 21.22
C SER A 156 4.39 4.27 22.64
N ARG A 157 3.12 4.11 23.00
CA ARG A 157 2.77 3.67 24.35
C ARG A 157 2.75 2.14 24.44
N VAL A 158 2.54 1.48 23.31
CA VAL A 158 2.53 0.02 23.27
C VAL A 158 3.95 -0.52 23.34
N SER A 159 4.18 -1.46 24.25
CA SER A 159 5.48 -2.08 24.37
C SER A 159 5.48 -3.47 23.74
N GLY A 160 6.59 -3.85 23.14
CA GLY A 160 6.71 -5.15 22.53
C GLY A 160 7.24 -5.06 21.11
N VAL A 161 7.40 -3.83 20.63
CA VAL A 161 7.88 -3.60 19.29
C VAL A 161 9.41 -3.54 19.25
N LYS A 162 10.00 -4.15 18.24
CA LYS A 162 11.44 -4.07 18.05
C LYS A 162 11.78 -2.85 17.20
N ARG A 163 10.82 -2.46 16.37
CA ARG A 163 10.96 -1.31 15.49
C ARG A 163 9.60 -0.93 14.93
N VAL A 164 9.36 0.35 14.80
CA VAL A 164 8.08 0.83 14.28
C VAL A 164 8.29 1.72 13.07
N THR A 165 7.60 1.40 11.98
CA THR A 165 7.64 2.21 10.79
C THR A 165 6.29 2.87 10.58
N THR A 166 6.29 4.18 10.41
CA THR A 166 5.05 4.93 10.33
C THR A 166 5.10 5.94 9.19
N ALA A 167 4.27 5.74 8.17
CA ALA A 167 4.14 6.72 7.11
C ALA A 167 3.23 7.84 7.58
N PHE A 168 3.81 8.96 7.96
CA PHE A 168 3.02 10.10 8.39
C PHE A 168 2.51 10.83 7.16
N THR A 169 1.22 10.70 6.92
CA THR A 169 0.61 11.29 5.75
C THR A 169 -0.75 11.87 6.13
N PHE A 170 -0.94 13.16 5.88
CA PHE A 170 -2.13 13.87 6.34
C PHE A 170 -3.16 14.05 5.22
N ILE A 171 -4.38 13.62 5.52
CA ILE A 171 -5.54 13.93 4.72
C ILE A 171 -6.03 15.32 5.11
N LYS A 172 -6.34 16.15 4.12
CA LYS A 172 -6.83 17.52 4.36
C LYS A 172 -7.75 17.57 5.57
N GLY A 173 -7.23 18.07 6.68
CA GLY A 173 -7.99 18.14 7.90
C GLY A 173 -8.58 19.52 8.11
N GLY A 174 -9.56 19.85 7.28
CA GLY A 174 -10.19 21.16 7.35
C GLY A 174 -9.22 22.25 6.97
N LEU A 175 -8.33 21.94 6.02
CA LEU A 175 -7.37 22.91 5.52
C LEU A 175 -8.05 23.84 4.54
N GLU A 176 -8.81 24.78 5.08
CA GLU A 176 -9.55 25.73 4.27
C GLU A 176 -8.61 26.66 3.51
N HIS A 177 -9.01 27.02 2.30
CA HIS A 177 -8.22 27.92 1.49
C HIS A 177 -8.66 29.36 1.72
N HIS A 178 -8.13 29.97 2.76
CA HIS A 178 -8.45 31.33 3.11
C HIS A 178 -7.24 32.01 3.72
#